data_8YVZ
#
_entry.id   8YVZ
#
_cell.length_a   1.00
_cell.length_b   1.00
_cell.length_c   1.00
_cell.angle_alpha   90.00
_cell.angle_beta   90.00
_cell.angle_gamma   90.00
#
_symmetry.space_group_name_H-M   'P 1'
#
loop_
_entity.id
_entity.type
_entity.pdbx_description
1 polymer 'Spike glycoprotein E1'
2 polymer 'Spike glycoprotein E2'
3 polymer 'Spike glycoprotein E3'
4 polymer 'capsid protein, partial'
5 polymer 'Very low-density lipoprotein receptor'
6 branched beta-D-mannopyranose-(1-4)-2-acetamido-2-deoxy-beta-D-glucopyranose-(1-4)-2-acetamido-2-deoxy-beta-D-glucopyranose
7 non-polymer 'CALCIUM ION'
#
loop_
_entity_poly.entity_id
_entity_poly.type
_entity_poly.pdbx_seq_one_letter_code
_entity_poly.pdbx_strand_id
1 'polypeptide(L)'
;YEHSTVMPNVVGFPYKAHIERPGYSPLTLQMQVVETSLEPTLNLEYITCEYKTVVPSPYVKCCGASECSTKEKPDYQCKV
YTGVYPFMWGGAYCFCDSENTQLSEAYVDRSDVCRHDHASAYKAHTASLKAKVRVMYGNVNQTVDVYVNGDHAVTIGGTQ
FIFGPLSSAWTPFDNKIVVYKDEVFNQDFPPYGSGQPGRFGDIQSRTVESNDLYANTALKLARPSPGMVHVPYTQTPSGF
KYWLKEKGTALNTKAPFGCQIKTNPVRAMNCAVGNIPVSMNLPDSAFTRIVEAPTIIDLTCTVATCTHSSDFGGVLTLTY
KTDKNGDCSVHSHSNVATLQEATAKVKTAGKVTLHFSTASASPSFVVSLCSARATCSASCEPPKDHIVPYAASHSNVVFP
DMSGTALSWVQKISGGLGAFAIGAILVLVVVTCIGLRR
;
A,F,G,H
2 'polypeptide(L)'
;HFNVYKATRPYIAYCADCGAGHSCHSPVAIEAVRSEATDGMLKIQFSAQIGIDKSDNHDYTKIRYADGHAIENAVRSSLK
VATSGDCFVHGTMGHFILAKCPPGEFLQVSIQDTRNAVRACRIQYHHDPQPVGREKFTIRPHYGKEIPCTTYQQTTAKTV
EEIDMHMPPDTPDRTLLSQQSGNVKITVGGKKVKYNCTCGTGNVGTTNSDMTINTCLIEQCHVSVTDHKKWQFNSPFVPR
ADEPARKGKVHIPFPLDNITCRVPMAREPTVIHGKREVTLHLHPDHPTLFSYRTLGEDPQYHEEWVTAAVERTIPVPVDG
MEYHWGNNDPVRLWSQLTTEGKPHGWPHQIVQYYYGLYPAATVSAVVGMSLLALISIFASCYMLVAARSKCLTPYALTPG
AAVPWTLGILCCAPRAHA
;
B,I,J,K
3 'polypeptide(L)' MCVLANATFPCFQPPCVPCCYENNAEATLRMLEDNVDRPGYYDLLQAALTCR C,L,M,N
4 'polypeptide(L)'
;KRERMCMKIENDCIFEVKHEGKVTGYACLVGDKVMKPAHVKGVIDNADLAKLAFKKSSKYDLECAQIPVHMRSDASKYTH
EKPEGHYNWHHGAVQYSGGRFTIPTGAGKPGDSGRPIFDNKGRVVAIVLGGANEGSRTALSVVTWNKDMVTRVTPEGSEE
W
;
D,O,P,Q
5 'polypeptide(L)' GSMRTCRIHEISCGAHSTQCIPVSWRCDGENDCDSGEDEENCGN E,R,S,T
#
loop_
_chem_comp.id
_chem_comp.type
_chem_comp.name
_chem_comp.formula
BMA D-saccharide, beta linking beta-D-mannopyranose 'C6 H12 O6'
CA non-polymer 'CALCIUM ION' 'Ca 2'
NAG D-saccharide, beta linking 2-acetamido-2-deoxy-beta-D-glucopyranose 'C8 H15 N O6'
#
# COMPACT_ATOMS: atom_id res chain seq x y z
N TYR A 1 -47.28 31.03 12.95
CA TYR A 1 -47.28 29.71 13.58
C TYR A 1 -45.93 29.04 13.46
N GLU A 2 -45.18 29.03 14.56
CA GLU A 2 -43.85 28.43 14.59
C GLU A 2 -43.92 26.93 14.36
N HIS A 3 -42.93 26.39 13.68
CA HIS A 3 -42.87 24.96 13.41
C HIS A 3 -41.40 24.55 13.21
N SER A 4 -41.15 23.26 13.37
CA SER A 4 -39.81 22.73 13.23
C SER A 4 -39.88 21.30 12.71
N THR A 5 -38.83 20.87 12.02
CA THR A 5 -38.77 19.54 11.44
C THR A 5 -37.33 19.18 11.16
N VAL A 6 -37.10 17.91 10.85
CA VAL A 6 -35.79 17.39 10.50
C VAL A 6 -35.90 16.66 9.18
N MET A 7 -35.10 17.06 8.19
CA MET A 7 -35.25 16.51 6.87
C MET A 7 -33.94 15.96 6.34
N PRO A 8 -33.97 14.87 5.58
CA PRO A 8 -32.72 14.22 5.16
C PRO A 8 -31.89 15.08 4.21
N ASN A 9 -30.58 14.88 4.27
CA ASN A 9 -29.64 15.57 3.39
C ASN A 9 -29.29 14.68 2.20
N VAL A 10 -30.31 14.41 1.37
CA VAL A 10 -30.14 13.64 0.15
C VAL A 10 -30.69 14.46 -1.01
N VAL A 11 -29.92 14.56 -2.09
CA VAL A 11 -30.32 15.38 -3.22
C VAL A 11 -31.46 14.70 -3.98
N GLY A 12 -32.54 15.44 -4.19
CA GLY A 12 -33.67 14.95 -4.95
C GLY A 12 -34.75 14.26 -4.14
N PHE A 13 -34.52 14.00 -2.87
CA PHE A 13 -35.51 13.29 -2.06
C PHE A 13 -36.66 14.23 -1.72
N PRO A 14 -37.90 13.91 -2.10
CA PRO A 14 -39.05 14.82 -1.89
C PRO A 14 -39.63 14.78 -0.48
N TYR A 15 -39.00 15.52 0.42
CA TYR A 15 -39.49 15.58 1.79
C TYR A 15 -40.80 16.36 1.85
N LYS A 16 -41.75 15.84 2.63
CA LYS A 16 -43.06 16.46 2.79
C LYS A 16 -43.33 16.63 4.28
N ALA A 17 -43.64 17.86 4.68
CA ALA A 17 -43.91 18.20 6.07
C ALA A 17 -45.39 18.48 6.25
N HIS A 18 -45.94 18.01 7.38
CA HIS A 18 -47.36 18.15 7.67
C HIS A 18 -47.53 19.09 8.85
N ILE A 19 -48.30 20.15 8.65
CA ILE A 19 -48.54 21.17 9.67
C ILE A 19 -50.01 21.14 10.05
N GLU A 20 -50.28 20.99 11.35
CA GLU A 20 -51.64 20.81 11.85
C GLU A 20 -51.97 21.91 12.86
N ARG A 21 -52.43 23.03 12.34
CA ARG A 21 -52.97 24.09 13.20
C ARG A 21 -54.37 23.68 13.66
N PRO A 22 -54.71 23.84 14.94
CA PRO A 22 -56.00 23.31 15.40
C PRO A 22 -57.21 24.09 14.91
N GLY A 23 -57.05 25.36 14.57
CA GLY A 23 -58.14 26.13 14.02
C GLY A 23 -58.23 26.14 12.50
N TYR A 24 -57.41 25.35 11.81
CA TYR A 24 -57.34 25.41 10.35
C TYR A 24 -57.14 24.00 9.80
N SER A 25 -57.39 23.87 8.50
CA SER A 25 -57.17 22.61 7.82
C SER A 25 -55.67 22.31 7.73
N PRO A 26 -55.29 21.03 7.75
CA PRO A 26 -53.87 20.69 7.68
C PRO A 26 -53.25 21.15 6.37
N LEU A 27 -51.96 21.49 6.44
CA LEU A 27 -51.19 21.95 5.30
C LEU A 27 -49.99 21.04 5.10
N THR A 28 -49.63 20.81 3.83
CA THR A 28 -48.51 19.95 3.49
C THR A 28 -47.52 20.72 2.61
N LEU A 29 -46.27 20.75 3.05
CA LEU A 29 -45.19 21.39 2.30
C LEU A 29 -44.38 20.33 1.56
N GLN A 30 -43.54 20.81 0.63
CA GLN A 30 -42.58 19.95 -0.06
C GLN A 30 -41.26 20.71 -0.15
N MET A 31 -40.21 20.12 0.41
CA MET A 31 -38.87 20.71 0.36
C MET A 31 -37.92 19.71 -0.28
N GLN A 32 -37.14 20.18 -1.25
CA GLN A 32 -36.21 19.34 -1.98
C GLN A 32 -34.85 20.03 -2.03
N VAL A 33 -33.79 19.24 -1.83
CA VAL A 33 -32.43 19.77 -1.88
C VAL A 33 -31.92 19.60 -3.31
N VAL A 34 -31.93 20.70 -4.07
CA VAL A 34 -31.46 20.64 -5.44
C VAL A 34 -29.95 20.46 -5.50
N GLU A 35 -29.22 21.10 -4.59
CA GLU A 35 -27.78 21.19 -4.70
C GLU A 35 -27.18 21.57 -3.35
N THR A 36 -26.00 21.03 -3.04
CA THR A 36 -25.25 21.39 -1.85
C THR A 36 -23.82 21.73 -2.24
N SER A 37 -23.07 22.25 -1.27
CA SER A 37 -21.67 22.63 -1.52
C SER A 37 -20.95 22.72 -0.18
N LEU A 38 -20.00 21.82 0.05
CA LEU A 38 -19.21 21.82 1.27
C LEU A 38 -17.94 22.63 1.03
N GLU A 39 -17.91 23.84 1.58
CA GLU A 39 -16.84 24.80 1.32
C GLU A 39 -15.87 24.84 2.49
N PRO A 40 -14.65 24.34 2.35
CA PRO A 40 -13.68 24.40 3.44
C PRO A 40 -12.96 25.74 3.49
N THR A 41 -12.18 25.92 4.54
CA THR A 41 -11.35 27.10 4.74
C THR A 41 -9.89 26.73 4.50
N LEU A 42 -9.20 27.51 3.69
CA LEU A 42 -7.86 27.17 3.22
C LEU A 42 -6.87 28.26 3.61
N ASN A 43 -5.65 27.82 3.94
CA ASN A 43 -4.53 28.73 4.19
C ASN A 43 -3.37 28.30 3.30
N LEU A 44 -2.88 29.21 2.47
CA LEU A 44 -1.80 28.86 1.55
C LEU A 44 -0.49 28.71 2.30
N GLU A 45 0.24 27.63 2.01
CA GLU A 45 1.54 27.36 2.61
C GLU A 45 2.69 27.74 1.69
N TYR A 46 2.74 27.17 0.49
CA TYR A 46 3.72 27.57 -0.50
C TYR A 46 3.25 27.11 -1.88
N ILE A 47 4.02 27.51 -2.89
CA ILE A 47 3.70 27.25 -4.30
C ILE A 47 4.91 26.58 -4.94
N THR A 48 4.68 25.48 -5.64
CA THR A 48 5.74 24.72 -6.27
C THR A 48 5.54 24.69 -7.79
N CYS A 49 6.63 24.89 -8.53
CA CYS A 49 6.61 24.78 -9.98
C CYS A 49 7.98 24.34 -10.45
N GLU A 50 8.06 23.94 -11.71
CA GLU A 50 9.32 23.48 -12.28
C GLU A 50 10.36 24.59 -12.22
N TYR A 51 11.61 24.22 -11.96
CA TYR A 51 12.68 25.20 -11.88
C TYR A 51 13.37 25.35 -13.24
N LYS A 52 14.28 26.32 -13.32
CA LYS A 52 15.02 26.61 -14.53
C LYS A 52 16.42 27.04 -14.15
N THR A 53 17.41 26.21 -14.49
CA THR A 53 18.79 26.50 -14.13
C THR A 53 19.38 27.54 -15.08
N VAL A 54 20.05 28.52 -14.50
CA VAL A 54 20.68 29.60 -15.27
C VAL A 54 22.19 29.40 -15.23
N VAL A 55 22.81 29.33 -16.40
CA VAL A 55 24.24 29.16 -16.53
C VAL A 55 24.81 30.33 -17.32
N PRO A 56 25.36 31.33 -16.65
CA PRO A 56 26.01 32.43 -17.36
C PRO A 56 27.26 31.96 -18.08
N SER A 57 27.69 32.75 -19.05
CA SER A 57 28.85 32.39 -19.85
C SER A 57 30.11 32.39 -18.98
N PRO A 58 31.04 31.46 -19.23
CA PRO A 58 32.27 31.43 -18.43
C PRO A 58 33.16 32.63 -18.71
N TYR A 59 33.95 32.98 -17.71
CA TYR A 59 34.89 34.09 -17.81
C TYR A 59 36.30 33.51 -17.77
N VAL A 60 36.86 33.23 -18.95
CA VAL A 60 38.20 32.69 -19.05
C VAL A 60 39.20 33.84 -18.95
N LYS A 61 40.06 33.79 -17.94
CA LYS A 61 41.05 34.83 -17.69
C LYS A 61 42.39 34.41 -18.28
N CYS A 62 42.94 35.23 -19.17
CA CYS A 62 44.19 34.91 -19.82
C CYS A 62 45.36 35.49 -19.03
N CYS A 63 46.33 34.63 -18.71
CA CYS A 63 47.56 35.04 -18.04
C CYS A 63 47.29 35.73 -16.71
N GLY A 64 46.58 35.02 -15.83
CA GLY A 64 46.26 35.56 -14.53
C GLY A 64 45.46 34.60 -13.66
N ALA A 65 44.61 35.15 -12.79
CA ALA A 65 43.80 34.34 -11.91
C ALA A 65 42.60 35.16 -11.45
N SER A 66 41.57 34.46 -11.00
CA SER A 66 40.36 35.09 -10.51
C SER A 66 39.92 34.42 -9.22
N GLU A 67 39.19 35.16 -8.40
CA GLU A 67 38.75 34.68 -7.09
C GLU A 67 37.25 34.49 -7.09
N CYS A 68 36.79 33.49 -6.33
CA CYS A 68 35.37 33.23 -6.19
C CYS A 68 34.70 34.35 -5.39
N SER A 69 33.48 34.69 -5.78
CA SER A 69 32.70 35.71 -5.08
C SER A 69 31.36 35.10 -4.68
N THR A 70 30.98 35.30 -3.42
CA THR A 70 29.71 34.78 -2.93
C THR A 70 28.59 35.75 -3.23
N LYS A 71 27.40 35.20 -3.50
CA LYS A 71 26.22 35.99 -3.79
C LYS A 71 25.01 35.34 -3.15
N GLU A 72 23.95 36.14 -2.98
CA GLU A 72 22.72 35.66 -2.37
C GLU A 72 21.73 35.30 -3.48
N LYS A 73 21.93 34.12 -4.04
CA LYS A 73 21.04 33.56 -5.05
C LYS A 73 20.60 32.17 -4.62
N PRO A 74 19.42 31.73 -5.04
CA PRO A 74 18.94 30.41 -4.61
C PRO A 74 19.81 29.30 -5.18
N ASP A 75 20.40 28.51 -4.29
CA ASP A 75 21.25 27.38 -4.64
C ASP A 75 22.42 27.81 -5.52
N TYR A 76 22.99 28.96 -5.20
CA TYR A 76 24.11 29.50 -5.96
C TYR A 76 25.34 28.60 -5.84
N GLN A 77 26.12 28.54 -6.91
CA GLN A 77 27.34 27.75 -6.95
C GLN A 77 28.39 28.48 -7.79
N CYS A 78 29.63 28.49 -7.30
CA CYS A 78 30.72 29.16 -8.00
C CYS A 78 32.04 28.48 -7.66
N LYS A 79 32.89 28.31 -8.67
CA LYS A 79 34.20 27.69 -8.49
C LYS A 79 35.16 28.26 -9.51
N VAL A 80 36.45 28.15 -9.21
CA VAL A 80 37.51 28.62 -10.09
C VAL A 80 38.47 27.47 -10.35
N TYR A 81 38.75 27.21 -11.63
CA TYR A 81 39.64 26.14 -12.05
C TYR A 81 40.96 26.74 -12.52
N THR A 82 41.99 25.89 -12.57
CA THR A 82 43.34 26.32 -12.90
C THR A 82 43.89 25.44 -14.01
N GLY A 83 44.65 26.05 -14.91
CA GLY A 83 45.32 25.30 -15.97
C GLY A 83 44.50 25.06 -17.22
N VAL A 84 43.51 25.89 -17.50
CA VAL A 84 42.68 25.72 -18.69
C VAL A 84 43.38 26.32 -19.89
N TYR A 85 43.23 25.65 -21.05
CA TYR A 85 43.79 26.13 -22.32
C TYR A 85 42.70 26.01 -23.37
N PRO A 86 41.75 26.93 -23.39
CA PRO A 86 40.57 26.76 -24.25
C PRO A 86 40.91 26.91 -25.72
N PHE A 87 39.97 26.46 -26.56
CA PHE A 87 40.08 26.53 -28.00
C PHE A 87 38.79 27.07 -28.59
N MET A 88 38.92 27.80 -29.70
CA MET A 88 37.79 28.29 -30.47
C MET A 88 37.99 27.89 -31.93
N TRP A 89 37.03 28.29 -32.77
CA TRP A 89 37.06 27.87 -34.16
C TRP A 89 38.30 28.40 -34.88
N GLY A 90 38.65 29.66 -34.64
CA GLY A 90 39.80 30.24 -35.31
C GLY A 90 41.14 29.83 -34.74
N GLY A 91 41.16 29.41 -33.48
CA GLY A 91 42.41 29.06 -32.83
C GLY A 91 42.21 28.99 -31.33
N ALA A 92 43.32 29.07 -30.61
CA ALA A 92 43.34 29.01 -29.16
C ALA A 92 43.90 30.32 -28.62
N TYR A 93 43.10 31.02 -27.83
CA TYR A 93 43.56 32.26 -27.21
C TYR A 93 44.07 31.94 -25.79
N CYS A 94 44.30 32.98 -24.98
CA CYS A 94 45.06 32.86 -23.74
C CYS A 94 46.47 32.33 -24.04
N PHE A 95 47.24 33.20 -24.69
CA PHE A 95 48.62 32.97 -25.11
C PHE A 95 49.43 32.17 -24.08
N CYS A 96 49.25 32.46 -22.79
CA CYS A 96 49.93 31.70 -21.76
C CYS A 96 49.45 30.26 -21.77
N ASP A 97 50.40 29.31 -21.73
CA ASP A 97 50.07 27.92 -21.97
C ASP A 97 49.31 27.30 -20.80
N SER A 98 49.67 27.67 -19.57
CA SER A 98 49.13 26.96 -18.42
C SER A 98 48.54 27.87 -17.35
N GLU A 99 48.97 29.13 -17.30
CA GLU A 99 48.56 30.03 -16.23
C GLU A 99 47.31 30.81 -16.66
N ASN A 100 46.20 30.05 -16.77
CA ASN A 100 44.90 30.62 -17.06
C ASN A 100 43.88 30.00 -16.11
N THR A 101 42.78 30.72 -15.90
CA THR A 101 41.71 30.26 -15.01
C THR A 101 40.36 30.46 -15.67
N GLN A 102 39.42 29.58 -15.35
CA GLN A 102 38.04 29.66 -15.80
C GLN A 102 37.14 29.70 -14.58
N LEU A 103 36.13 30.57 -14.63
CA LEU A 103 35.22 30.77 -13.51
C LEU A 103 33.84 30.27 -13.91
N SER A 104 33.40 29.17 -13.31
CA SER A 104 32.09 28.60 -13.58
C SER A 104 31.08 29.13 -12.58
N GLU A 105 29.86 29.36 -13.05
CA GLU A 105 28.81 29.95 -12.22
C GLU A 105 27.46 29.42 -12.67
N ALA A 106 26.57 29.17 -11.72
CA ALA A 106 25.24 28.68 -12.02
C ALA A 106 24.37 28.82 -10.78
N TYR A 107 23.07 28.98 -11.01
CA TYR A 107 22.11 29.07 -9.91
C TYR A 107 20.72 28.75 -10.45
N VAL A 108 19.83 28.42 -9.52
CA VAL A 108 18.47 28.03 -9.86
C VAL A 108 17.58 29.26 -9.84
N ASP A 109 16.46 29.19 -10.56
CA ASP A 109 15.47 30.26 -10.54
C ASP A 109 14.12 29.70 -10.93
N ARG A 110 13.07 30.40 -10.52
CA ARG A 110 11.71 30.01 -10.85
C ARG A 110 11.48 30.09 -12.35
N SER A 111 10.67 29.18 -12.88
CA SER A 111 10.49 29.08 -14.31
C SER A 111 9.72 30.29 -14.86
N ASP A 112 9.66 30.37 -16.19
CA ASP A 112 8.99 31.48 -16.85
C ASP A 112 7.47 31.33 -16.81
N VAL A 113 6.96 30.11 -16.89
CA VAL A 113 5.53 29.86 -16.96
C VAL A 113 4.97 29.41 -15.60
N CYS A 114 5.69 29.71 -14.51
CA CYS A 114 5.24 29.30 -13.18
C CYS A 114 3.91 29.91 -12.80
N ARG A 115 3.53 31.05 -13.40
CA ARG A 115 2.25 31.67 -13.09
C ARG A 115 1.07 30.93 -13.71
N HIS A 116 1.30 30.08 -14.70
CA HIS A 116 0.23 29.39 -15.39
C HIS A 116 0.15 27.90 -15.08
N ASP A 117 1.17 27.33 -14.44
CA ASP A 117 1.21 25.89 -14.18
C ASP A 117 2.00 25.68 -12.87
N HIS A 118 1.27 25.60 -11.77
CA HIS A 118 1.88 25.38 -10.46
C HIS A 118 0.92 24.62 -9.58
N ALA A 119 1.46 24.00 -8.55
CA ALA A 119 0.68 23.23 -7.58
C ALA A 119 0.68 23.97 -6.24
N SER A 120 -0.49 24.08 -5.63
CA SER A 120 -0.65 24.80 -4.38
C SER A 120 -0.78 23.82 -3.23
N ALA A 121 -0.14 24.13 -2.11
CA ALA A 121 -0.20 23.32 -0.90
C ALA A 121 -0.96 24.10 0.17
N TYR A 122 -2.07 23.53 0.62
CA TYR A 122 -3.00 24.23 1.49
C TYR A 122 -3.11 23.53 2.84
N LYS A 123 -3.90 24.14 3.72
CA LYS A 123 -4.36 23.52 4.96
C LYS A 123 -5.87 23.72 5.05
N ALA A 124 -6.62 22.64 5.19
CA ALA A 124 -8.07 22.68 5.11
C ALA A 124 -8.68 22.34 6.46
N HIS A 125 -9.59 23.20 6.93
CA HIS A 125 -10.26 22.97 8.20
C HIS A 125 -11.55 23.77 8.24
N THR A 126 -12.48 23.31 9.08
CA THR A 126 -13.71 24.04 9.40
C THR A 126 -14.53 24.33 8.15
N ALA A 127 -15.02 23.25 7.54
CA ALA A 127 -15.84 23.36 6.34
C ALA A 127 -17.15 24.08 6.64
N SER A 128 -17.66 24.77 5.62
CA SER A 128 -18.92 25.51 5.70
C SER A 128 -19.86 25.01 4.61
N LEU A 129 -21.04 24.57 5.00
CA LEU A 129 -21.99 23.97 4.08
C LEU A 129 -22.94 25.03 3.54
N LYS A 130 -23.16 25.01 2.22
CA LYS A 130 -24.09 25.90 1.56
C LYS A 130 -24.95 25.09 0.61
N ALA A 131 -26.25 25.36 0.59
CA ALA A 131 -27.19 24.54 -0.16
C ALA A 131 -28.14 25.42 -0.96
N LYS A 132 -28.85 24.78 -1.89
CA LYS A 132 -29.86 25.44 -2.72
C LYS A 132 -31.13 24.60 -2.65
N VAL A 133 -32.15 25.12 -1.97
CA VAL A 133 -33.34 24.36 -1.66
C VAL A 133 -34.51 24.89 -2.47
N ARG A 134 -35.43 23.99 -2.82
CA ARG A 134 -36.67 24.33 -3.50
C ARG A 134 -37.83 24.09 -2.55
N VAL A 135 -38.63 25.13 -2.31
CA VAL A 135 -39.76 25.07 -1.38
C VAL A 135 -41.03 25.31 -2.17
N MET A 136 -41.97 24.38 -2.08
CA MET A 136 -43.22 24.44 -2.83
C MET A 136 -44.38 23.97 -1.96
N TYR A 137 -45.37 24.83 -1.82
CA TYR A 137 -46.58 24.50 -1.08
C TYR A 137 -47.70 25.40 -1.57
N GLY A 138 -48.93 24.99 -1.31
CA GLY A 138 -50.07 25.77 -1.73
C GLY A 138 -50.06 26.02 -3.22
N ASN A 139 -49.76 27.25 -3.62
CA ASN A 139 -49.61 27.60 -5.02
C ASN A 139 -48.31 28.33 -5.32
N VAL A 140 -47.37 28.36 -4.37
CA VAL A 140 -46.14 29.12 -4.53
C VAL A 140 -44.99 28.15 -4.78
N ASN A 141 -44.27 28.35 -5.88
CA ASN A 141 -43.00 27.70 -6.09
C ASN A 141 -41.92 28.64 -5.58
N GLN A 142 -40.66 28.20 -5.54
CA GLN A 142 -39.40 28.98 -5.63
C GLN A 142 -38.19 28.09 -5.37
N THR A 143 -37.02 28.58 -5.76
CA THR A 143 -35.74 27.99 -5.40
C THR A 143 -34.85 29.08 -4.81
N VAL A 144 -34.24 28.79 -3.66
CA VAL A 144 -33.46 29.77 -2.92
C VAL A 144 -32.09 29.19 -2.60
N ASP A 145 -31.16 30.08 -2.24
CA ASP A 145 -29.81 29.72 -1.84
C ASP A 145 -29.66 30.05 -0.36
N VAL A 146 -29.45 29.01 0.46
CA VAL A 146 -29.42 29.15 1.91
C VAL A 146 -28.12 28.59 2.44
N TYR A 147 -27.45 29.34 3.30
CA TYR A 147 -26.36 28.79 4.08
C TYR A 147 -26.92 27.84 5.13
N VAL A 148 -26.37 26.63 5.21
CA VAL A 148 -26.87 25.62 6.15
C VAL A 148 -26.11 25.83 7.45
N ASN A 149 -26.61 26.77 8.25
CA ASN A 149 -26.20 26.95 9.63
C ASN A 149 -27.30 27.74 10.32
N GLY A 150 -27.31 27.69 11.65
CA GLY A 150 -28.45 28.19 12.40
C GLY A 150 -28.66 29.70 12.36
N ASP A 151 -27.91 30.42 11.53
CA ASP A 151 -27.97 31.87 11.52
C ASP A 151 -28.05 32.44 10.10
N HIS A 152 -28.98 31.90 9.31
CA HIS A 152 -29.34 32.54 8.04
C HIS A 152 -30.82 32.32 7.80
N ALA A 153 -31.60 33.39 7.84
CA ALA A 153 -33.04 33.33 7.64
C ALA A 153 -33.39 33.89 6.27
N VAL A 154 -34.16 33.11 5.50
CA VAL A 154 -34.60 33.50 4.17
C VAL A 154 -36.12 33.36 4.11
N THR A 155 -36.78 34.35 3.50
CA THR A 155 -38.23 34.41 3.44
C THR A 155 -38.71 34.02 2.05
N ILE A 156 -39.63 33.08 1.99
CA ILE A 156 -40.20 32.58 0.73
C ILE A 156 -41.70 32.81 0.79
N GLY A 157 -42.17 33.89 0.18
CA GLY A 157 -43.60 34.16 0.16
C GLY A 157 -44.20 34.40 1.52
N GLY A 158 -43.54 35.19 2.36
CA GLY A 158 -44.04 35.52 3.67
C GLY A 158 -43.69 34.54 4.77
N THR A 159 -43.05 33.43 4.46
CA THR A 159 -42.67 32.41 5.43
C THR A 159 -41.17 32.49 5.66
N GLN A 160 -40.76 32.59 6.93
CA GLN A 160 -39.36 32.68 7.29
C GLN A 160 -38.80 31.29 7.52
N PHE A 161 -37.73 30.97 6.80
CA PHE A 161 -37.10 29.65 6.86
C PHE A 161 -35.70 29.79 7.44
N ILE A 162 -35.38 28.96 8.43
CA ILE A 162 -34.05 28.90 9.00
C ILE A 162 -33.61 27.44 8.98
N PHE A 163 -32.55 27.15 8.23
CA PHE A 163 -32.05 25.79 8.08
C PHE A 163 -30.93 25.57 9.09
N GLY A 164 -31.15 24.65 10.02
CA GLY A 164 -30.25 24.45 11.14
C GLY A 164 -28.94 23.82 10.72
N PRO A 165 -27.98 23.78 11.66
CA PRO A 165 -26.67 23.21 11.35
C PRO A 165 -26.77 21.72 11.04
N LEU A 166 -25.85 21.24 10.20
CA LEU A 166 -25.87 19.84 9.80
C LEU A 166 -25.66 18.94 11.00
N SER A 167 -26.29 17.77 10.97
CA SER A 167 -26.20 16.84 12.09
C SER A 167 -24.78 16.36 12.33
N SER A 168 -24.07 16.03 11.26
CA SER A 168 -22.72 15.48 11.37
C SER A 168 -21.68 16.56 11.09
N ALA A 169 -20.43 16.25 11.42
CA ALA A 169 -19.31 17.14 11.20
C ALA A 169 -18.21 16.43 10.44
N TRP A 170 -18.58 15.74 9.36
CA TRP A 170 -17.66 14.93 8.58
C TRP A 170 -17.27 15.69 7.31
N THR A 171 -15.97 15.72 7.02
CA THR A 171 -15.44 16.37 5.83
C THR A 171 -14.49 15.42 5.10
N PRO A 172 -14.49 15.44 3.76
CA PRO A 172 -13.61 14.53 3.01
C PRO A 172 -12.20 15.04 2.83
N PHE A 173 -11.89 16.26 3.25
CA PHE A 173 -10.56 16.81 3.11
C PHE A 173 -9.78 16.61 4.40
N ASP A 174 -8.58 16.06 4.29
CA ASP A 174 -7.70 15.91 5.45
C ASP A 174 -7.14 17.27 5.83
N ASN A 175 -6.23 17.29 6.80
CA ASN A 175 -5.67 18.55 7.26
C ASN A 175 -4.82 19.22 6.19
N LYS A 176 -4.08 18.42 5.42
CA LYS A 176 -3.16 18.94 4.42
C LYS A 176 -3.65 18.56 3.03
N ILE A 177 -3.61 19.51 2.11
CA ILE A 177 -4.20 19.38 0.78
C ILE A 177 -3.22 19.91 -0.25
N VAL A 178 -3.14 19.22 -1.40
CA VAL A 178 -2.40 19.70 -2.56
C VAL A 178 -3.40 19.83 -3.71
N VAL A 179 -3.48 21.01 -4.30
CA VAL A 179 -4.43 21.31 -5.36
C VAL A 179 -3.67 21.54 -6.65
N TYR A 180 -4.09 20.88 -7.72
CA TYR A 180 -3.48 21.04 -9.03
C TYR A 180 -4.59 21.12 -10.07
N LYS A 181 -4.76 22.30 -10.66
CA LYS A 181 -5.77 22.53 -11.69
C LYS A 181 -7.17 22.21 -11.17
N ASP A 182 -7.65 21.00 -11.44
CA ASP A 182 -8.98 20.58 -11.03
C ASP A 182 -8.97 19.29 -10.20
N GLU A 183 -7.83 18.97 -9.61
CA GLU A 183 -7.69 17.75 -8.83
C GLU A 183 -7.16 18.07 -7.44
N VAL A 184 -7.74 17.42 -6.44
CA VAL A 184 -7.36 17.60 -5.04
C VAL A 184 -6.78 16.29 -4.53
N PHE A 185 -5.67 16.37 -3.81
CA PHE A 185 -5.01 15.20 -3.26
C PHE A 185 -4.89 15.33 -1.74
N ASN A 186 -5.00 14.20 -1.05
CA ASN A 186 -4.76 14.14 0.39
C ASN A 186 -3.29 13.76 0.57
N GLN A 187 -2.44 14.75 0.78
CA GLN A 187 -1.00 14.58 0.73
C GLN A 187 -0.36 15.27 1.92
N ASP A 188 0.79 14.75 2.35
CA ASP A 188 1.59 15.34 3.41
C ASP A 188 2.88 15.86 2.78
N PHE A 189 2.99 17.18 2.66
CA PHE A 189 4.10 17.81 1.97
C PHE A 189 5.14 18.31 2.98
N PRO A 190 6.39 18.45 2.57
CA PRO A 190 7.43 18.85 3.50
C PRO A 190 7.22 20.29 3.96
N PRO A 191 7.71 20.65 5.14
CA PRO A 191 7.55 22.02 5.62
C PRO A 191 8.37 22.99 4.78
N TYR A 192 7.94 24.25 4.77
CA TYR A 192 8.67 25.27 4.04
C TYR A 192 10.10 25.38 4.57
N GLY A 193 11.05 25.45 3.65
CA GLY A 193 12.44 25.54 4.01
C GLY A 193 13.13 24.23 4.28
N SER A 194 12.45 23.11 4.12
CA SER A 194 13.03 21.79 4.37
C SER A 194 12.59 20.80 3.30
N GLY A 195 12.66 21.23 2.03
CA GLY A 195 12.33 20.37 0.92
C GLY A 195 13.52 19.56 0.45
N GLN A 196 13.25 18.35 -0.01
CA GLN A 196 14.35 17.48 -0.41
C GLN A 196 14.47 17.43 -1.93
N PRO A 197 15.69 17.33 -2.46
CA PRO A 197 15.86 17.33 -3.92
C PRO A 197 15.25 16.11 -4.56
N GLY A 198 14.71 16.30 -5.76
CA GLY A 198 14.20 15.22 -6.57
C GLY A 198 12.77 14.83 -6.30
N ARG A 199 12.17 15.31 -5.22
CA ARG A 199 10.81 14.96 -4.85
C ARG A 199 9.96 16.23 -4.82
N PHE A 200 8.68 16.08 -4.50
CA PHE A 200 7.79 17.23 -4.46
C PHE A 200 8.28 18.26 -3.47
N GLY A 201 8.35 19.51 -3.90
CA GLY A 201 8.78 20.59 -3.04
C GLY A 201 10.27 20.84 -2.99
N ASP A 202 11.01 20.49 -4.04
CA ASP A 202 12.44 20.79 -4.06
C ASP A 202 12.68 22.29 -4.03
N ILE A 203 11.89 23.05 -4.79
CA ILE A 203 11.89 24.50 -4.70
C ILE A 203 10.52 24.95 -4.24
N GLN A 204 10.48 25.92 -3.33
CA GLN A 204 9.24 26.39 -2.73
C GLN A 204 9.22 27.91 -2.74
N SER A 205 8.06 28.47 -3.01
CA SER A 205 7.86 29.91 -2.97
C SER A 205 6.61 30.21 -2.15
N ARG A 206 6.71 31.23 -1.29
CA ARG A 206 5.61 31.53 -0.37
C ARG A 206 4.36 31.96 -1.12
N THR A 207 4.51 32.56 -2.29
CA THR A 207 3.39 33.02 -3.10
C THR A 207 3.86 33.08 -4.55
N VAL A 208 2.90 33.16 -5.47
CA VAL A 208 3.23 33.20 -6.89
C VAL A 208 4.11 34.40 -7.19
N GLU A 209 3.78 35.56 -6.62
CA GLU A 209 4.51 36.79 -6.88
C GLU A 209 5.59 37.07 -5.84
N SER A 210 5.77 36.20 -4.84
CA SER A 210 6.74 36.46 -3.80
C SER A 210 8.16 36.37 -4.36
N ASN A 211 9.01 37.29 -3.93
CA ASN A 211 10.38 37.35 -4.43
C ASN A 211 11.28 36.28 -3.82
N ASP A 212 11.05 35.92 -2.56
CA ASP A 212 11.91 34.95 -1.90
C ASP A 212 11.69 33.56 -2.49
N LEU A 213 12.78 32.80 -2.59
CA LEU A 213 12.73 31.45 -3.12
C LEU A 213 13.71 30.57 -2.37
N TYR A 214 13.28 29.35 -2.06
CA TYR A 214 14.12 28.35 -1.43
C TYR A 214 14.33 27.22 -2.42
N ALA A 215 15.58 26.92 -2.74
CA ALA A 215 15.91 25.91 -3.73
C ALA A 215 16.94 24.94 -3.17
N ASN A 216 16.66 23.65 -3.30
CA ASN A 216 17.58 22.59 -2.87
C ASN A 216 17.48 21.46 -3.89
N THR A 217 18.35 21.50 -4.90
CA THR A 217 18.30 20.52 -5.99
C THR A 217 19.65 19.91 -6.30
N ALA A 218 20.60 19.96 -5.36
CA ALA A 218 21.87 19.26 -5.47
C ALA A 218 22.64 19.67 -6.72
N LEU A 219 22.61 20.95 -7.05
CA LEU A 219 23.38 21.45 -8.19
C LEU A 219 24.87 21.39 -7.85
N LYS A 220 25.65 20.83 -8.76
CA LYS A 220 27.07 20.60 -8.50
C LYS A 220 27.86 20.80 -9.79
N LEU A 221 28.92 21.60 -9.72
CA LEU A 221 29.74 21.92 -10.87
C LEU A 221 30.89 20.93 -11.01
N ALA A 222 31.38 20.80 -12.23
CA ALA A 222 32.46 19.87 -12.54
C ALA A 222 33.53 20.59 -13.36
N ARG A 223 34.70 19.98 -13.45
CA ARG A 223 35.82 20.57 -14.16
C ARG A 223 35.62 20.44 -15.67
N PRO A 224 35.81 21.51 -16.44
CA PRO A 224 35.65 21.41 -17.88
C PRO A 224 36.71 20.52 -18.50
N SER A 225 36.34 19.87 -19.61
CA SER A 225 37.26 19.00 -20.32
C SER A 225 38.39 19.84 -20.93
N PRO A 226 39.57 19.25 -21.12
CA PRO A 226 40.68 20.01 -21.68
C PRO A 226 40.37 20.52 -23.08
N GLY A 227 40.79 21.75 -23.34
CA GLY A 227 40.56 22.37 -24.64
C GLY A 227 39.11 22.56 -24.99
N MET A 228 38.30 23.00 -24.03
CA MET A 228 36.87 23.15 -24.26
C MET A 228 36.34 24.30 -23.41
N VAL A 229 35.19 24.83 -23.83
CA VAL A 229 34.51 25.90 -23.12
C VAL A 229 33.03 25.49 -23.04
N HIS A 230 32.65 24.81 -21.95
CA HIS A 230 31.25 24.36 -21.86
C HIS A 230 30.61 24.49 -20.49
N VAL A 231 31.36 24.71 -19.41
CA VAL A 231 30.80 24.81 -18.06
C VAL A 231 29.95 23.58 -17.73
N PRO A 232 30.56 22.43 -17.48
CA PRO A 232 29.76 21.25 -17.12
C PRO A 232 29.09 21.42 -15.76
N TYR A 233 27.96 20.73 -15.61
CA TYR A 233 27.26 20.73 -14.34
C TYR A 233 26.34 19.52 -14.29
N THR A 234 25.91 19.18 -13.07
CA THR A 234 24.97 18.10 -12.86
C THR A 234 23.93 18.54 -11.84
N GLN A 235 22.72 18.00 -11.97
CA GLN A 235 21.63 18.44 -11.12
C GLN A 235 20.53 17.38 -11.11
N THR A 236 19.99 17.13 -9.93
CA THR A 236 18.91 16.16 -9.81
C THR A 236 17.66 16.69 -10.51
N PRO A 237 16.96 15.86 -11.28
CA PRO A 237 15.80 16.35 -12.04
C PRO A 237 14.75 17.00 -11.15
N SER A 238 13.81 17.67 -11.81
CA SER A 238 12.77 18.42 -11.12
C SER A 238 11.88 17.49 -10.30
N GLY A 239 11.53 17.95 -9.10
CA GLY A 239 10.61 17.18 -8.28
C GLY A 239 9.16 17.35 -8.69
N PHE A 240 8.81 18.50 -9.26
CA PHE A 240 7.43 18.69 -9.71
C PHE A 240 7.12 17.82 -10.91
N LYS A 241 8.03 17.74 -11.88
CA LYS A 241 7.80 16.90 -13.05
C LYS A 241 7.77 15.43 -12.68
N TYR A 242 8.48 15.04 -11.63
CA TYR A 242 8.37 13.67 -11.14
C TYR A 242 7.03 13.45 -10.45
N TRP A 243 6.64 14.38 -9.58
CA TRP A 243 5.36 14.25 -8.88
C TRP A 243 4.20 14.20 -9.85
N LEU A 244 4.34 14.82 -11.02
CA LEU A 244 3.26 14.81 -11.99
C LEU A 244 2.90 13.40 -12.43
N LYS A 245 3.90 12.55 -12.64
CA LYS A 245 3.67 11.20 -13.13
C LYS A 245 3.57 10.15 -12.05
N GLU A 246 3.82 10.50 -10.78
CA GLU A 246 3.77 9.54 -9.69
C GLU A 246 2.99 10.08 -8.49
N LYS A 247 2.03 10.97 -8.73
CA LYS A 247 1.23 11.48 -7.62
C LYS A 247 0.32 10.39 -7.07
N GLY A 248 -0.31 9.62 -7.95
CA GLY A 248 -1.12 8.49 -7.52
C GLY A 248 -2.51 8.88 -7.08
N THR A 249 -3.52 8.22 -7.65
CA THR A 249 -4.92 8.43 -7.30
C THR A 249 -5.30 9.92 -7.32
N ALA A 250 -6.38 10.25 -6.62
CA ALA A 250 -6.85 11.61 -6.48
C ALA A 250 -7.84 11.63 -5.32
N LEU A 251 -8.59 12.72 -5.19
CA LEU A 251 -9.78 12.72 -4.35
C LEU A 251 -11.05 12.70 -5.15
N ASN A 252 -10.99 13.06 -6.45
CA ASN A 252 -12.18 13.03 -7.29
C ASN A 252 -12.71 11.61 -7.44
N THR A 253 -11.82 10.64 -7.63
CA THR A 253 -12.18 9.24 -7.78
C THR A 253 -12.01 8.44 -6.49
N LYS A 254 -11.98 9.12 -5.35
CA LYS A 254 -11.70 8.49 -4.08
C LYS A 254 -12.62 8.92 -2.96
N ALA A 255 -13.38 10.00 -3.13
CA ALA A 255 -14.14 10.56 -2.02
C ALA A 255 -15.27 9.63 -1.59
N PRO A 256 -15.54 9.56 -0.29
CA PRO A 256 -16.66 8.75 0.19
C PRO A 256 -17.99 9.45 -0.03
N PHE A 257 -19.06 8.67 0.10
CA PHE A 257 -20.44 9.15 0.00
C PHE A 257 -20.77 9.69 -1.38
N GLY A 258 -19.92 9.41 -2.37
CA GLY A 258 -20.24 9.70 -3.75
C GLY A 258 -20.44 11.16 -4.08
N CYS A 259 -19.53 12.01 -3.62
CA CYS A 259 -19.63 13.44 -3.85
C CYS A 259 -18.42 13.97 -4.60
N GLN A 260 -18.71 14.77 -5.64
CA GLN A 260 -17.70 15.21 -6.59
C GLN A 260 -16.86 16.33 -5.99
N ILE A 261 -15.57 16.28 -6.23
CA ILE A 261 -14.66 17.34 -5.82
C ILE A 261 -14.41 18.27 -7.00
N LYS A 262 -14.49 19.57 -6.75
CA LYS A 262 -14.22 20.57 -7.78
C LYS A 262 -13.17 21.54 -7.25
N THR A 263 -12.88 22.58 -8.03
CA THR A 263 -11.80 23.50 -7.69
C THR A 263 -12.20 24.90 -8.13
N ASN A 264 -11.58 25.89 -7.47
CA ASN A 264 -11.79 27.32 -7.74
C ASN A 264 -13.24 27.72 -7.52
N PRO A 265 -13.73 27.75 -6.27
CA PRO A 265 -13.03 27.36 -5.04
C PRO A 265 -13.12 25.88 -4.77
N VAL A 266 -12.25 25.35 -3.90
CA VAL A 266 -12.30 23.94 -3.56
C VAL A 266 -13.60 23.64 -2.82
N ARG A 267 -14.32 22.63 -3.25
CA ARG A 267 -15.61 22.31 -2.66
C ARG A 267 -16.01 20.90 -3.03
N ALA A 268 -16.79 20.26 -2.15
CA ALA A 268 -17.35 18.93 -2.38
C ALA A 268 -18.86 19.06 -2.46
N MET A 269 -19.44 18.61 -3.57
CA MET A 269 -20.82 18.91 -3.90
C MET A 269 -21.69 17.66 -3.92
N ASN A 270 -22.95 17.84 -3.51
CA ASN A 270 -23.97 16.79 -3.56
C ASN A 270 -23.51 15.54 -2.80
N CYS A 271 -23.30 15.72 -1.49
CA CYS A 271 -22.52 14.76 -0.73
C CYS A 271 -23.39 14.29 0.43
N ALA A 272 -24.03 13.14 0.24
CA ALA A 272 -25.16 12.72 1.06
C ALA A 272 -24.69 12.23 2.42
N VAL A 273 -24.94 13.02 3.45
CA VAL A 273 -24.62 12.64 4.83
C VAL A 273 -25.39 13.55 5.77
N GLY A 274 -25.93 12.97 6.84
CA GLY A 274 -26.52 13.75 7.91
C GLY A 274 -27.94 14.20 7.63
N ASN A 275 -28.45 15.02 8.55
CA ASN A 275 -29.80 15.55 8.50
C ASN A 275 -29.76 17.06 8.68
N ILE A 276 -30.78 17.73 8.17
CA ILE A 276 -30.84 19.20 8.22
C ILE A 276 -32.09 19.65 8.98
N PRO A 277 -31.96 20.12 10.21
CA PRO A 277 -33.11 20.69 10.91
C PRO A 277 -33.61 21.95 10.21
N VAL A 278 -34.92 22.14 10.23
CA VAL A 278 -35.59 23.24 9.55
C VAL A 278 -36.57 23.90 10.52
N SER A 279 -36.56 25.22 10.56
CA SER A 279 -37.51 25.99 11.36
C SER A 279 -38.27 26.95 10.46
N MET A 280 -39.57 27.06 10.68
CA MET A 280 -40.45 27.86 9.83
C MET A 280 -41.20 28.87 10.69
N ASN A 281 -41.90 29.78 10.00
CA ASN A 281 -42.80 30.72 10.66
C ASN A 281 -43.82 31.16 9.61
N LEU A 282 -45.01 30.57 9.63
CA LEU A 282 -45.94 30.80 8.55
C LEU A 282 -46.97 31.86 8.92
N PRO A 283 -47.42 32.65 7.95
CA PRO A 283 -48.50 33.60 8.21
C PRO A 283 -49.85 32.90 8.23
N ASP A 284 -50.87 33.65 8.65
CA ASP A 284 -52.21 33.09 8.71
C ASP A 284 -52.84 32.89 7.35
N SER A 285 -52.34 33.55 6.31
CA SER A 285 -52.91 33.42 4.98
C SER A 285 -52.58 32.09 4.31
N ALA A 286 -51.61 31.34 4.84
CA ALA A 286 -51.23 30.08 4.21
C ALA A 286 -52.26 28.99 4.46
N PHE A 287 -52.94 29.03 5.60
CA PHE A 287 -53.91 28.01 5.95
C PHE A 287 -55.31 28.39 5.48
N THR A 288 -56.21 27.41 5.49
CA THR A 288 -57.62 27.62 5.20
C THR A 288 -58.44 27.23 6.41
N ARG A 289 -59.44 28.04 6.73
CA ARG A 289 -60.27 27.78 7.90
C ARG A 289 -61.00 26.44 7.75
N ILE A 290 -61.21 25.77 8.88
CA ILE A 290 -61.79 24.44 8.87
C ILE A 290 -63.21 24.44 8.32
N VAL A 291 -63.91 25.58 8.40
CA VAL A 291 -65.26 25.64 7.85
C VAL A 291 -65.24 25.57 6.33
N GLU A 292 -64.23 26.16 5.69
CA GLU A 292 -64.14 26.08 4.24
C GLU A 292 -63.71 24.71 3.75
N ALA A 293 -62.90 23.99 4.53
CA ALA A 293 -62.41 22.70 4.08
C ALA A 293 -63.55 21.68 4.05
N PRO A 294 -63.54 20.76 3.09
CA PRO A 294 -64.59 19.74 3.03
C PRO A 294 -64.52 18.82 4.23
N THR A 295 -65.68 18.30 4.63
CA THR A 295 -65.80 17.40 5.77
C THR A 295 -65.80 15.96 5.27
N ILE A 296 -64.87 15.16 5.75
CA ILE A 296 -64.69 13.78 5.31
C ILE A 296 -65.00 12.86 6.48
N ILE A 297 -65.86 11.87 6.23
CA ILE A 297 -66.23 10.89 7.23
C ILE A 297 -66.18 9.50 6.62
N ASP A 298 -65.98 8.50 7.50
CA ASP A 298 -65.98 7.09 7.12
C ASP A 298 -64.92 6.81 6.05
N LEU A 299 -63.66 7.03 6.43
CA LEU A 299 -62.53 6.82 5.53
C LEU A 299 -62.04 5.38 5.64
N THR A 300 -61.99 4.68 4.52
CA THR A 300 -61.47 3.32 4.46
C THR A 300 -60.39 3.26 3.39
N CYS A 301 -59.33 2.52 3.68
CA CYS A 301 -58.14 2.45 2.83
C CYS A 301 -57.93 1.03 2.35
N THR A 302 -57.81 0.86 1.04
CA THR A 302 -57.55 -0.44 0.44
C THR A 302 -56.38 -0.32 -0.53
N VAL A 303 -55.58 -1.39 -0.63
CA VAL A 303 -54.42 -1.43 -1.51
C VAL A 303 -54.71 -2.43 -2.62
N ALA A 304 -54.61 -1.96 -3.86
CA ALA A 304 -54.86 -2.84 -5.01
C ALA A 304 -53.63 -3.69 -5.33
N THR A 305 -52.52 -3.04 -5.67
CA THR A 305 -51.28 -3.72 -6.02
C THR A 305 -50.12 -3.09 -5.27
N CYS A 306 -49.11 -3.90 -4.97
CA CYS A 306 -47.92 -3.43 -4.29
C CYS A 306 -46.70 -4.18 -4.79
N THR A 307 -45.57 -3.47 -4.85
CA THR A 307 -44.30 -4.07 -5.26
C THR A 307 -43.20 -3.17 -4.71
N HIS A 308 -42.44 -3.67 -3.74
CA HIS A 308 -41.46 -2.83 -3.04
C HIS A 308 -40.24 -2.62 -3.95
N SER A 309 -40.41 -1.72 -4.91
CA SER A 309 -39.35 -1.33 -5.83
C SER A 309 -38.94 0.11 -5.58
N SER A 310 -37.88 0.53 -6.28
CA SER A 310 -37.33 1.87 -6.06
C SER A 310 -38.34 2.95 -6.47
N ASP A 311 -38.93 2.82 -7.65
CA ASP A 311 -39.94 3.77 -8.08
C ASP A 311 -41.24 3.52 -7.30
N PHE A 312 -42.25 4.34 -7.58
CA PHE A 312 -43.51 4.25 -6.86
C PHE A 312 -44.30 3.03 -7.33
N GLY A 313 -44.12 1.90 -6.63
CA GLY A 313 -44.71 0.65 -7.05
C GLY A 313 -45.90 0.23 -6.21
N GLY A 314 -46.78 1.17 -5.88
CA GLY A 314 -47.99 0.86 -5.15
C GLY A 314 -49.12 1.76 -5.58
N VAL A 315 -50.33 1.24 -5.49
CA VAL A 315 -51.55 1.97 -5.84
C VAL A 315 -52.48 1.95 -4.64
N LEU A 316 -53.02 3.11 -4.28
CA LEU A 316 -53.83 3.27 -3.09
C LEU A 316 -55.20 3.79 -3.48
N THR A 317 -56.24 3.28 -2.82
CA THR A 317 -57.61 3.71 -3.07
C THR A 317 -58.28 4.08 -1.76
N LEU A 318 -59.00 5.19 -1.76
CA LEU A 318 -59.68 5.69 -0.56
C LEU A 318 -61.15 5.89 -0.88
N THR A 319 -62.01 5.39 -0.01
CA THR A 319 -63.46 5.59 -0.10
C THR A 319 -63.92 6.41 1.09
N TYR A 320 -64.87 7.31 0.86
CA TYR A 320 -65.29 8.25 1.89
C TYR A 320 -66.68 8.76 1.55
N LYS A 321 -67.17 9.71 2.35
CA LYS A 321 -68.41 10.41 2.10
C LYS A 321 -68.19 11.88 2.41
N THR A 322 -68.50 12.75 1.45
CA THR A 322 -68.24 14.17 1.57
C THR A 322 -69.52 14.97 1.38
N ASP A 323 -69.50 16.20 1.90
CA ASP A 323 -70.60 17.13 1.74
C ASP A 323 -70.39 18.10 0.59
N LYS A 324 -69.16 18.56 0.38
CA LYS A 324 -68.81 19.42 -0.74
C LYS A 324 -67.53 18.87 -1.39
N ASN A 325 -67.21 19.42 -2.56
CA ASN A 325 -66.02 19.02 -3.30
C ASN A 325 -64.99 20.13 -3.28
N GLY A 326 -63.78 19.81 -2.86
CA GLY A 326 -62.71 20.78 -2.74
C GLY A 326 -61.34 20.14 -2.77
N ASP A 327 -60.42 20.62 -1.94
CA ASP A 327 -59.05 20.13 -1.92
C ASP A 327 -58.66 19.72 -0.51
N CYS A 328 -58.16 18.50 -0.37
CA CYS A 328 -57.54 18.03 0.86
C CYS A 328 -56.04 17.86 0.67
N SER A 329 -55.35 17.71 1.80
CA SER A 329 -53.92 17.44 1.83
C SER A 329 -53.72 16.00 2.27
N VAL A 330 -52.87 15.27 1.55
CA VAL A 330 -52.65 13.85 1.79
C VAL A 330 -51.25 13.67 2.36
N HIS A 331 -51.16 12.94 3.48
CA HIS A 331 -49.87 12.70 4.11
C HIS A 331 -49.87 11.33 4.74
N SER A 332 -48.70 10.70 4.75
CA SER A 332 -48.48 9.43 5.41
C SER A 332 -47.70 9.66 6.70
N HIS A 333 -48.22 9.16 7.81
CA HIS A 333 -47.68 9.47 9.13
C HIS A 333 -46.55 8.55 9.55
N SER A 334 -46.11 7.65 8.67
CA SER A 334 -44.98 6.78 8.94
C SER A 334 -44.03 6.82 7.75
N ASN A 335 -42.74 6.65 8.01
CA ASN A 335 -41.73 6.72 6.97
C ASN A 335 -41.54 5.40 6.23
N VAL A 336 -42.35 4.39 6.55
CA VAL A 336 -42.24 3.11 5.83
C VAL A 336 -42.69 3.26 4.39
N ALA A 337 -43.64 4.15 4.13
CA ALA A 337 -44.12 4.39 2.77
C ALA A 337 -44.22 5.88 2.51
N THR A 338 -43.81 6.30 1.33
CA THR A 338 -43.79 7.70 0.94
C THR A 338 -44.78 7.95 -0.19
N LEU A 339 -45.69 8.89 0.02
CA LEU A 339 -46.69 9.22 -1.00
C LEU A 339 -46.08 10.10 -2.08
N GLN A 340 -46.55 9.90 -3.32
CA GLN A 340 -46.02 10.67 -4.43
C GLN A 340 -46.57 12.08 -4.46
N GLU A 341 -47.84 12.26 -4.10
CA GLU A 341 -48.51 13.54 -4.20
C GLU A 341 -48.87 14.06 -2.81
N ALA A 342 -49.02 15.38 -2.70
CA ALA A 342 -49.32 16.03 -1.44
C ALA A 342 -50.73 16.58 -1.35
N THR A 343 -51.44 16.71 -2.47
CA THR A 343 -52.82 17.16 -2.46
C THR A 343 -53.64 16.27 -3.38
N ALA A 344 -54.94 16.20 -3.11
CA ALA A 344 -55.85 15.39 -3.90
C ALA A 344 -57.16 16.14 -4.07
N LYS A 345 -57.89 15.77 -5.12
CA LYS A 345 -59.20 16.36 -5.41
C LYS A 345 -60.27 15.44 -4.84
N VAL A 346 -60.97 15.90 -3.81
CA VAL A 346 -62.07 15.14 -3.22
C VAL A 346 -63.35 15.52 -3.95
N LYS A 347 -64.14 14.51 -4.30
CA LYS A 347 -65.36 14.71 -5.07
C LYS A 347 -66.50 13.95 -4.40
N THR A 348 -67.73 14.29 -4.83
CA THR A 348 -68.90 13.62 -4.30
C THR A 348 -68.96 12.14 -4.69
N ALA A 349 -68.19 11.74 -5.70
CA ALA A 349 -68.16 10.32 -6.08
C ALA A 349 -67.62 9.45 -4.96
N GLY A 350 -66.74 10.00 -4.13
CA GLY A 350 -66.24 9.26 -2.99
C GLY A 350 -65.13 8.27 -3.29
N LYS A 351 -64.23 8.59 -4.20
CA LYS A 351 -63.12 7.70 -4.50
C LYS A 351 -61.96 8.50 -5.06
N VAL A 352 -60.78 8.35 -4.44
CA VAL A 352 -59.55 8.96 -4.91
C VAL A 352 -58.47 7.88 -4.97
N THR A 353 -57.43 8.15 -5.76
CA THR A 353 -56.34 7.21 -5.94
C THR A 353 -55.02 7.89 -5.59
N LEU A 354 -54.09 7.10 -5.07
CA LEU A 354 -52.80 7.60 -4.64
C LEU A 354 -51.71 6.62 -5.04
N HIS A 355 -50.47 7.11 -5.09
CA HIS A 355 -49.31 6.29 -5.38
C HIS A 355 -48.33 6.41 -4.21
N PHE A 356 -47.80 5.27 -3.78
CA PHE A 356 -46.85 5.24 -2.68
C PHE A 356 -45.70 4.30 -3.01
N SER A 357 -44.56 4.54 -2.39
CA SER A 357 -43.36 3.74 -2.57
C SER A 357 -42.91 3.19 -1.23
N THR A 358 -42.63 1.89 -1.18
CA THR A 358 -42.25 1.22 0.06
C THR A 358 -41.12 0.25 -0.23
N ALA A 359 -40.44 -0.16 0.85
CA ALA A 359 -39.29 -1.07 0.73
C ALA A 359 -39.37 -2.21 1.74
N SER A 360 -40.56 -2.51 2.25
CA SER A 360 -40.74 -3.60 3.20
C SER A 360 -41.70 -4.63 2.62
N ALA A 361 -41.59 -5.87 3.12
CA ALA A 361 -42.43 -6.94 2.63
C ALA A 361 -43.90 -6.70 2.96
N SER A 362 -44.18 -6.21 4.15
CA SER A 362 -45.55 -5.95 4.59
C SER A 362 -45.59 -4.61 5.32
N PRO A 363 -46.00 -3.54 4.64
CA PRO A 363 -46.06 -2.22 5.27
C PRO A 363 -47.37 -1.99 6.02
N SER A 364 -47.30 -1.10 6.99
CA SER A 364 -48.48 -0.68 7.74
C SER A 364 -48.31 0.79 8.11
N PHE A 365 -49.20 1.64 7.62
CA PHE A 365 -49.10 3.07 7.84
C PHE A 365 -50.50 3.68 7.82
N VAL A 366 -50.62 4.86 8.41
CA VAL A 366 -51.89 5.57 8.50
C VAL A 366 -51.82 6.81 7.61
N VAL A 367 -52.81 6.95 6.73
CA VAL A 367 -52.89 8.06 5.79
C VAL A 367 -54.07 8.94 6.17
N SER A 368 -53.90 10.25 6.00
CA SER A 368 -54.92 11.22 6.38
C SER A 368 -55.31 12.08 5.18
N LEU A 369 -56.60 12.22 4.97
CA LEU A 369 -57.16 13.06 3.90
C LEU A 369 -57.95 14.17 4.59
N CYS A 370 -57.58 15.42 4.33
CA CYS A 370 -58.00 16.54 5.18
C CYS A 370 -57.76 16.19 6.64
N SER A 371 -58.83 15.93 7.40
CA SER A 371 -58.71 15.63 8.82
C SER A 371 -58.97 14.17 9.16
N ALA A 372 -59.48 13.37 8.22
CA ALA A 372 -59.82 12.00 8.51
C ALA A 372 -58.56 11.15 8.69
N ARG A 373 -58.76 9.89 9.04
CA ARG A 373 -57.67 8.93 9.23
C ARG A 373 -58.09 7.58 8.70
N ALA A 374 -57.09 6.74 8.40
CA ALA A 374 -57.34 5.40 7.92
C ALA A 374 -56.04 4.61 8.01
N THR A 375 -56.14 3.36 8.45
CA THR A 375 -54.98 2.49 8.60
C THR A 375 -54.89 1.56 7.40
N CYS A 376 -53.76 1.58 6.72
CA CYS A 376 -53.55 0.78 5.51
C CYS A 376 -52.57 -0.35 5.79
N SER A 377 -52.92 -1.55 5.35
CA SER A 377 -52.04 -2.70 5.42
C SER A 377 -52.09 -3.43 4.09
N ALA A 378 -50.94 -3.95 3.66
CA ALA A 378 -50.85 -4.56 2.33
C ALA A 378 -49.76 -5.61 2.32
N SER A 379 -49.82 -6.46 1.29
CA SER A 379 -48.80 -7.46 1.03
C SER A 379 -48.14 -7.12 -0.30
N CYS A 380 -46.81 -6.97 -0.28
CA CYS A 380 -46.06 -6.52 -1.44
C CYS A 380 -45.10 -7.60 -1.90
N GLU A 381 -45.08 -7.86 -3.22
CA GLU A 381 -44.20 -8.84 -3.84
C GLU A 381 -42.92 -8.18 -4.33
N PRO A 382 -41.80 -8.91 -4.35
CA PRO A 382 -40.52 -8.32 -4.75
C PRO A 382 -40.53 -7.98 -6.24
N PRO A 383 -39.69 -7.04 -6.67
CA PRO A 383 -39.61 -6.68 -8.08
C PRO A 383 -38.76 -7.69 -8.85
N LYS A 384 -38.67 -7.48 -10.16
CA LYS A 384 -37.94 -8.38 -11.04
C LYS A 384 -36.67 -7.80 -11.62
N ASP A 385 -36.60 -6.47 -11.80
CA ASP A 385 -35.40 -5.86 -12.35
C ASP A 385 -34.27 -5.87 -11.33
N HIS A 386 -33.09 -6.29 -11.77
CA HIS A 386 -31.96 -6.38 -10.85
C HIS A 386 -31.37 -5.01 -10.53
N ILE A 387 -31.23 -4.15 -11.54
CA ILE A 387 -30.51 -2.89 -11.39
C ILE A 387 -31.28 -1.79 -12.12
N VAL A 388 -31.37 -0.63 -11.48
CA VAL A 388 -32.09 0.53 -12.03
C VAL A 388 -31.17 1.73 -12.04
N PRO A 389 -31.35 2.67 -12.98
CA PRO A 389 -30.43 3.82 -13.05
C PRO A 389 -30.86 5.03 -12.24
N TYR A 390 -31.80 4.88 -11.32
CA TYR A 390 -32.26 5.99 -10.50
C TYR A 390 -32.18 5.64 -9.02
N ALA A 391 -32.10 6.67 -8.19
CA ALA A 391 -31.96 6.50 -6.76
C ALA A 391 -33.27 6.01 -6.14
N ALA A 392 -33.17 5.56 -4.88
CA ALA A 392 -34.33 5.05 -4.17
C ALA A 392 -35.25 6.19 -3.75
N SER A 393 -36.56 5.95 -3.84
CA SER A 393 -37.56 6.93 -3.47
C SER A 393 -38.24 6.62 -2.15
N HIS A 394 -37.77 5.61 -1.42
CA HIS A 394 -38.31 5.25 -0.11
C HIS A 394 -37.27 5.53 0.97
N SER A 395 -37.68 5.33 2.22
CA SER A 395 -36.81 5.57 3.36
C SER A 395 -35.98 4.36 3.75
N ASN A 396 -36.08 3.27 2.98
CA ASN A 396 -35.28 2.06 3.21
C ASN A 396 -35.55 1.47 4.59
N VAL A 397 -36.81 1.10 4.82
CA VAL A 397 -37.25 0.43 6.04
C VAL A 397 -37.74 -0.96 5.66
N VAL A 398 -37.21 -1.97 6.34
CA VAL A 398 -37.41 -3.35 5.92
C VAL A 398 -38.27 -4.15 6.91
N PHE A 399 -38.28 -3.79 8.19
CA PHE A 399 -38.99 -4.57 9.19
C PHE A 399 -40.49 -4.56 8.91
N PRO A 400 -41.12 -5.73 8.77
CA PRO A 400 -42.56 -5.76 8.49
C PRO A 400 -43.38 -5.50 9.75
N ASP A 401 -44.68 -5.31 9.55
CA ASP A 401 -45.59 -5.07 10.65
C ASP A 401 -45.79 -6.35 11.46
N MET A 402 -46.20 -6.16 12.72
CA MET A 402 -46.47 -7.29 13.59
C MET A 402 -47.65 -8.12 13.11
N SER A 403 -48.47 -7.59 12.22
CA SER A 403 -49.60 -8.31 11.66
C SER A 403 -49.27 -8.98 10.33
N GLY A 404 -48.01 -8.94 9.91
CA GLY A 404 -47.62 -9.59 8.68
C GLY A 404 -47.63 -11.10 8.79
N THR A 405 -47.41 -11.75 7.65
CA THR A 405 -47.49 -13.22 7.62
C THR A 405 -46.43 -13.86 8.51
N ALA A 406 -45.17 -13.46 8.35
CA ALA A 406 -44.11 -14.03 9.16
C ALA A 406 -44.31 -13.73 10.64
N LEU A 407 -44.67 -12.49 10.96
CA LEU A 407 -44.94 -12.16 12.35
C LEU A 407 -46.19 -12.86 12.87
N SER A 408 -47.17 -13.10 12.01
CA SER A 408 -48.33 -13.89 12.44
C SER A 408 -47.92 -15.30 12.81
N TRP A 409 -47.06 -15.93 12.00
CA TRP A 409 -46.58 -17.27 12.32
C TRP A 409 -45.80 -17.28 13.62
N VAL A 410 -44.93 -16.28 13.81
CA VAL A 410 -44.16 -16.19 15.05
C VAL A 410 -45.10 -16.03 16.24
N GLN A 411 -46.11 -15.18 16.11
CA GLN A 411 -47.07 -14.96 17.19
C GLN A 411 -47.83 -16.24 17.52
N LYS A 412 -48.25 -16.99 16.49
CA LYS A 412 -48.98 -18.23 16.75
C LYS A 412 -48.10 -19.24 17.48
N ILE A 413 -46.86 -19.40 17.03
CA ILE A 413 -45.97 -20.37 17.66
C ILE A 413 -45.68 -19.97 19.10
N SER A 414 -45.38 -18.69 19.33
CA SER A 414 -45.11 -18.22 20.68
C SER A 414 -46.33 -18.36 21.57
N GLY A 415 -47.53 -18.13 21.04
CA GLY A 415 -48.73 -18.33 21.82
C GLY A 415 -48.95 -19.77 22.21
N GLY A 416 -48.69 -20.70 21.29
CA GLY A 416 -48.77 -22.11 21.64
C GLY A 416 -47.80 -22.50 22.73
N LEU A 417 -46.55 -22.04 22.61
CA LEU A 417 -45.55 -22.35 23.62
C LEU A 417 -45.94 -21.74 24.97
N GLY A 418 -46.45 -20.51 24.95
CA GLY A 418 -46.87 -19.88 26.19
C GLY A 418 -48.04 -20.59 26.85
N ALA A 419 -48.98 -21.09 26.02
CA ALA A 419 -50.09 -21.86 26.57
C ALA A 419 -49.59 -23.15 27.23
N PHE A 420 -48.64 -23.83 26.58
CA PHE A 420 -48.07 -25.04 27.17
C PHE A 420 -47.39 -24.72 28.50
N ALA A 421 -46.60 -23.64 28.54
CA ALA A 421 -45.91 -23.28 29.77
C ALA A 421 -46.89 -22.90 30.87
N ILE A 422 -47.96 -22.20 30.51
CA ILE A 422 -48.97 -21.80 31.50
C ILE A 422 -49.66 -23.04 32.06
N GLY A 423 -49.99 -24.01 31.21
CA GLY A 423 -50.57 -25.24 31.70
C GLY A 423 -49.63 -25.98 32.64
N ALA A 424 -48.34 -26.04 32.29
CA ALA A 424 -47.35 -26.67 33.14
C ALA A 424 -47.31 -26.00 34.51
N ILE A 425 -47.25 -24.67 34.52
CA ILE A 425 -47.15 -23.94 35.78
C ILE A 425 -48.41 -24.14 36.61
N LEU A 426 -49.58 -24.16 35.97
CA LEU A 426 -50.82 -24.39 36.70
C LEU A 426 -50.82 -25.76 37.35
N VAL A 427 -50.39 -26.79 36.61
CA VAL A 427 -50.37 -28.14 37.17
C VAL A 427 -49.41 -28.20 38.35
N LEU A 428 -48.22 -27.62 38.21
CA LEU A 428 -47.24 -27.66 39.30
C LEU A 428 -47.77 -26.91 40.52
N VAL A 429 -48.41 -25.76 40.31
CA VAL A 429 -48.95 -24.99 41.43
C VAL A 429 -50.05 -25.76 42.13
N VAL A 430 -50.93 -26.41 41.38
CA VAL A 430 -52.00 -27.21 41.98
C VAL A 430 -51.42 -28.33 42.83
N VAL A 431 -50.41 -29.03 42.29
CA VAL A 431 -49.80 -30.13 43.04
C VAL A 431 -49.13 -29.61 44.31
N THR A 432 -48.41 -28.49 44.21
CA THR A 432 -47.75 -27.94 45.39
C THR A 432 -48.76 -27.52 46.45
N CYS A 433 -49.87 -26.90 46.02
CA CYS A 433 -50.89 -26.49 46.98
C CYS A 433 -51.51 -27.71 47.66
N ILE A 434 -51.78 -28.76 46.90
CA ILE A 434 -52.34 -29.97 47.50
C ILE A 434 -51.36 -30.57 48.51
N GLY A 435 -50.07 -30.60 48.15
CA GLY A 435 -49.08 -31.13 49.07
C GLY A 435 -48.94 -30.30 50.34
N LEU A 436 -48.97 -28.97 50.20
CA LEU A 436 -48.81 -28.11 51.37
C LEU A 436 -50.04 -28.13 52.26
N ARG A 437 -51.24 -28.25 51.68
CA ARG A 437 -52.45 -28.32 52.49
C ARG A 437 -52.57 -29.63 53.26
N ARG A 438 -51.72 -30.61 52.98
CA ARG A 438 -51.70 -31.87 53.71
C ARG A 438 -51.10 -31.69 55.11
N HIS B 1 10.05 50.97 -38.16
CA HIS B 1 9.41 50.36 -37.00
C HIS B 1 10.35 50.41 -35.79
N PHE B 2 10.56 49.25 -35.17
CA PHE B 2 11.46 49.12 -34.03
C PHE B 2 12.72 48.34 -34.37
N ASN B 3 12.58 47.11 -34.87
CA ASN B 3 13.67 46.34 -35.45
C ASN B 3 14.82 46.17 -34.45
N VAL B 4 14.51 45.44 -33.37
CA VAL B 4 15.51 45.18 -32.35
C VAL B 4 16.66 44.34 -32.90
N TYR B 5 16.39 43.55 -33.93
CA TYR B 5 17.40 42.63 -34.46
C TYR B 5 18.48 43.32 -35.28
N LYS B 6 18.57 44.65 -35.29
CA LYS B 6 19.67 45.32 -35.95
C LYS B 6 20.90 45.49 -35.06
N ALA B 7 20.77 45.19 -33.77
CA ALA B 7 21.90 45.22 -32.84
C ALA B 7 22.32 43.83 -32.39
N THR B 8 21.80 42.79 -33.04
CA THR B 8 22.02 41.41 -32.64
C THR B 8 22.60 40.64 -33.82
N ARG B 9 23.54 39.74 -33.53
CA ARG B 9 24.22 38.99 -34.57
C ARG B 9 24.15 37.49 -34.28
N PRO B 10 24.17 36.67 -35.32
CA PRO B 10 24.34 35.23 -35.11
C PRO B 10 25.75 34.91 -34.65
N TYR B 11 25.89 33.76 -33.98
CA TYR B 11 27.17 33.37 -33.43
C TYR B 11 27.44 31.91 -33.74
N ILE B 12 28.71 31.53 -33.61
CA ILE B 12 29.16 30.17 -33.86
C ILE B 12 29.43 29.51 -32.52
N ALA B 13 28.69 28.44 -32.22
CA ALA B 13 28.81 27.70 -30.97
C ALA B 13 29.29 26.28 -31.27
N TYR B 14 29.36 25.47 -30.23
CA TYR B 14 29.85 24.10 -30.32
C TYR B 14 28.67 23.14 -30.35
N CYS B 15 28.71 22.18 -31.27
CA CYS B 15 27.67 21.18 -31.41
C CYS B 15 28.27 19.82 -31.10
N ALA B 16 27.54 19.01 -30.33
CA ALA B 16 28.06 17.73 -29.87
C ALA B 16 28.37 16.81 -31.06
N ASP B 17 27.39 16.60 -31.94
CA ASP B 17 27.61 15.88 -33.17
C ASP B 17 26.82 16.55 -34.29
N CYS B 18 27.47 16.69 -35.45
CA CYS B 18 26.93 17.48 -36.56
C CYS B 18 26.23 16.60 -37.59
N GLY B 19 25.52 15.58 -37.15
CA GLY B 19 24.79 14.71 -38.05
C GLY B 19 25.58 13.53 -38.57
N ALA B 20 26.88 13.46 -38.30
CA ALA B 20 27.71 12.35 -38.75
C ALA B 20 28.42 11.66 -37.60
N GLY B 21 28.15 12.05 -36.36
CA GLY B 21 28.85 11.50 -35.22
C GLY B 21 30.14 12.22 -34.85
N HIS B 22 30.53 13.23 -35.61
CA HIS B 22 31.73 14.01 -35.33
C HIS B 22 31.33 15.38 -34.79
N SER B 23 32.26 16.00 -34.06
CA SER B 23 32.01 17.25 -33.38
C SER B 23 32.77 18.38 -34.06
N CYS B 24 32.07 19.48 -34.34
CA CYS B 24 32.71 20.68 -34.88
C CYS B 24 31.80 21.87 -34.60
N HIS B 25 32.40 23.06 -34.65
CA HIS B 25 31.68 24.29 -34.34
C HIS B 25 30.78 24.65 -35.52
N SER B 26 29.47 24.55 -35.32
CA SER B 26 28.53 24.82 -36.38
C SER B 26 27.70 26.06 -36.08
N PRO B 27 27.28 26.80 -37.10
CA PRO B 27 26.46 27.99 -36.87
C PRO B 27 24.99 27.72 -36.60
N VAL B 28 24.59 26.45 -36.40
CA VAL B 28 23.19 26.12 -36.19
C VAL B 28 23.08 25.35 -34.88
N ALA B 29 23.97 25.63 -33.93
CA ALA B 29 23.96 24.93 -32.66
C ALA B 29 22.64 25.11 -31.93
N ILE B 30 22.17 24.05 -31.29
CA ILE B 30 20.87 24.05 -30.63
C ILE B 30 21.07 24.38 -29.15
N GLU B 31 20.40 25.43 -28.69
CA GLU B 31 20.32 25.75 -27.27
C GLU B 31 19.06 25.09 -26.70
N ALA B 32 18.63 25.53 -25.51
CA ALA B 32 17.56 24.85 -24.80
C ALA B 32 16.29 24.75 -25.63
N VAL B 33 15.55 23.66 -25.41
CA VAL B 33 14.27 23.40 -26.07
C VAL B 33 13.18 23.44 -25.01
N ARG B 34 12.17 24.26 -25.23
CA ARG B 34 11.07 24.43 -24.29
C ARG B 34 9.83 23.69 -24.79
N SER B 35 9.20 22.93 -23.90
CA SER B 35 8.03 22.15 -24.28
C SER B 35 6.96 22.21 -23.19
N GLU B 36 6.70 23.41 -22.67
CA GLU B 36 5.66 23.58 -21.65
C GLU B 36 4.30 23.92 -22.25
N ALA B 37 4.04 23.50 -23.48
CA ALA B 37 2.74 23.68 -24.11
C ALA B 37 2.00 22.36 -24.10
N THR B 38 0.74 22.39 -23.67
CA THR B 38 -0.01 21.16 -23.44
C THR B 38 -0.25 20.39 -24.74
N ASP B 39 -0.55 21.10 -25.83
CA ASP B 39 -0.86 20.43 -27.08
C ASP B 39 0.35 19.75 -27.72
N GLY B 40 1.56 20.08 -27.29
CA GLY B 40 2.74 19.37 -27.75
C GLY B 40 3.54 20.09 -28.81
N MET B 41 3.76 21.39 -28.62
CA MET B 41 4.47 22.22 -29.60
C MET B 41 5.77 22.71 -28.98
N LEU B 42 6.88 22.41 -29.63
CA LEU B 42 8.20 22.73 -29.11
C LEU B 42 8.64 24.14 -29.50
N LYS B 43 9.65 24.65 -28.79
CA LYS B 43 10.28 25.94 -29.10
C LYS B 43 11.79 25.76 -29.11
N ILE B 44 12.33 25.33 -30.25
CA ILE B 44 13.77 25.18 -30.39
C ILE B 44 14.42 26.56 -30.45
N GLN B 45 15.73 26.60 -30.22
CA GLN B 45 16.48 27.85 -30.23
C GLN B 45 17.79 27.65 -30.99
N PHE B 46 17.91 28.32 -32.13
CA PHE B 46 19.15 28.28 -32.93
C PHE B 46 20.25 29.08 -32.26
N SER B 47 21.40 29.11 -32.93
CA SER B 47 22.40 30.14 -32.75
C SER B 47 22.49 31.03 -33.97
N ALA B 48 21.69 30.79 -34.99
CA ALA B 48 21.63 31.60 -36.20
C ALA B 48 20.20 32.11 -36.35
N GLN B 49 20.01 33.41 -36.15
CA GLN B 49 18.68 33.97 -36.16
C GLN B 49 18.12 34.04 -37.58
N ILE B 50 16.86 33.62 -37.71
CA ILE B 50 16.24 33.37 -39.01
C ILE B 50 15.00 34.25 -39.15
N GLY B 51 14.82 34.81 -40.34
CA GLY B 51 13.76 35.76 -40.61
C GLY B 51 14.24 37.17 -40.88
N ILE B 52 15.53 37.44 -40.71
CA ILE B 52 16.11 38.76 -40.96
C ILE B 52 17.32 38.57 -41.86
N ASP B 53 17.37 39.31 -42.96
CA ASP B 53 18.45 39.15 -43.92
C ASP B 53 19.74 39.77 -43.38
N LYS B 54 20.79 39.70 -44.20
CA LYS B 54 22.09 40.20 -43.78
C LYS B 54 22.07 41.70 -43.51
N SER B 55 21.24 42.45 -44.25
CA SER B 55 21.17 43.90 -44.14
C SER B 55 20.16 44.36 -43.09
N ASP B 56 19.86 43.53 -42.09
CA ASP B 56 19.02 43.85 -40.95
C ASP B 56 17.58 44.15 -41.32
N ASN B 57 17.15 43.80 -42.54
CA ASN B 57 15.77 44.01 -42.95
C ASN B 57 14.97 42.73 -42.76
N HIS B 58 13.68 42.90 -42.48
CA HIS B 58 12.79 41.76 -42.37
C HIS B 58 12.62 41.08 -43.73
N ASP B 59 12.61 39.75 -43.72
CA ASP B 59 12.50 38.98 -44.95
C ASP B 59 12.02 37.58 -44.61
N TYR B 60 11.06 37.09 -45.39
CA TYR B 60 10.55 35.74 -45.22
C TYR B 60 11.39 34.68 -45.92
N THR B 61 12.43 35.08 -46.64
CA THR B 61 13.23 34.15 -47.42
C THR B 61 14.65 33.99 -46.91
N LYS B 62 15.30 35.07 -46.50
CA LYS B 62 16.69 35.00 -46.05
C LYS B 62 16.75 34.69 -44.56
N ILE B 63 17.82 34.01 -44.15
CA ILE B 63 18.11 33.83 -42.73
C ILE B 63 19.56 34.22 -42.49
N ARG B 64 19.79 34.92 -41.39
CA ARG B 64 21.15 35.32 -41.02
C ARG B 64 21.85 34.18 -40.30
N TYR B 65 23.10 33.91 -40.70
CA TYR B 65 23.91 32.93 -40.01
C TYR B 65 25.36 33.38 -40.06
N ALA B 66 26.05 33.29 -38.93
CA ALA B 66 27.43 33.73 -38.84
C ALA B 66 28.34 32.75 -39.57
N ASP B 67 29.41 33.30 -40.16
CA ASP B 67 30.41 32.49 -40.85
C ASP B 67 31.76 33.20 -40.72
N GLY B 68 32.52 32.82 -39.70
CA GLY B 68 33.84 33.37 -39.49
C GLY B 68 33.89 34.88 -39.41
N HIS B 69 33.33 35.44 -38.33
CA HIS B 69 33.21 36.88 -38.12
C HIS B 69 32.81 37.61 -39.40
N ALA B 70 31.81 37.05 -40.07
CA ALA B 70 31.24 37.63 -41.29
C ALA B 70 29.88 36.97 -41.50
N ILE B 71 28.85 37.78 -41.70
CA ILE B 71 27.48 37.30 -41.76
C ILE B 71 27.09 37.07 -43.21
N GLU B 72 26.56 35.90 -43.49
CA GLU B 72 25.94 35.58 -44.79
C GLU B 72 24.46 35.31 -44.57
N ASN B 73 23.77 34.98 -45.66
CA ASN B 73 22.35 34.67 -45.58
C ASN B 73 22.04 33.46 -46.44
N ALA B 74 21.00 32.72 -46.03
CA ALA B 74 20.59 31.50 -46.71
C ALA B 74 19.08 31.49 -46.88
N VAL B 75 18.63 30.74 -47.88
CA VAL B 75 17.20 30.71 -48.20
C VAL B 75 16.43 30.03 -47.08
N ARG B 76 15.23 30.52 -46.80
CA ARG B 76 14.41 29.94 -45.74
C ARG B 76 14.00 28.52 -46.07
N SER B 77 13.86 28.18 -47.34
CA SER B 77 13.63 26.80 -47.70
C SER B 77 14.82 25.94 -47.25
N SER B 78 14.62 24.64 -47.28
CA SER B 78 15.58 23.63 -46.82
C SER B 78 15.78 23.67 -45.31
N LEU B 79 15.11 24.55 -44.58
CA LEU B 79 15.12 24.49 -43.12
C LEU B 79 14.28 23.31 -42.70
N LYS B 80 14.94 22.20 -42.36
CA LYS B 80 14.26 20.98 -41.96
C LYS B 80 14.55 20.69 -40.49
N VAL B 81 13.49 20.53 -39.70
CA VAL B 81 13.60 20.05 -38.33
C VAL B 81 12.94 18.68 -38.27
N ALA B 82 13.57 17.76 -37.55
CA ALA B 82 13.12 16.38 -37.61
C ALA B 82 13.45 15.65 -36.33
N THR B 83 12.82 14.50 -36.16
CA THR B 83 13.04 13.58 -35.05
C THR B 83 13.04 12.21 -35.71
N SER B 84 12.79 11.16 -34.94
CA SER B 84 12.60 9.82 -35.49
C SER B 84 11.73 9.85 -36.75
N GLY B 85 10.75 10.74 -36.77
CA GLY B 85 9.97 10.97 -37.98
C GLY B 85 10.38 12.22 -38.72
N ASP B 86 9.44 13.16 -38.89
CA ASP B 86 9.71 14.41 -39.59
C ASP B 86 8.70 15.46 -39.14
N CYS B 87 9.19 16.62 -38.76
CA CYS B 87 8.38 17.63 -38.09
C CYS B 87 7.78 18.63 -39.09
N PHE B 88 6.82 19.40 -38.60
CA PHE B 88 6.16 20.45 -39.36
C PHE B 88 6.39 21.78 -38.65
N VAL B 89 7.01 22.72 -39.35
CA VAL B 89 7.35 24.02 -38.76
C VAL B 89 6.14 24.92 -38.81
N HIS B 90 5.73 25.43 -37.64
CA HIS B 90 4.54 26.26 -37.53
C HIS B 90 4.88 27.75 -37.57
N GLY B 91 5.75 28.19 -36.67
CA GLY B 91 6.14 29.58 -36.57
C GLY B 91 7.63 29.76 -36.75
N THR B 92 8.03 31.03 -36.81
CA THR B 92 9.44 31.40 -36.99
C THR B 92 9.68 32.88 -36.74
N MET B 93 10.64 33.19 -35.87
CA MET B 93 11.07 34.57 -35.65
C MET B 93 12.37 34.59 -34.86
N GLY B 94 13.36 35.33 -35.36
CA GLY B 94 14.62 35.44 -34.65
C GLY B 94 15.28 34.08 -34.47
N HIS B 95 15.67 33.79 -33.23
CA HIS B 95 16.32 32.52 -32.92
C HIS B 95 15.34 31.35 -32.83
N PHE B 96 14.07 31.61 -32.55
CA PHE B 96 13.14 30.60 -32.09
C PHE B 96 12.39 29.95 -33.23
N ILE B 97 11.93 28.72 -33.00
CA ILE B 97 11.13 27.96 -33.94
C ILE B 97 9.94 27.36 -33.21
N LEU B 98 8.88 27.09 -33.94
CA LEU B 98 7.76 26.30 -33.45
C LEU B 98 7.65 25.05 -34.31
N ALA B 99 7.31 23.92 -33.70
CA ALA B 99 7.23 22.68 -34.45
C ALA B 99 6.31 21.71 -33.72
N LYS B 100 5.81 20.73 -34.48
CA LYS B 100 5.04 19.62 -33.93
C LYS B 100 5.64 18.33 -34.48
N CYS B 101 6.23 17.54 -33.60
CA CYS B 101 7.01 16.41 -34.04
C CYS B 101 6.40 15.09 -33.60
N PRO B 102 6.60 14.02 -34.36
CA PRO B 102 6.21 12.69 -33.90
C PRO B 102 7.13 12.21 -32.79
N PRO B 103 6.69 11.24 -31.99
CA PRO B 103 7.54 10.77 -30.88
C PRO B 103 8.87 10.23 -31.38
N GLY B 104 9.92 10.52 -30.62
CA GLY B 104 11.27 10.12 -30.99
C GLY B 104 12.21 10.39 -29.84
N GLU B 105 13.48 10.05 -30.06
CA GLU B 105 14.48 10.13 -29.00
C GLU B 105 15.60 11.13 -29.30
N PHE B 106 15.37 12.05 -30.24
CA PHE B 106 16.33 13.09 -30.56
C PHE B 106 15.66 14.09 -31.49
N LEU B 107 16.40 15.12 -31.87
CA LEU B 107 15.96 16.04 -32.92
C LEU B 107 17.16 16.79 -33.47
N GLN B 108 17.12 17.05 -34.78
CA GLN B 108 18.14 17.84 -35.43
C GLN B 108 17.50 18.97 -36.23
N VAL B 109 18.25 20.05 -36.40
CA VAL B 109 17.86 21.18 -37.23
C VAL B 109 18.99 21.41 -38.23
N SER B 110 18.62 21.65 -39.48
CA SER B 110 19.64 21.78 -40.52
C SER B 110 19.11 22.65 -41.64
N ILE B 111 20.02 23.40 -42.27
CA ILE B 111 19.68 24.24 -43.40
C ILE B 111 20.93 24.46 -44.23
N GLN B 112 20.75 24.66 -45.53
CA GLN B 112 21.86 24.69 -46.47
C GLN B 112 22.77 25.88 -46.24
N ASP B 113 24.06 25.68 -46.53
CA ASP B 113 25.06 26.73 -46.45
C ASP B 113 24.95 27.62 -47.70
N THR B 114 25.90 28.54 -47.87
CA THR B 114 25.95 29.32 -49.09
C THR B 114 26.29 28.44 -50.29
N ARG B 115 27.17 27.48 -50.11
CA ARG B 115 27.58 26.57 -51.18
C ARG B 115 26.69 25.33 -51.26
N ASN B 116 25.45 25.42 -50.79
CA ASN B 116 24.51 24.30 -50.80
C ASN B 116 25.08 23.08 -50.06
N ALA B 117 25.73 23.34 -48.93
CA ALA B 117 26.21 22.29 -48.03
C ALA B 117 25.36 22.28 -46.78
N VAL B 118 24.89 21.10 -46.38
CA VAL B 118 24.01 21.01 -45.22
C VAL B 118 24.82 21.25 -43.95
N ARG B 119 24.27 22.08 -43.06
CA ARG B 119 24.84 22.31 -41.74
C ARG B 119 23.82 21.86 -40.72
N ALA B 120 24.18 20.87 -39.90
CA ALA B 120 23.23 20.21 -39.02
C ALA B 120 23.75 20.19 -37.59
N CYS B 121 22.84 19.90 -36.67
CA CYS B 121 23.19 19.73 -35.26
C CYS B 121 22.04 19.01 -34.58
N ARG B 122 22.33 17.86 -33.95
CA ARG B 122 21.31 17.06 -33.29
C ARG B 122 21.61 16.95 -31.81
N ILE B 123 20.57 17.05 -31.00
CA ILE B 123 20.67 16.99 -29.55
C ILE B 123 19.78 15.85 -29.06
N GLN B 124 20.18 15.21 -27.97
CA GLN B 124 19.40 14.13 -27.41
C GLN B 124 18.20 14.70 -26.65
N TYR B 125 17.00 14.27 -27.01
CA TYR B 125 15.78 14.80 -26.43
C TYR B 125 14.71 13.73 -26.49
N HIS B 126 14.16 13.35 -25.34
CA HIS B 126 13.14 12.31 -25.26
C HIS B 126 11.77 12.96 -25.41
N HIS B 127 11.19 12.85 -26.59
CA HIS B 127 9.91 13.46 -26.91
C HIS B 127 8.82 12.40 -26.90
N ASP B 128 7.77 12.64 -26.12
CA ASP B 128 6.63 11.74 -26.05
C ASP B 128 5.39 12.52 -25.62
N PRO B 129 4.74 13.23 -26.53
CA PRO B 129 3.59 14.05 -26.14
C PRO B 129 2.38 13.21 -25.82
N GLN B 130 1.54 13.73 -24.92
CA GLN B 130 0.30 13.09 -24.53
C GLN B 130 -0.84 14.10 -24.57
N PRO B 131 -1.89 13.85 -25.34
CA PRO B 131 -2.97 14.83 -25.45
C PRO B 131 -3.71 15.00 -24.13
N VAL B 132 -4.25 16.20 -23.93
CA VAL B 132 -5.04 16.48 -22.74
C VAL B 132 -6.33 15.69 -22.78
N GLY B 133 -6.71 15.11 -21.64
CA GLY B 133 -7.91 14.32 -21.54
C GLY B 133 -7.62 12.97 -20.94
N ARG B 134 -8.54 12.03 -21.19
CA ARG B 134 -8.42 10.68 -20.66
C ARG B 134 -8.30 9.63 -21.77
N GLU B 135 -8.07 10.05 -23.01
CA GLU B 135 -7.79 9.13 -24.10
C GLU B 135 -6.50 9.56 -24.79
N LYS B 136 -5.67 8.59 -25.13
CA LYS B 136 -4.40 8.86 -25.79
C LYS B 136 -4.57 8.79 -27.31
N PHE B 137 -5.50 9.59 -27.82
CA PHE B 137 -5.74 9.63 -29.25
C PHE B 137 -4.57 10.27 -29.98
N THR B 138 -4.50 10.02 -31.28
CA THR B 138 -3.39 10.50 -32.10
C THR B 138 -3.72 11.82 -32.81
N ILE B 139 -4.83 11.86 -33.55
CA ILE B 139 -5.24 13.06 -34.26
C ILE B 139 -6.70 13.36 -33.93
N ARG B 140 -7.08 14.62 -34.13
CA ARG B 140 -8.38 15.10 -33.70
C ARG B 140 -9.49 14.48 -34.55
N PRO B 141 -10.65 14.24 -33.96
CA PRO B 141 -11.77 13.65 -34.72
C PRO B 141 -12.63 14.71 -35.39
N HIS B 142 -13.71 14.29 -36.04
CA HIS B 142 -14.70 15.21 -36.58
C HIS B 142 -15.92 15.33 -35.69
N TYR B 143 -15.89 14.76 -34.49
CA TYR B 143 -16.97 14.86 -33.53
C TYR B 143 -16.43 14.54 -32.15
N GLY B 144 -16.50 15.51 -31.24
CA GLY B 144 -15.98 15.28 -29.90
C GLY B 144 -16.27 16.46 -29.00
N LYS B 145 -15.61 16.46 -27.85
CA LYS B 145 -15.75 17.51 -26.86
C LYS B 145 -14.79 18.67 -27.16
N GLU B 146 -14.84 19.68 -26.29
CA GLU B 146 -13.92 20.81 -26.36
C GLU B 146 -13.28 20.98 -25.00
N ILE B 147 -12.03 20.58 -24.87
CA ILE B 147 -11.28 20.61 -23.62
C ILE B 147 -10.25 21.72 -23.71
N PRO B 148 -10.18 22.62 -22.73
CA PRO B 148 -9.19 23.71 -22.81
C PRO B 148 -7.77 23.18 -22.67
N CYS B 149 -6.84 23.89 -23.31
CA CYS B 149 -5.42 23.57 -23.22
C CYS B 149 -4.63 24.86 -23.41
N THR B 150 -3.32 24.74 -23.59
CA THR B 150 -2.44 25.88 -23.82
C THR B 150 -1.51 25.57 -24.97
N THR B 151 -1.06 26.63 -25.65
CA THR B 151 -0.15 26.48 -26.77
C THR B 151 0.60 27.78 -26.97
N TYR B 152 1.63 27.72 -27.82
CA TYR B 152 2.39 28.90 -28.19
C TYR B 152 1.68 29.63 -29.33
N GLN B 153 1.58 30.95 -29.21
CA GLN B 153 0.90 31.75 -30.22
C GLN B 153 1.90 32.36 -31.19
N GLN B 154 1.40 32.74 -32.36
CA GLN B 154 2.24 33.29 -33.41
C GLN B 154 2.51 34.79 -33.25
N THR B 155 1.78 35.47 -32.37
CA THR B 155 1.95 36.91 -32.21
C THR B 155 3.30 37.23 -31.57
N THR B 156 3.91 38.32 -32.01
CA THR B 156 5.19 38.79 -31.50
C THR B 156 5.05 40.18 -30.87
N ALA B 157 3.96 40.39 -30.14
CA ALA B 157 3.75 41.64 -29.41
C ALA B 157 4.54 41.64 -28.11
N LYS B 158 4.21 42.55 -27.20
CA LYS B 158 4.83 42.54 -25.87
C LYS B 158 4.52 41.22 -25.17
N THR B 159 5.56 40.60 -24.61
CA THR B 159 5.45 39.26 -24.05
C THR B 159 5.87 39.14 -22.58
N VAL B 160 6.66 40.08 -22.06
CA VAL B 160 7.20 40.00 -20.70
C VAL B 160 8.02 38.72 -20.60
N GLU B 161 9.15 38.70 -21.32
CA GLU B 161 10.10 37.60 -21.29
C GLU B 161 11.49 38.19 -21.49
N GLU B 162 12.51 37.43 -21.12
CA GLU B 162 13.86 37.95 -21.10
C GLU B 162 14.82 37.02 -21.82
N ILE B 163 15.77 37.63 -22.53
CA ILE B 163 16.98 36.96 -22.99
C ILE B 163 18.15 37.89 -22.72
N ASP B 164 19.20 37.36 -22.10
CA ASP B 164 20.38 38.16 -21.77
C ASP B 164 21.35 38.17 -22.95
N MET B 165 21.74 39.37 -23.36
CA MET B 165 22.74 39.55 -24.40
C MET B 165 23.96 40.24 -23.80
N HIS B 166 25.13 39.88 -24.29
CA HIS B 166 26.36 40.48 -23.80
C HIS B 166 27.31 40.69 -24.96
N MET B 167 28.24 41.62 -24.77
CA MET B 167 29.13 42.03 -25.84
C MET B 167 30.06 40.88 -26.22
N PRO B 168 30.24 40.59 -27.51
CA PRO B 168 31.00 39.40 -27.90
C PRO B 168 32.46 39.53 -27.50
N PRO B 169 33.11 38.43 -27.16
CA PRO B 169 34.53 38.48 -26.81
C PRO B 169 35.40 38.64 -28.05
N ASP B 170 36.70 38.83 -27.81
CA ASP B 170 37.66 38.95 -28.90
C ASP B 170 37.88 37.56 -29.50
N THR B 171 37.56 37.43 -30.79
CA THR B 171 37.68 36.15 -31.46
C THR B 171 39.10 35.95 -31.96
N PRO B 172 39.78 34.88 -31.54
CA PRO B 172 41.14 34.64 -32.04
C PRO B 172 41.13 34.07 -33.44
N ASP B 173 42.12 34.48 -34.23
CA ASP B 173 42.23 34.02 -35.61
C ASP B 173 43.70 34.03 -36.01
N ARG B 174 44.13 32.94 -36.65
CA ARG B 174 45.51 32.78 -37.08
C ARG B 174 45.66 32.87 -38.59
N THR B 175 44.58 33.02 -39.35
CA THR B 175 44.68 33.14 -40.79
C THR B 175 45.15 34.51 -41.24
N LEU B 176 45.25 35.47 -40.32
CA LEU B 176 45.69 36.82 -40.69
C LEU B 176 47.19 36.99 -40.64
N LEU B 177 47.92 36.10 -39.96
CA LEU B 177 49.37 36.19 -39.87
C LEU B 177 49.97 35.70 -41.16
N SER B 178 50.68 36.58 -41.86
CA SER B 178 51.34 36.25 -43.12
C SER B 178 52.85 36.46 -42.94
N GLN B 179 53.57 35.36 -42.74
CA GLN B 179 55.02 35.41 -42.60
C GLN B 179 55.64 35.34 -43.99
N GLN B 180 56.24 36.44 -44.43
CA GLN B 180 56.86 36.48 -45.76
C GLN B 180 58.35 36.14 -45.69
N SER B 181 59.14 36.98 -45.03
CA SER B 181 60.55 36.68 -44.80
C SER B 181 61.00 37.49 -43.58
N GLY B 182 61.09 36.83 -42.43
CA GLY B 182 61.48 37.51 -41.23
C GLY B 182 60.58 38.64 -40.81
N ASN B 183 59.34 38.65 -41.31
CA ASN B 183 58.40 39.72 -40.99
C ASN B 183 56.99 39.16 -41.14
N VAL B 184 56.03 39.89 -40.57
CA VAL B 184 54.64 39.46 -40.56
C VAL B 184 53.75 40.56 -41.09
N LYS B 185 52.59 40.17 -41.62
CA LYS B 185 51.55 41.10 -42.05
C LYS B 185 50.25 40.73 -41.35
N ILE B 186 49.50 41.75 -40.95
CA ILE B 186 48.24 41.57 -40.25
C ILE B 186 47.12 42.10 -41.14
N THR B 187 46.21 41.23 -41.55
CA THR B 187 45.19 41.58 -42.52
C THR B 187 44.13 42.49 -41.90
N VAL B 188 43.48 43.27 -42.76
CA VAL B 188 42.48 44.25 -42.35
C VAL B 188 41.22 44.04 -43.17
N GLY B 189 40.28 44.98 -43.07
CA GLY B 189 38.99 44.82 -43.72
C GLY B 189 37.84 45.33 -42.89
N GLY B 190 38.15 45.95 -41.77
CA GLY B 190 37.13 46.54 -40.92
C GLY B 190 37.23 46.01 -39.50
N LYS B 191 38.08 45.01 -39.31
CA LYS B 191 38.24 44.36 -38.01
C LYS B 191 39.48 44.95 -37.34
N LYS B 192 39.27 45.70 -36.27
CA LYS B 192 40.37 46.25 -35.48
C LYS B 192 40.91 45.15 -34.59
N VAL B 193 42.10 44.67 -34.90
CA VAL B 193 42.65 43.48 -34.26
C VAL B 193 43.52 43.89 -33.08
N LYS B 194 43.65 42.97 -32.12
CA LYS B 194 44.57 43.10 -31.00
C LYS B 194 45.73 42.14 -31.20
N TYR B 195 46.91 42.56 -30.72
CA TYR B 195 48.10 41.74 -30.89
C TYR B 195 48.95 41.78 -29.63
N ASN B 196 49.74 40.73 -29.45
CA ASN B 196 50.67 40.64 -28.33
C ASN B 196 51.82 39.74 -28.78
N CYS B 197 52.92 40.34 -29.20
CA CYS B 197 54.10 39.62 -29.68
C CYS B 197 55.26 39.93 -28.74
N THR B 198 55.71 38.91 -28.01
CA THR B 198 56.82 39.07 -27.07
C THR B 198 58.16 38.89 -27.78
N CYS B 199 58.44 39.84 -28.67
CA CYS B 199 59.68 39.86 -29.46
C CYS B 199 60.33 41.23 -29.25
N GLY B 200 61.25 41.33 -28.30
CA GLY B 200 61.89 42.58 -28.00
C GLY B 200 61.10 43.44 -27.04
N THR B 201 60.93 44.71 -27.38
CA THR B 201 60.22 45.67 -26.53
C THR B 201 58.72 45.46 -26.66
N GLY B 202 57.95 46.38 -26.09
CA GLY B 202 56.51 46.30 -26.15
C GLY B 202 55.94 46.36 -27.55
N ASN B 203 55.14 45.34 -27.91
CA ASN B 203 54.50 45.26 -29.21
C ASN B 203 53.04 44.85 -29.05
N VAL B 204 52.35 45.53 -28.14
CA VAL B 204 50.95 45.26 -27.85
C VAL B 204 50.12 46.47 -28.21
N GLY B 205 48.82 46.25 -28.38
CA GLY B 205 47.87 47.28 -28.75
C GLY B 205 47.01 46.86 -29.90
N THR B 206 46.13 47.77 -30.31
CA THR B 206 45.22 47.54 -31.41
C THR B 206 45.63 48.34 -32.65
N THR B 207 45.03 47.99 -33.78
CA THR B 207 45.36 48.64 -35.04
C THR B 207 44.21 48.49 -36.01
N ASN B 208 44.21 49.35 -37.04
CA ASN B 208 43.26 49.26 -38.14
C ASN B 208 43.95 49.24 -39.50
N SER B 209 45.24 48.91 -39.54
CA SER B 209 45.99 48.92 -40.78
C SER B 209 47.05 47.83 -40.74
N ASP B 210 47.57 47.50 -41.91
CA ASP B 210 48.63 46.49 -42.01
C ASP B 210 49.85 46.94 -41.25
N MET B 211 50.50 45.99 -40.57
CA MET B 211 51.73 46.27 -39.85
C MET B 211 52.75 45.17 -40.11
N THR B 212 54.02 45.50 -39.84
CA THR B 212 55.11 44.54 -39.85
C THR B 212 55.88 44.68 -38.55
N ILE B 213 56.24 43.54 -37.95
CA ILE B 213 57.04 43.56 -36.73
C ILE B 213 58.51 43.44 -37.10
N ASN B 214 58.78 42.75 -38.21
CA ASN B 214 60.09 42.63 -38.84
C ASN B 214 61.13 41.96 -37.95
N THR B 215 60.74 41.46 -36.77
CA THR B 215 61.69 40.91 -35.81
C THR B 215 61.62 39.40 -35.71
N CYS B 216 60.43 38.86 -35.44
CA CYS B 216 60.26 37.44 -35.15
C CYS B 216 59.24 36.83 -36.11
N LEU B 217 59.08 35.52 -36.01
CA LEU B 217 58.12 34.78 -36.83
C LEU B 217 56.73 34.94 -36.23
N ILE B 218 55.78 34.15 -36.75
CA ILE B 218 54.39 34.23 -36.28
C ILE B 218 54.14 33.40 -35.04
N GLU B 219 55.15 32.69 -34.53
CA GLU B 219 54.95 31.78 -33.41
C GLU B 219 54.64 32.52 -32.11
N GLN B 220 54.83 33.85 -32.07
CA GLN B 220 54.46 34.65 -30.91
C GLN B 220 53.35 35.65 -31.17
N CYS B 221 53.19 36.14 -32.40
CA CYS B 221 52.16 37.12 -32.67
C CYS B 221 50.78 36.48 -32.66
N HIS B 222 49.78 37.25 -32.27
CA HIS B 222 48.39 36.80 -32.20
C HIS B 222 47.45 37.90 -32.66
N VAL B 223 46.28 37.47 -33.13
CA VAL B 223 45.23 38.38 -33.60
C VAL B 223 43.93 38.03 -32.91
N SER B 224 43.20 39.05 -32.47
CA SER B 224 41.91 38.88 -31.81
C SER B 224 40.98 39.98 -32.30
N VAL B 225 40.05 39.62 -33.19
CA VAL B 225 39.09 40.59 -33.69
C VAL B 225 38.23 41.11 -32.54
N THR B 226 38.16 42.43 -32.42
CA THR B 226 37.46 43.06 -31.30
C THR B 226 36.18 43.74 -31.74
N ASP B 227 35.39 43.07 -32.58
CA ASP B 227 34.09 43.59 -32.98
C ASP B 227 33.24 43.90 -31.74
N HIS B 228 32.91 45.18 -31.55
CA HIS B 228 32.26 45.67 -30.35
C HIS B 228 31.04 46.53 -30.67
N LYS B 229 30.37 46.26 -31.79
CA LYS B 229 29.28 47.11 -32.24
C LYS B 229 27.91 46.45 -32.15
N LYS B 230 27.81 45.25 -31.56
CA LYS B 230 26.51 44.59 -31.47
C LYS B 230 26.48 43.45 -30.45
N TRP B 231 25.40 43.41 -29.67
CA TRP B 231 25.18 42.31 -28.73
C TRP B 231 25.03 40.99 -29.48
N GLN B 232 25.48 39.90 -28.87
CA GLN B 232 25.40 38.60 -29.51
C GLN B 232 24.48 37.64 -28.77
N PHE B 233 24.84 37.19 -27.56
CA PHE B 233 24.01 36.34 -26.71
C PHE B 233 24.80 35.96 -25.47
N ASN B 234 24.11 35.52 -24.41
CA ASN B 234 24.76 35.02 -23.19
C ASN B 234 24.65 33.49 -23.19
N SER B 235 25.60 32.83 -23.85
CA SER B 235 25.57 31.38 -23.99
C SER B 235 26.72 30.75 -23.22
N PRO B 236 26.50 29.58 -22.61
CA PRO B 236 27.60 28.91 -21.88
C PRO B 236 28.73 28.44 -22.78
N PHE B 237 28.50 28.30 -24.08
CA PHE B 237 29.53 27.81 -24.99
C PHE B 237 30.39 28.93 -25.58
N VAL B 238 30.16 30.18 -25.18
CA VAL B 238 30.95 31.31 -25.68
C VAL B 238 31.47 32.10 -24.48
N PRO B 239 32.77 32.39 -24.42
CA PRO B 239 33.33 33.03 -23.22
C PRO B 239 32.77 34.43 -22.96
N ARG B 240 33.16 35.01 -21.83
CA ARG B 240 32.74 36.35 -21.45
C ARG B 240 33.96 37.27 -21.42
N ALA B 241 33.70 38.57 -21.55
CA ALA B 241 34.75 39.57 -21.72
C ALA B 241 35.10 40.33 -20.46
N ASP B 242 34.11 40.71 -19.65
CA ASP B 242 34.35 41.51 -18.46
C ASP B 242 34.01 40.70 -17.21
N GLU B 243 34.77 40.95 -16.14
CA GLU B 243 34.57 40.19 -14.91
C GLU B 243 33.19 40.38 -14.27
N PRO B 244 32.60 41.57 -14.17
CA PRO B 244 31.29 41.68 -13.53
C PRO B 244 30.11 41.53 -14.48
N ALA B 245 30.37 41.13 -15.72
CA ALA B 245 29.36 41.03 -16.79
C ALA B 245 28.78 42.38 -17.15
N ARG B 246 28.18 42.48 -18.33
CA ARG B 246 27.54 43.71 -18.78
C ARG B 246 26.04 43.51 -18.98
N LYS B 247 25.65 42.49 -19.74
CA LYS B 247 24.27 42.01 -19.83
C LYS B 247 23.34 42.98 -20.55
N GLY B 248 22.22 42.45 -21.00
CA GLY B 248 21.20 43.23 -21.68
C GLY B 248 19.91 42.46 -21.70
N LYS B 249 18.95 42.96 -22.47
CA LYS B 249 17.66 42.29 -22.55
C LYS B 249 17.10 42.40 -23.97
N VAL B 250 16.30 41.40 -24.33
CA VAL B 250 15.52 41.40 -25.56
C VAL B 250 14.41 40.36 -25.40
N HIS B 251 13.19 40.72 -25.77
CA HIS B 251 12.06 39.84 -25.56
C HIS B 251 12.14 38.62 -26.49
N ILE B 252 11.44 37.55 -26.09
CA ILE B 252 11.34 36.37 -26.94
C ILE B 252 9.99 36.41 -27.63
N PRO B 253 9.87 35.90 -28.84
CA PRO B 253 8.56 35.83 -29.50
C PRO B 253 7.78 34.62 -29.01
N PHE B 254 6.55 34.49 -29.51
CA PHE B 254 5.69 33.35 -29.26
C PHE B 254 5.41 33.13 -27.78
N PRO B 255 4.61 33.99 -27.15
CA PRO B 255 4.21 33.74 -25.76
C PRO B 255 3.16 32.65 -25.67
N LEU B 256 3.04 32.08 -24.48
CA LEU B 256 2.07 31.03 -24.21
C LEU B 256 0.70 31.62 -23.93
N ASP B 257 -0.34 30.96 -24.44
CA ASP B 257 -1.70 31.48 -24.31
C ASP B 257 -2.67 30.32 -24.38
N ASN B 258 -3.91 30.58 -23.97
CA ASN B 258 -4.94 29.56 -23.82
C ASN B 258 -5.70 29.34 -25.13
N ILE B 259 -5.87 28.08 -25.51
CA ILE B 259 -6.76 27.71 -26.61
C ILE B 259 -7.59 26.51 -26.16
N THR B 260 -8.36 25.93 -27.08
CA THR B 260 -9.15 24.75 -26.78
C THR B 260 -8.84 23.64 -27.77
N CYS B 261 -8.89 22.40 -27.29
CA CYS B 261 -8.69 21.21 -28.10
C CYS B 261 -10.01 20.47 -28.31
N ARG B 262 -9.98 19.50 -29.22
CA ARG B 262 -11.08 18.58 -29.43
C ARG B 262 -10.63 17.17 -29.12
N VAL B 263 -11.38 16.48 -28.26
CA VAL B 263 -11.02 15.14 -27.84
C VAL B 263 -12.18 14.20 -28.12
N PRO B 264 -11.92 12.98 -28.59
CA PRO B 264 -13.02 12.06 -28.91
C PRO B 264 -13.69 11.54 -27.64
N MET B 265 -14.84 10.90 -27.83
CA MET B 265 -15.56 10.26 -26.75
C MET B 265 -15.72 8.78 -27.09
N ALA B 266 -15.29 7.91 -26.19
CA ALA B 266 -15.33 6.48 -26.44
C ALA B 266 -16.76 5.96 -26.39
N ARG B 267 -16.96 4.78 -26.98
CA ARG B 267 -18.28 4.18 -27.06
C ARG B 267 -18.80 3.82 -25.68
N GLU B 268 -20.12 3.83 -25.55
CA GLU B 268 -20.74 3.41 -24.30
C GLU B 268 -20.58 1.91 -24.13
N PRO B 269 -20.03 1.44 -23.02
CA PRO B 269 -19.80 0.00 -22.85
C PRO B 269 -21.11 -0.76 -22.67
N THR B 270 -21.05 -2.05 -23.01
CA THR B 270 -22.20 -2.93 -22.87
C THR B 270 -22.35 -3.37 -21.42
N VAL B 271 -23.55 -3.25 -20.88
CA VAL B 271 -23.84 -3.60 -19.49
C VAL B 271 -24.64 -4.90 -19.48
N ILE B 272 -24.34 -5.75 -18.50
CA ILE B 272 -25.08 -6.99 -18.28
C ILE B 272 -25.45 -7.05 -16.80
N HIS B 273 -26.76 -7.10 -16.52
CA HIS B 273 -27.22 -7.04 -15.15
C HIS B 273 -27.10 -8.40 -14.48
N GLY B 274 -26.67 -8.37 -13.22
CA GLY B 274 -26.59 -9.57 -12.40
C GLY B 274 -27.16 -9.34 -11.03
N LYS B 275 -26.89 -10.24 -10.09
CA LYS B 275 -27.36 -10.08 -8.71
C LYS B 275 -26.35 -9.23 -7.95
N ARG B 276 -26.66 -7.93 -7.81
CA ARG B 276 -25.77 -6.98 -7.15
C ARG B 276 -24.40 -6.97 -7.82
N GLU B 277 -24.39 -7.00 -9.14
CA GLU B 277 -23.15 -7.08 -9.90
C GLU B 277 -23.43 -6.65 -11.34
N VAL B 278 -22.42 -6.07 -11.98
CA VAL B 278 -22.50 -5.64 -13.36
C VAL B 278 -21.29 -6.18 -14.10
N THR B 279 -21.53 -6.90 -15.20
CA THR B 279 -20.47 -7.33 -16.10
C THR B 279 -20.41 -6.36 -17.25
N LEU B 280 -19.21 -5.86 -17.55
CA LEU B 280 -19.04 -4.71 -18.44
C LEU B 280 -18.12 -5.10 -19.59
N HIS B 281 -18.56 -4.82 -20.81
CA HIS B 281 -17.76 -5.09 -22.01
C HIS B 281 -17.18 -3.79 -22.54
N LEU B 282 -15.86 -3.75 -22.70
CA LEU B 282 -15.16 -2.53 -23.07
C LEU B 282 -14.47 -2.72 -24.42
N HIS B 283 -14.71 -1.78 -25.34
CA HIS B 283 -14.14 -1.81 -26.69
C HIS B 283 -13.42 -0.51 -26.96
N PRO B 284 -12.14 -0.41 -26.61
CA PRO B 284 -11.38 0.81 -26.88
C PRO B 284 -10.63 0.76 -28.20
N ASP B 285 -10.55 1.93 -28.85
CA ASP B 285 -9.75 2.10 -30.05
C ASP B 285 -8.35 2.59 -29.74
N HIS B 286 -8.13 3.18 -28.57
CA HIS B 286 -6.84 3.68 -28.14
C HIS B 286 -6.83 3.68 -26.61
N PRO B 287 -5.66 3.76 -25.99
CA PRO B 287 -5.61 3.75 -24.52
C PRO B 287 -6.55 4.74 -23.87
N THR B 288 -7.57 4.24 -23.17
CA THR B 288 -8.50 5.07 -22.42
C THR B 288 -8.44 4.70 -20.95
N LEU B 289 -9.00 5.56 -20.11
CA LEU B 289 -8.93 5.41 -18.66
C LEU B 289 -10.29 5.01 -18.14
N PHE B 290 -10.36 3.85 -17.48
CA PHE B 290 -11.59 3.34 -16.88
C PHE B 290 -11.41 3.30 -15.37
N SER B 291 -12.34 3.91 -14.65
CA SER B 291 -12.25 3.98 -13.20
C SER B 291 -13.64 4.09 -12.61
N TYR B 292 -13.85 3.36 -11.51
CA TYR B 292 -15.14 3.35 -10.83
C TYR B 292 -14.91 3.46 -9.34
N ARG B 293 -15.98 3.79 -8.62
CA ARG B 293 -15.94 3.79 -7.16
C ARG B 293 -17.35 3.54 -6.64
N THR B 294 -17.42 2.92 -5.47
CA THR B 294 -18.68 2.65 -4.81
C THR B 294 -19.04 3.82 -3.90
N LEU B 295 -20.23 4.39 -4.11
CA LEU B 295 -20.60 5.64 -3.45
C LEU B 295 -21.32 5.40 -2.13
N GLY B 296 -20.71 4.57 -1.28
CA GLY B 296 -21.19 4.35 0.06
C GLY B 296 -20.27 4.96 1.11
N GLU B 297 -20.37 4.44 2.33
CA GLU B 297 -19.55 4.96 3.41
C GLU B 297 -18.08 4.62 3.21
N ASP B 298 -17.78 3.40 2.79
CA ASP B 298 -16.41 2.96 2.53
C ASP B 298 -16.28 2.61 1.06
N PRO B 299 -15.72 3.50 0.24
CA PRO B 299 -15.69 3.26 -1.20
C PRO B 299 -14.68 2.19 -1.58
N GLN B 300 -14.91 1.59 -2.74
CA GLN B 300 -14.01 0.60 -3.33
C GLN B 300 -13.50 1.15 -4.65
N TYR B 301 -12.19 1.11 -4.85
CA TYR B 301 -11.54 1.93 -5.85
C TYR B 301 -11.25 1.12 -7.11
N HIS B 302 -10.85 1.81 -8.16
CA HIS B 302 -10.15 1.23 -9.30
C HIS B 302 -9.72 2.33 -10.27
N GLU B 303 -8.65 2.10 -11.01
CA GLU B 303 -8.18 3.04 -12.02
C GLU B 303 -7.19 2.31 -12.91
N GLU B 304 -7.48 2.28 -14.21
CA GLU B 304 -6.70 1.43 -15.11
C GLU B 304 -6.72 2.01 -16.51
N TRP B 305 -5.61 1.84 -17.22
CA TRP B 305 -5.47 2.28 -18.60
C TRP B 305 -5.83 1.11 -19.51
N VAL B 306 -7.07 1.07 -19.97
CA VAL B 306 -7.51 0.00 -20.85
C VAL B 306 -6.87 0.17 -22.22
N THR B 307 -6.32 -0.92 -22.75
CA THR B 307 -5.63 -0.90 -24.02
C THR B 307 -6.26 -1.78 -25.08
N ALA B 308 -6.69 -2.99 -24.72
CA ALA B 308 -7.37 -3.89 -25.62
C ALA B 308 -8.76 -4.22 -25.07
N ALA B 309 -9.54 -4.93 -25.87
CA ALA B 309 -10.87 -5.32 -25.44
C ALA B 309 -10.79 -6.19 -24.20
N VAL B 310 -11.58 -5.86 -23.19
CA VAL B 310 -11.56 -6.57 -21.91
C VAL B 310 -12.98 -6.83 -21.44
N GLU B 311 -13.11 -7.38 -20.24
CA GLU B 311 -14.41 -7.68 -19.66
C GLU B 311 -14.28 -7.60 -18.15
N ARG B 312 -14.97 -6.64 -17.54
CA ARG B 312 -14.82 -6.36 -16.12
C ARG B 312 -16.14 -6.52 -15.40
N THR B 313 -16.07 -7.06 -14.19
CA THR B 313 -17.22 -7.19 -13.30
C THR B 313 -17.07 -6.20 -12.16
N ILE B 314 -18.11 -5.42 -11.91
CA ILE B 314 -18.05 -4.35 -10.92
C ILE B 314 -19.21 -4.52 -9.93
N PRO B 315 -18.96 -4.40 -8.63
CA PRO B 315 -20.04 -4.63 -7.66
C PRO B 315 -20.93 -3.41 -7.50
N VAL B 316 -22.23 -3.66 -7.41
CA VAL B 316 -23.22 -2.59 -7.26
C VAL B 316 -24.07 -2.86 -6.03
N PRO B 317 -23.68 -2.37 -4.86
CA PRO B 317 -24.54 -2.54 -3.68
C PRO B 317 -25.79 -1.69 -3.75
N VAL B 318 -26.64 -1.74 -2.72
CA VAL B 318 -27.88 -0.98 -2.73
C VAL B 318 -27.61 0.53 -2.66
N ASP B 319 -26.42 0.94 -2.24
CA ASP B 319 -26.10 2.35 -2.21
C ASP B 319 -25.85 2.90 -3.60
N GLY B 320 -25.36 2.05 -4.51
CA GLY B 320 -25.07 2.46 -5.88
C GLY B 320 -23.59 2.68 -6.11
N MET B 321 -23.26 2.90 -7.39
CA MET B 321 -21.88 3.14 -7.77
C MET B 321 -21.84 3.85 -9.11
N GLU B 322 -20.71 4.47 -9.40
CA GLU B 322 -20.50 5.21 -10.64
C GLU B 322 -19.21 4.75 -11.30
N TYR B 323 -19.16 4.90 -12.62
CA TYR B 323 -17.97 4.56 -13.39
C TYR B 323 -17.70 5.65 -14.42
N HIS B 324 -16.43 5.83 -14.75
CA HIS B 324 -15.97 6.92 -15.62
C HIS B 324 -15.19 6.29 -16.77
N TRP B 325 -15.81 6.22 -17.94
CA TRP B 325 -15.24 5.53 -19.10
C TRP B 325 -14.82 6.56 -20.13
N GLY B 326 -13.51 6.68 -20.35
CA GLY B 326 -12.99 7.58 -21.35
C GLY B 326 -13.33 9.02 -21.04
N ASN B 327 -13.76 9.75 -22.06
CA ASN B 327 -14.11 11.16 -21.93
C ASN B 327 -15.59 11.37 -21.64
N ASN B 328 -16.38 10.31 -21.56
CA ASN B 328 -17.80 10.44 -21.29
C ASN B 328 -18.02 10.91 -19.84
N ASP B 329 -19.24 11.35 -19.57
CA ASP B 329 -19.61 11.72 -18.23
C ASP B 329 -19.82 10.47 -17.37
N PRO B 330 -19.57 10.56 -16.06
CA PRO B 330 -19.80 9.40 -15.20
C PRO B 330 -21.27 9.01 -15.17
N VAL B 331 -21.52 7.71 -15.05
CA VAL B 331 -22.86 7.15 -15.04
C VAL B 331 -23.03 6.36 -13.74
N ARG B 332 -24.15 6.58 -13.07
CA ARG B 332 -24.43 5.96 -11.78
C ARG B 332 -25.46 4.86 -11.95
N LEU B 333 -25.25 3.74 -11.24
CA LEU B 333 -26.16 2.61 -11.28
C LEU B 333 -26.49 2.19 -9.85
N TRP B 334 -27.76 1.92 -9.59
CA TRP B 334 -28.23 1.54 -8.27
C TRP B 334 -28.84 0.15 -8.33
N SER B 335 -28.51 -0.69 -7.35
CA SER B 335 -29.09 -2.01 -7.27
C SER B 335 -30.53 -1.92 -6.78
N GLN B 336 -31.17 -3.06 -6.61
CA GLN B 336 -32.57 -3.09 -6.22
C GLN B 336 -32.82 -4.32 -5.36
N LEU B 337 -33.79 -4.20 -4.45
CA LEU B 337 -34.07 -5.27 -3.50
C LEU B 337 -34.79 -6.43 -4.17
N THR B 338 -34.05 -7.32 -4.82
CA THR B 338 -34.60 -8.48 -5.49
C THR B 338 -33.99 -9.74 -4.91
N THR B 339 -34.73 -10.84 -5.01
CA THR B 339 -34.31 -12.11 -4.43
C THR B 339 -35.02 -13.25 -5.15
N GLU B 340 -34.93 -14.46 -4.58
CA GLU B 340 -35.50 -15.65 -5.18
C GLU B 340 -36.57 -16.32 -4.33
N GLY B 341 -36.67 -15.99 -3.05
CA GLY B 341 -37.65 -16.62 -2.19
C GLY B 341 -39.05 -16.14 -2.49
N LYS B 342 -40.01 -16.77 -1.82
CA LYS B 342 -41.43 -16.44 -1.98
C LYS B 342 -42.00 -15.92 -0.66
N PRO B 343 -42.21 -14.62 -0.52
CA PRO B 343 -42.82 -14.11 0.69
C PRO B 343 -44.30 -14.48 0.76
N HIS B 344 -44.84 -14.44 1.98
CA HIS B 344 -46.24 -14.76 2.24
C HIS B 344 -46.59 -16.18 1.80
N GLY B 345 -45.62 -17.08 1.89
CA GLY B 345 -45.85 -18.48 1.57
C GLY B 345 -45.69 -19.37 2.79
N TRP B 346 -45.22 -20.59 2.59
CA TRP B 346 -44.97 -21.47 3.71
C TRP B 346 -43.79 -20.96 4.53
N PRO B 347 -43.73 -21.31 5.82
CA PRO B 347 -42.64 -20.83 6.67
C PRO B 347 -41.25 -21.13 6.13
N HIS B 348 -41.08 -22.17 5.32
CA HIS B 348 -39.78 -22.49 4.75
C HIS B 348 -39.49 -21.71 3.48
N GLN B 349 -40.41 -20.85 3.03
CA GLN B 349 -40.15 -19.95 1.92
C GLN B 349 -39.91 -18.50 2.35
N ILE B 350 -40.56 -18.06 3.44
CA ILE B 350 -40.25 -16.75 3.99
C ILE B 350 -38.80 -16.69 4.44
N VAL B 351 -38.29 -17.79 4.98
CA VAL B 351 -36.89 -17.84 5.38
C VAL B 351 -35.98 -17.66 4.17
N GLN B 352 -36.31 -18.31 3.05
CA GLN B 352 -35.52 -18.13 1.83
C GLN B 352 -35.60 -16.69 1.35
N TYR B 353 -36.79 -16.10 1.37
CA TYR B 353 -36.96 -14.72 0.91
C TYR B 353 -36.12 -13.75 1.74
N TYR B 354 -36.15 -13.90 3.06
CA TYR B 354 -35.37 -13.04 3.92
C TYR B 354 -33.92 -13.49 4.07
N TYR B 355 -33.55 -14.61 3.44
CA TYR B 355 -32.16 -15.00 3.33
C TYR B 355 -31.51 -14.46 2.07
N GLY B 356 -32.28 -14.25 1.02
CA GLY B 356 -31.76 -13.55 -0.14
C GLY B 356 -31.29 -12.14 0.22
N LEU B 357 -32.00 -11.50 1.14
CA LEU B 357 -31.64 -10.19 1.66
C LEU B 357 -30.93 -10.37 2.99
N TYR B 358 -29.73 -9.81 3.11
CA TYR B 358 -28.94 -9.90 4.34
C TYR B 358 -28.75 -11.35 4.76
N PRO B 359 -27.95 -12.13 4.02
CA PRO B 359 -27.81 -13.55 4.38
C PRO B 359 -26.85 -13.77 5.54
N ALA B 360 -26.98 -12.97 6.59
CA ALA B 360 -26.19 -13.14 7.80
C ALA B 360 -26.97 -12.94 9.08
N ALA B 361 -28.06 -12.18 9.06
CA ALA B 361 -28.90 -11.99 10.23
C ALA B 361 -30.06 -12.96 10.27
N THR B 362 -30.53 -13.42 9.10
CA THR B 362 -31.62 -14.38 9.06
C THR B 362 -31.22 -15.68 9.74
N VAL B 363 -30.02 -16.17 9.45
CA VAL B 363 -29.55 -17.41 10.06
C VAL B 363 -29.45 -17.27 11.57
N SER B 364 -28.87 -16.17 12.04
CA SER B 364 -28.74 -15.96 13.48
C SER B 364 -30.10 -15.87 14.15
N ALA B 365 -31.04 -15.14 13.54
CA ALA B 365 -32.37 -15.03 14.12
C ALA B 365 -33.07 -16.39 14.19
N VAL B 366 -32.95 -17.18 13.12
CA VAL B 366 -33.58 -18.49 13.09
C VAL B 366 -32.98 -19.39 14.18
N VAL B 367 -31.65 -19.38 14.32
CA VAL B 367 -31.01 -20.20 15.33
C VAL B 367 -31.45 -19.78 16.72
N GLY B 368 -31.49 -18.47 16.98
CA GLY B 368 -31.92 -18.00 18.29
C GLY B 368 -33.35 -18.38 18.61
N MET B 369 -34.25 -18.21 17.64
CA MET B 369 -35.65 -18.56 17.87
C MET B 369 -35.83 -20.05 18.11
N SER B 370 -35.15 -20.89 17.32
CA SER B 370 -35.25 -22.33 17.51
C SER B 370 -34.69 -22.74 18.88
N LEU B 371 -33.57 -22.14 19.28
CA LEU B 371 -33.01 -22.45 20.60
C LEU B 371 -33.96 -22.04 21.71
N LEU B 372 -34.59 -20.87 21.59
CA LEU B 372 -35.54 -20.43 22.62
C LEU B 372 -36.74 -21.38 22.70
N ALA B 373 -37.25 -21.80 21.54
CA ALA B 373 -38.37 -22.74 21.54
C ALA B 373 -37.98 -24.06 22.19
N LEU B 374 -36.78 -24.57 21.89
CA LEU B 374 -36.33 -25.81 22.50
C LEU B 374 -36.21 -25.67 24.01
N ILE B 375 -35.66 -24.55 24.49
CA ILE B 375 -35.54 -24.33 25.92
C ILE B 375 -36.91 -24.29 26.58
N SER B 376 -37.87 -23.59 25.96
CA SER B 376 -39.21 -23.52 26.54
C SER B 376 -39.86 -24.90 26.62
N ILE B 377 -39.76 -25.70 25.54
CA ILE B 377 -40.38 -27.02 25.55
C ILE B 377 -39.72 -27.92 26.58
N PHE B 378 -38.38 -27.86 26.68
CA PHE B 378 -37.68 -28.69 27.66
C PHE B 378 -38.07 -28.30 29.08
N ALA B 379 -38.17 -27.00 29.35
CA ALA B 379 -38.57 -26.56 30.68
C ALA B 379 -39.99 -27.02 31.02
N SER B 380 -40.91 -26.93 30.07
CA SER B 380 -42.28 -27.38 30.33
C SER B 380 -42.32 -28.88 30.61
N CYS B 381 -41.63 -29.67 29.78
CA CYS B 381 -41.64 -31.11 29.98
C CYS B 381 -41.02 -31.49 31.31
N TYR B 382 -39.91 -30.84 31.68
CA TYR B 382 -39.29 -31.10 32.97
C TYR B 382 -40.22 -30.72 34.12
N MET B 383 -40.96 -29.63 33.96
CA MET B 383 -41.88 -29.22 35.02
C MET B 383 -43.00 -30.25 35.20
N LEU B 384 -43.56 -30.77 34.10
CA LEU B 384 -44.54 -31.85 34.25
C LEU B 384 -43.94 -33.08 34.90
N VAL B 385 -42.72 -33.46 34.51
CA VAL B 385 -42.09 -34.64 35.09
C VAL B 385 -41.92 -34.47 36.59
N ALA B 386 -41.42 -33.30 37.01
CA ALA B 386 -41.22 -33.03 38.43
C ALA B 386 -42.55 -33.01 39.18
N ALA B 387 -43.59 -32.44 38.57
CA ALA B 387 -44.89 -32.40 39.22
C ALA B 387 -45.44 -33.80 39.45
N ARG B 388 -45.35 -34.67 38.43
CA ARG B 388 -45.83 -36.03 38.59
C ARG B 388 -45.02 -36.77 39.65
N SER B 389 -43.69 -36.60 39.64
CA SER B 389 -42.85 -37.28 40.63
C SER B 389 -43.18 -36.82 42.04
N LYS B 390 -43.47 -35.53 42.21
CA LYS B 390 -43.83 -35.03 43.53
C LYS B 390 -45.22 -35.51 43.94
N CYS B 391 -46.13 -35.67 42.98
CA CYS B 391 -47.46 -36.16 43.32
C CYS B 391 -47.42 -37.62 43.75
N LEU B 392 -46.59 -38.43 43.10
CA LEU B 392 -46.61 -39.87 43.34
C LEU B 392 -45.71 -40.33 44.49
N THR B 393 -44.80 -39.47 44.97
CA THR B 393 -43.86 -39.92 45.99
C THR B 393 -44.51 -40.31 47.33
N PRO B 394 -45.49 -39.57 47.88
CA PRO B 394 -46.02 -40.00 49.19
C PRO B 394 -46.67 -41.37 49.17
N TYR B 395 -47.29 -41.75 48.05
CA TYR B 395 -47.90 -43.07 47.95
C TYR B 395 -46.84 -44.17 47.87
N ALA B 396 -45.59 -43.82 47.62
CA ALA B 396 -44.52 -44.79 47.53
C ALA B 396 -43.83 -45.05 48.86
N LEU B 397 -44.26 -44.38 49.94
CA LEU B 397 -43.68 -44.59 51.26
C LEU B 397 -44.64 -45.29 52.22
N THR B 398 -45.82 -45.70 51.76
CA THR B 398 -46.76 -46.48 52.55
C THR B 398 -47.21 -47.70 51.76
N PRO B 399 -47.53 -48.80 52.45
CA PRO B 399 -48.07 -49.97 51.76
C PRO B 399 -49.50 -49.75 51.29
N GLY B 400 -49.73 -48.69 50.51
CA GLY B 400 -51.05 -48.33 50.06
C GLY B 400 -51.34 -48.82 48.64
N ALA B 401 -52.52 -48.45 48.17
CA ALA B 401 -53.00 -48.86 46.85
C ALA B 401 -52.57 -47.85 45.79
N ALA B 402 -52.90 -48.15 44.54
CA ALA B 402 -52.53 -47.30 43.41
C ALA B 402 -53.55 -46.22 43.11
N VAL B 403 -54.78 -46.36 43.62
CA VAL B 403 -55.85 -45.40 43.37
C VAL B 403 -56.07 -45.30 41.86
N PRO B 404 -56.70 -46.30 41.24
CA PRO B 404 -56.79 -46.34 39.76
C PRO B 404 -57.30 -45.06 39.13
N TRP B 405 -58.09 -44.25 39.85
CA TRP B 405 -58.47 -42.95 39.32
C TRP B 405 -57.25 -42.08 39.05
N THR B 406 -56.30 -42.07 39.98
CA THR B 406 -55.04 -41.36 39.77
C THR B 406 -54.11 -42.15 38.85
N LEU B 407 -54.18 -43.49 38.89
CA LEU B 407 -53.31 -44.30 38.05
C LEU B 407 -53.58 -44.05 36.57
N GLY B 408 -54.85 -43.94 36.18
CA GLY B 408 -55.17 -43.70 34.79
C GLY B 408 -54.64 -42.36 34.30
N ILE B 409 -54.87 -41.30 35.08
CA ILE B 409 -54.45 -39.97 34.67
C ILE B 409 -52.93 -39.86 34.70
N LEU B 410 -52.31 -40.28 35.80
CA LEU B 410 -50.87 -40.16 35.98
C LEU B 410 -50.23 -41.53 35.75
N CYS B 411 -49.51 -41.66 34.64
CA CYS B 411 -48.85 -42.92 34.33
C CYS B 411 -47.71 -43.18 35.31
N CYS B 412 -47.58 -44.42 35.76
CA CYS B 412 -46.54 -44.83 36.68
C CYS B 412 -45.89 -46.12 36.18
N ALA B 413 -44.74 -46.43 36.75
CA ALA B 413 -44.02 -47.65 36.36
C ALA B 413 -44.83 -48.92 36.58
N PRO B 414 -45.51 -49.13 37.73
CA PRO B 414 -46.35 -50.32 37.85
C PRO B 414 -47.62 -50.21 37.02
N ARG B 415 -47.65 -50.91 35.87
CA ARG B 415 -48.84 -50.87 35.03
C ARG B 415 -50.00 -51.64 35.67
N ALA B 416 -49.73 -52.85 36.16
CA ALA B 416 -50.75 -53.67 36.80
C ALA B 416 -50.31 -54.31 38.10
N HIS B 417 -49.01 -54.39 38.38
CA HIS B 417 -48.50 -55.04 39.60
C HIS B 417 -48.42 -53.99 40.69
N ALA B 418 -49.38 -54.01 41.61
CA ALA B 418 -49.44 -53.08 42.74
C ALA B 418 -49.45 -51.63 42.29
N MET C 1 13.53 57.66 -16.24
CA MET C 1 14.24 57.69 -14.97
C MET C 1 15.64 57.08 -15.13
N CYS C 2 16.09 56.96 -16.37
CA CYS C 2 17.40 56.39 -16.66
C CYS C 2 18.51 57.38 -16.30
N VAL C 3 19.72 56.85 -16.19
CA VAL C 3 20.89 57.65 -15.84
C VAL C 3 22.00 57.39 -16.84
N LEU C 4 22.73 58.44 -17.20
CA LEU C 4 23.91 58.35 -18.04
C LEU C 4 25.01 59.13 -17.33
N ALA C 5 25.86 58.40 -16.60
CA ALA C 5 26.96 59.00 -15.83
C ALA C 5 26.43 60.04 -14.86
N ASN C 6 26.17 61.26 -15.34
CA ASN C 6 25.68 62.35 -14.51
C ASN C 6 24.56 63.09 -15.21
N ALA C 7 23.67 62.37 -15.90
CA ALA C 7 22.60 62.98 -16.66
C ALA C 7 21.26 62.94 -15.92
N THR C 8 20.80 61.75 -15.54
CA THR C 8 19.53 61.56 -14.83
C THR C 8 18.37 62.20 -15.60
N PHE C 9 18.16 61.65 -16.79
CA PHE C 9 17.11 62.07 -17.70
C PHE C 9 15.96 61.06 -17.70
N PRO C 10 14.76 61.44 -18.12
CA PRO C 10 13.68 60.46 -18.19
C PRO C 10 13.82 59.55 -19.39
N CYS C 11 13.56 58.25 -19.16
CA CYS C 11 13.86 57.24 -20.16
C CYS C 11 13.05 57.42 -21.44
N PHE C 12 11.86 58.03 -21.33
CA PHE C 12 11.02 58.21 -22.50
C PHE C 12 11.66 59.14 -23.52
N GLN C 13 12.53 60.05 -23.07
CA GLN C 13 13.17 61.04 -23.93
C GLN C 13 14.67 61.00 -23.71
N PRO C 14 15.37 60.06 -24.34
CA PRO C 14 16.83 60.02 -24.20
C PRO C 14 17.48 61.21 -24.89
N PRO C 15 18.67 61.61 -24.46
CA PRO C 15 19.31 62.78 -25.07
C PRO C 15 19.91 62.53 -26.45
N CYS C 16 19.91 61.28 -26.92
CA CYS C 16 20.53 60.95 -28.20
C CYS C 16 19.54 60.97 -29.36
N VAL C 17 18.30 61.40 -29.11
CA VAL C 17 17.29 61.41 -30.18
C VAL C 17 17.73 62.35 -31.29
N PRO C 18 17.63 61.95 -32.57
CA PRO C 18 17.17 60.63 -33.02
C PRO C 18 18.32 59.73 -33.49
N CYS C 19 17.98 58.49 -33.86
CA CYS C 19 18.92 57.51 -34.39
C CYS C 19 20.12 57.33 -33.45
N CYS C 20 19.82 56.89 -32.22
CA CYS C 20 20.88 56.69 -31.24
C CYS C 20 21.85 55.62 -31.69
N TYR C 21 21.34 54.53 -32.27
CA TYR C 21 22.20 53.43 -32.69
C TYR C 21 23.05 53.82 -33.89
N GLU C 22 22.42 54.43 -34.90
CA GLU C 22 23.15 54.75 -36.13
C GLU C 22 24.24 55.77 -35.89
N ASN C 23 23.97 56.79 -35.07
CA ASN C 23 24.98 57.80 -34.78
C ASN C 23 26.16 57.20 -34.03
N ASN C 24 25.89 56.35 -33.05
CA ASN C 24 26.94 55.68 -32.29
C ASN C 24 26.39 54.38 -31.75
N ALA C 25 26.79 53.27 -32.37
CA ALA C 25 26.30 51.96 -31.94
C ALA C 25 26.87 51.57 -30.57
N GLU C 26 28.19 51.72 -30.41
CA GLU C 26 28.83 51.31 -29.16
C GLU C 26 28.34 52.13 -27.99
N ALA C 27 28.19 53.44 -28.18
CA ALA C 27 27.68 54.29 -27.10
C ALA C 27 26.27 53.89 -26.71
N THR C 28 25.43 53.60 -27.70
CA THR C 28 24.07 53.15 -27.41
C THR C 28 24.07 51.86 -26.61
N LEU C 29 24.91 50.90 -27.02
CA LEU C 29 24.98 49.62 -26.33
C LEU C 29 25.45 49.79 -24.89
N ARG C 30 26.48 50.60 -24.67
CA ARG C 30 26.97 50.79 -23.31
C ARG C 30 26.00 51.60 -22.46
N MET C 31 25.23 52.50 -23.08
CA MET C 31 24.18 53.19 -22.34
C MET C 31 23.09 52.21 -21.91
N LEU C 32 22.69 51.32 -22.81
CA LEU C 32 21.66 50.33 -22.49
C LEU C 32 22.13 49.35 -21.42
N GLU C 33 23.40 48.96 -21.47
CA GLU C 33 23.92 47.99 -20.50
C GLU C 33 23.99 48.55 -19.10
N ASP C 34 23.97 49.88 -18.94
CA ASP C 34 24.03 50.48 -17.62
C ASP C 34 22.67 50.65 -16.97
N ASN C 35 21.58 50.33 -17.68
CA ASN C 35 20.23 50.49 -17.16
C ASN C 35 19.46 49.17 -17.12
N VAL C 36 20.17 48.05 -17.00
CA VAL C 36 19.49 46.76 -16.95
C VAL C 36 18.66 46.63 -15.68
N ASP C 37 19.14 47.18 -14.56
CA ASP C 37 18.42 47.08 -13.30
C ASP C 37 17.32 48.12 -13.15
N ARG C 38 17.26 49.12 -14.02
CA ARG C 38 16.24 50.13 -13.90
C ARG C 38 14.89 49.58 -14.38
N PRO C 39 13.79 49.93 -13.70
CA PRO C 39 12.47 49.50 -14.19
C PRO C 39 12.09 50.11 -15.52
N GLY C 40 12.68 51.22 -15.90
CA GLY C 40 12.34 51.89 -17.14
C GLY C 40 13.25 51.53 -18.30
N TYR C 41 13.88 50.34 -18.22
CA TYR C 41 14.82 49.93 -19.25
C TYR C 41 14.14 49.78 -20.60
N TYR C 42 12.94 49.21 -20.62
CA TYR C 42 12.31 48.87 -21.89
C TYR C 42 11.88 50.12 -22.67
N ASP C 43 11.45 51.16 -21.97
CA ASP C 43 11.18 52.43 -22.66
C ASP C 43 12.44 52.99 -23.29
N LEU C 44 13.56 52.90 -22.58
CA LEU C 44 14.83 53.35 -23.14
C LEU C 44 15.22 52.54 -24.36
N LEU C 45 15.00 51.22 -24.32
CA LEU C 45 15.26 50.39 -25.49
C LEU C 45 14.36 50.76 -26.65
N GLN C 46 13.08 51.03 -26.38
CA GLN C 46 12.14 51.41 -27.43
C GLN C 46 12.52 52.74 -28.06
N ALA C 47 13.05 53.67 -27.27
CA ALA C 47 13.45 54.97 -27.79
C ALA C 47 14.83 54.97 -28.46
N ALA C 48 15.72 54.08 -28.06
CA ALA C 48 17.09 54.12 -28.56
C ALA C 48 17.22 53.56 -29.97
N LEU C 49 16.41 52.56 -30.33
CA LEU C 49 16.54 51.88 -31.61
C LEU C 49 15.35 52.16 -32.53
N THR C 50 14.76 53.35 -32.41
CA THR C 50 13.61 53.73 -33.22
C THR C 50 13.88 55.08 -33.86
N CYS C 51 14.11 55.08 -35.18
CA CYS C 51 14.24 56.32 -35.92
C CYS C 51 14.02 56.03 -37.40
N ARG C 52 13.37 56.97 -38.08
CA ARG C 52 13.02 56.80 -39.49
C ARG C 52 13.78 57.78 -40.38
N LYS D 1 -41.66 -61.19 78.54
CA LYS D 1 -42.49 -61.62 77.44
C LYS D 1 -42.48 -60.60 76.30
N ARG D 2 -43.02 -59.41 76.58
CA ARG D 2 -43.08 -58.37 75.56
C ARG D 2 -41.67 -57.89 75.18
N GLU D 3 -40.78 -57.75 76.16
CA GLU D 3 -39.42 -57.29 75.87
C GLU D 3 -38.69 -58.28 74.98
N ARG D 4 -38.78 -59.58 75.28
CA ARG D 4 -38.09 -60.59 74.48
C ARG D 4 -38.66 -60.64 73.06
N MET D 5 -39.98 -60.56 72.93
CA MET D 5 -40.60 -60.56 71.60
C MET D 5 -40.17 -59.33 70.81
N CYS D 6 -40.13 -58.16 71.45
CA CYS D 6 -39.70 -56.95 70.77
C CYS D 6 -38.24 -57.06 70.35
N MET D 7 -37.40 -57.63 71.20
CA MET D 7 -35.99 -57.80 70.83
C MET D 7 -35.84 -58.76 69.65
N LYS D 8 -36.61 -59.85 69.64
CA LYS D 8 -36.57 -60.77 68.51
C LYS D 8 -37.00 -60.09 67.23
N ILE D 9 -38.09 -59.32 67.28
CA ILE D 9 -38.59 -58.64 66.09
C ILE D 9 -37.58 -57.61 65.60
N GLU D 10 -36.94 -56.89 66.54
CA GLU D 10 -35.92 -55.92 66.15
C GLU D 10 -34.71 -56.60 65.53
N ASN D 11 -34.27 -57.73 66.09
CA ASN D 11 -33.15 -58.46 65.50
C ASN D 11 -33.49 -58.94 64.10
N ASP D 12 -34.73 -59.36 63.89
CA ASP D 12 -35.14 -59.83 62.56
C ASP D 12 -35.51 -58.69 61.62
N CYS D 13 -35.62 -57.44 62.10
CA CYS D 13 -36.11 -56.36 61.26
C CYS D 13 -35.35 -55.05 61.43
N ILE D 14 -34.11 -55.08 61.91
CA ILE D 14 -33.29 -53.88 62.01
C ILE D 14 -31.91 -54.18 61.43
N PHE D 15 -31.45 -53.34 60.51
CA PHE D 15 -30.14 -53.49 59.90
C PHE D 15 -29.35 -52.20 60.13
N GLU D 16 -28.17 -52.34 60.73
CA GLU D 16 -27.37 -51.19 61.07
C GLU D 16 -26.79 -50.53 59.82
N VAL D 17 -26.52 -49.24 59.93
CA VAL D 17 -25.89 -48.45 58.88
C VAL D 17 -24.61 -47.85 59.44
N LYS D 18 -23.49 -48.08 58.77
CA LYS D 18 -22.19 -47.62 59.24
C LYS D 18 -21.52 -46.78 58.16
N HIS D 19 -20.93 -45.66 58.57
CA HIS D 19 -20.15 -44.82 57.68
C HIS D 19 -18.78 -44.59 58.31
N GLU D 20 -17.73 -44.63 57.49
CA GLU D 20 -16.33 -44.63 57.93
C GLU D 20 -16.10 -45.51 59.15
N GLY D 21 -16.81 -46.63 59.24
CA GLY D 21 -16.56 -47.63 60.25
C GLY D 21 -17.34 -47.51 61.53
N LYS D 22 -18.08 -46.42 61.73
CA LYS D 22 -18.89 -46.25 62.94
C LYS D 22 -20.36 -46.12 62.57
N VAL D 23 -21.22 -46.69 63.42
CA VAL D 23 -22.65 -46.73 63.15
C VAL D 23 -23.24 -45.33 63.32
N THR D 24 -24.18 -44.97 62.44
CA THR D 24 -24.84 -43.68 62.49
C THR D 24 -26.35 -43.76 62.33
N GLY D 25 -26.90 -44.89 61.93
CA GLY D 25 -28.33 -45.00 61.72
C GLY D 25 -28.78 -46.43 61.73
N TYR D 26 -30.05 -46.63 61.36
CA TYR D 26 -30.65 -47.96 61.33
C TYR D 26 -31.72 -48.01 60.26
N ALA D 27 -31.83 -49.15 59.59
CA ALA D 27 -32.86 -49.40 58.60
C ALA D 27 -33.79 -50.49 59.12
N CYS D 28 -35.09 -50.33 58.87
CA CYS D 28 -36.09 -51.25 59.38
C CYS D 28 -36.94 -51.78 58.23
N LEU D 29 -37.42 -53.02 58.40
CA LEU D 29 -38.29 -53.66 57.43
C LEU D 29 -39.72 -53.61 57.97
N VAL D 30 -40.53 -52.70 57.43
CA VAL D 30 -41.91 -52.54 57.82
C VAL D 30 -42.79 -52.90 56.62
N GLY D 31 -43.73 -53.81 56.83
CA GLY D 31 -44.56 -54.28 55.74
C GLY D 31 -43.77 -55.02 54.69
N ASP D 32 -43.59 -54.42 53.52
CA ASP D 32 -42.79 -55.00 52.45
C ASP D 32 -41.84 -53.96 51.85
N LYS D 33 -41.41 -52.99 52.65
CA LYS D 33 -40.58 -51.90 52.16
C LYS D 33 -39.46 -51.60 53.14
N VAL D 34 -38.29 -51.28 52.60
CA VAL D 34 -37.17 -50.81 53.41
C VAL D 34 -37.37 -49.32 53.70
N MET D 35 -37.31 -48.96 54.97
CA MET D 35 -37.43 -47.56 55.39
C MET D 35 -36.19 -47.16 56.15
N LYS D 36 -35.57 -46.06 55.73
CA LYS D 36 -34.36 -45.53 56.35
C LYS D 36 -34.42 -44.01 56.30
N PRO D 37 -34.04 -43.34 57.39
CA PRO D 37 -34.04 -41.87 57.38
C PRO D 37 -33.11 -41.32 56.31
N ALA D 38 -33.53 -40.23 55.69
CA ALA D 38 -32.74 -39.63 54.62
C ALA D 38 -31.54 -38.86 55.14
N HIS D 39 -31.64 -38.24 56.31
CA HIS D 39 -30.56 -37.39 56.80
C HIS D 39 -29.32 -38.20 57.16
N VAL D 40 -29.50 -39.43 57.64
CA VAL D 40 -28.36 -40.27 57.97
C VAL D 40 -27.72 -40.79 56.70
N LYS D 41 -26.39 -40.77 56.65
CA LYS D 41 -25.64 -41.20 55.48
C LYS D 41 -24.75 -42.38 55.83
N GLY D 42 -24.58 -43.27 54.87
CA GLY D 42 -23.79 -44.48 55.06
C GLY D 42 -24.25 -45.55 54.09
N VAL D 43 -24.15 -46.80 54.55
CA VAL D 43 -24.58 -47.95 53.75
C VAL D 43 -25.12 -49.01 54.69
N ILE D 44 -26.12 -49.75 54.23
CA ILE D 44 -26.73 -50.81 55.02
C ILE D 44 -25.85 -52.05 54.95
N ASP D 45 -25.73 -52.76 56.07
CA ASP D 45 -24.86 -53.93 56.17
C ASP D 45 -25.53 -55.16 55.56
N ASN D 46 -25.86 -55.05 54.27
CA ASN D 46 -26.44 -56.17 53.53
C ASN D 46 -26.36 -55.90 52.04
N ALA D 47 -25.88 -56.88 51.27
CA ALA D 47 -25.73 -56.69 49.83
C ALA D 47 -27.07 -56.46 49.16
N ASP D 48 -28.09 -57.25 49.54
CA ASP D 48 -29.40 -57.12 48.92
C ASP D 48 -30.01 -55.74 49.20
N LEU D 49 -29.88 -55.26 50.44
CA LEU D 49 -30.48 -53.97 50.79
C LEU D 49 -29.69 -52.82 50.20
N ALA D 50 -28.35 -52.89 50.26
CA ALA D 50 -27.53 -51.80 49.77
C ALA D 50 -27.61 -51.62 48.25
N LYS D 51 -28.05 -52.65 47.53
CA LYS D 51 -28.14 -52.57 46.08
C LYS D 51 -29.44 -51.94 45.59
N LEU D 52 -30.42 -51.73 46.47
CA LEU D 52 -31.71 -51.22 46.05
C LEU D 52 -31.63 -49.75 45.69
N ALA D 53 -32.49 -49.33 44.77
CA ALA D 53 -32.61 -47.93 44.36
C ALA D 53 -33.64 -47.25 45.25
N PHE D 54 -33.20 -46.31 46.07
CA PHE D 54 -34.06 -45.69 47.07
C PHE D 54 -34.73 -44.44 46.52
N LYS D 55 -36.02 -44.29 46.83
CA LYS D 55 -36.76 -43.10 46.47
C LYS D 55 -36.53 -42.03 47.54
N LYS D 56 -36.18 -40.82 47.09
CA LYS D 56 -35.82 -39.73 47.97
C LYS D 56 -37.00 -38.78 48.16
N SER D 57 -37.15 -38.27 49.38
CA SER D 57 -38.16 -37.26 49.66
C SER D 57 -37.67 -36.43 50.84
N SER D 58 -37.20 -35.22 50.56
CA SER D 58 -36.65 -34.36 51.59
C SER D 58 -37.72 -33.75 52.49
N LYS D 59 -38.96 -33.66 52.02
CA LYS D 59 -40.02 -33.10 52.85
C LYS D 59 -40.30 -33.99 54.06
N TYR D 60 -40.44 -35.30 53.83
CA TYR D 60 -40.67 -36.25 54.91
C TYR D 60 -39.38 -36.75 55.54
N ASP D 61 -38.22 -36.47 54.94
CA ASP D 61 -36.93 -36.92 55.44
C ASP D 61 -36.90 -38.45 55.58
N LEU D 62 -37.09 -39.12 54.46
CA LEU D 62 -37.19 -40.58 54.46
C LEU D 62 -36.79 -41.11 53.09
N GLU D 63 -36.33 -42.36 53.08
CA GLU D 63 -36.08 -43.12 51.87
C GLU D 63 -36.87 -44.42 51.92
N CYS D 64 -37.21 -44.95 50.75
CA CYS D 64 -37.97 -46.18 50.66
C CYS D 64 -37.42 -47.05 49.53
N ALA D 65 -37.72 -48.34 49.62
CA ALA D 65 -37.40 -49.29 48.57
C ALA D 65 -38.26 -50.53 48.79
N GLN D 66 -38.55 -51.23 47.70
CA GLN D 66 -39.32 -52.46 47.77
C GLN D 66 -38.36 -53.62 48.07
N ILE D 67 -38.63 -54.34 49.15
CA ILE D 67 -37.73 -55.39 49.64
C ILE D 67 -37.69 -56.53 48.63
N PRO D 68 -36.58 -57.26 48.54
CA PRO D 68 -36.54 -58.46 47.72
C PRO D 68 -37.51 -59.53 48.24
N VAL D 69 -37.71 -60.55 47.42
CA VAL D 69 -38.73 -61.55 47.72
C VAL D 69 -38.39 -62.36 48.97
N HIS D 70 -37.11 -62.62 49.20
CA HIS D 70 -36.71 -63.59 50.23
C HIS D 70 -36.56 -62.98 51.62
N MET D 71 -36.84 -61.68 51.80
CA MET D 71 -37.00 -61.10 53.13
C MET D 71 -38.45 -60.76 53.42
N ARG D 72 -39.40 -61.20 52.60
CA ARG D 72 -40.80 -60.86 52.83
C ARG D 72 -41.36 -61.53 54.07
N SER D 73 -40.71 -62.58 54.57
CA SER D 73 -41.11 -63.22 55.81
C SER D 73 -40.31 -62.73 57.01
N ASP D 74 -39.40 -61.78 56.82
CA ASP D 74 -38.56 -61.25 57.89
C ASP D 74 -38.77 -59.75 58.05
N ALA D 75 -40.03 -59.31 58.01
CA ALA D 75 -40.37 -57.90 58.10
C ALA D 75 -41.46 -57.71 59.14
N SER D 76 -41.32 -56.65 59.93
CA SER D 76 -42.33 -56.32 60.93
C SER D 76 -43.64 -55.91 60.25
N LYS D 77 -44.75 -56.14 60.95
CA LYS D 77 -46.06 -55.80 60.42
C LYS D 77 -46.61 -54.59 61.17
N TYR D 78 -47.23 -53.68 60.42
CA TYR D 78 -47.44 -52.31 60.83
C TYR D 78 -48.86 -52.08 61.34
N THR D 79 -49.14 -50.83 61.70
CA THR D 79 -50.46 -50.38 62.09
C THR D 79 -50.53 -48.87 61.91
N HIS D 80 -51.75 -48.35 61.92
CA HIS D 80 -51.97 -46.91 61.84
C HIS D 80 -52.69 -46.35 63.06
N GLU D 81 -53.17 -47.18 63.97
CA GLU D 81 -53.87 -46.72 65.16
C GLU D 81 -52.86 -46.39 66.25
N LYS D 82 -53.10 -45.27 66.94
CA LYS D 82 -52.24 -44.82 68.03
C LYS D 82 -53.08 -44.48 69.26
N PRO D 83 -53.57 -45.49 69.98
CA PRO D 83 -54.26 -45.21 71.24
C PRO D 83 -53.35 -44.51 72.24
N GLU D 84 -53.96 -43.63 73.04
CA GLU D 84 -53.26 -43.02 74.16
C GLU D 84 -52.79 -44.10 75.13
N GLY D 85 -51.54 -44.02 75.54
CA GLY D 85 -50.99 -44.99 76.48
C GLY D 85 -49.48 -45.10 76.33
N HIS D 86 -48.98 -46.30 76.58
CA HIS D 86 -47.55 -46.60 76.56
C HIS D 86 -47.20 -47.46 75.36
N TYR D 87 -46.00 -47.24 74.82
CA TYR D 87 -45.50 -48.00 73.69
C TYR D 87 -44.07 -48.45 73.96
N ASN D 88 -43.73 -49.63 73.42
CA ASN D 88 -42.43 -50.22 73.68
C ASN D 88 -41.37 -49.60 72.78
N TRP D 89 -40.13 -49.57 73.30
CA TRP D 89 -39.00 -49.07 72.55
C TRP D 89 -37.75 -49.81 73.01
N HIS D 90 -36.71 -49.77 72.17
CA HIS D 90 -35.47 -50.48 72.47
C HIS D 90 -34.74 -49.87 73.66
N HIS D 91 -35.05 -48.63 74.03
CA HIS D 91 -34.38 -47.96 75.14
C HIS D 91 -35.35 -47.64 76.27
N GLY D 92 -36.39 -48.45 76.43
CA GLY D 92 -37.35 -48.25 77.49
C GLY D 92 -38.78 -48.25 77.01
N ALA D 93 -39.64 -47.48 77.68
CA ALA D 93 -41.04 -47.33 77.29
C ALA D 93 -41.31 -45.87 76.99
N VAL D 94 -41.86 -45.60 75.80
CA VAL D 94 -42.14 -44.24 75.38
C VAL D 94 -43.56 -43.89 75.77
N GLN D 95 -43.81 -42.59 75.97
CA GLN D 95 -45.10 -42.09 76.41
C GLN D 95 -45.71 -41.24 75.31
N TYR D 96 -46.81 -41.72 74.74
CA TYR D 96 -47.55 -40.97 73.72
C TYR D 96 -48.65 -40.19 74.43
N SER D 97 -48.53 -38.86 74.42
CA SER D 97 -49.44 -37.99 75.17
C SER D 97 -49.80 -36.78 74.32
N GLY D 98 -51.06 -36.71 73.89
CA GLY D 98 -51.55 -35.54 73.20
C GLY D 98 -50.84 -35.22 71.90
N GLY D 99 -50.59 -36.23 71.07
CA GLY D 99 -49.89 -36.02 69.83
C GLY D 99 -48.40 -35.91 69.95
N ARG D 100 -47.85 -36.13 71.14
CA ARG D 100 -46.41 -36.03 71.38
C ARG D 100 -45.87 -37.36 71.85
N PHE D 101 -44.79 -37.81 71.21
CA PHE D 101 -44.01 -38.94 71.71
C PHE D 101 -42.88 -38.40 72.58
N THR D 102 -42.90 -38.73 73.87
CA THR D 102 -41.92 -38.20 74.80
C THR D 102 -41.22 -39.34 75.53
N ILE D 103 -39.95 -39.11 75.83
CA ILE D 103 -39.10 -40.08 76.52
C ILE D 103 -39.13 -39.76 78.01
N PRO D 104 -39.48 -40.72 78.87
CA PRO D 104 -39.57 -40.42 80.31
C PRO D 104 -38.25 -40.02 80.94
N THR D 105 -37.12 -40.35 80.32
CA THR D 105 -35.81 -40.09 80.91
C THR D 105 -34.95 -39.13 80.12
N GLY D 106 -35.21 -38.93 78.84
CA GLY D 106 -34.32 -38.13 78.02
C GLY D 106 -32.96 -38.76 77.82
N ALA D 107 -32.92 -40.07 77.59
CA ALA D 107 -31.67 -40.80 77.42
C ALA D 107 -31.32 -41.06 75.96
N GLY D 108 -32.09 -40.52 75.02
CA GLY D 108 -31.76 -40.72 73.61
C GLY D 108 -30.47 -40.02 73.25
N LYS D 109 -29.69 -40.68 72.39
CA LYS D 109 -28.39 -40.18 71.98
C LYS D 109 -28.27 -40.22 70.47
N PRO D 110 -27.42 -39.37 69.89
CA PRO D 110 -27.20 -39.41 68.43
C PRO D 110 -26.68 -40.78 68.00
N GLY D 111 -27.10 -41.21 66.82
CA GLY D 111 -26.80 -42.52 66.32
C GLY D 111 -27.90 -43.54 66.50
N ASP D 112 -29.00 -43.17 67.16
CA ASP D 112 -30.15 -44.05 67.33
C ASP D 112 -31.26 -43.75 66.34
N SER D 113 -31.01 -42.92 65.33
CA SER D 113 -32.03 -42.61 64.34
C SER D 113 -32.41 -43.86 63.56
N GLY D 114 -33.68 -43.95 63.20
CA GLY D 114 -34.19 -45.08 62.46
C GLY D 114 -34.72 -46.22 63.31
N ARG D 115 -34.62 -46.13 64.63
CA ARG D 115 -35.14 -47.19 65.49
C ARG D 115 -36.64 -47.06 65.59
N PRO D 116 -37.40 -48.09 65.22
CA PRO D 116 -38.86 -47.97 65.23
C PRO D 116 -39.43 -47.94 66.64
N ILE D 117 -40.68 -47.52 66.73
CA ILE D 117 -41.44 -47.49 67.98
C ILE D 117 -42.58 -48.49 67.85
N PHE D 118 -42.61 -49.45 68.77
CA PHE D 118 -43.52 -50.58 68.65
C PHE D 118 -44.82 -50.35 69.41
N ASP D 119 -45.79 -51.21 69.15
CA ASP D 119 -47.07 -51.21 69.84
C ASP D 119 -47.09 -52.35 70.86
N ASN D 120 -48.25 -52.55 71.50
CA ASN D 120 -48.38 -53.63 72.47
C ASN D 120 -48.25 -54.99 71.82
N LYS D 121 -48.88 -55.18 70.65
CA LYS D 121 -48.88 -56.46 69.96
C LYS D 121 -47.67 -56.63 69.05
N GLY D 122 -46.62 -55.84 69.23
CA GLY D 122 -45.48 -55.86 68.34
C GLY D 122 -45.64 -55.05 67.08
N ARG D 123 -46.78 -54.39 66.89
CA ARG D 123 -47.01 -53.57 65.71
C ARG D 123 -46.11 -52.34 65.75
N VAL D 124 -45.71 -51.90 64.56
CA VAL D 124 -44.87 -50.70 64.43
C VAL D 124 -45.77 -49.49 64.27
N VAL D 125 -45.49 -48.44 65.04
CA VAL D 125 -46.29 -47.23 65.03
C VAL D 125 -45.61 -46.11 64.27
N ALA D 126 -44.33 -45.87 64.52
CA ALA D 126 -43.62 -44.76 63.90
C ALA D 126 -42.14 -45.11 63.77
N ILE D 127 -41.36 -44.15 63.30
CA ILE D 127 -39.92 -44.28 63.15
C ILE D 127 -39.27 -43.02 63.71
N VAL D 128 -38.28 -43.20 64.58
CA VAL D 128 -37.65 -42.07 65.25
C VAL D 128 -36.65 -41.40 64.31
N LEU D 129 -36.70 -40.08 64.23
CA LEU D 129 -35.72 -39.29 63.49
C LEU D 129 -34.82 -38.48 64.42
N GLY D 130 -35.41 -37.73 65.35
CA GLY D 130 -34.65 -36.92 66.27
C GLY D 130 -35.50 -36.51 67.44
N GLY D 131 -34.87 -35.84 68.40
CA GLY D 131 -35.56 -35.43 69.60
C GLY D 131 -35.24 -33.99 69.96
N ALA D 132 -36.01 -33.47 70.91
CA ALA D 132 -35.83 -32.11 71.42
C ALA D 132 -35.81 -32.14 72.93
N ASN D 133 -35.00 -31.27 73.53
CA ASN D 133 -34.88 -31.21 74.99
C ASN D 133 -36.00 -30.32 75.52
N GLU D 134 -37.00 -30.95 76.15
CA GLU D 134 -38.14 -30.26 76.72
C GLU D 134 -38.17 -30.55 78.22
N GLY D 135 -37.50 -29.70 78.99
CA GLY D 135 -37.40 -29.93 80.42
C GLY D 135 -36.65 -31.22 80.71
N SER D 136 -37.22 -32.03 81.59
CA SER D 136 -36.64 -33.33 81.94
C SER D 136 -37.06 -34.43 81.00
N ARG D 137 -37.88 -34.13 79.99
CA ARG D 137 -38.35 -35.09 79.00
C ARG D 137 -37.75 -34.74 77.65
N THR D 138 -38.06 -35.57 76.65
CA THR D 138 -37.55 -35.38 75.29
C THR D 138 -38.65 -35.70 74.31
N ALA D 139 -39.13 -34.68 73.60
CA ALA D 139 -40.14 -34.87 72.57
C ALA D 139 -39.51 -35.46 71.32
N LEU D 140 -40.12 -36.52 70.79
CA LEU D 140 -39.56 -37.26 69.67
C LEU D 140 -40.12 -36.76 68.35
N SER D 141 -39.24 -36.50 67.39
CA SER D 141 -39.64 -36.18 66.03
C SER D 141 -39.71 -37.49 65.26
N VAL D 142 -40.93 -37.95 64.99
CA VAL D 142 -41.15 -39.28 64.44
C VAL D 142 -41.75 -39.16 63.03
N VAL D 143 -41.93 -40.32 62.41
CA VAL D 143 -42.61 -40.43 61.11
C VAL D 143 -43.72 -41.46 61.31
N THR D 144 -44.95 -40.97 61.45
CA THR D 144 -46.10 -41.83 61.65
C THR D 144 -46.90 -41.92 60.36
N TRP D 145 -47.81 -42.88 60.32
CA TRP D 145 -48.61 -43.15 59.13
C TRP D 145 -50.09 -42.97 59.43
N ASN D 146 -50.79 -42.32 58.52
CA ASN D 146 -52.25 -42.29 58.55
C ASN D 146 -52.75 -43.53 57.83
N LYS D 147 -54.04 -43.55 57.47
CA LYS D 147 -54.59 -44.70 56.77
C LYS D 147 -53.86 -44.96 55.45
N ASP D 148 -53.48 -43.89 54.74
CA ASP D 148 -52.83 -44.06 53.44
C ASP D 148 -51.63 -43.17 53.21
N MET D 149 -51.38 -42.15 54.03
CA MET D 149 -50.35 -41.16 53.75
C MET D 149 -49.33 -41.10 54.88
N VAL D 150 -48.11 -40.68 54.53
CA VAL D 150 -47.04 -40.46 55.49
C VAL D 150 -47.17 -39.04 56.03
N THR D 151 -47.08 -38.91 57.36
CA THR D 151 -47.08 -37.62 58.02
C THR D 151 -45.86 -37.54 58.93
N ARG D 152 -45.32 -36.32 59.08
CA ARG D 152 -44.14 -36.09 59.89
C ARG D 152 -44.46 -35.09 60.99
N VAL D 153 -43.97 -35.38 62.19
CA VAL D 153 -44.16 -34.51 63.35
C VAL D 153 -42.78 -34.05 63.82
N THR D 154 -42.61 -32.74 63.96
CA THR D 154 -41.33 -32.15 64.34
C THR D 154 -41.55 -31.09 65.41
N PRO D 155 -41.33 -31.41 66.68
CA PRO D 155 -41.42 -30.38 67.72
C PRO D 155 -40.29 -29.38 67.57
N GLU D 156 -40.58 -28.15 68.00
CA GLU D 156 -39.60 -27.06 67.86
C GLU D 156 -38.35 -27.36 68.68
N GLY D 157 -37.20 -26.99 68.13
CA GLY D 157 -35.94 -27.23 68.80
C GLY D 157 -35.38 -28.62 68.64
N SER D 158 -36.00 -29.45 67.80
CA SER D 158 -35.53 -30.82 67.63
C SER D 158 -34.17 -30.85 66.95
N GLU D 159 -33.35 -31.82 67.36
CA GLU D 159 -32.06 -32.07 66.74
C GLU D 159 -32.05 -33.43 66.08
N GLU D 160 -31.57 -33.50 64.85
CA GLU D 160 -31.52 -34.75 64.12
C GLU D 160 -30.42 -35.63 64.69
N TRP D 161 -30.81 -36.74 65.30
CA TRP D 161 -29.85 -37.67 65.88
C TRP D 161 -29.07 -38.40 64.78
N TYR E 1 -15.80 -70.51 -47.22
CA TYR E 1 -15.54 -70.80 -45.82
C TYR E 1 -15.62 -69.52 -44.99
N GLU E 2 -16.73 -69.37 -44.25
CA GLU E 2 -16.92 -68.19 -43.43
C GLU E 2 -15.89 -68.15 -42.30
N HIS E 3 -15.34 -66.95 -42.06
CA HIS E 3 -14.40 -66.74 -40.97
C HIS E 3 -14.60 -65.33 -40.44
N SER E 4 -14.28 -65.14 -39.17
CA SER E 4 -14.45 -63.84 -38.52
C SER E 4 -13.25 -63.57 -37.62
N THR E 5 -13.00 -62.28 -37.38
CA THR E 5 -11.88 -61.85 -36.55
C THR E 5 -12.10 -60.42 -36.12
N VAL E 6 -11.26 -59.95 -35.22
CA VAL E 6 -11.28 -58.58 -34.73
C VAL E 6 -9.88 -58.01 -34.83
N MET E 7 -9.75 -56.84 -35.45
CA MET E 7 -8.44 -56.24 -35.63
C MET E 7 -8.40 -54.84 -35.05
N PRO E 8 -7.25 -54.42 -34.50
CA PRO E 8 -7.19 -53.11 -33.84
C PRO E 8 -7.30 -51.97 -34.84
N ASN E 9 -7.87 -50.86 -34.39
CA ASN E 9 -8.04 -49.67 -35.22
C ASN E 9 -6.84 -48.74 -35.05
N VAL E 10 -5.67 -49.27 -35.35
CA VAL E 10 -4.41 -48.53 -35.25
C VAL E 10 -3.78 -48.50 -36.63
N VAL E 11 -3.46 -47.29 -37.11
CA VAL E 11 -2.92 -47.13 -38.45
C VAL E 11 -1.51 -47.71 -38.50
N GLY E 12 -1.27 -48.60 -39.45
CA GLY E 12 0.04 -49.19 -39.65
C GLY E 12 0.30 -50.46 -38.88
N PHE E 13 -0.64 -50.92 -38.06
CA PHE E 13 -0.42 -52.14 -37.29
C PHE E 13 -0.45 -53.34 -38.22
N PRO E 14 0.57 -54.20 -38.17
CA PRO E 14 0.64 -55.36 -39.09
C PRO E 14 -0.21 -56.54 -38.61
N TYR E 15 -1.53 -56.38 -38.64
CA TYR E 15 -2.41 -57.44 -38.17
C TYR E 15 -2.41 -58.60 -39.15
N LYS E 16 -2.24 -59.81 -38.61
CA LYS E 16 -2.24 -61.03 -39.42
C LYS E 16 -3.27 -61.99 -38.87
N ALA E 17 -4.11 -62.52 -39.76
CA ALA E 17 -5.20 -63.41 -39.40
C ALA E 17 -4.87 -64.82 -39.85
N HIS E 18 -5.07 -65.79 -38.96
CA HIS E 18 -4.80 -67.19 -39.25
C HIS E 18 -6.12 -67.91 -39.51
N ILE E 19 -6.22 -68.58 -40.66
CA ILE E 19 -7.42 -69.29 -41.06
C ILE E 19 -7.08 -70.77 -41.17
N GLU E 20 -7.78 -71.59 -40.40
CA GLU E 20 -7.50 -73.03 -40.33
C GLU E 20 -8.70 -73.79 -40.86
N ARG E 21 -8.57 -74.35 -42.07
CA ARG E 21 -9.56 -75.28 -42.58
C ARG E 21 -9.09 -76.70 -42.31
N PRO E 22 -9.86 -77.53 -41.61
CA PRO E 22 -9.36 -78.85 -41.23
C PRO E 22 -8.95 -79.72 -42.41
N GLY E 23 -9.56 -79.53 -43.58
CA GLY E 23 -9.23 -80.34 -44.73
C GLY E 23 -8.08 -79.85 -45.57
N TYR E 24 -7.52 -78.68 -45.29
CA TYR E 24 -6.49 -78.08 -46.14
C TYR E 24 -5.39 -77.50 -45.26
N SER E 25 -4.39 -76.91 -45.91
CA SER E 25 -3.27 -76.27 -45.22
C SER E 25 -3.69 -74.92 -44.66
N PRO E 26 -3.10 -74.49 -43.55
CA PRO E 26 -3.46 -73.20 -42.96
C PRO E 26 -3.08 -72.03 -43.87
N LEU E 27 -3.81 -70.93 -43.72
CA LEU E 27 -3.59 -69.73 -44.49
C LEU E 27 -3.44 -68.55 -43.53
N THR E 28 -2.59 -67.60 -43.91
CA THR E 28 -2.35 -66.40 -43.12
C THR E 28 -2.57 -65.17 -43.98
N LEU E 29 -3.50 -64.31 -43.57
CA LEU E 29 -3.79 -63.07 -44.26
C LEU E 29 -3.11 -61.91 -43.54
N GLN E 30 -2.75 -60.88 -44.28
CA GLN E 30 -2.19 -59.66 -43.70
C GLN E 30 -3.08 -58.49 -44.06
N MET E 31 -3.73 -57.92 -43.05
CA MET E 31 -4.57 -56.75 -43.21
C MET E 31 -3.95 -55.57 -42.50
N GLN E 32 -4.08 -54.38 -43.08
CA GLN E 32 -3.43 -53.19 -42.54
C GLN E 32 -4.28 -51.97 -42.87
N VAL E 33 -4.52 -51.13 -41.87
CA VAL E 33 -5.34 -49.93 -42.03
C VAL E 33 -4.41 -48.79 -42.43
N VAL E 34 -4.42 -48.45 -43.72
CA VAL E 34 -3.56 -47.38 -44.21
C VAL E 34 -4.07 -46.02 -43.76
N GLU E 35 -5.38 -45.82 -43.75
CA GLU E 35 -5.94 -44.49 -43.49
C GLU E 35 -7.41 -44.64 -43.11
N THR E 36 -7.87 -43.78 -42.21
CA THR E 36 -9.27 -43.72 -41.81
C THR E 36 -9.80 -42.31 -42.07
N SER E 37 -11.11 -42.12 -41.84
CA SER E 37 -11.74 -40.82 -41.98
C SER E 37 -13.09 -40.81 -41.28
N LEU E 38 -13.24 -39.99 -40.25
CA LEU E 38 -14.46 -39.96 -39.44
C LEU E 38 -15.29 -38.75 -39.87
N GLU E 39 -16.30 -39.01 -40.70
CA GLU E 39 -17.12 -37.96 -41.27
C GLU E 39 -18.39 -37.77 -40.46
N PRO E 40 -18.62 -36.61 -39.84
CA PRO E 40 -19.88 -36.36 -39.16
C PRO E 40 -20.93 -35.84 -40.14
N THR E 41 -22.14 -35.63 -39.62
CA THR E 41 -23.26 -35.12 -40.41
C THR E 41 -23.62 -33.72 -39.92
N LEU E 42 -23.68 -32.77 -40.84
CA LEU E 42 -23.81 -31.36 -40.50
C LEU E 42 -25.15 -30.81 -40.96
N ASN E 43 -25.64 -29.80 -40.24
CA ASN E 43 -26.81 -29.03 -40.63
C ASN E 43 -26.48 -27.56 -40.40
N LEU E 44 -26.33 -26.81 -41.49
CA LEU E 44 -25.93 -25.41 -41.38
C LEU E 44 -27.00 -24.60 -40.66
N GLU E 45 -26.55 -23.76 -39.73
CA GLU E 45 -27.45 -22.94 -38.93
C GLU E 45 -27.52 -21.49 -39.44
N TYR E 46 -26.38 -20.82 -39.55
CA TYR E 46 -26.34 -19.49 -40.13
C TYR E 46 -24.89 -19.17 -40.52
N ILE E 47 -24.70 -17.97 -41.06
CA ILE E 47 -23.41 -17.51 -41.55
C ILE E 47 -23.12 -16.17 -40.91
N THR E 48 -21.92 -16.01 -40.35
CA THR E 48 -21.50 -14.77 -39.72
C THR E 48 -20.33 -14.17 -40.48
N CYS E 49 -20.33 -12.84 -40.60
CA CYS E 49 -19.24 -12.11 -41.21
C CYS E 49 -19.23 -10.69 -40.66
N GLU E 50 -18.19 -9.95 -41.02
CA GLU E 50 -18.13 -8.55 -40.62
C GLU E 50 -19.28 -7.78 -41.24
N TYR E 51 -19.71 -6.72 -40.57
CA TYR E 51 -20.77 -5.89 -41.10
C TYR E 51 -20.19 -4.64 -41.77
N LYS E 52 -21.06 -3.86 -42.39
CA LYS E 52 -20.68 -2.62 -43.05
C LYS E 52 -21.78 -1.61 -42.85
N THR E 53 -21.49 -0.54 -42.12
CA THR E 53 -22.48 0.49 -41.84
C THR E 53 -22.51 1.48 -42.99
N VAL E 54 -23.67 1.63 -43.63
CA VAL E 54 -23.85 2.57 -44.72
C VAL E 54 -24.63 3.77 -44.20
N VAL E 55 -24.11 4.96 -44.44
CA VAL E 55 -24.71 6.20 -43.98
C VAL E 55 -25.01 7.08 -45.18
N PRO E 56 -26.26 7.12 -45.63
CA PRO E 56 -26.61 8.00 -46.74
C PRO E 56 -26.47 9.46 -46.35
N SER E 57 -26.33 10.31 -47.36
CA SER E 57 -26.09 11.72 -47.12
C SER E 57 -27.27 12.35 -46.39
N PRO E 58 -27.02 13.29 -45.48
CA PRO E 58 -28.12 13.91 -44.75
C PRO E 58 -28.98 14.78 -45.63
N TYR E 59 -30.23 14.95 -45.23
CA TYR E 59 -31.18 15.81 -45.91
C TYR E 59 -31.46 17.00 -45.01
N VAL E 60 -30.99 18.18 -45.41
CA VAL E 60 -31.21 19.41 -44.67
C VAL E 60 -32.32 20.19 -45.37
N LYS E 61 -33.38 20.49 -44.64
CA LYS E 61 -34.53 21.21 -45.18
C LYS E 61 -34.41 22.68 -44.79
N CYS E 62 -34.24 23.54 -45.79
CA CYS E 62 -34.11 24.97 -45.54
C CYS E 62 -35.49 25.58 -45.34
N CYS E 63 -35.69 26.20 -44.17
CA CYS E 63 -36.94 26.88 -43.84
C CYS E 63 -38.13 25.91 -43.91
N GLY E 64 -38.08 24.92 -43.03
CA GLY E 64 -39.14 23.94 -42.98
C GLY E 64 -38.84 22.89 -41.93
N ALA E 65 -39.70 21.87 -41.89
CA ALA E 65 -39.54 20.76 -40.97
C ALA E 65 -39.77 19.46 -41.71
N SER E 66 -39.00 18.42 -41.33
CA SER E 66 -39.07 17.12 -41.99
C SER E 66 -39.54 16.07 -40.99
N GLU E 67 -40.20 15.04 -41.52
CA GLU E 67 -40.78 13.98 -40.71
C GLU E 67 -40.06 12.67 -41.01
N CYS E 68 -39.69 11.95 -39.95
CA CYS E 68 -39.01 10.68 -40.10
C CYS E 68 -39.98 9.59 -40.54
N SER E 69 -39.47 8.64 -41.33
CA SER E 69 -40.26 7.52 -41.82
C SER E 69 -39.54 6.23 -41.51
N THR E 70 -40.30 5.21 -41.13
CA THR E 70 -39.73 3.91 -40.78
C THR E 70 -39.55 3.04 -42.01
N LYS E 71 -38.55 2.16 -41.95
CA LYS E 71 -38.25 1.25 -43.06
C LYS E 71 -37.94 -0.13 -42.48
N GLU E 72 -38.05 -1.14 -43.34
CA GLU E 72 -37.75 -2.51 -42.96
C GLU E 72 -36.33 -2.85 -43.43
N LYS E 73 -35.36 -2.35 -42.68
CA LYS E 73 -33.96 -2.61 -42.92
C LYS E 73 -33.32 -3.14 -41.64
N PRO E 74 -32.29 -3.97 -41.76
CA PRO E 74 -31.68 -4.56 -40.56
C PRO E 74 -31.03 -3.50 -39.68
N ASP E 75 -31.57 -3.34 -38.47
CA ASP E 75 -31.05 -2.38 -37.49
C ASP E 75 -31.07 -0.96 -38.04
N TYR E 76 -32.28 -0.48 -38.35
CA TYR E 76 -32.47 0.83 -38.94
C TYR E 76 -32.60 1.89 -37.85
N GLN E 77 -32.02 3.06 -38.10
CA GLN E 77 -32.09 4.18 -37.16
C GLN E 77 -32.32 5.46 -37.94
N CYS E 78 -33.24 6.30 -37.46
CA CYS E 78 -33.55 7.56 -38.13
C CYS E 78 -34.03 8.56 -37.09
N LYS E 79 -33.56 9.81 -37.23
CA LYS E 79 -33.94 10.88 -36.31
C LYS E 79 -33.90 12.21 -37.06
N VAL E 80 -34.64 13.17 -36.53
CA VAL E 80 -34.69 14.53 -37.08
C VAL E 80 -34.24 15.51 -36.00
N TYR E 81 -33.34 16.41 -36.38
CA TYR E 81 -32.77 17.38 -35.46
C TYR E 81 -33.18 18.78 -35.86
N THR E 82 -33.71 19.55 -34.91
CA THR E 82 -34.25 20.86 -35.17
C THR E 82 -33.27 21.95 -34.73
N GLY E 83 -33.26 23.05 -35.47
CA GLY E 83 -32.44 24.20 -35.12
C GLY E 83 -31.03 24.19 -35.66
N VAL E 84 -30.76 23.40 -36.69
CA VAL E 84 -29.41 23.35 -37.26
C VAL E 84 -29.21 24.53 -38.20
N TYR E 85 -27.97 25.02 -38.25
CA TYR E 85 -27.57 26.08 -39.17
C TYR E 85 -26.29 25.61 -39.86
N PRO E 86 -26.41 24.77 -40.88
CA PRO E 86 -25.21 24.17 -41.50
C PRO E 86 -24.39 25.21 -42.23
N PHE E 87 -23.19 24.77 -42.64
CA PHE E 87 -22.27 25.60 -43.40
C PHE E 87 -21.69 24.77 -44.53
N MET E 88 -21.26 25.46 -45.58
CA MET E 88 -20.56 24.83 -46.69
C MET E 88 -19.28 25.62 -46.97
N TRP E 89 -18.57 25.21 -48.01
CA TRP E 89 -17.24 25.78 -48.25
C TRP E 89 -17.30 27.26 -48.57
N GLY E 90 -18.32 27.69 -49.33
CA GLY E 90 -18.41 29.07 -49.74
C GLY E 90 -19.25 29.94 -48.82
N GLY E 91 -20.37 29.41 -48.37
CA GLY E 91 -21.25 30.14 -47.48
C GLY E 91 -22.30 29.23 -46.91
N ALA E 92 -22.92 29.69 -45.83
CA ALA E 92 -23.90 28.89 -45.10
C ALA E 92 -25.25 29.01 -45.78
N TYR E 93 -25.74 27.89 -46.33
CA TYR E 93 -27.05 27.89 -46.94
C TYR E 93 -28.09 27.58 -45.87
N CYS E 94 -29.35 27.37 -46.28
CA CYS E 94 -30.50 27.38 -45.38
C CYS E 94 -30.57 28.72 -44.66
N PHE E 95 -30.89 29.74 -45.47
CA PHE E 95 -30.77 31.15 -45.14
C PHE E 95 -31.54 31.54 -43.89
N CYS E 96 -32.59 30.80 -43.57
CA CYS E 96 -33.30 31.01 -42.31
C CYS E 96 -32.34 30.83 -41.14
N ASP E 97 -32.45 31.70 -40.14
CA ASP E 97 -31.48 31.71 -39.05
C ASP E 97 -31.58 30.44 -38.20
N SER E 98 -32.80 30.04 -37.83
CA SER E 98 -32.96 28.90 -36.93
C SER E 98 -34.08 27.95 -37.30
N GLU E 99 -34.84 28.20 -38.37
CA GLU E 99 -35.93 27.31 -38.76
C GLU E 99 -35.43 26.32 -39.81
N ASN E 100 -34.71 25.32 -39.34
CA ASN E 100 -34.17 24.28 -40.19
C ASN E 100 -34.27 22.94 -39.48
N THR E 101 -34.14 21.87 -40.25
CA THR E 101 -34.23 20.52 -39.69
C THR E 101 -33.37 19.58 -40.51
N GLN E 102 -32.56 18.78 -39.83
CA GLN E 102 -31.70 17.79 -40.47
C GLN E 102 -32.19 16.39 -40.12
N LEU E 103 -32.20 15.52 -41.12
CA LEU E 103 -32.62 14.13 -40.95
C LEU E 103 -31.41 13.24 -41.12
N SER E 104 -31.13 12.42 -40.10
CA SER E 104 -30.01 11.50 -40.11
C SER E 104 -30.51 10.08 -40.30
N GLU E 105 -29.84 9.32 -41.15
CA GLU E 105 -30.27 7.97 -41.49
C GLU E 105 -29.05 7.06 -41.59
N ALA E 106 -29.17 5.87 -41.00
CA ALA E 106 -28.09 4.89 -41.07
C ALA E 106 -28.67 3.51 -40.81
N TYR E 107 -28.05 2.49 -41.40
CA TYR E 107 -28.46 1.11 -41.19
C TYR E 107 -27.32 0.18 -41.52
N VAL E 108 -27.40 -1.04 -41.00
CA VAL E 108 -26.34 -2.03 -41.11
C VAL E 108 -26.61 -2.93 -42.30
N ASP E 109 -25.54 -3.31 -43.00
CA ASP E 109 -25.65 -4.20 -44.15
C ASP E 109 -24.50 -5.20 -44.12
N ARG E 110 -24.74 -6.36 -44.73
CA ARG E 110 -23.72 -7.40 -44.83
C ARG E 110 -22.53 -6.89 -45.64
N SER E 111 -21.33 -7.32 -45.25
CA SER E 111 -20.10 -6.77 -45.81
C SER E 111 -19.98 -7.10 -47.29
N ASP E 112 -18.93 -6.55 -47.91
CA ASP E 112 -18.71 -6.72 -49.34
C ASP E 112 -18.21 -8.12 -49.66
N VAL E 113 -17.33 -8.67 -48.83
CA VAL E 113 -16.68 -9.94 -49.14
C VAL E 113 -17.15 -11.02 -48.18
N CYS E 114 -18.39 -10.92 -47.71
CA CYS E 114 -18.93 -11.93 -46.81
C CYS E 114 -18.99 -13.30 -47.45
N ARG E 115 -18.99 -13.39 -48.77
CA ARG E 115 -19.00 -14.68 -49.45
C ARG E 115 -17.61 -15.26 -49.63
N HIS E 116 -16.57 -14.55 -49.20
CA HIS E 116 -15.20 -15.05 -49.29
C HIS E 116 -14.55 -15.27 -47.92
N ASP E 117 -15.01 -14.56 -46.89
CA ASP E 117 -14.42 -14.64 -45.56
C ASP E 117 -15.56 -14.64 -44.55
N HIS E 118 -16.07 -15.84 -44.22
CA HIS E 118 -17.18 -15.97 -43.30
C HIS E 118 -17.03 -17.26 -42.50
N ALA E 119 -17.68 -17.29 -41.34
CA ALA E 119 -17.67 -18.44 -40.47
C ALA E 119 -19.03 -19.09 -40.45
N SER E 120 -19.06 -20.42 -40.43
CA SER E 120 -20.30 -21.18 -40.47
C SER E 120 -20.53 -21.86 -39.13
N ALA E 121 -21.79 -21.84 -38.68
CA ALA E 121 -22.19 -22.51 -37.45
C ALA E 121 -22.99 -23.74 -37.81
N TYR E 122 -22.54 -24.90 -37.35
CA TYR E 122 -23.13 -26.18 -37.72
C TYR E 122 -23.67 -26.90 -36.49
N LYS E 123 -24.25 -28.08 -36.75
CA LYS E 123 -24.64 -29.03 -35.70
C LYS E 123 -24.25 -30.41 -36.17
N ALA E 124 -23.40 -31.09 -35.41
CA ALA E 124 -22.82 -32.36 -35.81
C ALA E 124 -23.40 -33.50 -34.99
N HIS E 125 -23.80 -34.57 -35.66
CA HIS E 125 -24.33 -35.74 -34.98
C HIS E 125 -24.17 -36.96 -35.88
N THR E 126 -24.17 -38.14 -35.25
CA THR E 126 -24.14 -39.43 -35.94
C THR E 126 -23.02 -39.50 -36.98
N ALA E 127 -21.77 -39.47 -36.52
CA ALA E 127 -20.64 -39.55 -37.43
C ALA E 127 -20.59 -40.91 -38.12
N SER E 128 -20.13 -40.90 -39.36
CA SER E 128 -19.97 -42.12 -40.16
C SER E 128 -18.49 -42.31 -40.48
N LEU E 129 -17.99 -43.51 -40.26
CA LEU E 129 -16.56 -43.78 -40.37
C LEU E 129 -16.24 -44.44 -41.70
N LYS E 130 -15.05 -44.14 -42.21
CA LYS E 130 -14.56 -44.67 -43.49
C LYS E 130 -13.11 -45.07 -43.29
N ALA E 131 -12.61 -45.91 -44.20
CA ALA E 131 -11.25 -46.42 -44.06
C ALA E 131 -10.66 -46.69 -45.43
N LYS E 132 -9.42 -47.18 -45.44
CA LYS E 132 -8.73 -47.58 -46.67
C LYS E 132 -7.73 -48.66 -46.27
N VAL E 133 -8.11 -49.92 -46.47
CA VAL E 133 -7.40 -51.07 -45.92
C VAL E 133 -6.62 -51.75 -47.01
N ARG E 134 -5.39 -52.14 -46.72
CA ARG E 134 -4.55 -52.91 -47.62
C ARG E 134 -4.52 -54.36 -47.18
N VAL E 135 -4.87 -55.26 -48.10
CA VAL E 135 -4.96 -56.69 -47.82
C VAL E 135 -4.02 -57.42 -48.76
N MET E 136 -3.11 -58.22 -48.21
CA MET E 136 -2.20 -59.02 -49.00
C MET E 136 -2.10 -60.42 -48.42
N TYR E 137 -2.05 -61.41 -49.30
CA TYR E 137 -1.91 -62.81 -48.91
C TYR E 137 -1.59 -63.61 -50.16
N GLY E 138 -1.08 -64.82 -49.96
CA GLY E 138 -0.74 -65.68 -51.06
C GLY E 138 0.19 -64.99 -52.04
N ASN E 139 -0.32 -64.67 -53.23
CA ASN E 139 0.40 -63.87 -54.21
C ASN E 139 -0.42 -62.67 -54.66
N VAL E 140 -1.40 -62.24 -53.88
CA VAL E 140 -2.28 -61.14 -54.25
C VAL E 140 -2.08 -59.99 -53.27
N ASN E 141 -1.63 -58.85 -53.80
CA ASN E 141 -1.56 -57.59 -53.09
C ASN E 141 -2.89 -56.87 -53.29
N GLN E 142 -2.94 -55.55 -53.02
CA GLN E 142 -3.98 -54.59 -53.43
C GLN E 142 -4.63 -53.91 -52.23
N THR E 143 -4.87 -52.61 -52.36
CA THR E 143 -5.53 -51.80 -51.35
C THR E 143 -6.92 -51.40 -51.84
N VAL E 144 -7.90 -51.43 -50.94
CA VAL E 144 -9.28 -51.13 -51.28
C VAL E 144 -9.82 -50.06 -50.34
N ASP E 145 -10.92 -49.45 -50.76
CA ASP E 145 -11.62 -48.43 -49.98
C ASP E 145 -12.95 -49.01 -49.50
N VAL E 146 -13.20 -48.89 -48.20
CA VAL E 146 -14.35 -49.53 -47.56
C VAL E 146 -15.06 -48.53 -46.66
N TYR E 147 -16.31 -48.85 -46.33
CA TYR E 147 -17.04 -48.19 -45.27
C TYR E 147 -17.02 -49.09 -44.05
N VAL E 148 -16.69 -48.52 -42.89
CA VAL E 148 -16.60 -49.33 -41.66
C VAL E 148 -18.00 -49.34 -41.06
N ASN E 149 -18.82 -50.25 -41.57
CA ASN E 149 -20.11 -50.61 -41.01
C ASN E 149 -20.56 -51.85 -41.76
N GLY E 150 -21.32 -52.72 -41.09
CA GLY E 150 -21.61 -54.01 -41.69
C GLY E 150 -22.58 -53.94 -42.85
N ASP E 151 -22.36 -53.01 -43.77
CA ASP E 151 -23.24 -52.81 -44.92
C ASP E 151 -22.45 -52.50 -46.17
N HIS E 152 -21.23 -53.05 -46.29
CA HIS E 152 -20.44 -52.85 -47.51
C HIS E 152 -19.44 -54.00 -47.60
N ALA E 153 -19.59 -54.84 -48.62
CA ALA E 153 -18.73 -55.98 -48.85
C ALA E 153 -17.91 -55.75 -50.12
N VAL E 154 -16.60 -55.82 -49.99
CA VAL E 154 -15.69 -55.58 -51.11
C VAL E 154 -14.94 -56.87 -51.41
N THR E 155 -14.76 -57.18 -52.69
CA THR E 155 -14.15 -58.42 -53.13
C THR E 155 -12.70 -58.16 -53.50
N ILE E 156 -11.79 -58.92 -52.88
CA ILE E 156 -10.35 -58.81 -53.13
C ILE E 156 -9.87 -60.17 -53.59
N GLY E 157 -9.68 -60.35 -54.89
CA GLY E 157 -9.19 -61.61 -55.40
C GLY E 157 -10.08 -62.79 -55.12
N GLY E 158 -11.40 -62.61 -55.28
CA GLY E 158 -12.34 -63.69 -55.06
C GLY E 158 -12.77 -63.88 -53.62
N THR E 159 -12.34 -63.01 -52.71
CA THR E 159 -12.70 -63.10 -51.30
C THR E 159 -13.51 -61.89 -50.90
N GLN E 160 -14.61 -62.11 -50.18
CA GLN E 160 -15.50 -61.03 -49.77
C GLN E 160 -15.20 -60.64 -48.33
N PHE E 161 -14.95 -59.34 -48.12
CA PHE E 161 -14.60 -58.80 -46.81
C PHE E 161 -15.68 -57.82 -46.38
N ILE E 162 -16.14 -57.96 -45.13
CA ILE E 162 -17.07 -57.02 -44.53
C ILE E 162 -16.46 -56.54 -43.23
N PHE E 163 -16.33 -55.23 -43.08
CA PHE E 163 -15.72 -54.63 -41.90
C PHE E 163 -16.84 -54.12 -40.99
N GLY E 164 -16.97 -54.73 -39.83
CA GLY E 164 -18.08 -54.45 -38.93
C GLY E 164 -17.99 -53.09 -38.31
N PRO E 165 -19.04 -52.68 -37.61
CA PRO E 165 -19.05 -51.35 -37.00
C PRO E 165 -17.99 -51.23 -35.92
N LEU E 166 -17.54 -49.99 -35.69
CA LEU E 166 -16.51 -49.75 -34.70
C LEU E 166 -17.02 -50.14 -33.32
N SER E 167 -16.09 -50.63 -32.48
CA SER E 167 -16.47 -51.07 -31.14
C SER E 167 -17.02 -49.92 -30.31
N SER E 168 -16.40 -48.76 -30.37
CA SER E 168 -16.81 -47.61 -29.58
C SER E 168 -17.71 -46.69 -30.40
N ALA E 169 -18.17 -45.61 -29.75
CA ALA E 169 -19.01 -44.59 -30.38
C ALA E 169 -18.51 -43.21 -29.99
N TRP E 170 -17.21 -43.00 -30.10
CA TRP E 170 -16.56 -41.78 -29.66
C TRP E 170 -16.26 -40.88 -30.85
N THR E 171 -16.73 -39.62 -30.77
CA THR E 171 -16.50 -38.63 -31.80
C THR E 171 -15.93 -37.37 -31.16
N PRO E 172 -14.88 -36.78 -31.72
CA PRO E 172 -14.29 -35.58 -31.09
C PRO E 172 -15.13 -34.34 -31.24
N PHE E 173 -16.09 -34.31 -32.16
CA PHE E 173 -16.92 -33.14 -32.38
C PHE E 173 -18.09 -33.14 -31.41
N ASP E 174 -18.30 -32.01 -30.73
CA ASP E 174 -19.43 -31.86 -29.83
C ASP E 174 -20.70 -31.60 -30.64
N ASN E 175 -21.78 -31.25 -29.95
CA ASN E 175 -23.06 -31.06 -30.63
C ASN E 175 -23.04 -29.86 -31.56
N LYS E 176 -22.39 -28.77 -31.15
CA LYS E 176 -22.35 -27.54 -31.92
C LYS E 176 -20.93 -27.26 -32.39
N ILE E 177 -20.78 -26.94 -33.67
CA ILE E 177 -19.49 -26.80 -34.31
C ILE E 177 -19.47 -25.48 -35.08
N VAL E 178 -18.35 -24.77 -35.00
CA VAL E 178 -18.11 -23.57 -35.80
C VAL E 178 -16.88 -23.80 -36.66
N VAL E 179 -17.03 -23.63 -37.96
CA VAL E 179 -15.97 -23.93 -38.93
C VAL E 179 -15.55 -22.64 -39.61
N TYR E 180 -14.26 -22.35 -39.57
CA TYR E 180 -13.69 -21.17 -40.22
C TYR E 180 -12.48 -21.58 -41.03
N LYS E 181 -12.58 -21.46 -42.35
CA LYS E 181 -11.49 -21.81 -43.27
C LYS E 181 -11.05 -23.25 -43.08
N ASP E 182 -9.99 -23.47 -42.31
CA ASP E 182 -9.43 -24.79 -42.10
C ASP E 182 -9.23 -25.05 -40.62
N GLU E 183 -10.25 -24.72 -39.83
CA GLU E 183 -10.19 -24.88 -38.38
C GLU E 183 -11.58 -25.17 -37.85
N VAL E 184 -11.65 -26.04 -36.85
CA VAL E 184 -12.91 -26.45 -36.24
C VAL E 184 -12.85 -26.09 -34.76
N PHE E 185 -13.92 -25.48 -34.27
CA PHE E 185 -13.98 -25.01 -32.88
C PHE E 185 -15.19 -25.62 -32.19
N ASN E 186 -14.99 -26.11 -30.97
CA ASN E 186 -16.09 -26.62 -30.15
C ASN E 186 -16.68 -25.45 -29.38
N GLN E 187 -17.66 -24.80 -29.99
CA GLN E 187 -18.22 -23.57 -29.46
C GLN E 187 -19.72 -23.72 -29.28
N ASP E 188 -20.28 -22.89 -28.41
CA ASP E 188 -21.71 -22.88 -28.13
C ASP E 188 -22.26 -21.53 -28.61
N PHE E 189 -22.62 -21.48 -29.89
CA PHE E 189 -23.07 -20.23 -30.48
C PHE E 189 -24.52 -19.92 -30.08
N PRO E 190 -24.89 -18.64 -30.03
CA PRO E 190 -26.26 -18.31 -29.70
C PRO E 190 -27.19 -18.71 -30.83
N PRO E 191 -28.46 -19.00 -30.53
CA PRO E 191 -29.40 -19.40 -31.58
C PRO E 191 -29.71 -18.25 -32.51
N TYR E 192 -30.18 -18.59 -33.70
CA TYR E 192 -30.53 -17.57 -34.68
C TYR E 192 -31.61 -16.64 -34.12
N GLY E 193 -31.42 -15.35 -34.36
CA GLY E 193 -32.36 -14.35 -33.90
C GLY E 193 -32.11 -13.82 -32.50
N SER E 194 -31.09 -14.31 -31.81
CA SER E 194 -30.80 -13.85 -30.46
C SER E 194 -29.30 -13.64 -30.27
N GLY E 195 -28.66 -13.00 -31.24
CA GLY E 195 -27.27 -12.61 -31.09
C GLY E 195 -27.13 -11.40 -30.19
N GLN E 196 -25.88 -11.10 -29.84
CA GLN E 196 -25.61 -9.97 -28.96
C GLN E 196 -24.53 -9.08 -29.56
N PRO E 197 -24.62 -7.77 -29.34
CA PRO E 197 -23.63 -6.86 -29.92
C PRO E 197 -22.24 -7.09 -29.34
N GLY E 198 -21.23 -6.95 -30.19
CA GLY E 198 -19.85 -6.98 -29.78
C GLY E 198 -19.23 -8.37 -29.67
N ARG E 199 -20.02 -9.43 -29.85
CA ARG E 199 -19.47 -10.78 -29.73
C ARG E 199 -19.79 -11.59 -30.98
N PHE E 200 -19.52 -12.89 -30.95
CA PHE E 200 -19.73 -13.72 -32.12
C PHE E 200 -21.20 -13.73 -32.52
N GLY E 201 -21.44 -13.64 -33.82
CA GLY E 201 -22.80 -13.65 -34.33
C GLY E 201 -23.64 -12.44 -33.97
N ASP E 202 -23.06 -11.24 -34.03
CA ASP E 202 -23.87 -10.04 -33.88
C ASP E 202 -24.83 -9.89 -35.06
N ILE E 203 -24.35 -10.19 -36.27
CA ILE E 203 -25.19 -10.26 -37.46
C ILE E 203 -25.20 -11.71 -37.94
N GLN E 204 -26.40 -12.23 -38.21
CA GLN E 204 -26.57 -13.63 -38.55
C GLN E 204 -27.37 -13.74 -39.85
N SER E 205 -26.80 -14.44 -40.83
CA SER E 205 -27.46 -14.68 -42.10
C SER E 205 -27.69 -16.17 -42.25
N ARG E 206 -28.92 -16.55 -42.58
CA ARG E 206 -29.28 -17.96 -42.63
C ARG E 206 -28.47 -18.72 -43.67
N THR E 207 -28.07 -18.05 -44.74
CA THR E 207 -27.25 -18.65 -45.78
C THR E 207 -26.42 -17.55 -46.43
N VAL E 208 -25.31 -17.93 -47.05
CA VAL E 208 -24.44 -16.95 -47.70
C VAL E 208 -25.18 -16.21 -48.80
N GLU E 209 -26.17 -16.86 -49.42
CA GLU E 209 -26.97 -16.24 -50.47
C GLU E 209 -28.33 -15.77 -49.98
N SER E 210 -28.62 -15.90 -48.69
CA SER E 210 -29.92 -15.53 -48.18
C SER E 210 -30.08 -14.01 -48.12
N ASN E 211 -31.28 -13.53 -48.47
CA ASN E 211 -31.54 -12.10 -48.43
C ASN E 211 -31.79 -11.60 -47.02
N ASP E 212 -32.44 -12.41 -46.19
CA ASP E 212 -32.79 -11.99 -44.83
C ASP E 212 -31.53 -11.81 -43.99
N LEU E 213 -31.55 -10.82 -43.10
CA LEU E 213 -30.43 -10.54 -42.22
C LEU E 213 -30.96 -10.08 -40.88
N TYR E 214 -30.29 -10.49 -39.82
CA TYR E 214 -30.62 -10.08 -38.45
C TYR E 214 -29.38 -9.43 -37.86
N ALA E 215 -29.45 -8.12 -37.62
CA ALA E 215 -28.32 -7.36 -37.13
C ALA E 215 -28.67 -6.71 -35.80
N ASN E 216 -27.74 -6.77 -34.85
CA ASN E 216 -27.94 -6.19 -33.53
C ASN E 216 -26.57 -5.72 -33.03
N THR E 217 -26.28 -4.43 -33.25
CA THR E 217 -24.99 -3.86 -32.90
C THR E 217 -25.12 -2.55 -32.14
N ALA E 218 -26.31 -2.24 -31.63
CA ALA E 218 -26.54 -1.04 -30.82
C ALA E 218 -26.12 0.23 -31.55
N LEU E 219 -26.50 0.34 -32.81
CA LEU E 219 -26.23 1.54 -33.58
C LEU E 219 -27.05 2.70 -33.01
N LYS E 220 -26.40 3.85 -32.86
CA LYS E 220 -27.06 5.03 -32.30
C LYS E 220 -26.57 6.28 -33.02
N LEU E 221 -27.42 7.30 -33.03
CA LEU E 221 -27.12 8.56 -33.68
C LEU E 221 -27.04 9.68 -32.65
N ALA E 222 -26.20 10.68 -32.94
CA ALA E 222 -25.98 11.80 -32.05
C ALA E 222 -26.19 13.10 -32.80
N ARG E 223 -26.58 14.14 -32.06
CA ARG E 223 -26.88 15.42 -32.66
C ARG E 223 -25.64 16.01 -33.31
N PRO E 224 -25.73 16.52 -34.54
CA PRO E 224 -24.55 17.08 -35.19
C PRO E 224 -24.05 18.33 -34.49
N SER E 225 -22.74 18.56 -34.61
CA SER E 225 -22.13 19.74 -34.03
C SER E 225 -22.60 20.99 -34.79
N PRO E 226 -22.62 22.14 -34.13
CA PRO E 226 -23.00 23.38 -34.82
C PRO E 226 -22.04 23.71 -35.95
N GLY E 227 -22.60 24.21 -37.05
CA GLY E 227 -21.80 24.60 -38.20
C GLY E 227 -21.08 23.48 -38.90
N MET E 228 -21.67 22.28 -38.92
CA MET E 228 -21.06 21.15 -39.62
C MET E 228 -22.15 20.27 -40.19
N VAL E 229 -21.78 19.46 -41.17
CA VAL E 229 -22.67 18.48 -41.80
C VAL E 229 -21.91 17.16 -41.83
N HIS E 230 -22.08 16.32 -40.82
CA HIS E 230 -21.32 15.08 -40.76
C HIS E 230 -22.10 13.84 -40.34
N VAL E 231 -23.30 13.96 -39.78
CA VAL E 231 -24.10 12.82 -39.33
C VAL E 231 -23.27 11.97 -38.35
N PRO E 232 -23.12 12.41 -37.10
CA PRO E 232 -22.40 11.59 -36.13
C PRO E 232 -23.17 10.32 -35.80
N TYR E 233 -22.42 9.29 -35.41
CA TYR E 233 -23.04 8.05 -34.91
C TYR E 233 -22.01 7.31 -34.07
N THR E 234 -22.50 6.38 -33.27
CA THR E 234 -21.67 5.51 -32.46
C THR E 234 -22.17 4.07 -32.61
N GLN E 235 -21.24 3.12 -32.57
CA GLN E 235 -21.57 1.74 -32.85
C GLN E 235 -20.55 0.82 -32.20
N THR E 236 -21.03 -0.24 -31.56
CA THR E 236 -20.14 -1.24 -30.99
C THR E 236 -19.38 -1.96 -32.11
N PRO E 237 -18.08 -2.17 -31.97
CA PRO E 237 -17.29 -2.74 -33.07
C PRO E 237 -17.78 -4.13 -33.47
N SER E 238 -17.25 -4.60 -34.60
CA SER E 238 -17.69 -5.85 -35.18
C SER E 238 -17.43 -7.01 -34.25
N GLY E 239 -18.38 -7.95 -34.19
CA GLY E 239 -18.19 -9.15 -33.39
C GLY E 239 -17.32 -10.18 -34.05
N PHE E 240 -17.31 -10.23 -35.39
CA PHE E 240 -16.50 -11.21 -36.09
C PHE E 240 -15.01 -10.94 -35.90
N LYS E 241 -14.60 -9.67 -35.98
CA LYS E 241 -13.18 -9.35 -35.81
C LYS E 241 -12.72 -9.69 -34.40
N TYR E 242 -13.53 -9.35 -33.39
CA TYR E 242 -13.14 -9.64 -32.01
C TYR E 242 -13.23 -11.12 -31.71
N TRP E 243 -14.08 -11.86 -32.40
CA TRP E 243 -14.02 -13.32 -32.30
C TRP E 243 -12.72 -13.84 -32.89
N LEU E 244 -12.29 -13.28 -34.01
CA LEU E 244 -11.03 -13.69 -34.61
C LEU E 244 -9.86 -13.41 -33.67
N LYS E 245 -9.91 -12.29 -32.95
CA LYS E 245 -8.78 -11.93 -32.09
C LYS E 245 -8.68 -12.84 -30.87
N GLU E 246 -9.81 -13.28 -30.32
CA GLU E 246 -9.81 -14.03 -29.07
C GLU E 246 -10.72 -15.26 -29.15
N LYS E 247 -10.68 -15.98 -30.28
CA LYS E 247 -11.43 -17.22 -30.37
C LYS E 247 -10.89 -18.26 -29.40
N GLY E 248 -9.57 -18.40 -29.34
CA GLY E 248 -8.94 -19.26 -28.36
C GLY E 248 -8.84 -20.70 -28.78
N THR E 249 -7.61 -21.24 -28.79
CA THR E 249 -7.34 -22.63 -29.13
C THR E 249 -7.99 -23.04 -30.45
N ALA E 250 -8.24 -24.34 -30.60
CA ALA E 250 -8.93 -24.89 -31.76
C ALA E 250 -9.28 -26.34 -31.45
N LEU E 251 -9.74 -27.09 -32.45
CA LEU E 251 -9.79 -28.53 -32.33
C LEU E 251 -8.68 -29.23 -33.09
N ASN E 252 -8.01 -28.53 -34.00
CA ASN E 252 -6.90 -29.14 -34.73
C ASN E 252 -5.77 -29.51 -33.79
N THR E 253 -5.46 -28.62 -32.84
CA THR E 253 -4.35 -28.81 -31.91
C THR E 253 -4.79 -29.23 -30.52
N LYS E 254 -6.04 -29.67 -30.37
CA LYS E 254 -6.56 -30.07 -29.08
C LYS E 254 -7.26 -31.43 -29.09
N ALA E 255 -7.45 -32.06 -30.24
CA ALA E 255 -8.24 -33.27 -30.31
C ALA E 255 -7.52 -34.43 -29.60
N PRO E 256 -8.27 -35.29 -28.91
CA PRO E 256 -7.65 -36.44 -28.24
C PRO E 256 -7.31 -37.53 -29.24
N PHE E 257 -6.55 -38.52 -28.74
CA PHE E 257 -6.17 -39.72 -29.48
C PHE E 257 -5.32 -39.40 -30.71
N GLY E 258 -4.78 -38.19 -30.78
CA GLY E 258 -3.81 -37.84 -31.80
C GLY E 258 -4.30 -37.91 -33.21
N CYS E 259 -5.47 -37.35 -33.48
CA CYS E 259 -6.07 -37.40 -34.81
C CYS E 259 -6.36 -36.01 -35.35
N GLN E 260 -5.95 -35.80 -36.60
CA GLN E 260 -5.99 -34.49 -37.22
C GLN E 260 -7.41 -34.14 -37.64
N ILE E 261 -7.76 -32.88 -37.45
CA ILE E 261 -9.05 -32.35 -37.91
C ILE E 261 -8.80 -31.60 -39.21
N LYS E 262 -9.71 -31.78 -40.18
CA LYS E 262 -9.60 -31.12 -41.46
C LYS E 262 -10.93 -30.47 -41.79
N THR E 263 -11.02 -29.91 -42.99
CA THR E 263 -12.20 -29.16 -43.39
C THR E 263 -12.46 -29.39 -44.87
N ASN E 264 -13.72 -29.21 -45.26
CA ASN E 264 -14.19 -29.33 -46.64
C ASN E 264 -13.95 -30.73 -47.20
N PRO E 265 -14.68 -31.75 -46.74
CA PRO E 265 -15.64 -31.72 -45.63
C PRO E 265 -14.95 -31.87 -44.29
N VAL E 266 -15.63 -31.56 -43.18
CA VAL E 266 -15.02 -31.74 -41.87
C VAL E 266 -14.87 -33.23 -41.59
N ARG E 267 -13.71 -33.62 -41.09
CA ARG E 267 -13.43 -35.02 -40.82
C ARG E 267 -12.20 -35.11 -39.93
N ALA E 268 -12.15 -36.17 -39.12
CA ALA E 268 -11.04 -36.45 -38.23
C ALA E 268 -10.34 -37.72 -38.71
N MET E 269 -9.22 -37.56 -39.40
CA MET E 269 -8.52 -38.65 -40.05
C MET E 269 -7.51 -39.32 -39.12
N ASN E 270 -7.29 -40.61 -39.36
CA ASN E 270 -6.24 -41.38 -38.70
C ASN E 270 -6.34 -41.29 -37.18
N CYS E 271 -7.48 -41.75 -36.65
CA CYS E 271 -7.83 -41.45 -35.28
C CYS E 271 -7.99 -42.78 -34.55
N ALA E 272 -7.02 -43.12 -33.71
CA ALA E 272 -6.86 -44.48 -33.20
C ALA E 272 -7.72 -44.69 -31.96
N VAL E 273 -8.78 -45.47 -32.10
CA VAL E 273 -9.63 -45.86 -30.98
C VAL E 273 -10.48 -47.04 -31.40
N GLY E 274 -10.70 -47.96 -30.47
CA GLY E 274 -11.64 -49.04 -30.70
C GLY E 274 -11.07 -50.19 -31.53
N ASN E 275 -11.96 -51.11 -31.87
CA ASN E 275 -11.64 -52.30 -32.64
C ASN E 275 -12.57 -52.40 -33.84
N ILE E 276 -12.10 -53.07 -34.88
CA ILE E 276 -12.82 -53.20 -36.14
C ILE E 276 -13.06 -54.67 -36.41
N PRO E 277 -14.26 -55.19 -36.09
CA PRO E 277 -14.57 -56.58 -36.45
C PRO E 277 -14.59 -56.77 -37.96
N VAL E 278 -14.20 -57.96 -38.39
CA VAL E 278 -14.07 -58.30 -39.80
C VAL E 278 -14.78 -59.62 -40.07
N SER E 279 -15.48 -59.70 -41.19
CA SER E 279 -16.09 -60.93 -41.67
C SER E 279 -15.60 -61.23 -43.06
N MET E 280 -15.31 -62.50 -43.33
CA MET E 280 -14.74 -62.92 -44.60
C MET E 280 -15.58 -64.03 -45.19
N ASN E 281 -15.29 -64.36 -46.45
CA ASN E 281 -15.90 -65.51 -47.12
C ASN E 281 -14.97 -65.95 -48.23
N LEU E 282 -14.20 -66.99 -47.98
CA LEU E 282 -13.15 -67.34 -48.92
C LEU E 282 -13.60 -68.46 -49.84
N PRO E 283 -13.14 -68.45 -51.09
CA PRO E 283 -13.46 -69.53 -52.02
C PRO E 283 -12.59 -70.76 -51.77
N ASP E 284 -12.95 -71.85 -52.45
CA ASP E 284 -12.20 -73.09 -52.29
C ASP E 284 -10.84 -73.05 -52.97
N SER E 285 -10.60 -72.08 -53.86
CA SER E 285 -9.34 -72.01 -54.57
C SER E 285 -8.24 -71.31 -53.79
N ALA E 286 -8.59 -70.58 -52.73
CA ALA E 286 -7.58 -69.88 -51.94
C ALA E 286 -6.73 -70.86 -51.13
N PHE E 287 -7.33 -71.95 -50.67
CA PHE E 287 -6.61 -72.92 -49.86
C PHE E 287 -5.86 -73.91 -50.75
N THR E 288 -4.90 -74.61 -50.14
CA THR E 288 -4.11 -75.63 -50.82
C THR E 288 -4.39 -76.98 -50.18
N ARG E 289 -4.57 -78.00 -51.03
CA ARG E 289 -4.83 -79.34 -50.53
C ARG E 289 -3.66 -79.81 -49.68
N ILE E 290 -3.97 -80.59 -48.63
CA ILE E 290 -2.96 -81.04 -47.70
C ILE E 290 -1.91 -81.92 -48.37
N VAL E 291 -2.25 -82.55 -49.49
CA VAL E 291 -1.29 -83.38 -50.20
C VAL E 291 -0.16 -82.54 -50.78
N GLU E 292 -0.45 -81.31 -51.22
CA GLU E 292 0.57 -80.48 -51.85
C GLU E 292 1.52 -79.88 -50.82
N ALA E 293 1.01 -79.49 -49.65
CA ALA E 293 1.84 -78.83 -48.66
C ALA E 293 2.80 -79.82 -48.02
N PRO E 294 3.99 -79.35 -47.62
CA PRO E 294 4.94 -80.24 -46.94
C PRO E 294 4.47 -80.61 -45.54
N THR E 295 4.98 -81.73 -45.06
CA THR E 295 4.68 -82.21 -43.72
C THR E 295 5.79 -81.80 -42.76
N ILE E 296 5.40 -81.39 -41.55
CA ILE E 296 6.33 -80.91 -40.55
C ILE E 296 6.12 -81.73 -39.28
N ILE E 297 7.20 -82.35 -38.78
CA ILE E 297 7.16 -83.11 -37.55
C ILE E 297 8.34 -82.71 -36.68
N ASP E 298 8.20 -82.95 -35.38
CA ASP E 298 9.24 -82.68 -34.38
C ASP E 298 9.65 -81.21 -34.41
N LEU E 299 8.69 -80.35 -34.09
CA LEU E 299 8.92 -78.91 -34.07
C LEU E 299 9.35 -78.47 -32.68
N THR E 300 10.55 -77.90 -32.58
CA THR E 300 11.10 -77.39 -31.33
C THR E 300 11.42 -75.92 -31.49
N CYS E 301 11.04 -75.12 -30.50
CA CYS E 301 11.21 -73.67 -30.54
C CYS E 301 12.23 -73.24 -29.48
N THR E 302 13.24 -72.49 -29.92
CA THR E 302 14.22 -71.90 -29.03
C THR E 302 14.39 -70.43 -29.37
N VAL E 303 14.53 -69.59 -28.35
CA VAL E 303 14.65 -68.15 -28.51
C VAL E 303 16.13 -67.78 -28.34
N ALA E 304 16.69 -67.14 -29.35
CA ALA E 304 18.09 -66.73 -29.29
C ALA E 304 18.27 -65.49 -28.42
N THR E 305 17.65 -64.38 -28.80
CA THR E 305 17.72 -63.14 -28.05
C THR E 305 16.34 -62.52 -27.96
N CYS E 306 16.08 -61.84 -26.85
CA CYS E 306 14.83 -61.13 -26.66
C CYS E 306 15.09 -59.74 -26.12
N THR E 307 14.25 -58.79 -26.52
CA THR E 307 14.33 -57.41 -26.05
C THR E 307 12.99 -56.76 -26.31
N HIS E 308 12.27 -56.37 -25.25
CA HIS E 308 10.93 -55.83 -25.42
C HIS E 308 11.01 -54.36 -25.82
N SER E 309 11.31 -54.15 -27.10
CA SER E 309 11.42 -52.84 -27.70
C SER E 309 10.31 -52.64 -28.72
N SER E 310 10.17 -51.39 -29.17
CA SER E 310 9.10 -51.07 -30.12
C SER E 310 9.32 -51.77 -31.45
N ASP E 311 10.55 -51.85 -31.92
CA ASP E 311 10.86 -52.50 -33.18
C ASP E 311 10.84 -54.00 -32.94
N PHE E 312 11.13 -54.79 -33.98
CA PHE E 312 11.13 -56.25 -33.87
C PHE E 312 12.46 -56.67 -33.29
N GLY E 313 12.52 -56.73 -31.95
CA GLY E 313 13.76 -56.97 -31.25
C GLY E 313 13.92 -58.36 -30.68
N GLY E 314 13.28 -59.35 -31.29
CA GLY E 314 13.42 -60.73 -30.87
C GLY E 314 13.72 -61.63 -32.05
N VAL E 315 14.44 -62.71 -31.77
CA VAL E 315 14.82 -63.68 -32.78
C VAL E 315 14.43 -65.08 -32.28
N LEU E 316 13.82 -65.86 -33.16
CA LEU E 316 13.27 -67.16 -32.83
C LEU E 316 13.76 -68.18 -33.84
N THR E 317 14.02 -69.41 -33.38
CA THR E 317 14.52 -70.47 -34.23
C THR E 317 13.64 -71.71 -34.09
N LEU E 318 13.37 -72.37 -35.22
CA LEU E 318 12.55 -73.57 -35.25
C LEU E 318 13.34 -74.70 -35.89
N THR E 319 13.33 -75.86 -35.24
CA THR E 319 13.93 -77.07 -35.77
C THR E 319 12.84 -78.10 -36.04
N TYR E 320 12.97 -78.83 -37.14
CA TYR E 320 11.93 -79.77 -37.55
C TYR E 320 12.58 -80.87 -38.40
N LYS E 321 11.72 -81.69 -39.01
CA LYS E 321 12.13 -82.68 -39.98
C LYS E 321 11.10 -82.70 -41.09
N THR E 322 11.54 -82.67 -42.34
CA THR E 322 10.64 -82.51 -43.47
C THR E 322 11.06 -83.43 -44.60
N ASP E 323 10.08 -83.84 -45.40
CA ASP E 323 10.34 -84.69 -46.55
C ASP E 323 10.65 -83.92 -47.83
N LYS E 324 10.02 -82.76 -48.01
CA LYS E 324 10.26 -81.94 -49.20
C LYS E 324 10.13 -80.48 -48.84
N ASN E 325 10.81 -79.64 -49.60
CA ASN E 325 10.87 -78.21 -49.31
C ASN E 325 9.75 -77.46 -50.05
N GLY E 326 9.27 -76.40 -49.41
CA GLY E 326 8.18 -75.62 -49.94
C GLY E 326 7.92 -74.36 -49.13
N ASP E 327 6.65 -74.06 -48.86
CA ASP E 327 6.28 -72.88 -48.09
C ASP E 327 5.34 -73.28 -46.96
N CYS E 328 5.37 -72.50 -45.89
CA CYS E 328 4.49 -72.71 -44.74
C CYS E 328 3.92 -71.37 -44.29
N SER E 329 2.91 -71.44 -43.44
CA SER E 329 2.19 -70.27 -42.96
C SER E 329 2.41 -70.14 -41.46
N VAL E 330 3.42 -69.36 -41.08
CA VAL E 330 3.73 -69.16 -39.68
C VAL E 330 2.67 -68.28 -39.03
N HIS E 331 2.54 -68.41 -37.70
CA HIS E 331 1.61 -67.59 -36.94
C HIS E 331 1.93 -67.73 -35.47
N SER E 332 1.61 -66.70 -34.71
CA SER E 332 1.70 -66.70 -33.25
C SER E 332 0.29 -66.63 -32.68
N HIS E 333 -0.06 -67.59 -31.84
CA HIS E 333 -1.44 -67.76 -31.39
C HIS E 333 -1.77 -66.94 -30.16
N SER E 334 -0.85 -66.09 -29.69
CA SER E 334 -1.14 -65.19 -28.59
C SER E 334 -0.64 -63.80 -28.96
N ASN E 335 -1.36 -62.77 -28.52
CA ASN E 335 -1.02 -61.40 -28.88
C ASN E 335 0.14 -60.85 -28.04
N VAL E 336 0.78 -61.68 -27.23
CA VAL E 336 1.96 -61.23 -26.49
C VAL E 336 3.08 -60.90 -27.46
N ALA E 337 3.31 -61.75 -28.45
CA ALA E 337 4.35 -61.56 -29.44
C ALA E 337 3.72 -61.46 -30.82
N THR E 338 4.11 -60.44 -31.57
CA THR E 338 3.62 -60.20 -32.92
C THR E 338 4.73 -60.54 -33.90
N LEU E 339 4.53 -61.58 -34.70
CA LEU E 339 5.54 -61.96 -35.68
C LEU E 339 5.66 -60.89 -36.76
N GLN E 340 6.68 -61.04 -37.60
CA GLN E 340 6.94 -60.09 -38.67
C GLN E 340 6.45 -60.58 -40.02
N GLU E 341 6.54 -61.87 -40.29
CA GLU E 341 6.19 -62.43 -41.58
C GLU E 341 5.01 -63.38 -41.46
N ALA E 342 4.43 -63.71 -42.61
CA ALA E 342 3.35 -64.68 -42.68
C ALA E 342 3.70 -65.89 -43.52
N THR E 343 4.91 -65.96 -44.06
CA THR E 343 5.36 -67.12 -44.81
C THR E 343 6.82 -67.41 -44.43
N ALA E 344 7.21 -68.66 -44.60
CA ALA E 344 8.58 -69.06 -44.32
C ALA E 344 8.92 -70.25 -45.20
N LYS E 345 10.15 -70.26 -45.72
CA LYS E 345 10.61 -71.34 -46.59
C LYS E 345 11.17 -72.47 -45.74
N VAL E 346 10.50 -73.61 -45.78
CA VAL E 346 10.99 -74.80 -45.09
C VAL E 346 11.88 -75.59 -46.03
N LYS E 347 12.92 -76.20 -45.48
CA LYS E 347 13.88 -76.95 -46.28
C LYS E 347 14.30 -78.20 -45.51
N THR E 348 14.97 -79.11 -46.23
CA THR E 348 15.41 -80.36 -45.63
C THR E 348 16.49 -80.18 -44.58
N ALA E 349 17.10 -78.99 -44.50
CA ALA E 349 18.13 -78.76 -43.49
C ALA E 349 17.56 -78.88 -42.09
N GLY E 350 16.36 -78.34 -41.88
CA GLY E 350 15.71 -78.43 -40.58
C GLY E 350 15.89 -77.23 -39.68
N LYS E 351 16.17 -76.05 -40.23
CA LYS E 351 16.32 -74.85 -39.42
C LYS E 351 15.71 -73.67 -40.15
N VAL E 352 14.94 -72.87 -39.41
CA VAL E 352 14.37 -71.62 -39.92
C VAL E 352 14.29 -70.64 -38.76
N THR E 353 14.38 -69.35 -39.08
CA THR E 353 14.40 -68.31 -38.06
C THR E 353 13.31 -67.28 -38.32
N LEU E 354 12.71 -66.79 -37.25
CA LEU E 354 11.63 -65.81 -37.32
C LEU E 354 11.89 -64.69 -36.32
N HIS E 355 11.33 -63.53 -36.60
CA HIS E 355 11.50 -62.34 -35.75
C HIS E 355 10.15 -61.94 -35.19
N PHE E 356 10.14 -61.56 -33.92
CA PHE E 356 8.90 -61.17 -33.24
C PHE E 356 9.15 -59.90 -32.45
N SER E 357 8.05 -59.29 -32.00
CA SER E 357 8.09 -58.10 -31.18
C SER E 357 7.19 -58.29 -29.97
N THR E 358 7.72 -58.03 -28.79
CA THR E 358 6.99 -58.23 -27.55
C THR E 358 7.20 -57.04 -26.62
N ALA E 359 6.37 -56.96 -25.60
CA ALA E 359 6.44 -55.86 -24.64
C ALA E 359 6.38 -56.35 -23.20
N SER E 360 6.67 -57.62 -22.96
CA SER E 360 6.61 -58.20 -21.62
C SER E 360 7.97 -58.76 -21.24
N ALA E 361 8.23 -58.80 -19.93
CA ALA E 361 9.51 -59.27 -19.45
C ALA E 361 9.74 -60.74 -19.80
N SER E 362 8.71 -61.56 -19.66
CA SER E 362 8.79 -62.99 -19.96
C SER E 362 7.57 -63.40 -20.77
N PRO E 363 7.72 -63.60 -22.08
CA PRO E 363 6.58 -64.02 -22.91
C PRO E 363 6.39 -65.52 -22.89
N SER E 364 5.19 -65.94 -23.30
CA SER E 364 4.88 -67.36 -23.43
C SER E 364 3.79 -67.49 -24.49
N PHE E 365 4.16 -67.99 -25.67
CA PHE E 365 3.23 -68.10 -26.78
C PHE E 365 3.56 -69.36 -27.58
N VAL E 366 2.57 -69.83 -28.33
CA VAL E 366 2.69 -71.02 -29.16
C VAL E 366 2.73 -70.61 -30.62
N VAL E 367 3.73 -71.11 -31.34
CA VAL E 367 3.95 -70.77 -32.75
C VAL E 367 3.75 -72.03 -33.58
N SER E 368 3.13 -71.88 -34.75
CA SER E 368 2.83 -73.00 -35.62
C SER E 368 3.45 -72.79 -36.98
N LEU E 369 4.11 -73.84 -37.48
CA LEU E 369 4.67 -73.87 -38.81
C LEU E 369 3.88 -74.88 -39.62
N CYS E 370 3.15 -74.40 -40.64
CA CYS E 370 2.17 -75.23 -41.35
C CYS E 370 1.22 -75.88 -40.36
N SER E 371 1.29 -77.20 -40.22
CA SER E 371 0.39 -77.94 -39.36
C SER E 371 1.01 -78.30 -38.01
N ALA E 372 2.26 -77.94 -37.76
CA ALA E 372 2.93 -78.33 -36.53
C ALA E 372 2.61 -77.34 -35.42
N ARG E 373 3.21 -77.56 -34.25
CA ARG E 373 3.03 -76.70 -33.09
C ARG E 373 4.32 -76.70 -32.28
N ALA E 374 4.49 -75.65 -31.48
CA ALA E 374 5.64 -75.54 -30.58
C ALA E 374 5.40 -74.38 -29.63
N THR E 375 5.83 -74.56 -28.39
CA THR E 375 5.66 -73.56 -27.34
C THR E 375 7.00 -72.90 -27.06
N CYS E 376 7.01 -71.57 -27.05
CA CYS E 376 8.23 -70.80 -26.85
C CYS E 376 8.12 -69.98 -25.57
N SER E 377 9.21 -69.97 -24.80
CA SER E 377 9.33 -69.12 -23.63
C SER E 377 10.72 -68.50 -23.63
N ALA E 378 10.83 -67.30 -23.07
CA ALA E 378 12.08 -66.56 -23.16
C ALA E 378 12.18 -65.55 -22.03
N SER E 379 13.40 -65.04 -21.82
CA SER E 379 13.68 -63.97 -20.88
C SER E 379 14.17 -62.77 -21.67
N CYS E 380 13.57 -61.61 -21.42
CA CYS E 380 13.78 -60.42 -22.25
C CYS E 380 14.34 -59.28 -21.42
N GLU E 381 15.31 -58.57 -21.99
CA GLU E 381 16.00 -57.44 -21.38
C GLU E 381 15.47 -56.12 -21.92
N PRO E 382 15.41 -55.09 -21.09
CA PRO E 382 14.84 -53.80 -21.54
C PRO E 382 15.74 -53.13 -22.55
N PRO E 383 15.22 -52.18 -23.32
CA PRO E 383 16.05 -51.44 -24.27
C PRO E 383 16.77 -50.28 -23.60
N LYS E 384 17.90 -49.90 -24.20
CA LYS E 384 18.75 -48.85 -23.68
C LYS E 384 18.34 -47.46 -24.15
N ASP E 385 17.76 -47.35 -25.34
CA ASP E 385 17.41 -46.05 -25.90
C ASP E 385 16.12 -45.53 -25.32
N HIS E 386 16.05 -44.21 -25.13
CA HIS E 386 14.95 -43.60 -24.39
C HIS E 386 13.75 -43.28 -25.27
N ILE E 387 13.97 -42.76 -26.47
CA ILE E 387 12.88 -42.27 -27.32
C ILE E 387 13.16 -42.67 -28.77
N VAL E 388 12.11 -43.11 -29.45
CA VAL E 388 12.22 -43.54 -30.85
C VAL E 388 11.17 -42.80 -31.66
N PRO E 389 11.41 -42.61 -32.96
CA PRO E 389 10.45 -41.87 -33.80
C PRO E 389 9.39 -42.72 -34.49
N TYR E 390 9.24 -44.00 -34.15
CA TYR E 390 8.22 -44.85 -34.75
C TYR E 390 7.32 -45.43 -33.69
N ALA E 391 6.08 -45.75 -34.08
CA ALA E 391 5.11 -46.28 -33.14
C ALA E 391 5.43 -47.73 -32.80
N ALA E 392 4.83 -48.20 -31.71
CA ALA E 392 5.08 -49.55 -31.23
C ALA E 392 4.46 -50.58 -32.17
N SER E 393 5.14 -51.72 -32.30
CA SER E 393 4.66 -52.81 -33.13
C SER E 393 4.18 -54.01 -32.31
N HIS E 394 3.95 -53.82 -31.02
CA HIS E 394 3.42 -54.87 -30.16
C HIS E 394 2.05 -54.46 -29.62
N SER E 395 1.36 -55.43 -29.03
CA SER E 395 0.01 -55.22 -28.53
C SER E 395 -0.02 -54.64 -27.14
N ASN E 396 1.15 -54.40 -26.53
CA ASN E 396 1.27 -53.73 -25.24
C ASN E 396 0.58 -54.54 -24.13
N VAL E 397 1.07 -55.75 -23.92
CA VAL E 397 0.69 -56.59 -22.79
C VAL E 397 1.93 -56.84 -21.95
N VAL E 398 1.82 -56.62 -20.64
CA VAL E 398 2.99 -56.57 -19.77
C VAL E 398 2.97 -57.62 -18.68
N PHE E 399 1.88 -58.32 -18.46
CA PHE E 399 1.83 -59.31 -17.39
C PHE E 399 2.71 -60.50 -17.75
N PRO E 400 3.67 -60.88 -16.92
CA PRO E 400 4.59 -61.96 -17.30
C PRO E 400 3.92 -63.32 -17.19
N ASP E 401 4.61 -64.32 -17.75
CA ASP E 401 4.11 -65.69 -17.69
C ASP E 401 4.17 -66.21 -16.27
N MET E 402 3.29 -67.19 -15.98
CA MET E 402 3.24 -67.79 -14.65
C MET E 402 4.49 -68.61 -14.34
N SER E 403 5.28 -68.96 -15.35
CA SER E 403 6.54 -69.67 -15.14
C SER E 403 7.75 -68.74 -15.17
N GLY E 404 7.53 -67.43 -15.22
CA GLY E 404 8.62 -66.48 -15.24
C GLY E 404 9.33 -66.42 -13.90
N THR E 405 10.38 -65.61 -13.86
CA THR E 405 11.22 -65.54 -12.67
C THR E 405 10.46 -64.95 -11.48
N ALA E 406 9.82 -63.79 -11.68
CA ALA E 406 9.11 -63.15 -10.57
C ALA E 406 7.98 -64.01 -10.05
N LEU E 407 7.19 -64.58 -10.97
CA LEU E 407 6.07 -65.41 -10.53
C LEU E 407 6.53 -66.74 -9.97
N SER E 408 7.68 -67.26 -10.42
CA SER E 408 8.24 -68.44 -9.76
C SER E 408 8.66 -68.12 -8.33
N TRP E 409 9.27 -66.96 -8.11
CA TRP E 409 9.61 -66.57 -6.74
C TRP E 409 8.37 -66.43 -5.87
N VAL E 410 7.32 -65.79 -6.42
CA VAL E 410 6.08 -65.65 -5.66
C VAL E 410 5.49 -67.02 -5.35
N GLN E 411 5.49 -67.93 -6.32
CA GLN E 411 4.98 -69.28 -6.10
C GLN E 411 5.75 -70.00 -5.01
N LYS E 412 7.09 -69.92 -5.05
CA LYS E 412 7.90 -70.61 -4.05
C LYS E 412 7.64 -70.06 -2.65
N ILE E 413 7.60 -68.74 -2.51
CA ILE E 413 7.37 -68.14 -1.20
C ILE E 413 5.98 -68.49 -0.68
N SER E 414 4.97 -68.39 -1.53
CA SER E 414 3.61 -68.72 -1.11
C SER E 414 3.48 -70.20 -0.77
N GLY E 415 4.19 -71.06 -1.50
CA GLY E 415 4.17 -72.48 -1.17
C GLY E 415 4.81 -72.78 0.17
N GLY E 416 5.93 -72.13 0.47
CA GLY E 416 6.53 -72.31 1.78
C GLY E 416 5.62 -71.86 2.90
N LEU E 417 5.00 -70.68 2.73
CA LEU E 417 4.08 -70.19 3.76
C LEU E 417 2.86 -71.09 3.90
N GLY E 418 2.33 -71.60 2.78
CA GLY E 418 1.22 -72.51 2.85
C GLY E 418 1.57 -73.83 3.52
N ALA E 419 2.78 -74.33 3.28
CA ALA E 419 3.24 -75.53 3.97
C ALA E 419 3.31 -75.29 5.47
N PHE E 420 3.82 -74.12 5.88
CA PHE E 420 3.86 -73.80 7.30
C PHE E 420 2.45 -73.75 7.89
N ALA E 421 1.52 -73.11 7.18
CA ALA E 421 0.14 -73.01 7.66
C ALA E 421 -0.51 -74.39 7.77
N ILE E 422 -0.30 -75.24 6.77
CA ILE E 422 -0.91 -76.57 6.80
C ILE E 422 -0.29 -77.40 7.92
N GLY E 423 1.00 -77.25 8.18
CA GLY E 423 1.60 -77.92 9.32
C GLY E 423 0.98 -77.48 10.63
N ALA E 424 0.77 -76.16 10.78
CA ALA E 424 0.13 -75.65 12.00
C ALA E 424 -1.27 -76.23 12.16
N ILE E 425 -2.05 -76.23 11.08
CA ILE E 425 -3.41 -76.75 11.14
C ILE E 425 -3.41 -78.22 11.50
N LEU E 426 -2.50 -79.00 10.90
CA LEU E 426 -2.43 -80.42 11.20
C LEU E 426 -2.06 -80.66 12.65
N VAL E 427 -1.11 -79.90 13.19
CA VAL E 427 -0.74 -80.08 14.59
C VAL E 427 -1.91 -79.76 15.51
N LEU E 428 -2.61 -78.65 15.23
CA LEU E 428 -3.75 -78.29 16.07
C LEU E 428 -4.85 -79.35 16.00
N VAL E 429 -5.14 -79.85 14.80
CA VAL E 429 -6.19 -80.85 14.64
C VAL E 429 -5.79 -82.15 15.33
N VAL E 430 -4.52 -82.54 15.23
CA VAL E 430 -4.07 -83.74 15.90
C VAL E 430 -4.21 -83.60 17.41
N VAL E 431 -3.85 -82.44 17.97
CA VAL E 431 -3.97 -82.23 19.40
C VAL E 431 -5.43 -82.31 19.83
N THR E 432 -6.32 -81.63 19.09
CA THR E 432 -7.73 -81.63 19.45
C THR E 432 -8.33 -83.04 19.34
N CYS E 433 -7.97 -83.78 18.30
CA CYS E 433 -8.51 -85.13 18.14
C CYS E 433 -7.94 -86.09 19.18
N ILE E 434 -6.69 -85.89 19.61
CA ILE E 434 -6.16 -86.69 20.70
C ILE E 434 -6.90 -86.39 22.00
N GLY E 435 -7.19 -85.10 22.24
CA GLY E 435 -7.98 -84.75 23.41
C GLY E 435 -9.39 -85.31 23.37
N LEU E 436 -9.98 -85.41 22.17
CA LEU E 436 -11.35 -85.90 22.05
C LEU E 436 -11.42 -87.42 22.09
N ARG E 437 -10.41 -88.11 21.55
CA ARG E 437 -10.41 -89.57 21.53
C ARG E 437 -10.47 -90.17 22.93
N ARG E 438 -10.01 -89.43 23.94
CA ARG E 438 -10.04 -89.91 25.32
C ARG E 438 -11.41 -89.69 25.93
N TYR F 1 70.03 -8.42 14.90
CA TYR F 1 69.01 -8.85 15.84
C TYR F 1 67.75 -9.31 15.12
N GLU F 2 67.56 -10.62 15.05
CA GLU F 2 66.40 -11.17 14.36
C GLU F 2 65.11 -10.84 15.11
N HIS F 3 64.02 -10.73 14.34
CA HIS F 3 62.71 -10.45 14.92
C HIS F 3 61.64 -11.01 14.00
N SER F 4 60.49 -11.32 14.57
CA SER F 4 59.37 -11.86 13.83
C SER F 4 58.08 -11.16 14.25
N THR F 5 57.16 -11.03 13.30
CA THR F 5 55.92 -10.31 13.53
C THR F 5 54.85 -10.85 12.60
N VAL F 6 53.59 -10.75 13.03
CA VAL F 6 52.44 -11.14 12.23
C VAL F 6 51.57 -9.90 12.05
N MET F 7 51.26 -9.56 10.79
CA MET F 7 50.49 -8.36 10.52
C MET F 7 49.27 -8.70 9.67
N PRO F 8 48.14 -8.02 9.88
CA PRO F 8 46.95 -8.30 9.09
C PRO F 8 47.14 -7.91 7.64
N ASN F 9 46.45 -8.62 6.76
CA ASN F 9 46.46 -8.33 5.33
C ASN F 9 45.26 -7.48 4.94
N VAL F 10 45.22 -6.27 5.50
CA VAL F 10 44.19 -5.29 5.20
C VAL F 10 44.86 -4.05 4.65
N VAL F 11 44.38 -3.58 3.50
CA VAL F 11 45.00 -2.44 2.82
C VAL F 11 44.65 -1.16 3.56
N GLY F 12 45.68 -0.38 3.90
CA GLY F 12 45.50 0.87 4.60
C GLY F 12 45.57 0.79 6.10
N PHE F 13 45.61 -0.40 6.68
CA PHE F 13 45.70 -0.53 8.13
C PHE F 13 47.06 -0.06 8.61
N PRO F 14 47.12 0.84 9.59
CA PRO F 14 48.42 1.37 10.08
C PRO F 14 49.06 0.51 11.16
N TYR F 15 49.55 -0.66 10.76
CA TYR F 15 50.13 -1.59 11.72
C TYR F 15 51.50 -1.12 12.17
N LYS F 16 51.73 -1.17 13.48
CA LYS F 16 52.96 -0.70 14.09
C LYS F 16 53.59 -1.83 14.90
N ALA F 17 54.89 -2.05 14.69
CA ALA F 17 55.61 -3.14 15.31
C ALA F 17 56.58 -2.61 16.36
N HIS F 18 56.66 -3.31 17.50
CA HIS F 18 57.49 -2.89 18.62
C HIS F 18 58.60 -3.90 18.85
N ILE F 19 59.81 -3.39 19.09
CA ILE F 19 60.99 -4.21 19.34
C ILE F 19 61.64 -3.72 20.61
N GLU F 20 61.91 -4.66 21.54
CA GLU F 20 62.49 -4.34 22.84
C GLU F 20 63.83 -5.04 22.97
N ARG F 21 64.89 -4.38 22.51
CA ARG F 21 66.23 -4.90 22.72
C ARG F 21 66.64 -4.68 24.17
N PRO F 22 67.10 -5.71 24.88
CA PRO F 22 67.40 -5.55 26.31
C PRO F 22 68.43 -4.47 26.61
N GLY F 23 69.44 -4.34 25.77
CA GLY F 23 70.50 -3.37 26.01
C GLY F 23 70.33 -2.02 25.36
N TYR F 24 69.21 -1.79 24.69
CA TYR F 24 68.99 -0.53 23.97
C TYR F 24 67.59 0.00 24.27
N SER F 25 67.28 1.15 23.70
CA SER F 25 65.95 1.73 23.82
C SER F 25 64.98 1.01 22.88
N PRO F 26 63.70 0.91 23.26
CA PRO F 26 62.73 0.27 22.38
C PRO F 26 62.56 1.06 21.09
N LEU F 27 62.30 0.33 20.00
CA LEU F 27 62.09 0.91 18.69
C LEU F 27 60.73 0.48 18.15
N THR F 28 60.02 1.41 17.54
CA THR F 28 58.70 1.16 16.97
C THR F 28 58.77 1.36 15.47
N LEU F 29 58.21 0.41 14.72
CA LEU F 29 58.17 0.46 13.27
C LEU F 29 56.75 0.77 12.82
N GLN F 30 56.63 1.16 11.55
CA GLN F 30 55.34 1.32 10.90
C GLN F 30 55.38 0.61 9.55
N MET F 31 54.46 -0.33 9.36
CA MET F 31 54.35 -1.08 8.11
C MET F 31 52.91 -1.02 7.65
N GLN F 32 52.71 -0.73 6.36
CA GLN F 32 51.38 -0.61 5.82
C GLN F 32 51.35 -1.23 4.43
N VAL F 33 50.29 -1.99 4.16
CA VAL F 33 50.13 -2.70 2.90
C VAL F 33 49.46 -1.75 1.91
N VAL F 34 50.23 -1.22 0.97
CA VAL F 34 49.68 -0.27 0.01
C VAL F 34 48.84 -1.00 -1.04
N GLU F 35 49.35 -2.11 -1.57
CA GLU F 35 48.69 -2.77 -2.69
C GLU F 35 49.01 -4.26 -2.64
N THR F 36 48.05 -5.09 -3.05
CA THR F 36 48.24 -6.52 -3.15
C THR F 36 47.70 -7.02 -4.48
N SER F 37 48.27 -8.12 -4.96
CA SER F 37 47.91 -8.66 -6.27
C SER F 37 48.00 -10.18 -6.23
N LEU F 38 46.87 -10.85 -6.41
CA LEU F 38 46.81 -12.31 -6.41
C LEU F 38 46.83 -12.79 -7.85
N GLU F 39 48.00 -13.24 -8.31
CA GLU F 39 48.17 -13.63 -9.70
C GLU F 39 48.16 -15.14 -9.82
N PRO F 40 47.19 -15.75 -10.50
CA PRO F 40 47.19 -17.20 -10.68
C PRO F 40 48.10 -17.61 -11.82
N THR F 41 48.11 -18.91 -12.11
CA THR F 41 48.81 -19.47 -13.25
C THR F 41 47.79 -20.06 -14.21
N LEU F 42 47.96 -19.76 -15.50
CA LEU F 42 46.93 -20.03 -16.50
C LEU F 42 47.47 -20.92 -17.61
N ASN F 43 46.64 -21.87 -18.04
CA ASN F 43 46.91 -22.69 -19.21
C ASN F 43 45.78 -22.46 -20.22
N LEU F 44 46.15 -22.26 -21.48
CA LEU F 44 45.17 -21.98 -22.51
C LEU F 44 44.55 -23.28 -23.04
N GLU F 45 43.22 -23.34 -23.03
CA GLU F 45 42.52 -24.52 -23.52
C GLU F 45 42.14 -24.37 -25.00
N TYR F 46 41.35 -23.35 -25.32
CA TYR F 46 40.98 -23.08 -26.71
C TYR F 46 40.44 -21.66 -26.81
N ILE F 47 40.01 -21.29 -28.03
CA ILE F 47 39.57 -19.94 -28.36
C ILE F 47 38.26 -20.03 -29.12
N THR F 48 37.32 -19.15 -28.80
CA THR F 48 36.00 -19.17 -29.40
C THR F 48 35.68 -17.81 -30.03
N CYS F 49 34.99 -17.84 -31.17
CA CYS F 49 34.57 -16.63 -31.85
C CYS F 49 33.46 -17.00 -32.84
N GLU F 50 32.86 -15.98 -33.45
CA GLU F 50 31.79 -16.21 -34.41
C GLU F 50 32.33 -16.91 -35.65
N TYR F 51 31.45 -17.65 -36.31
CA TYR F 51 31.80 -18.36 -37.53
C TYR F 51 31.29 -17.63 -38.75
N LYS F 52 31.80 -18.02 -39.91
CA LYS F 52 31.41 -17.44 -41.19
C LYS F 52 31.22 -18.58 -42.17
N THR F 53 29.99 -18.81 -42.60
CA THR F 53 29.69 -19.91 -43.51
C THR F 53 30.14 -19.53 -44.93
N VAL F 54 30.87 -20.45 -45.56
CA VAL F 54 31.37 -20.24 -46.92
C VAL F 54 30.54 -21.10 -47.87
N VAL F 55 29.82 -20.45 -48.78
CA VAL F 55 28.96 -21.13 -49.73
C VAL F 55 29.43 -20.78 -51.13
N PRO F 56 30.25 -21.64 -51.75
CA PRO F 56 30.74 -21.35 -53.10
C PRO F 56 29.61 -21.44 -54.12
N SER F 57 29.93 -20.98 -55.33
CA SER F 57 28.93 -20.93 -56.39
C SER F 57 28.56 -22.35 -56.83
N PRO F 58 27.27 -22.65 -56.98
CA PRO F 58 26.87 -24.00 -57.38
C PRO F 58 27.33 -24.33 -58.78
N TYR F 59 27.57 -25.61 -59.02
CA TYR F 59 28.09 -26.11 -60.30
C TYR F 59 26.98 -26.89 -60.99
N VAL F 60 26.24 -26.22 -61.87
CA VAL F 60 25.17 -26.86 -62.63
C VAL F 60 25.79 -27.57 -63.82
N LYS F 61 25.53 -28.87 -63.95
CA LYS F 61 26.09 -29.70 -65.01
C LYS F 61 25.02 -29.95 -66.05
N CYS F 62 25.14 -29.27 -67.20
CA CYS F 62 24.19 -29.47 -68.29
C CYS F 62 24.49 -30.78 -69.01
N CYS F 63 23.46 -31.60 -69.18
CA CYS F 63 23.52 -32.82 -69.98
C CYS F 63 24.59 -33.78 -69.46
N GLY F 64 24.36 -34.25 -68.25
CA GLY F 64 25.27 -35.20 -67.64
C GLY F 64 24.93 -35.43 -66.18
N ALA F 65 25.96 -35.78 -65.41
CA ALA F 65 25.82 -36.03 -63.98
C ALA F 65 27.15 -35.76 -63.30
N SER F 66 27.08 -35.20 -62.10
CA SER F 66 28.26 -34.85 -61.31
C SER F 66 28.29 -35.69 -60.04
N GLU F 67 29.49 -36.04 -59.59
CA GLU F 67 29.68 -36.93 -58.46
C GLU F 67 30.16 -36.14 -57.25
N CYS F 68 29.58 -36.46 -56.09
CA CYS F 68 29.98 -35.83 -54.84
C CYS F 68 31.41 -36.23 -54.46
N SER F 69 32.07 -35.36 -53.72
CA SER F 69 33.42 -35.61 -53.24
C SER F 69 33.53 -35.21 -51.77
N THR F 70 34.47 -35.84 -51.08
CA THR F 70 34.71 -35.56 -49.67
C THR F 70 35.99 -34.74 -49.51
N LYS F 71 35.97 -33.81 -48.55
CA LYS F 71 37.10 -32.93 -48.30
C LYS F 71 37.30 -32.78 -46.81
N GLU F 72 38.49 -32.32 -46.43
CA GLU F 72 38.84 -32.12 -45.03
C GLU F 72 38.68 -30.65 -44.64
N LYS F 73 37.42 -30.25 -44.48
CA LYS F 73 37.05 -28.91 -44.07
C LYS F 73 36.10 -29.00 -42.89
N PRO F 74 36.18 -28.05 -41.96
CA PRO F 74 35.34 -28.12 -40.75
C PRO F 74 33.87 -28.05 -41.09
N ASP F 75 33.13 -29.07 -40.66
CA ASP F 75 31.68 -29.17 -40.89
C ASP F 75 31.35 -29.08 -42.38
N TYR F 76 32.16 -29.74 -43.19
CA TYR F 76 31.96 -29.73 -44.63
C TYR F 76 30.70 -30.50 -45.02
N GLN F 77 30.03 -30.02 -46.06
CA GLN F 77 28.85 -30.68 -46.60
C GLN F 77 28.91 -30.64 -48.12
N CYS F 78 28.29 -31.62 -48.75
CA CYS F 78 28.25 -31.68 -50.21
C CYS F 78 27.18 -32.68 -50.64
N LYS F 79 26.26 -32.24 -51.48
CA LYS F 79 25.20 -33.09 -52.00
C LYS F 79 24.93 -32.75 -53.45
N VAL F 80 24.48 -33.74 -54.21
CA VAL F 80 24.20 -33.60 -55.63
C VAL F 80 22.72 -33.84 -55.85
N TYR F 81 22.06 -32.89 -56.51
CA TYR F 81 20.64 -32.96 -56.79
C TYR F 81 20.41 -33.18 -58.28
N THR F 82 19.45 -34.05 -58.60
CA THR F 82 19.15 -34.42 -59.97
C THR F 82 17.77 -33.93 -60.36
N GLY F 83 17.67 -33.34 -61.55
CA GLY F 83 16.41 -32.86 -62.07
C GLY F 83 16.21 -31.36 -61.99
N VAL F 84 17.25 -30.56 -62.15
CA VAL F 84 17.15 -29.12 -62.05
C VAL F 84 16.98 -28.51 -63.44
N TYR F 85 16.20 -27.45 -63.51
CA TYR F 85 15.99 -26.68 -64.74
C TYR F 85 16.24 -25.21 -64.42
N PRO F 86 17.49 -24.81 -64.26
CA PRO F 86 17.79 -23.44 -63.83
C PRO F 86 17.40 -22.41 -64.87
N PHE F 87 17.03 -21.22 -64.38
CA PHE F 87 16.71 -20.08 -65.22
C PHE F 87 17.70 -18.96 -64.96
N MET F 88 17.80 -18.05 -65.93
CA MET F 88 18.57 -16.83 -65.78
C MET F 88 17.74 -15.66 -66.31
N TRP F 89 18.33 -14.46 -66.27
CA TRP F 89 17.63 -13.27 -66.72
C TRP F 89 17.29 -13.35 -68.20
N GLY F 90 18.22 -13.83 -69.02
CA GLY F 90 18.07 -13.88 -70.45
C GLY F 90 17.49 -15.17 -71.00
N GLY F 91 16.99 -16.05 -70.15
CA GLY F 91 16.44 -17.31 -70.61
C GLY F 91 16.82 -18.47 -69.72
N ALA F 92 16.85 -19.68 -70.27
CA ALA F 92 17.18 -20.88 -69.52
C ALA F 92 18.19 -21.69 -70.31
N TYR F 93 19.36 -21.92 -69.73
CA TYR F 93 20.36 -22.79 -70.35
C TYR F 93 20.12 -24.22 -69.85
N CYS F 94 21.09 -25.11 -70.10
CA CYS F 94 20.90 -26.55 -69.88
C CYS F 94 19.73 -27.06 -70.71
N PHE F 95 19.93 -27.02 -72.03
CA PHE F 95 18.86 -27.38 -72.96
C PHE F 95 18.30 -28.77 -72.71
N CYS F 96 19.11 -29.67 -72.15
CA CYS F 96 18.59 -30.98 -71.73
C CYS F 96 17.47 -30.79 -70.72
N ASP F 97 16.33 -31.44 -70.97
CA ASP F 97 15.12 -31.09 -70.23
C ASP F 97 15.19 -31.56 -68.78
N SER F 98 15.68 -32.78 -68.53
CA SER F 98 15.63 -33.33 -67.19
C SER F 98 16.93 -33.94 -66.69
N GLU F 99 17.95 -34.07 -67.53
CA GLU F 99 19.23 -34.64 -67.09
C GLU F 99 20.25 -33.54 -66.83
N ASN F 100 19.99 -32.81 -65.74
CA ASN F 100 20.87 -31.77 -65.23
C ASN F 100 21.05 -31.96 -63.73
N THR F 101 22.25 -31.68 -63.25
CA THR F 101 22.60 -31.86 -61.84
C THR F 101 23.27 -30.61 -61.29
N GLN F 102 22.96 -30.30 -60.04
CA GLN F 102 23.55 -29.18 -59.32
C GLN F 102 24.31 -29.71 -58.11
N LEU F 103 25.57 -29.32 -57.99
CA LEU F 103 26.42 -29.77 -56.90
C LEU F 103 26.51 -28.67 -55.85
N SER F 104 25.81 -28.84 -54.74
CA SER F 104 25.86 -27.89 -53.64
C SER F 104 27.09 -28.16 -52.78
N GLU F 105 27.60 -27.09 -52.17
CA GLU F 105 28.79 -27.20 -51.33
C GLU F 105 28.77 -26.09 -50.29
N ALA F 106 29.18 -26.41 -49.08
CA ALA F 106 29.23 -25.43 -48.01
C ALA F 106 30.11 -25.97 -46.89
N TYR F 107 30.63 -25.07 -46.08
CA TYR F 107 31.40 -25.43 -44.89
C TYR F 107 31.49 -24.19 -44.01
N VAL F 108 32.27 -24.29 -42.94
CA VAL F 108 32.40 -23.23 -41.95
C VAL F 108 33.87 -22.85 -41.83
N ASP F 109 34.11 -21.57 -41.53
CA ASP F 109 35.47 -21.10 -41.33
C ASP F 109 35.47 -20.00 -40.29
N ARG F 110 36.63 -19.80 -39.68
CA ARG F 110 36.79 -18.80 -38.64
C ARG F 110 36.62 -17.41 -39.22
N SER F 111 35.93 -16.53 -38.48
CA SER F 111 35.58 -15.23 -38.99
C SER F 111 36.82 -14.34 -39.13
N ASP F 112 36.64 -13.22 -39.83
CA ASP F 112 37.74 -12.31 -40.11
C ASP F 112 38.11 -11.44 -38.91
N VAL F 113 37.22 -11.31 -37.93
CA VAL F 113 37.45 -10.46 -36.77
C VAL F 113 37.83 -11.29 -35.54
N CYS F 114 38.03 -12.60 -35.71
CA CYS F 114 38.30 -13.48 -34.57
C CYS F 114 39.57 -13.07 -33.84
N ARG F 115 40.52 -12.47 -34.54
CA ARG F 115 41.76 -12.04 -33.89
C ARG F 115 41.57 -10.80 -33.04
N HIS F 116 40.50 -10.04 -33.25
CA HIS F 116 40.24 -8.84 -32.47
C HIS F 116 39.13 -9.03 -31.44
N ASP F 117 38.27 -10.04 -31.61
CA ASP F 117 37.11 -10.23 -30.74
C ASP F 117 36.92 -11.73 -30.52
N HIS F 118 37.50 -12.24 -29.43
CA HIS F 118 37.36 -13.65 -29.07
C HIS F 118 37.31 -13.78 -27.56
N ALA F 119 36.80 -14.91 -27.10
CA ALA F 119 36.76 -15.24 -25.68
C ALA F 119 37.63 -16.47 -25.44
N SER F 120 38.55 -16.35 -24.48
CA SER F 120 39.50 -17.41 -24.21
C SER F 120 38.97 -18.35 -23.13
N ALA F 121 39.52 -19.56 -23.10
CA ALA F 121 39.16 -20.56 -22.09
C ALA F 121 40.44 -21.00 -21.39
N TYR F 122 40.47 -20.85 -20.07
CA TYR F 122 41.69 -21.05 -19.29
C TYR F 122 41.44 -22.05 -18.16
N LYS F 123 42.54 -22.60 -17.65
CA LYS F 123 42.54 -23.36 -16.40
C LYS F 123 43.46 -22.67 -15.42
N ALA F 124 42.95 -22.36 -14.23
CA ALA F 124 43.65 -21.54 -13.25
C ALA F 124 43.98 -22.36 -12.02
N HIS F 125 45.24 -22.29 -11.58
CA HIS F 125 45.67 -23.03 -10.40
C HIS F 125 46.92 -22.38 -9.83
N THR F 126 47.15 -22.61 -8.53
CA THR F 126 48.37 -22.22 -7.82
C THR F 126 48.61 -20.71 -7.93
N ALA F 127 47.70 -19.97 -7.33
CA ALA F 127 47.82 -18.51 -7.31
C ALA F 127 49.07 -18.09 -6.54
N SER F 128 49.69 -17.01 -7.01
CA SER F 128 50.87 -16.44 -6.38
C SER F 128 50.56 -15.00 -5.95
N LEU F 129 50.89 -14.67 -4.72
CA LEU F 129 50.58 -13.36 -4.16
C LEU F 129 51.77 -12.43 -4.31
N LYS F 130 51.45 -11.14 -4.51
CA LYS F 130 52.47 -10.10 -4.65
C LYS F 130 51.93 -8.84 -4.01
N ALA F 131 52.76 -8.17 -3.21
CA ALA F 131 52.31 -7.03 -2.44
C ALA F 131 53.35 -5.93 -2.46
N LYS F 132 52.89 -4.70 -2.25
CA LYS F 132 53.75 -3.52 -2.16
C LYS F 132 53.45 -2.82 -0.85
N VAL F 133 54.47 -2.65 0.00
CA VAL F 133 54.28 -2.15 1.34
C VAL F 133 55.16 -0.92 1.56
N ARG F 134 54.73 -0.07 2.47
CA ARG F 134 55.45 1.14 2.85
C ARG F 134 55.97 0.98 4.28
N VAL F 135 57.28 1.07 4.45
CA VAL F 135 57.93 0.88 5.74
C VAL F 135 58.57 2.20 6.14
N MET F 136 58.19 2.73 7.30
CA MET F 136 58.76 3.97 7.79
C MET F 136 59.12 3.84 9.27
N TYR F 137 60.27 4.40 9.62
CA TYR F 137 60.76 4.44 10.99
C TYR F 137 61.96 5.38 11.05
N GLY F 138 62.09 6.07 12.18
CA GLY F 138 63.16 7.04 12.32
C GLY F 138 63.08 8.11 11.26
N ASN F 139 64.01 8.08 10.31
CA ASN F 139 64.00 8.98 9.17
C ASN F 139 64.09 8.20 7.85
N VAL F 140 63.54 7.00 7.82
CA VAL F 140 63.62 6.12 6.67
C VAL F 140 62.21 5.94 6.12
N ASN F 141 61.88 6.70 5.07
CA ASN F 141 60.62 6.55 4.37
C ASN F 141 60.86 5.84 3.04
N GLN F 142 60.14 4.74 2.82
CA GLN F 142 60.35 3.96 1.61
C GLN F 142 59.14 3.09 1.34
N THR F 143 58.94 2.78 0.06
CA THR F 143 57.90 1.87 -0.39
C THR F 143 58.51 0.90 -1.38
N VAL F 144 58.36 -0.40 -1.12
CA VAL F 144 58.97 -1.43 -1.94
C VAL F 144 57.92 -2.48 -2.29
N ASP F 145 58.19 -3.22 -3.37
CA ASP F 145 57.35 -4.34 -3.77
C ASP F 145 58.08 -5.65 -3.51
N VAL F 146 57.32 -6.62 -2.98
CA VAL F 146 57.87 -7.92 -2.60
C VAL F 146 56.93 -9.02 -3.06
N TYR F 147 57.49 -10.23 -3.16
CA TYR F 147 56.69 -11.43 -3.33
C TYR F 147 56.38 -12.01 -1.95
N VAL F 148 55.12 -12.34 -1.72
CA VAL F 148 54.72 -12.84 -0.41
C VAL F 148 54.97 -14.34 -0.35
N ASN F 149 56.21 -14.70 -0.02
CA ASN F 149 56.60 -16.07 0.25
C ASN F 149 57.91 -16.02 1.04
N GLY F 150 58.07 -16.93 1.99
CA GLY F 150 59.15 -16.80 2.94
C GLY F 150 60.53 -17.12 2.39
N ASP F 151 60.85 -16.60 1.20
CA ASP F 151 62.19 -16.79 0.66
C ASP F 151 62.72 -15.56 -0.07
N HIS F 152 61.99 -14.45 -0.10
CA HIS F 152 62.41 -13.25 -0.81
C HIS F 152 62.94 -12.23 0.19
N ALA F 153 64.16 -11.76 -0.02
CA ALA F 153 64.81 -10.80 0.86
C ALA F 153 64.91 -9.46 0.17
N VAL F 154 64.43 -8.42 0.83
CA VAL F 154 64.48 -7.05 0.32
C VAL F 154 65.13 -6.17 1.38
N THR F 155 65.92 -5.21 0.94
CA THR F 155 66.68 -4.35 1.85
C THR F 155 66.08 -2.95 1.91
N ILE F 156 65.95 -2.44 3.14
CA ILE F 156 65.47 -1.09 3.38
C ILE F 156 66.37 -0.44 4.43
N GLY F 157 67.36 0.33 3.97
CA GLY F 157 68.27 0.99 4.89
C GLY F 157 69.06 0.04 5.76
N GLY F 158 69.60 -1.03 5.17
CA GLY F 158 70.37 -2.00 5.92
C GLY F 158 69.55 -3.05 6.64
N THR F 159 68.24 -3.11 6.42
CA THR F 159 67.36 -4.05 7.07
C THR F 159 66.90 -5.10 6.07
N GLN F 160 66.98 -6.38 6.47
CA GLN F 160 66.53 -7.48 5.64
C GLN F 160 65.10 -7.85 6.03
N PHE F 161 64.21 -7.86 5.05
CA PHE F 161 62.80 -8.19 5.25
C PHE F 161 62.48 -9.47 4.50
N ILE F 162 61.78 -10.38 5.16
CA ILE F 162 61.32 -11.63 4.56
C ILE F 162 59.86 -11.80 4.92
N PHE F 163 58.98 -11.63 3.94
CA PHE F 163 57.54 -11.72 4.15
C PHE F 163 57.10 -13.16 3.93
N GLY F 164 56.65 -13.81 4.99
CA GLY F 164 56.33 -15.22 4.96
C GLY F 164 55.07 -15.52 4.17
N PRO F 165 54.79 -16.80 3.97
CA PRO F 165 53.61 -17.19 3.18
C PRO F 165 52.32 -16.78 3.87
N LEU F 166 51.29 -16.55 3.07
CA LEU F 166 50.01 -16.10 3.60
C LEU F 166 49.39 -17.16 4.50
N SER F 167 48.53 -16.70 5.40
CA SER F 167 47.87 -17.62 6.34
C SER F 167 46.91 -18.56 5.62
N SER F 168 46.06 -18.02 4.75
CA SER F 168 45.05 -18.81 4.08
C SER F 168 45.35 -18.93 2.59
N ALA F 169 44.98 -20.07 2.02
CA ALA F 169 45.19 -20.36 0.61
C ALA F 169 43.90 -20.21 -0.20
N TRP F 170 43.07 -19.22 0.15
CA TRP F 170 41.81 -18.98 -0.53
C TRP F 170 42.04 -18.15 -1.78
N THR F 171 41.47 -18.59 -2.90
CA THR F 171 41.55 -17.87 -4.16
C THR F 171 40.16 -17.75 -4.75
N PRO F 172 39.86 -16.63 -5.42
CA PRO F 172 38.51 -16.44 -5.98
C PRO F 172 38.28 -17.16 -7.30
N PHE F 173 39.33 -17.50 -8.03
CA PHE F 173 39.17 -18.14 -9.33
C PHE F 173 38.95 -19.64 -9.16
N ASP F 174 37.92 -20.16 -9.82
CA ASP F 174 37.68 -21.59 -9.83
C ASP F 174 38.72 -22.27 -10.72
N ASN F 175 38.56 -23.58 -10.93
CA ASN F 175 39.51 -24.30 -11.76
C ASN F 175 39.40 -23.91 -13.23
N LYS F 176 38.19 -23.59 -13.69
CA LYS F 176 37.94 -23.28 -15.10
C LYS F 176 37.55 -21.81 -15.22
N ILE F 177 38.30 -21.07 -16.03
CA ILE F 177 38.16 -19.62 -16.16
C ILE F 177 37.92 -19.28 -17.62
N VAL F 178 36.95 -18.43 -17.89
CA VAL F 178 36.70 -17.89 -19.22
C VAL F 178 36.94 -16.38 -19.18
N VAL F 179 37.85 -15.91 -20.02
CA VAL F 179 38.28 -14.51 -20.03
C VAL F 179 37.78 -13.86 -21.32
N TYR F 180 37.14 -12.70 -21.18
CA TYR F 180 36.63 -11.97 -22.33
C TYR F 180 36.86 -10.48 -22.10
N LYS F 181 37.81 -9.91 -22.85
CA LYS F 181 38.18 -8.50 -22.72
C LYS F 181 38.70 -8.18 -21.33
N ASP F 182 37.83 -7.67 -20.47
CA ASP F 182 38.20 -7.30 -19.11
C ASP F 182 37.22 -7.87 -18.11
N GLU F 183 36.73 -9.08 -18.37
CA GLU F 183 35.80 -9.75 -17.48
C GLU F 183 36.21 -11.21 -17.34
N VAL F 184 36.10 -11.73 -16.12
CA VAL F 184 36.47 -13.10 -15.80
C VAL F 184 35.23 -13.84 -15.34
N PHE F 185 34.99 -15.02 -15.91
CA PHE F 185 33.80 -15.80 -15.62
C PHE F 185 34.18 -17.13 -15.03
N ASN F 186 33.42 -17.56 -14.02
CA ASN F 186 33.59 -18.89 -13.43
C ASN F 186 32.64 -19.83 -14.19
N GLN F 187 33.13 -20.38 -15.29
CA GLN F 187 32.30 -21.13 -16.21
C GLN F 187 32.91 -22.51 -16.46
N ASP F 188 32.04 -23.50 -16.66
CA ASP F 188 32.46 -24.87 -16.94
C ASP F 188 32.32 -25.10 -18.45
N PHE F 189 33.38 -24.77 -19.18
CA PHE F 189 33.31 -24.86 -20.63
C PHE F 189 33.48 -26.29 -21.11
N PRO F 190 32.91 -26.62 -22.28
CA PRO F 190 33.00 -28.00 -22.77
C PRO F 190 34.42 -28.33 -23.20
N PRO F 191 34.80 -29.61 -23.17
CA PRO F 191 36.16 -29.98 -23.57
C PRO F 191 36.40 -29.72 -25.06
N TYR F 192 37.66 -29.45 -25.38
CA TYR F 192 38.00 -29.18 -26.78
C TYR F 192 37.74 -30.40 -27.64
N GLY F 193 36.76 -30.29 -28.52
CA GLY F 193 36.35 -31.40 -29.36
C GLY F 193 34.98 -31.95 -29.06
N SER F 194 34.25 -31.37 -28.11
CA SER F 194 32.91 -31.81 -27.77
C SER F 194 31.98 -30.62 -27.59
N GLY F 195 32.07 -29.64 -28.49
CA GLY F 195 31.16 -28.52 -28.46
C GLY F 195 29.81 -28.89 -29.03
N GLN F 196 28.78 -28.19 -28.56
CA GLN F 196 27.45 -28.46 -29.05
C GLN F 196 26.90 -27.25 -29.81
N PRO F 197 26.13 -27.48 -30.88
CA PRO F 197 25.61 -26.36 -31.66
C PRO F 197 24.67 -25.49 -30.85
N GLY F 198 24.74 -24.18 -31.10
CA GLY F 198 23.85 -23.23 -30.47
C GLY F 198 24.27 -22.74 -29.12
N ARG F 199 25.35 -23.27 -28.55
CA ARG F 199 25.79 -22.83 -27.23
C ARG F 199 27.25 -22.38 -27.29
N PHE F 200 27.84 -22.06 -26.13
CA PHE F 200 29.21 -21.58 -26.10
C PHE F 200 30.16 -22.64 -26.66
N GLY F 201 31.15 -22.18 -27.42
CA GLY F 201 32.15 -23.07 -27.95
C GLY F 201 31.65 -24.08 -28.97
N ASP F 202 30.75 -23.67 -29.87
CA ASP F 202 30.35 -24.55 -30.94
C ASP F 202 31.47 -24.72 -31.97
N ILE F 203 32.32 -23.71 -32.12
CA ILE F 203 33.56 -23.82 -32.86
C ILE F 203 34.71 -23.49 -31.93
N GLN F 204 35.80 -24.23 -32.05
CA GLN F 204 36.92 -24.08 -31.13
C GLN F 204 38.22 -24.17 -31.91
N SER F 205 39.23 -23.43 -31.44
CA SER F 205 40.56 -23.46 -32.02
C SER F 205 41.58 -23.49 -30.90
N ARG F 206 42.70 -24.18 -31.14
CA ARG F 206 43.72 -24.31 -30.09
C ARG F 206 44.31 -22.96 -29.73
N THR F 207 44.56 -22.11 -30.73
CA THR F 207 45.04 -20.76 -30.49
C THR F 207 44.59 -19.87 -31.64
N VAL F 208 44.90 -18.58 -31.54
CA VAL F 208 44.40 -17.62 -32.52
C VAL F 208 44.95 -17.92 -33.91
N GLU F 209 46.23 -18.23 -34.01
CA GLU F 209 46.86 -18.50 -35.29
C GLU F 209 46.89 -19.98 -35.66
N SER F 210 46.21 -20.83 -34.87
CA SER F 210 46.24 -22.26 -35.14
C SER F 210 45.53 -22.58 -36.45
N ASN F 211 46.10 -23.54 -37.19
CA ASN F 211 45.53 -23.92 -38.48
C ASN F 211 44.30 -24.81 -38.30
N ASP F 212 44.30 -25.68 -37.29
CA ASP F 212 43.20 -26.60 -37.09
C ASP F 212 41.97 -25.87 -36.55
N LEU F 213 40.81 -26.48 -36.79
CA LEU F 213 39.54 -25.90 -36.35
C LEU F 213 38.53 -27.02 -36.21
N TYR F 214 37.78 -27.00 -35.11
CA TYR F 214 36.68 -27.93 -34.89
C TYR F 214 35.38 -27.13 -34.91
N ALA F 215 34.45 -27.53 -35.77
CA ALA F 215 33.18 -26.84 -35.91
C ALA F 215 32.05 -27.86 -35.92
N ASN F 216 31.01 -27.58 -35.12
CA ASN F 216 29.82 -28.43 -35.07
C ASN F 216 28.63 -27.49 -34.90
N THR F 217 28.03 -27.08 -36.02
CA THR F 217 26.96 -26.10 -36.03
C THR F 217 25.69 -26.62 -36.68
N ALA F 218 25.63 -27.90 -37.03
CA ALA F 218 24.46 -28.52 -37.65
C ALA F 218 24.09 -27.82 -38.97
N LEU F 219 25.03 -27.88 -39.90
CA LEU F 219 24.85 -27.29 -41.23
C LEU F 219 24.28 -28.35 -42.16
N LYS F 220 23.07 -28.10 -42.66
CA LYS F 220 22.36 -29.07 -43.49
C LYS F 220 21.87 -28.38 -44.76
N LEU F 221 22.12 -29.00 -45.91
CA LEU F 221 21.72 -28.46 -47.19
C LEU F 221 20.30 -28.92 -47.56
N ALA F 222 19.65 -28.15 -48.41
CA ALA F 222 18.29 -28.43 -48.84
C ALA F 222 18.21 -28.41 -50.36
N ARG F 223 17.16 -29.02 -50.89
CA ARG F 223 17.00 -29.11 -52.33
C ARG F 223 16.61 -27.75 -52.90
N PRO F 224 17.30 -27.27 -53.93
CA PRO F 224 16.95 -25.96 -54.50
C PRO F 224 15.57 -25.98 -55.13
N SER F 225 14.91 -24.83 -55.07
CA SER F 225 13.58 -24.70 -55.64
C SER F 225 13.65 -24.81 -57.17
N PRO F 226 12.58 -25.27 -57.80
CA PRO F 226 12.59 -25.37 -59.27
C PRO F 226 12.76 -24.01 -59.92
N GLY F 227 13.56 -23.97 -60.98
CA GLY F 227 13.81 -22.74 -61.71
C GLY F 227 14.56 -21.68 -60.94
N MET F 228 15.54 -22.07 -60.14
CA MET F 228 16.34 -21.12 -59.39
C MET F 228 17.74 -21.70 -59.19
N VAL F 229 18.69 -20.79 -58.92
CA VAL F 229 20.07 -21.17 -58.62
C VAL F 229 20.45 -20.46 -57.34
N HIS F 230 20.17 -21.09 -56.19
CA HIS F 230 20.43 -20.39 -54.93
C HIS F 230 21.03 -21.24 -53.82
N VAL F 231 21.25 -22.53 -54.01
CA VAL F 231 21.92 -23.44 -53.06
C VAL F 231 21.47 -23.17 -51.63
N PRO F 232 20.25 -23.57 -51.25
CA PRO F 232 19.76 -23.27 -49.90
C PRO F 232 20.51 -24.08 -48.85
N TYR F 233 20.34 -23.64 -47.60
CA TYR F 233 20.86 -24.38 -46.46
C TYR F 233 20.17 -23.89 -45.20
N THR F 234 20.42 -24.59 -44.10
CA THR F 234 19.95 -24.18 -42.79
C THR F 234 21.05 -24.47 -41.78
N GLN F 235 21.10 -23.67 -40.72
CA GLN F 235 22.20 -23.75 -39.78
C GLN F 235 21.77 -23.14 -38.45
N THR F 236 22.15 -23.79 -37.36
CA THR F 236 21.87 -23.26 -36.04
C THR F 236 22.69 -22.00 -35.80
N PRO F 237 22.08 -20.94 -35.25
CA PRO F 237 22.80 -19.67 -35.12
C PRO F 237 24.06 -19.79 -34.28
N SER F 238 24.83 -18.71 -34.28
CA SER F 238 26.14 -18.70 -33.63
C SER F 238 25.99 -18.89 -32.12
N GLY F 239 26.91 -19.67 -31.55
CA GLY F 239 26.90 -19.86 -30.12
C GLY F 239 27.60 -18.76 -29.35
N PHE F 240 28.58 -18.11 -29.97
CA PHE F 240 29.29 -17.02 -29.31
C PHE F 240 28.35 -15.83 -29.07
N LYS F 241 27.54 -15.48 -30.06
CA LYS F 241 26.62 -14.36 -29.90
C LYS F 241 25.57 -14.65 -28.82
N TYR F 242 25.03 -15.87 -28.82
CA TYR F 242 24.04 -16.20 -27.80
C TYR F 242 24.67 -16.32 -26.42
N TRP F 243 25.94 -16.73 -26.34
CA TRP F 243 26.63 -16.65 -25.06
C TRP F 243 26.75 -15.20 -24.60
N LEU F 244 27.16 -14.31 -25.50
CA LEU F 244 27.23 -12.90 -25.16
C LEU F 244 25.90 -12.39 -24.66
N LYS F 245 24.81 -12.91 -25.22
CA LYS F 245 23.48 -12.47 -24.78
C LYS F 245 23.10 -13.04 -23.41
N GLU F 246 23.40 -14.31 -23.16
CA GLU F 246 22.88 -15.00 -21.98
C GLU F 246 23.99 -15.54 -21.08
N LYS F 247 25.18 -14.91 -21.10
CA LYS F 247 26.27 -15.42 -20.27
C LYS F 247 25.93 -15.34 -18.79
N GLY F 248 25.36 -14.21 -18.36
CA GLY F 248 24.90 -14.07 -17.00
C GLY F 248 26.01 -13.85 -15.99
N THR F 249 25.79 -12.94 -15.06
CA THR F 249 26.72 -12.65 -13.97
C THR F 249 28.13 -12.33 -14.45
N ALA F 250 29.06 -12.32 -13.52
CA ALA F 250 30.48 -12.05 -13.80
C ALA F 250 31.24 -12.40 -12.53
N LEU F 251 32.53 -12.11 -12.51
CA LEU F 251 33.30 -12.18 -11.27
C LEU F 251 33.66 -10.81 -10.73
N ASN F 252 33.66 -9.77 -11.57
CA ASN F 252 33.96 -8.42 -11.11
C ASN F 252 32.91 -7.96 -10.11
N THR F 253 31.64 -8.32 -10.33
CA THR F 253 30.55 -7.92 -9.46
C THR F 253 30.09 -9.06 -8.55
N LYS F 254 30.93 -10.08 -8.37
CA LYS F 254 30.54 -11.22 -7.55
C LYS F 254 31.63 -11.71 -6.62
N ALA F 255 32.88 -11.28 -6.77
CA ALA F 255 33.97 -11.83 -6.00
C ALA F 255 33.80 -11.53 -4.51
N PRO F 256 34.18 -12.45 -3.64
CA PRO F 256 34.10 -12.20 -2.20
C PRO F 256 35.29 -11.39 -1.71
N PHE F 257 35.16 -10.92 -0.46
CA PHE F 257 36.19 -10.17 0.23
C PHE F 257 36.52 -8.85 -0.45
N GLY F 258 35.62 -8.37 -1.31
CA GLY F 258 35.71 -7.02 -1.85
C GLY F 258 36.98 -6.71 -2.62
N CYS F 259 37.37 -7.58 -3.53
CA CYS F 259 38.58 -7.39 -4.32
C CYS F 259 38.25 -7.34 -5.81
N GLN F 260 38.83 -6.35 -6.49
CA GLN F 260 38.50 -6.06 -7.87
C GLN F 260 39.26 -7.01 -8.80
N ILE F 261 38.54 -7.67 -9.69
CA ILE F 261 39.16 -8.51 -10.69
C ILE F 261 39.64 -7.63 -11.83
N LYS F 262 40.85 -7.90 -12.32
CA LYS F 262 41.40 -7.17 -13.45
C LYS F 262 42.03 -8.17 -14.41
N THR F 263 42.07 -7.79 -15.69
CA THR F 263 42.49 -8.69 -16.75
C THR F 263 43.77 -8.15 -17.40
N ASN F 264 44.50 -9.07 -18.04
CA ASN F 264 45.72 -8.77 -18.79
C ASN F 264 46.79 -8.14 -17.92
N PRO F 265 47.43 -8.92 -17.03
CA PRO F 265 47.17 -10.34 -16.76
C PRO F 265 46.01 -10.53 -15.78
N VAL F 266 45.43 -11.72 -15.73
CA VAL F 266 44.32 -11.98 -14.83
C VAL F 266 44.84 -11.93 -13.40
N ARG F 267 44.17 -11.15 -12.56
CA ARG F 267 44.59 -11.00 -11.17
C ARG F 267 43.44 -10.42 -10.36
N ALA F 268 43.52 -10.61 -9.04
CA ALA F 268 42.57 -10.04 -8.09
C ALA F 268 43.37 -9.20 -7.09
N MET F 269 43.03 -7.92 -6.99
CA MET F 269 43.86 -6.95 -6.28
C MET F 269 43.14 -6.42 -5.05
N ASN F 270 43.92 -6.14 -4.01
CA ASN F 270 43.42 -5.56 -2.76
C ASN F 270 42.31 -6.40 -2.16
N CYS F 271 42.67 -7.62 -1.75
CA CYS F 271 41.67 -8.64 -1.47
C CYS F 271 41.94 -9.14 -0.06
N ALA F 272 41.17 -8.62 0.90
CA ALA F 272 41.51 -8.72 2.32
C ALA F 272 41.20 -10.12 2.85
N VAL F 273 42.26 -10.90 3.08
CA VAL F 273 42.13 -12.22 3.68
C VAL F 273 43.50 -12.63 4.20
N GLY F 274 43.50 -13.31 5.35
CA GLY F 274 44.71 -13.91 5.87
C GLY F 274 45.61 -12.93 6.60
N ASN F 275 46.73 -13.47 7.07
CA ASN F 275 47.75 -12.70 7.80
C ASN F 275 49.10 -12.92 7.13
N ILE F 276 49.96 -11.91 7.23
CA ILE F 276 51.26 -11.94 6.58
C ILE F 276 52.37 -11.97 7.61
N PRO F 277 52.99 -13.11 7.88
CA PRO F 277 54.15 -13.13 8.78
C PRO F 277 55.32 -12.35 8.21
N VAL F 278 56.07 -11.71 9.09
CA VAL F 278 57.20 -10.88 8.71
C VAL F 278 58.42 -11.30 9.52
N SER F 279 59.54 -11.52 8.84
CA SER F 279 60.81 -11.82 9.48
C SER F 279 61.77 -10.66 9.26
N MET F 280 62.54 -10.31 10.30
CA MET F 280 63.32 -9.09 10.30
C MET F 280 64.74 -9.36 10.76
N ASN F 281 65.66 -8.50 10.30
CA ASN F 281 67.05 -8.53 10.74
C ASN F 281 67.55 -7.08 10.74
N LEU F 282 67.73 -6.51 11.93
CA LEU F 282 68.10 -5.12 12.05
C LEU F 282 69.58 -4.98 12.41
N PRO F 283 70.21 -3.89 11.98
CA PRO F 283 71.55 -3.57 12.47
C PRO F 283 71.47 -2.85 13.81
N ASP F 284 72.65 -2.69 14.44
CA ASP F 284 72.70 -1.99 15.71
C ASP F 284 72.46 -0.49 15.57
N SER F 285 72.71 0.07 14.40
CA SER F 285 72.59 1.51 14.20
C SER F 285 71.15 1.99 14.33
N ALA F 286 70.16 1.11 14.21
CA ALA F 286 68.77 1.52 14.32
C ALA F 286 68.39 1.90 15.75
N PHE F 287 69.00 1.24 16.74
CA PHE F 287 68.67 1.49 18.13
C PHE F 287 69.54 2.62 18.71
N THR F 288 69.19 3.03 19.92
CA THR F 288 69.97 3.99 20.68
C THR F 288 70.30 3.41 22.05
N ARG F 289 71.51 3.63 22.51
CA ARG F 289 71.92 3.15 23.82
C ARG F 289 71.07 3.80 24.91
N ILE F 290 70.83 3.05 25.98
CA ILE F 290 69.87 3.47 27.00
C ILE F 290 70.29 4.78 27.65
N VAL F 291 71.60 5.06 27.68
CA VAL F 291 72.08 6.27 28.36
C VAL F 291 71.58 7.51 27.65
N GLU F 292 71.48 7.48 26.32
CA GLU F 292 70.99 8.63 25.57
C GLU F 292 69.49 8.78 25.65
N ALA F 293 68.76 7.73 26.00
CA ALA F 293 67.32 7.83 26.12
C ALA F 293 66.94 8.62 27.36
N PRO F 294 65.90 9.45 27.29
CA PRO F 294 65.45 10.16 28.49
C PRO F 294 64.92 9.18 29.53
N THR F 295 65.13 9.51 30.80
CA THR F 295 64.68 8.70 31.91
C THR F 295 63.28 9.16 32.33
N ILE F 296 62.32 8.25 32.26
CA ILE F 296 60.92 8.55 32.56
C ILE F 296 60.54 7.88 33.86
N ILE F 297 60.00 8.67 34.79
CA ILE F 297 59.62 8.18 36.11
C ILE F 297 58.25 8.73 36.46
N ASP F 298 57.42 7.89 37.07
CA ASP F 298 56.08 8.26 37.54
C ASP F 298 55.21 8.75 36.38
N LEU F 299 54.95 7.83 35.45
CA LEU F 299 54.14 8.11 34.28
C LEU F 299 52.68 7.73 34.58
N THR F 300 51.78 8.70 34.43
CA THR F 300 50.37 8.50 34.69
C THR F 300 49.56 8.80 33.44
N CYS F 301 48.38 8.18 33.35
CA CYS F 301 47.54 8.27 32.16
C CYS F 301 46.12 8.69 32.53
N THR F 302 45.60 9.68 31.82
CA THR F 302 44.21 10.06 31.88
C THR F 302 43.69 10.27 30.47
N VAL F 303 42.41 9.96 30.26
CA VAL F 303 41.77 10.07 28.95
C VAL F 303 40.79 11.23 29.01
N ALA F 304 40.97 12.21 28.13
CA ALA F 304 40.08 13.36 28.10
C ALA F 304 38.71 12.98 27.56
N THR F 305 38.65 12.52 26.32
CA THR F 305 37.39 12.11 25.68
C THR F 305 37.60 10.80 24.94
N CYS F 306 36.51 10.06 24.77
CA CYS F 306 36.53 8.82 24.02
C CYS F 306 35.22 8.65 23.28
N THR F 307 35.30 8.10 22.06
CA THR F 307 34.12 7.80 21.27
C THR F 307 34.52 6.71 20.29
N HIS F 308 33.95 5.51 20.43
CA HIS F 308 34.36 4.37 19.62
C HIS F 308 33.77 4.51 18.23
N SER F 309 34.51 5.20 17.37
CA SER F 309 34.15 5.42 15.98
C SER F 309 35.30 5.00 15.08
N SER F 310 35.01 4.92 13.78
CA SER F 310 36.00 4.42 12.83
C SER F 310 37.23 5.32 12.78
N ASP F 311 37.02 6.64 12.80
CA ASP F 311 38.16 7.55 12.84
C ASP F 311 38.78 7.55 14.24
N PHE F 312 39.93 8.20 14.36
CA PHE F 312 40.62 8.24 15.64
C PHE F 312 39.86 9.13 16.62
N GLY F 313 38.96 8.54 17.39
CA GLY F 313 38.10 9.29 18.27
C GLY F 313 38.48 9.21 19.73
N GLY F 314 39.77 9.31 20.02
CA GLY F 314 40.23 9.30 21.40
C GLY F 314 41.39 10.23 21.65
N VAL F 315 41.38 10.91 22.79
CA VAL F 315 42.45 11.80 23.19
C VAL F 315 43.05 11.28 24.49
N LEU F 316 44.36 11.06 24.49
CA LEU F 316 45.04 10.45 25.62
C LEU F 316 46.19 11.36 26.04
N THR F 317 46.22 11.71 27.32
CA THR F 317 47.22 12.63 27.87
C THR F 317 48.08 11.88 28.87
N LEU F 318 49.40 12.05 28.76
CA LEU F 318 50.36 11.38 29.63
C LEU F 318 51.13 12.42 30.42
N THR F 319 51.24 12.20 31.74
CA THR F 319 52.07 13.01 32.61
C THR F 319 53.31 12.21 32.96
N TYR F 320 54.45 12.89 33.07
CA TYR F 320 55.72 12.22 33.26
C TYR F 320 56.72 13.20 33.87
N LYS F 321 57.82 12.65 34.38
CA LYS F 321 58.93 13.42 34.91
C LYS F 321 60.20 12.98 34.21
N THR F 322 60.95 13.93 33.68
CA THR F 322 62.13 13.64 32.87
C THR F 322 63.30 14.50 33.30
N ASP F 323 64.49 14.09 32.88
CA ASP F 323 65.72 14.85 33.11
C ASP F 323 66.19 15.59 31.86
N LYS F 324 66.02 15.00 30.68
CA LYS F 324 66.44 15.61 29.44
C LYS F 324 65.32 15.49 28.41
N ASN F 325 65.41 16.32 27.37
CA ASN F 325 64.44 16.30 26.28
C ASN F 325 64.94 15.41 25.16
N GLY F 326 64.11 14.48 24.73
CA GLY F 326 64.50 13.54 23.71
C GLY F 326 63.30 13.01 22.96
N ASP F 327 63.49 11.83 22.34
CA ASP F 327 62.46 11.18 21.56
C ASP F 327 62.22 9.78 22.10
N CYS F 328 60.98 9.48 22.45
CA CYS F 328 60.56 8.16 22.89
C CYS F 328 59.64 7.52 21.86
N SER F 329 59.75 6.21 21.71
CA SER F 329 58.87 5.45 20.84
C SER F 329 57.68 4.96 21.66
N VAL F 330 56.49 5.42 21.31
CA VAL F 330 55.28 5.14 22.06
C VAL F 330 54.55 3.96 21.41
N HIS F 331 54.15 3.00 22.22
CA HIS F 331 53.43 1.83 21.74
C HIS F 331 52.29 1.49 22.70
N SER F 332 51.25 0.86 22.16
CA SER F 332 50.18 0.29 22.95
C SER F 332 50.26 -1.22 22.88
N HIS F 333 50.14 -1.88 24.03
CA HIS F 333 50.39 -3.31 24.14
C HIS F 333 49.11 -4.15 24.03
N SER F 334 48.10 -3.64 23.33
CA SER F 334 46.89 -4.40 23.08
C SER F 334 46.27 -3.92 21.77
N ASN F 335 45.44 -4.79 21.17
CA ASN F 335 44.75 -4.44 19.93
C ASN F 335 43.36 -3.88 20.19
N VAL F 336 42.97 -3.70 21.46
CA VAL F 336 41.69 -3.05 21.74
C VAL F 336 41.74 -1.58 21.33
N ALA F 337 42.87 -0.93 21.49
CA ALA F 337 43.05 0.46 21.09
C ALA F 337 44.30 0.59 20.25
N THR F 338 44.22 1.39 19.18
CA THR F 338 45.32 1.57 18.23
C THR F 338 45.77 3.02 18.28
N LEU F 339 47.04 3.23 18.59
CA LEU F 339 47.59 4.58 18.58
C LEU F 339 47.77 5.07 17.15
N GLN F 340 47.96 6.38 17.02
CA GLN F 340 48.14 7.00 15.71
C GLN F 340 49.60 7.27 15.37
N GLU F 341 50.40 7.69 16.35
CA GLU F 341 51.79 8.03 16.12
C GLU F 341 52.71 7.04 16.82
N ALA F 342 53.93 6.94 16.31
CA ALA F 342 54.93 6.02 16.85
C ALA F 342 55.91 6.67 17.80
N THR F 343 56.30 7.92 17.55
CA THR F 343 57.24 8.62 18.42
C THR F 343 56.62 9.93 18.87
N ALA F 344 57.01 10.36 20.07
CA ALA F 344 56.50 11.59 20.66
C ALA F 344 57.68 12.39 21.21
N LYS F 345 57.49 13.70 21.30
CA LYS F 345 58.50 14.60 21.83
C LYS F 345 58.27 14.78 23.33
N VAL F 346 59.24 14.36 24.14
CA VAL F 346 59.18 14.52 25.58
C VAL F 346 59.97 15.76 25.97
N LYS F 347 59.35 16.62 26.78
CA LYS F 347 59.94 17.88 27.17
C LYS F 347 59.91 17.99 28.69
N THR F 348 60.62 19.00 29.20
CA THR F 348 60.67 19.23 30.64
C THR F 348 59.35 19.72 31.22
N ALA F 349 58.41 20.13 30.38
CA ALA F 349 57.11 20.57 30.88
C ALA F 349 56.38 19.44 31.57
N GLY F 350 56.40 18.24 30.97
CA GLY F 350 55.79 17.09 31.60
C GLY F 350 54.36 16.83 31.15
N LYS F 351 54.11 16.90 29.85
CA LYS F 351 52.78 16.60 29.31
C LYS F 351 52.90 16.31 27.83
N VAL F 352 52.46 15.13 27.41
CA VAL F 352 52.35 14.76 26.00
C VAL F 352 50.96 14.21 25.75
N THR F 353 50.51 14.32 24.51
CA THR F 353 49.19 13.87 24.12
C THR F 353 49.28 12.87 22.97
N LEU F 354 48.35 11.92 22.96
CA LEU F 354 48.31 10.90 21.92
C LEU F 354 46.88 10.72 21.45
N HIS F 355 46.73 10.25 20.22
CA HIS F 355 45.43 9.98 19.62
C HIS F 355 45.30 8.49 19.37
N PHE F 356 44.19 7.91 19.82
CA PHE F 356 43.96 6.49 19.68
C PHE F 356 42.53 6.24 19.20
N SER F 357 42.33 5.12 18.52
CA SER F 357 41.02 4.70 18.04
C SER F 357 40.67 3.35 18.63
N THR F 358 39.45 3.23 19.14
CA THR F 358 39.00 2.00 19.78
C THR F 358 37.58 1.69 19.34
N ALA F 359 37.18 0.43 19.51
CA ALA F 359 35.85 -0.01 19.16
C ALA F 359 35.09 -0.63 20.32
N SER F 360 35.67 -0.67 21.51
CA SER F 360 35.04 -1.26 22.68
C SER F 360 34.39 -0.18 23.54
N ALA F 361 33.38 -0.61 24.32
CA ALA F 361 32.66 0.33 25.16
C ALA F 361 33.57 0.93 26.24
N SER F 362 34.45 0.12 26.81
CA SER F 362 35.36 0.58 27.86
C SER F 362 36.71 -0.12 27.68
N PRO F 363 37.68 0.55 27.08
CA PRO F 363 38.98 -0.08 26.83
C PRO F 363 39.84 -0.08 28.08
N SER F 364 40.91 -0.88 28.02
CA SER F 364 41.92 -0.92 29.07
C SER F 364 43.19 -1.48 28.46
N PHE F 365 44.23 -0.64 28.36
CA PHE F 365 45.44 -1.02 27.65
C PHE F 365 46.65 -0.42 28.34
N VAL F 366 47.81 -1.03 28.07
CA VAL F 366 49.08 -0.65 28.69
C VAL F 366 49.89 0.08 27.62
N VAL F 367 50.16 1.35 27.87
CA VAL F 367 50.90 2.20 26.94
C VAL F 367 52.29 2.46 27.52
N SER F 368 53.30 2.38 26.66
CA SER F 368 54.69 2.57 27.07
C SER F 368 55.27 3.81 26.40
N LEU F 369 56.25 4.42 27.07
CA LEU F 369 56.90 5.64 26.60
C LEU F 369 58.37 5.51 26.96
N CYS F 370 59.23 5.41 25.93
CA CYS F 370 60.58 4.88 26.13
C CYS F 370 60.52 3.58 26.92
N SER F 371 60.82 3.64 28.22
CA SER F 371 60.85 2.44 29.04
C SER F 371 59.74 2.38 30.08
N ALA F 372 58.97 3.45 30.26
CA ALA F 372 57.96 3.48 31.30
C ALA F 372 56.73 2.68 30.90
N ARG F 373 55.71 2.72 31.75
CA ARG F 373 54.47 1.99 31.52
C ARG F 373 53.35 2.67 32.31
N ALA F 374 52.12 2.36 31.94
CA ALA F 374 50.94 2.85 32.65
C ALA F 374 49.75 2.02 32.21
N THR F 375 48.63 2.22 32.90
CA THR F 375 47.38 1.55 32.57
C THR F 375 46.32 2.59 32.31
N CYS F 376 45.77 2.60 31.10
CA CYS F 376 44.77 3.58 30.68
C CYS F 376 43.42 2.90 30.63
N SER F 377 42.43 3.51 31.27
CA SER F 377 41.06 3.02 31.22
C SER F 377 40.13 4.22 31.04
N ALA F 378 39.10 4.04 30.24
CA ALA F 378 38.22 5.15 29.88
C ALA F 378 36.83 4.64 29.57
N SER F 379 35.88 5.57 29.55
CA SER F 379 34.50 5.29 29.18
C SER F 379 34.20 6.02 27.87
N CYS F 380 33.69 5.29 26.89
CA CYS F 380 33.43 5.82 25.56
C CYS F 380 31.96 5.71 25.22
N GLU F 381 31.43 6.75 24.59
CA GLU F 381 30.04 6.82 24.17
C GLU F 381 29.93 6.54 22.68
N PRO F 382 28.81 5.98 22.21
CA PRO F 382 28.71 5.61 20.80
C PRO F 382 28.63 6.84 19.92
N PRO F 383 29.04 6.74 18.66
CA PRO F 383 28.93 7.87 17.73
C PRO F 383 27.56 7.92 17.07
N LYS F 384 27.17 9.14 16.67
CA LYS F 384 25.85 9.38 16.13
C LYS F 384 25.76 9.13 14.62
N ASP F 385 26.87 9.22 13.90
CA ASP F 385 26.82 9.06 12.45
C ASP F 385 26.59 7.60 12.09
N HIS F 386 25.60 7.36 11.22
CA HIS F 386 25.23 5.99 10.88
C HIS F 386 26.26 5.35 9.96
N ILE F 387 26.74 6.09 8.96
CA ILE F 387 27.55 5.52 7.89
C ILE F 387 28.70 6.46 7.56
N VAL F 388 29.88 5.90 7.34
CA VAL F 388 31.06 6.68 7.02
C VAL F 388 31.69 6.18 5.72
N PRO F 389 32.36 7.02 4.95
CA PRO F 389 32.94 6.56 3.68
C PRO F 389 34.37 6.05 3.78
N TYR F 390 34.87 5.82 4.98
CA TYR F 390 36.24 5.35 5.16
C TYR F 390 36.26 4.09 6.01
N ALA F 391 37.27 3.26 5.76
CA ALA F 391 37.39 1.99 6.47
C ALA F 391 37.77 2.21 7.93
N ALA F 392 37.47 1.21 8.75
CA ALA F 392 37.75 1.29 10.17
C ALA F 392 39.25 1.32 10.44
N SER F 393 39.63 1.97 11.54
CA SER F 393 41.02 2.10 11.93
C SER F 393 41.38 1.26 13.16
N HIS F 394 40.42 0.56 13.75
CA HIS F 394 40.65 -0.27 14.92
C HIS F 394 40.64 -1.75 14.52
N SER F 395 40.81 -2.60 15.52
CA SER F 395 40.84 -4.05 15.31
C SER F 395 39.49 -4.71 15.55
N ASN F 396 38.45 -3.92 15.84
CA ASN F 396 37.10 -4.43 16.02
C ASN F 396 37.02 -5.42 17.18
N VAL F 397 37.43 -4.94 18.35
CA VAL F 397 37.35 -5.70 19.60
C VAL F 397 36.29 -5.03 20.46
N VAL F 398 35.29 -5.80 20.88
CA VAL F 398 34.11 -5.24 21.51
C VAL F 398 33.99 -5.58 22.99
N PHE F 399 34.60 -6.67 23.44
CA PHE F 399 34.47 -7.09 24.82
C PHE F 399 35.06 -6.05 25.75
N PRO F 400 34.30 -5.51 26.71
CA PRO F 400 34.81 -4.47 27.58
C PRO F 400 35.72 -5.02 28.67
N ASP F 401 36.39 -4.11 29.36
CA ASP F 401 37.25 -4.47 30.47
C ASP F 401 36.42 -4.92 31.66
N MET F 402 37.04 -5.73 32.53
CA MET F 402 36.36 -6.20 33.74
C MET F 402 36.01 -5.05 34.67
N SER F 403 36.70 -3.92 34.57
CA SER F 403 36.43 -2.76 35.40
C SER F 403 35.36 -1.85 34.81
N GLY F 404 34.76 -2.21 33.68
CA GLY F 404 33.70 -1.43 33.10
C GLY F 404 32.44 -1.49 33.94
N THR F 405 31.50 -0.59 33.63
CA THR F 405 30.30 -0.45 34.44
C THR F 405 29.47 -1.73 34.44
N ALA F 406 29.22 -2.30 33.27
CA ALA F 406 28.41 -3.51 33.18
C ALA F 406 29.07 -4.67 33.91
N LEU F 407 30.37 -4.88 33.68
CA LEU F 407 31.06 -5.96 34.35
C LEU F 407 31.23 -5.68 35.84
N SER F 408 31.31 -4.41 36.23
CA SER F 408 31.33 -4.09 37.66
C SER F 408 30.02 -4.47 38.32
N TRP F 409 28.88 -4.18 37.67
CA TRP F 409 27.60 -4.59 38.22
C TRP F 409 27.50 -6.11 38.30
N VAL F 410 27.95 -6.80 37.26
CA VAL F 410 27.93 -8.26 37.29
C VAL F 410 28.80 -8.79 38.43
N GLN F 411 29.97 -8.18 38.64
CA GLN F 411 30.84 -8.60 39.72
C GLN F 411 30.19 -8.37 41.08
N LYS F 412 29.51 -7.24 41.26
CA LYS F 412 28.84 -6.97 42.52
C LYS F 412 27.75 -8.00 42.79
N ILE F 413 26.93 -8.31 41.79
CA ILE F 413 25.86 -9.28 41.97
C ILE F 413 26.43 -10.66 42.28
N SER F 414 27.48 -11.05 41.55
CA SER F 414 28.09 -12.35 41.79
C SER F 414 28.71 -12.42 43.18
N GLY F 415 29.31 -11.32 43.64
CA GLY F 415 29.87 -11.31 44.98
C GLY F 415 28.80 -11.44 46.05
N GLY F 416 27.67 -10.76 45.87
CA GLY F 416 26.57 -10.91 46.81
C GLY F 416 26.05 -12.33 46.88
N LEU F 417 25.84 -12.93 45.70
CA LEU F 417 25.34 -14.31 45.66
C LEU F 417 26.35 -15.28 46.26
N GLY F 418 27.64 -15.06 45.99
CA GLY F 418 28.66 -15.92 46.56
C GLY F 418 28.75 -15.79 48.07
N ALA F 419 28.59 -14.57 48.60
CA ALA F 419 28.55 -14.39 50.04
C ALA F 419 27.38 -15.13 50.65
N PHE F 420 26.20 -15.05 50.01
CA PHE F 420 25.04 -15.77 50.52
C PHE F 420 25.29 -17.29 50.52
N ALA F 421 25.86 -17.81 49.43
CA ALA F 421 26.12 -19.23 49.35
C ALA F 421 27.15 -19.67 50.39
N ILE F 422 28.19 -18.86 50.61
CA ILE F 422 29.19 -19.18 51.62
C ILE F 422 28.57 -19.21 53.00
N GLY F 423 27.70 -18.24 53.30
CA GLY F 423 27.00 -18.25 54.58
C GLY F 423 26.15 -19.49 54.78
N ALA F 424 25.42 -19.88 53.73
CA ALA F 424 24.61 -21.10 53.82
C ALA F 424 25.48 -22.33 54.05
N ILE F 425 26.60 -22.43 53.32
CA ILE F 425 27.53 -23.55 53.52
C ILE F 425 28.02 -23.58 54.96
N LEU F 426 28.41 -22.42 55.49
CA LEU F 426 28.96 -22.38 56.85
C LEU F 426 27.90 -22.79 57.88
N VAL F 427 26.67 -22.30 57.73
CA VAL F 427 25.62 -22.66 58.68
C VAL F 427 25.35 -24.16 58.63
N LEU F 428 25.23 -24.72 57.43
CA LEU F 428 24.96 -26.15 57.31
C LEU F 428 26.10 -26.97 57.89
N VAL F 429 27.35 -26.57 57.63
CA VAL F 429 28.49 -27.32 58.15
C VAL F 429 28.53 -27.26 59.66
N VAL F 430 28.25 -26.09 60.24
CA VAL F 430 28.25 -25.96 61.70
C VAL F 430 27.17 -26.86 62.30
N VAL F 431 25.97 -26.84 61.72
CA VAL F 431 24.89 -27.67 62.26
C VAL F 431 25.24 -29.15 62.16
N THR F 432 25.78 -29.57 61.01
CA THR F 432 26.13 -30.97 60.82
C THR F 432 27.22 -31.41 61.80
N CYS F 433 28.24 -30.56 62.00
CA CYS F 433 29.30 -30.92 62.95
C CYS F 433 28.76 -31.00 64.37
N ILE F 434 27.89 -30.07 64.75
CA ILE F 434 27.29 -30.13 66.09
C ILE F 434 26.49 -31.41 66.26
N GLY F 435 25.71 -31.79 65.24
CA GLY F 435 24.95 -33.03 65.32
C GLY F 435 25.85 -34.25 65.41
N LEU F 436 26.93 -34.27 64.64
CA LEU F 436 27.82 -35.42 64.62
C LEU F 436 28.57 -35.58 65.95
N ARG F 437 28.97 -34.46 66.55
CA ARG F 437 29.67 -34.54 67.84
C ARG F 437 28.78 -35.10 68.95
N ARG F 438 27.46 -35.04 68.79
CA ARG F 438 26.55 -35.62 69.76
C ARG F 438 26.64 -37.15 69.73
N TYR G 1 24.24 17.96 14.61
CA TYR G 1 23.91 17.45 15.92
C TYR G 1 22.51 17.86 16.34
N GLU G 2 21.57 16.91 16.26
CA GLU G 2 20.19 17.18 16.64
C GLU G 2 20.09 17.55 18.11
N HIS G 3 19.22 18.51 18.42
CA HIS G 3 18.95 18.90 19.79
C HIS G 3 17.51 19.38 19.89
N SER G 4 16.97 19.31 21.10
CA SER G 4 15.61 19.74 21.36
C SER G 4 15.53 20.41 22.72
N THR G 5 14.60 21.34 22.86
CA THR G 5 14.43 22.09 24.10
C THR G 5 13.03 22.68 24.13
N VAL G 6 12.69 23.29 25.26
CA VAL G 6 11.41 23.96 25.45
C VAL G 6 11.68 25.31 26.08
N MET G 7 11.20 26.38 25.45
CA MET G 7 11.52 27.73 25.91
C MET G 7 10.23 28.52 26.12
N PRO G 8 10.18 29.34 27.18
CA PRO G 8 8.92 29.99 27.54
C PRO G 8 8.50 31.05 26.52
N ASN G 9 7.19 31.24 26.42
CA ASN G 9 6.62 32.23 25.50
C ASN G 9 6.43 33.56 26.21
N VAL G 10 7.54 34.12 26.67
CA VAL G 10 7.55 35.40 27.37
C VAL G 10 8.46 36.35 26.60
N VAL G 11 7.93 37.52 26.26
CA VAL G 11 8.70 38.50 25.48
C VAL G 11 9.80 39.09 26.34
N GLY G 12 11.02 39.07 25.82
CA GLY G 12 12.16 39.65 26.51
C GLY G 12 12.88 38.73 27.47
N PHE G 13 12.41 37.51 27.65
CA PHE G 13 13.06 36.58 28.57
C PHE G 13 14.30 35.99 27.92
N PRO G 14 15.48 36.13 28.51
CA PRO G 14 16.74 35.69 27.88
C PRO G 14 17.03 34.20 28.08
N TYR G 15 16.34 33.36 27.31
CA TYR G 15 16.51 31.92 27.43
C TYR G 15 17.87 31.50 26.89
N LYS G 16 18.57 30.66 27.63
CA LYS G 16 19.87 30.13 27.22
C LYS G 16 19.84 28.62 27.27
N ALA G 17 20.30 27.99 26.20
CA ALA G 17 20.30 26.54 26.08
C ALA G 17 21.74 26.02 26.15
N HIS G 18 21.93 24.89 26.82
CA HIS G 18 23.25 24.31 27.02
C HIS G 18 23.35 23.04 26.21
N ILE G 19 24.24 23.02 25.22
CA ILE G 19 24.46 21.88 24.34
C ILE G 19 25.80 21.27 24.70
N GLU G 20 25.80 20.01 25.12
CA GLU G 20 27.00 19.33 25.60
C GLU G 20 27.26 18.13 24.70
N ARG G 21 28.00 18.37 23.62
CA ARG G 21 28.37 17.28 22.73
C ARG G 21 29.48 16.44 23.37
N PRO G 22 29.40 15.11 23.30
CA PRO G 22 30.39 14.28 23.99
C PRO G 22 31.82 14.50 23.53
N GLY G 23 32.04 14.82 22.26
CA GLY G 23 33.40 14.96 21.76
C GLY G 23 33.94 16.38 21.77
N TYR G 24 33.08 17.37 22.05
CA TYR G 24 33.45 18.76 21.93
C TYR G 24 33.13 19.51 23.20
N SER G 25 33.69 20.71 23.31
CA SER G 25 33.44 21.58 24.46
C SER G 25 31.98 22.03 24.45
N PRO G 26 31.40 22.25 25.63
CA PRO G 26 29.98 22.63 25.69
C PRO G 26 29.74 24.00 25.06
N LEU G 27 28.51 24.20 24.58
CA LEU G 27 28.10 25.42 23.93
C LEU G 27 26.85 25.97 24.59
N THR G 28 26.70 27.29 24.55
CA THR G 28 25.54 27.97 25.14
C THR G 28 24.94 28.92 24.12
N LEU G 29 23.69 28.67 23.75
CA LEU G 29 22.95 29.53 22.84
C LEU G 29 22.14 30.55 23.64
N GLN G 30 21.64 31.57 22.95
CA GLN G 30 20.77 32.56 23.54
C GLN G 30 19.62 32.83 22.57
N MET G 31 18.40 32.52 22.99
CA MET G 31 17.22 32.77 22.19
C MET G 31 16.29 33.72 22.94
N GLN G 32 15.57 34.55 22.21
CA GLN G 32 14.76 35.60 22.80
C GLN G 32 13.60 35.92 21.88
N VAL G 33 12.41 36.05 22.45
CA VAL G 33 11.21 36.35 21.66
C VAL G 33 11.02 37.86 21.68
N VAL G 34 11.42 38.50 20.58
CA VAL G 34 11.29 39.95 20.48
C VAL G 34 9.82 40.36 20.34
N GLU G 35 9.04 39.58 19.58
CA GLU G 35 7.69 39.98 19.25
C GLU G 35 6.88 38.73 18.89
N THR G 36 5.59 38.79 19.18
CA THR G 36 4.68 37.68 18.95
C THR G 36 3.39 38.21 18.33
N SER G 37 2.72 37.38 17.54
CA SER G 37 1.49 37.77 16.88
C SER G 37 0.57 36.57 16.74
N LEU G 38 -0.69 36.74 17.12
CA LEU G 38 -1.69 35.68 17.07
C LEU G 38 -2.77 36.06 16.07
N GLU G 39 -2.81 35.35 14.94
CA GLU G 39 -3.70 35.69 13.83
C GLU G 39 -4.85 34.71 13.77
N PRO G 40 -6.09 35.14 13.98
CA PRO G 40 -7.23 34.25 13.77
C PRO G 40 -7.58 34.14 12.29
N THR G 41 -8.56 33.30 12.01
CA THR G 41 -9.10 33.12 10.67
C THR G 41 -10.54 33.61 10.65
N LEU G 42 -10.85 34.54 9.73
CA LEU G 42 -12.10 35.27 9.75
C LEU G 42 -12.95 34.93 8.53
N ASN G 43 -14.26 34.90 8.74
CA ASN G 43 -15.23 34.72 7.67
C ASN G 43 -16.28 35.81 7.80
N LEU G 44 -16.28 36.76 6.89
CA LEU G 44 -17.17 37.92 6.98
C LEU G 44 -18.62 37.47 6.87
N GLU G 45 -19.48 38.00 7.74
CA GLU G 45 -20.90 37.69 7.74
C GLU G 45 -21.72 38.75 7.04
N TYR G 46 -21.62 40.01 7.48
CA TYR G 46 -22.28 41.12 6.80
C TYR G 46 -21.66 42.42 7.27
N ILE G 47 -22.19 43.53 6.73
CA ILE G 47 -21.69 44.86 7.00
C ILE G 47 -22.87 45.72 7.44
N THR G 48 -22.68 46.52 8.48
CA THR G 48 -23.72 47.38 8.99
C THR G 48 -23.24 48.83 9.01
N CYS G 49 -24.15 49.75 8.75
CA CYS G 49 -23.86 51.17 8.73
C CYS G 49 -25.16 51.94 8.82
N GLU G 50 -25.05 53.25 9.06
CA GLU G 50 -26.22 54.10 9.20
C GLU G 50 -27.01 54.15 7.89
N TYR G 51 -28.34 54.11 8.01
CA TYR G 51 -29.19 54.15 6.83
C TYR G 51 -29.49 55.59 6.44
N LYS G 52 -30.18 55.74 5.31
CA LYS G 52 -30.63 57.04 4.81
C LYS G 52 -31.99 56.84 4.15
N THR G 53 -32.97 57.64 4.57
CA THR G 53 -34.33 57.51 4.08
C THR G 53 -34.54 58.40 2.87
N VAL G 54 -35.05 57.82 1.80
CA VAL G 54 -35.30 58.53 0.54
C VAL G 54 -36.80 58.77 0.42
N VAL G 55 -37.19 60.03 0.35
CA VAL G 55 -38.58 60.42 0.25
C VAL G 55 -38.80 61.20 -1.04
N PRO G 56 -39.32 60.56 -2.08
CA PRO G 56 -39.63 61.28 -3.31
C PRO G 56 -40.77 62.25 -3.11
N SER G 57 -40.82 63.26 -3.98
CA SER G 57 -41.86 64.27 -3.89
C SER G 57 -43.24 63.65 -4.11
N PRO G 58 -44.26 64.13 -3.41
CA PRO G 58 -45.59 63.54 -3.57
C PRO G 58 -46.17 63.81 -4.94
N TYR G 59 -47.02 62.90 -5.38
CA TYR G 59 -47.74 63.04 -6.65
C TYR G 59 -49.19 63.34 -6.32
N VAL G 60 -49.56 64.62 -6.38
CA VAL G 60 -50.92 65.05 -6.13
C VAL G 60 -51.67 65.03 -7.46
N LYS G 61 -52.69 64.19 -7.55
CA LYS G 61 -53.48 64.05 -8.77
C LYS G 61 -54.72 64.90 -8.66
N CYS G 62 -54.78 65.99 -9.42
CA CYS G 62 -55.93 66.88 -9.40
C CYS G 62 -57.08 66.23 -10.16
N CYS G 63 -58.24 66.14 -9.49
CA CYS G 63 -59.48 65.67 -10.12
C CYS G 63 -59.30 64.27 -10.70
N GLY G 64 -59.03 63.31 -9.83
CA GLY G 64 -58.85 61.94 -10.26
C GLY G 64 -58.47 61.05 -9.09
N ALA G 65 -58.01 59.85 -9.44
CA ALA G 65 -57.58 58.87 -8.46
C ALA G 65 -56.29 58.23 -8.93
N SER G 66 -55.49 57.76 -7.98
CA SER G 66 -54.22 57.11 -8.28
C SER G 66 -54.13 55.80 -7.49
N GLU G 67 -53.36 54.87 -8.02
CA GLU G 67 -53.24 53.54 -7.45
C GLU G 67 -51.79 53.24 -7.08
N CYS G 68 -51.59 52.62 -5.92
CA CYS G 68 -50.25 52.26 -5.49
C CYS G 68 -49.74 51.06 -6.30
N SER G 69 -48.42 51.04 -6.51
CA SER G 69 -47.77 49.98 -7.25
C SER G 69 -46.66 49.38 -6.40
N THR G 70 -46.64 48.05 -6.30
CA THR G 70 -45.61 47.38 -5.52
C THR G 70 -44.28 47.43 -6.25
N LYS G 71 -43.20 47.49 -5.47
CA LYS G 71 -41.85 47.55 -6.01
C LYS G 71 -40.93 46.69 -5.16
N GLU G 72 -39.79 46.32 -5.74
CA GLU G 72 -38.78 45.53 -5.05
C GLU G 72 -37.68 46.47 -4.58
N LYS G 73 -37.93 47.12 -3.45
CA LYS G 73 -36.97 48.00 -2.80
C LYS G 73 -36.88 47.64 -1.33
N PRO G 74 -35.74 47.90 -0.69
CA PRO G 74 -35.59 47.56 0.73
C PRO G 74 -36.50 48.43 1.59
N ASP G 75 -37.46 47.77 2.26
CA ASP G 75 -38.40 48.44 3.16
C ASP G 75 -39.18 49.54 2.43
N TYR G 76 -39.97 49.11 1.44
CA TYR G 76 -40.74 50.02 0.62
C TYR G 76 -42.13 50.19 1.20
N GLN G 77 -42.57 51.44 1.34
CA GLN G 77 -43.87 51.77 1.90
C GLN G 77 -44.56 52.79 1.00
N CYS G 78 -45.77 52.47 0.55
CA CYS G 78 -46.53 53.35 -0.33
C CYS G 78 -48.00 53.33 0.07
N LYS G 79 -48.61 54.52 0.10
CA LYS G 79 -50.01 54.64 0.47
C LYS G 79 -50.65 55.75 -0.33
N VAL G 80 -51.97 55.64 -0.53
CA VAL G 80 -52.74 56.59 -1.31
C VAL G 80 -53.82 57.20 -0.41
N TYR G 81 -53.87 58.53 -0.37
CA TYR G 81 -54.83 59.24 0.46
C TYR G 81 -55.83 59.96 -0.43
N THR G 82 -57.06 60.08 0.08
CA THR G 82 -58.16 60.70 -0.66
C THR G 82 -58.68 61.91 0.09
N GLY G 83 -59.25 62.85 -0.66
CA GLY G 83 -59.83 64.04 -0.06
C GLY G 83 -58.84 65.15 0.24
N VAL G 84 -57.67 65.13 -0.36
CA VAL G 84 -56.65 66.13 -0.09
C VAL G 84 -56.97 67.41 -0.86
N TYR G 85 -56.63 68.55 -0.25
CA TYR G 85 -56.80 69.86 -0.89
C TYR G 85 -55.56 70.68 -0.63
N PRO G 86 -54.48 70.43 -1.39
CA PRO G 86 -53.22 71.12 -1.12
C PRO G 86 -53.31 72.62 -1.33
N PHE G 87 -52.25 73.31 -0.91
CA PHE G 87 -52.14 74.75 -1.06
C PHE G 87 -50.70 75.10 -1.44
N MET G 88 -50.55 76.28 -2.05
CA MET G 88 -49.22 76.81 -2.32
C MET G 88 -49.15 78.28 -1.95
N TRP G 89 -48.03 78.93 -2.25
CA TRP G 89 -47.83 80.31 -1.81
C TRP G 89 -48.83 81.25 -2.48
N GLY G 90 -49.08 81.06 -3.78
CA GLY G 90 -49.94 81.98 -4.50
C GLY G 90 -51.41 81.60 -4.47
N GLY G 91 -51.70 80.31 -4.41
CA GLY G 91 -53.07 79.84 -4.39
C GLY G 91 -53.09 78.34 -4.36
N ALA G 92 -54.30 77.80 -4.17
CA ALA G 92 -54.50 76.37 -4.02
C ALA G 92 -54.88 75.77 -5.36
N TYR G 93 -54.15 74.75 -5.80
CA TYR G 93 -54.44 74.09 -7.04
C TYR G 93 -55.22 72.80 -6.77
N CYS G 94 -55.47 72.01 -7.81
CA CYS G 94 -56.46 70.93 -7.78
C CYS G 94 -57.85 71.49 -7.49
N PHE G 95 -58.36 72.23 -8.48
CA PHE G 95 -59.65 72.91 -8.46
C PHE G 95 -60.75 72.09 -7.78
N CYS G 96 -60.80 70.79 -8.04
CA CYS G 96 -61.84 69.95 -7.45
C CYS G 96 -61.78 70.03 -5.94
N ASP G 97 -62.96 70.21 -5.32
CA ASP G 97 -63.01 70.50 -3.90
C ASP G 97 -62.52 69.32 -3.07
N SER G 98 -62.98 68.11 -3.38
CA SER G 98 -62.62 66.95 -2.59
C SER G 98 -62.26 65.71 -3.40
N GLU G 99 -62.34 65.76 -4.73
CA GLU G 99 -62.02 64.59 -5.55
C GLU G 99 -60.56 64.60 -6.00
N ASN G 100 -59.64 64.77 -5.04
CA ASN G 100 -58.22 64.75 -5.30
C ASN G 100 -57.59 63.53 -4.63
N THR G 101 -56.27 63.39 -4.77
CA THR G 101 -55.58 62.22 -4.26
C THR G 101 -54.09 62.50 -4.24
N GLN G 102 -53.44 62.15 -3.13
CA GLN G 102 -52.00 62.25 -2.99
C GLN G 102 -51.42 60.86 -2.74
N LEU G 103 -50.31 60.56 -3.41
CA LEU G 103 -49.64 59.26 -3.29
C LEU G 103 -48.32 59.47 -2.57
N SER G 104 -48.21 58.97 -1.35
CA SER G 104 -47.00 59.06 -0.55
C SER G 104 -46.13 57.84 -0.82
N GLU G 105 -44.83 58.08 -0.99
CA GLU G 105 -43.88 57.03 -1.30
C GLU G 105 -42.61 57.26 -0.51
N ALA G 106 -42.03 56.18 0.00
CA ALA G 106 -40.77 56.27 0.73
C ALA G 106 -40.11 54.90 0.76
N TYR G 107 -38.79 54.91 0.86
CA TYR G 107 -38.00 53.69 0.99
C TYR G 107 -36.64 54.06 1.56
N VAL G 108 -35.94 53.07 2.08
CA VAL G 108 -34.66 53.26 2.76
C VAL G 108 -33.55 52.72 1.88
N ASP G 109 -32.35 53.26 2.07
CA ASP G 109 -31.21 52.86 1.25
C ASP G 109 -29.92 53.08 2.05
N ARG G 110 -28.87 52.40 1.61
CA ARG G 110 -27.55 52.54 2.23
C ARG G 110 -27.06 53.98 2.14
N SER G 111 -26.35 54.42 3.18
CA SER G 111 -25.91 55.81 3.24
C SER G 111 -24.83 56.09 2.21
N ASP G 112 -24.45 57.38 2.10
CA ASP G 112 -23.45 57.78 1.13
C ASP G 112 -22.05 57.41 1.59
N VAL G 113 -21.80 57.46 2.89
CA VAL G 113 -20.46 57.28 3.43
C VAL G 113 -20.29 55.88 4.03
N CYS G 114 -21.22 54.97 3.75
CA CYS G 114 -21.16 53.63 4.30
C CYS G 114 -19.90 52.88 3.89
N ARG G 115 -19.28 53.29 2.79
CA ARG G 115 -18.01 52.72 2.35
C ARG G 115 -16.82 53.19 3.20
N HIS G 116 -16.99 54.25 3.98
CA HIS G 116 -15.93 54.77 4.84
C HIS G 116 -16.16 54.51 6.32
N ASP G 117 -17.40 54.43 6.77
CA ASP G 117 -17.73 54.30 8.19
C ASP G 117 -18.71 53.15 8.32
N HIS G 118 -18.18 51.95 8.59
CA HIS G 118 -19.00 50.76 8.71
C HIS G 118 -18.32 49.78 9.65
N ALA G 119 -19.12 48.86 10.19
CA ALA G 119 -18.65 47.86 11.14
C ALA G 119 -18.84 46.48 10.53
N SER G 120 -17.82 45.64 10.62
CA SER G 120 -17.85 44.30 10.05
C SER G 120 -18.19 43.28 11.13
N ALA G 121 -18.96 42.27 10.78
CA ALA G 121 -19.32 41.19 11.68
C ALA G 121 -18.64 39.92 11.20
N TYR G 122 -17.66 39.44 11.95
CA TYR G 122 -16.83 38.31 11.56
C TYR G 122 -17.18 37.08 12.39
N LYS G 123 -16.57 35.96 12.00
CA LYS G 123 -16.53 34.74 12.81
C LYS G 123 -15.08 34.28 12.89
N ALA G 124 -14.54 34.24 14.10
CA ALA G 124 -13.11 34.00 14.31
C ALA G 124 -12.90 32.61 14.87
N HIS G 125 -11.97 31.86 14.27
CA HIS G 125 -11.64 30.53 14.75
C HIS G 125 -10.27 30.14 14.23
N THR G 126 -9.65 29.18 14.93
CA THR G 126 -8.40 28.54 14.52
C THR G 126 -7.29 29.58 14.32
N ALA G 127 -6.90 30.18 15.44
CA ALA G 127 -5.83 31.16 15.43
C ALA G 127 -4.50 30.51 15.07
N SER G 128 -3.62 31.30 14.45
CA SER G 128 -2.29 30.85 14.05
C SER G 128 -1.26 31.83 14.61
N LEU G 129 -0.22 31.29 15.25
CA LEU G 129 0.78 32.10 15.92
C LEU G 129 1.93 32.42 14.98
N LYS G 130 2.62 33.51 15.27
CA LYS G 130 3.77 33.94 14.49
C LYS G 130 4.64 34.83 15.36
N ALA G 131 5.95 34.60 15.33
CA ALA G 131 6.87 35.27 16.24
C ALA G 131 8.04 35.86 15.47
N LYS G 132 8.93 36.53 16.20
CA LYS G 132 10.14 37.12 15.63
C LYS G 132 11.26 36.91 16.66
N VAL G 133 12.01 35.83 16.50
CA VAL G 133 12.94 35.35 17.52
C VAL G 133 14.35 35.81 17.16
N ARG G 134 15.08 36.31 18.16
CA ARG G 134 16.47 36.70 18.00
C ARG G 134 17.36 35.60 18.55
N VAL G 135 18.21 35.04 17.69
CA VAL G 135 19.07 33.91 18.05
C VAL G 135 20.52 34.36 17.93
N MET G 136 21.26 34.24 19.02
CA MET G 136 22.65 34.68 19.05
C MET G 136 23.49 33.66 19.81
N TYR G 137 24.66 33.35 19.24
CA TYR G 137 25.62 32.44 19.86
C TYR G 137 26.95 32.57 19.15
N GLY G 138 28.03 32.37 19.89
CA GLY G 138 29.37 32.45 19.33
C GLY G 138 29.63 33.80 18.69
N ASN G 139 29.70 33.81 17.36
CA ASN G 139 29.84 35.05 16.59
C ASN G 139 28.62 35.28 15.70
N VAL G 140 27.52 34.59 15.99
CA VAL G 140 26.29 34.71 15.22
C VAL G 140 25.31 35.56 16.02
N ASN G 141 24.67 36.52 15.36
CA ASN G 141 23.68 37.36 16.01
C ASN G 141 22.72 37.85 14.93
N GLN G 142 21.50 37.30 14.92
CA GLN G 142 20.53 37.62 13.89
C GLN G 142 19.13 37.55 14.46
N THR G 143 18.19 38.16 13.74
CA THR G 143 16.77 38.13 14.07
C THR G 143 16.01 37.57 12.88
N VAL G 144 15.11 36.62 13.13
CA VAL G 144 14.39 35.94 12.07
C VAL G 144 12.90 35.99 12.38
N ASP G 145 12.10 35.93 11.32
CA ASP G 145 10.65 35.89 11.43
C ASP G 145 10.19 34.46 11.17
N VAL G 146 9.54 33.85 12.16
CA VAL G 146 9.24 32.43 12.16
C VAL G 146 7.75 32.23 12.41
N TYR G 147 7.16 31.27 11.72
CA TYR G 147 5.83 30.78 12.03
C TYR G 147 5.94 29.75 13.14
N VAL G 148 5.25 29.96 14.25
CA VAL G 148 5.39 29.08 15.42
C VAL G 148 4.42 27.93 15.20
N ASN G 149 4.88 26.95 14.42
CA ASN G 149 4.25 25.65 14.26
C ASN G 149 5.29 24.72 13.67
N GLY G 150 5.01 23.42 13.73
CA GLY G 150 6.02 22.45 13.35
C GLY G 150 6.30 22.38 11.85
N ASP G 151 5.90 23.41 11.11
CA ASP G 151 5.98 23.38 9.65
C ASP G 151 6.63 24.66 9.12
N HIS G 152 7.77 25.06 9.70
CA HIS G 152 8.57 26.12 9.12
C HIS G 152 9.98 25.99 9.67
N ALA G 153 10.94 25.63 8.82
CA ALA G 153 12.33 25.51 9.22
C ALA G 153 13.13 26.66 8.61
N VAL G 154 13.86 27.38 9.46
CA VAL G 154 14.62 28.56 9.06
C VAL G 154 16.08 28.33 9.42
N THR G 155 16.97 28.70 8.51
CA THR G 155 18.41 28.48 8.67
C THR G 155 19.07 29.77 9.14
N ILE G 156 19.78 29.69 10.26
CA ILE G 156 20.50 30.82 10.84
C ILE G 156 21.96 30.42 10.91
N GLY G 157 22.76 30.90 9.96
CA GLY G 157 24.19 30.64 9.98
C GLY G 157 24.55 29.17 9.90
N GLY G 158 23.86 28.42 9.05
CA GLY G 158 24.13 27.02 8.88
C GLY G 158 23.38 26.08 9.79
N THR G 159 22.61 26.61 10.73
CA THR G 159 21.85 25.82 11.69
C THR G 159 20.37 25.89 11.36
N GLN G 160 19.69 24.75 11.40
CA GLN G 160 18.27 24.66 11.09
C GLN G 160 17.47 24.72 12.39
N PHE G 161 16.45 25.58 12.42
CA PHE G 161 15.61 25.78 13.59
C PHE G 161 14.16 25.50 13.21
N ILE G 162 13.50 24.66 14.00
CA ILE G 162 12.07 24.41 13.83
C ILE G 162 11.39 24.68 15.17
N PHE G 163 10.53 25.70 15.19
CA PHE G 163 9.83 26.08 16.41
C PHE G 163 8.48 25.37 16.47
N GLY G 164 8.31 24.50 17.45
CA GLY G 164 7.17 23.63 17.52
C GLY G 164 5.89 24.37 17.85
N PRO G 165 4.76 23.68 17.79
CA PRO G 165 3.48 24.32 18.08
C PRO G 165 3.38 24.74 19.53
N LEU G 166 2.60 25.79 19.77
CA LEU G 166 2.44 26.30 21.12
C LEU G 166 1.81 25.25 22.02
N SER G 167 2.22 25.26 23.29
CA SER G 167 1.75 24.25 24.24
C SER G 167 0.24 24.33 24.44
N SER G 168 -0.29 25.53 24.59
CA SER G 168 -1.71 25.72 24.85
C SER G 168 -2.44 26.17 23.59
N ALA G 169 -3.75 25.99 23.59
CA ALA G 169 -4.62 26.37 22.48
C ALA G 169 -5.62 27.43 22.91
N TRP G 170 -5.14 28.43 23.64
CA TRP G 170 -5.99 29.49 24.18
C TRP G 170 -5.94 30.69 23.26
N THR G 171 -7.12 31.20 22.89
CA THR G 171 -7.25 32.39 22.06
C THR G 171 -8.28 33.32 22.68
N PRO G 172 -8.05 34.64 22.63
CA PRO G 172 -8.95 35.57 23.31
C PRO G 172 -10.20 35.93 22.54
N PHE G 173 -10.36 35.48 21.31
CA PHE G 173 -11.51 35.84 20.49
C PHE G 173 -12.59 34.78 20.61
N ASP G 174 -13.82 35.20 20.91
CA ASP G 174 -14.93 34.29 20.91
C ASP G 174 -15.26 33.84 19.50
N ASN G 175 -16.30 33.03 19.37
CA ASN G 175 -16.68 32.53 18.05
C ASN G 175 -17.12 33.67 17.14
N LYS G 176 -17.82 34.65 17.68
CA LYS G 176 -18.34 35.77 16.91
C LYS G 176 -17.65 37.05 17.34
N ILE G 177 -17.34 37.90 16.35
CA ILE G 177 -16.52 39.09 16.56
C ILE G 177 -17.12 40.23 15.75
N VAL G 178 -17.15 41.43 16.33
CA VAL G 178 -17.56 42.64 15.63
C VAL G 178 -16.40 43.62 15.68
N VAL G 179 -15.97 44.10 14.51
CA VAL G 179 -14.79 44.93 14.38
C VAL G 179 -15.21 46.31 13.90
N TYR G 180 -14.71 47.35 14.57
CA TYR G 180 -15.00 48.73 14.17
C TYR G 180 -13.70 49.53 14.27
N LYS G 181 -13.20 49.97 13.12
CA LYS G 181 -11.97 50.76 13.04
C LYS G 181 -10.79 50.04 13.65
N ASP G 182 -10.44 50.38 14.88
CA ASP G 182 -9.31 49.76 15.57
C ASP G 182 -9.74 49.11 16.89
N GLU G 183 -10.99 48.69 16.97
CA GLU G 183 -11.54 48.07 18.17
C GLU G 183 -12.20 46.75 17.81
N VAL G 184 -11.98 45.74 18.65
CA VAL G 184 -12.56 44.41 18.46
C VAL G 184 -13.52 44.17 19.62
N PHE G 185 -14.73 43.71 19.31
CA PHE G 185 -15.76 43.50 20.31
C PHE G 185 -16.18 42.05 20.32
N ASN G 186 -16.26 41.46 21.52
CA ASN G 186 -16.81 40.11 21.68
C ASN G 186 -18.32 40.25 21.78
N GLN G 187 -19.01 40.04 20.67
CA GLN G 187 -20.43 40.33 20.58
C GLN G 187 -21.14 39.18 19.88
N ASP G 188 -22.44 39.06 20.13
CA ASP G 188 -23.30 38.10 19.45
C ASP G 188 -24.32 38.88 18.63
N PHE G 189 -24.12 38.91 17.32
CA PHE G 189 -24.94 39.72 16.43
C PHE G 189 -26.08 38.90 15.85
N PRO G 190 -27.18 39.55 15.45
CA PRO G 190 -28.30 38.81 14.90
C PRO G 190 -27.94 38.20 13.56
N PRO G 191 -28.59 37.09 13.19
CA PRO G 191 -28.31 36.47 11.89
C PRO G 191 -28.72 37.38 10.74
N TYR G 192 -28.08 37.16 9.60
CA TYR G 192 -28.43 37.92 8.40
C TYR G 192 -29.87 37.65 8.01
N GLY G 193 -30.60 38.71 7.68
CA GLY G 193 -31.98 38.59 7.30
C GLY G 193 -32.96 38.52 8.45
N SER G 194 -32.50 38.64 9.69
CA SER G 194 -33.37 38.60 10.85
C SER G 194 -32.99 39.69 11.84
N GLY G 195 -32.56 40.84 11.34
CA GLY G 195 -32.22 41.94 12.20
C GLY G 195 -33.46 42.64 12.73
N GLN G 196 -33.31 43.26 13.90
CA GLN G 196 -34.46 43.91 14.53
C GLN G 196 -34.28 45.42 14.51
N PRO G 197 -35.37 46.18 14.36
CA PRO G 197 -35.24 47.63 14.22
C PRO G 197 -34.80 48.29 15.51
N GLY G 198 -33.95 49.30 15.38
CA GLY G 198 -33.51 50.09 16.50
C GLY G 198 -32.23 49.65 17.16
N ARG G 199 -31.82 48.40 16.96
CA ARG G 199 -30.61 47.87 17.58
C ARG G 199 -29.57 47.60 16.49
N PHE G 200 -28.45 47.01 16.89
CA PHE G 200 -27.39 46.71 15.93
C PHE G 200 -27.90 45.75 14.87
N GLY G 201 -27.59 46.06 13.61
CA GLY G 201 -28.00 45.23 12.51
C GLY G 201 -29.39 45.50 11.99
N ASP G 202 -29.88 46.74 12.10
CA ASP G 202 -31.18 47.06 11.54
C ASP G 202 -31.17 46.95 10.01
N ILE G 203 -30.08 47.37 9.37
CA ILE G 203 -29.86 47.14 7.95
C ILE G 203 -28.57 46.35 7.78
N GLN G 204 -28.61 45.31 6.96
CA GLN G 204 -27.48 44.42 6.79
C GLN G 204 -27.18 44.27 5.32
N SER G 205 -25.89 44.24 4.98
CA SER G 205 -25.45 44.03 3.61
C SER G 205 -24.34 42.98 3.61
N ARG G 206 -24.42 42.03 2.68
CA ARG G 206 -23.48 40.92 2.68
C ARG G 206 -22.05 41.39 2.44
N THR G 207 -21.88 42.50 1.73
CA THR G 207 -20.56 43.07 1.49
C THR G 207 -20.75 44.54 1.16
N VAL G 208 -19.68 45.31 1.29
CA VAL G 208 -19.77 46.76 1.08
C VAL G 208 -20.18 47.09 -0.35
N GLU G 209 -19.76 46.27 -1.31
CA GLU G 209 -20.15 46.47 -2.71
C GLU G 209 -21.39 45.68 -3.11
N SER G 210 -21.91 44.83 -2.24
CA SER G 210 -23.03 43.96 -2.61
C SER G 210 -24.28 44.78 -2.90
N ASN G 211 -25.00 44.38 -3.96
CA ASN G 211 -26.16 45.13 -4.41
C ASN G 211 -27.37 44.89 -3.50
N ASP G 212 -27.52 43.68 -2.98
CA ASP G 212 -28.67 43.37 -2.14
C ASP G 212 -28.56 44.08 -0.79
N LEU G 213 -29.71 44.33 -0.18
CA LEU G 213 -29.76 45.00 1.11
C LEU G 213 -31.00 44.52 1.86
N TYR G 214 -30.82 44.12 3.11
CA TYR G 214 -31.91 43.77 4.00
C TYR G 214 -32.09 44.91 4.99
N ALA G 215 -33.29 45.48 5.02
CA ALA G 215 -33.58 46.62 5.88
C ALA G 215 -34.89 46.38 6.62
N ASN G 216 -34.87 46.68 7.92
CA ASN G 216 -36.05 46.52 8.78
C ASN G 216 -35.96 47.60 9.85
N THR G 217 -36.61 48.73 9.59
CA THR G 217 -36.56 49.87 10.50
C THR G 217 -37.94 50.35 10.93
N ALA G 218 -39.00 49.65 10.53
CA ALA G 218 -40.38 50.01 10.89
C ALA G 218 -40.72 51.43 10.40
N LEU G 219 -40.67 51.59 9.09
CA LEU G 219 -41.00 52.87 8.46
C LEU G 219 -42.49 52.90 8.17
N LYS G 220 -43.18 53.90 8.72
CA LYS G 220 -44.62 54.00 8.61
C LYS G 220 -45.02 55.39 8.15
N LEU G 221 -46.00 55.45 7.27
CA LEU G 221 -46.48 56.71 6.69
C LEU G 221 -47.75 57.16 7.37
N ALA G 222 -47.97 58.47 7.38
CA ALA G 222 -49.11 59.07 8.05
C ALA G 222 -49.81 60.04 7.11
N ARG G 223 -51.10 60.25 7.37
CA ARG G 223 -51.90 61.12 6.52
C ARG G 223 -51.45 62.57 6.62
N PRO G 224 -51.26 63.27 5.51
CA PRO G 224 -50.83 64.67 5.60
C PRO G 224 -51.91 65.55 6.22
N SER G 225 -51.45 66.63 6.86
CA SER G 225 -52.36 67.58 7.46
C SER G 225 -53.14 68.32 6.38
N PRO G 226 -54.32 68.83 6.70
CA PRO G 226 -55.11 69.54 5.69
C PRO G 226 -54.40 70.78 5.19
N GLY G 227 -54.50 71.01 3.87
CA GLY G 227 -53.92 72.19 3.26
C GLY G 227 -52.42 72.27 3.30
N MET G 228 -51.73 71.13 3.22
CA MET G 228 -50.27 71.12 3.20
C MET G 228 -49.78 69.99 2.31
N VAL G 229 -48.53 70.11 1.87
CA VAL G 229 -47.87 69.13 1.01
C VAL G 229 -46.54 68.79 1.68
N HIS G 230 -46.53 67.74 2.52
CA HIS G 230 -45.29 67.44 3.24
C HIS G 230 -44.90 65.97 3.36
N VAL G 231 -45.79 65.01 3.09
CA VAL G 231 -45.47 63.58 3.18
C VAL G 231 -44.90 63.24 4.56
N PRO G 232 -45.72 63.19 5.61
CA PRO G 232 -45.20 62.86 6.94
C PRO G 232 -44.91 61.38 7.08
N TYR G 233 -44.03 61.06 8.03
CA TYR G 233 -43.71 59.68 8.34
C TYR G 233 -43.01 59.62 9.70
N THR G 234 -42.96 58.43 10.26
CA THR G 234 -42.22 58.16 11.49
C THR G 234 -41.38 56.90 11.30
N GLN G 235 -40.21 56.89 11.93
CA GLN G 235 -39.27 55.79 11.75
C GLN G 235 -38.43 55.62 13.00
N THR G 236 -38.13 54.37 13.33
CA THR G 236 -37.27 54.09 14.48
C THR G 236 -35.83 54.52 14.16
N PRO G 237 -35.18 55.25 15.06
CA PRO G 237 -33.83 55.77 14.76
C PRO G 237 -32.85 54.65 14.43
N SER G 238 -31.69 55.07 13.92
CA SER G 238 -30.70 54.13 13.42
C SER G 238 -30.19 53.23 14.53
N GLY G 239 -29.88 51.98 14.17
CA GLY G 239 -29.29 51.06 15.14
C GLY G 239 -27.80 51.22 15.28
N PHE G 240 -27.11 51.66 14.23
CA PHE G 240 -25.69 51.93 14.33
C PHE G 240 -25.40 53.06 15.28
N LYS G 241 -26.22 54.12 15.28
CA LYS G 241 -25.99 55.22 16.19
C LYS G 241 -26.31 54.86 17.63
N TYR G 242 -27.28 53.98 17.87
CA TYR G 242 -27.48 53.43 19.20
C TYR G 242 -26.27 52.59 19.62
N TRP G 243 -25.76 51.76 18.71
CA TRP G 243 -24.67 50.86 19.05
C TRP G 243 -23.41 51.63 19.39
N LEU G 244 -23.11 52.69 18.64
CA LEU G 244 -21.94 53.51 18.93
C LEU G 244 -21.99 54.09 20.35
N LYS G 245 -23.18 54.29 20.88
CA LYS G 245 -23.34 54.90 22.19
C LYS G 245 -23.57 53.88 23.31
N GLU G 246 -23.94 52.64 22.97
CA GLU G 246 -24.21 51.63 23.98
C GLU G 246 -23.47 50.33 23.70
N LYS G 247 -22.32 50.40 23.03
CA LYS G 247 -21.58 49.17 22.74
C LYS G 247 -20.96 48.60 24.01
N GLY G 248 -20.33 49.44 24.81
CA GLY G 248 -19.81 49.03 26.09
C GLY G 248 -18.49 48.30 26.00
N THR G 249 -17.50 48.74 26.79
CA THR G 249 -16.18 48.12 26.87
C THR G 249 -15.55 47.94 25.49
N ALA G 250 -14.61 47.01 25.41
CA ALA G 250 -13.93 46.64 24.17
C ALA G 250 -13.18 45.34 24.45
N LEU G 251 -12.33 44.93 23.52
CA LEU G 251 -11.35 43.89 23.80
C LEU G 251 -9.94 44.45 23.94
N ASN G 252 -9.72 45.69 23.49
CA ASN G 252 -8.40 46.30 23.65
C ASN G 252 -8.03 46.48 25.11
N THR G 253 -9.01 46.80 25.95
CA THR G 253 -8.79 47.03 27.38
C THR G 253 -9.43 45.94 28.24
N LYS G 254 -9.60 44.74 27.69
CA LYS G 254 -10.22 43.66 28.43
C LYS G 254 -9.54 42.31 28.24
N ALA G 255 -8.53 42.20 27.38
CA ALA G 255 -7.97 40.90 27.05
C ALA G 255 -7.12 40.38 28.20
N PRO G 256 -7.15 39.07 28.44
CA PRO G 256 -6.31 38.48 29.49
C PRO G 256 -4.85 38.37 29.04
N PHE G 257 -3.99 38.07 30.00
CA PHE G 257 -2.56 37.86 29.79
C PHE G 257 -1.87 39.11 29.23
N GLY G 258 -2.54 40.26 29.30
CA GLY G 258 -1.91 41.52 28.96
C GLY G 258 -1.39 41.64 27.55
N CYS G 259 -2.20 41.23 26.58
CA CYS G 259 -1.80 41.26 25.18
C CYS G 259 -2.67 42.21 24.37
N GLN G 260 -2.00 43.12 23.67
CA GLN G 260 -2.67 44.20 22.94
C GLN G 260 -3.41 43.65 21.74
N ILE G 261 -4.57 44.22 21.47
CA ILE G 261 -5.39 43.87 20.31
C ILE G 261 -5.25 44.97 19.27
N LYS G 262 -4.92 44.58 18.05
CA LYS G 262 -4.78 45.51 16.95
C LYS G 262 -5.62 45.04 15.78
N THR G 263 -5.91 45.96 14.86
CA THR G 263 -6.83 45.71 13.77
C THR G 263 -6.12 45.97 12.44
N ASN G 264 -6.65 45.36 11.37
CA ASN G 264 -6.14 45.47 10.01
C ASN G 264 -4.71 44.95 9.92
N PRO G 265 -4.50 43.62 10.03
CA PRO G 265 -5.52 42.59 10.27
C PRO G 265 -5.82 42.43 11.75
N VAL G 266 -6.83 41.63 12.09
CA VAL G 266 -7.13 41.37 13.49
C VAL G 266 -6.06 40.46 14.06
N ARG G 267 -5.49 40.85 15.20
CA ARG G 267 -4.36 40.12 15.76
C ARG G 267 -4.21 40.49 17.22
N ALA G 268 -3.71 39.54 18.02
CA ALA G 268 -3.34 39.76 19.41
C ALA G 268 -1.84 39.56 19.55
N MET G 269 -1.15 40.54 20.12
CA MET G 269 0.30 40.58 20.09
C MET G 269 0.90 40.48 21.48
N ASN G 270 2.06 39.83 21.57
CA ASN G 270 2.86 39.78 22.79
C ASN G 270 2.05 39.21 23.95
N CYS G 271 1.51 38.01 23.76
CA CYS G 271 0.44 37.53 24.62
C CYS G 271 0.97 36.29 25.34
N ALA G 272 1.50 36.50 26.55
CA ALA G 272 2.35 35.53 27.21
C ALA G 272 1.54 34.36 27.75
N VAL G 273 1.64 33.20 27.10
CA VAL G 273 0.98 31.99 27.55
C VAL G 273 1.65 30.81 26.84
N GLY G 274 1.86 29.73 27.59
CA GLY G 274 2.35 28.49 27.01
C GLY G 274 3.85 28.47 26.82
N ASN G 275 4.30 27.38 26.20
CA ASN G 275 5.71 27.13 25.94
C ASN G 275 5.90 26.78 24.47
N ILE G 276 7.08 27.10 23.94
CA ILE G 276 7.39 26.92 22.53
C ILE G 276 8.51 25.91 22.40
N PRO G 277 8.19 24.67 22.02
CA PRO G 277 9.25 23.69 21.72
C PRO G 277 10.13 24.16 20.57
N VAL G 278 11.42 23.86 20.67
CA VAL G 278 12.40 24.26 19.66
C VAL G 278 13.21 23.04 19.27
N SER G 279 13.38 22.84 17.96
CA SER G 279 14.22 21.78 17.43
C SER G 279 15.36 22.39 16.63
N MET G 280 16.51 21.74 16.66
CA MET G 280 17.73 22.31 16.10
C MET G 280 18.52 21.25 15.36
N ASN G 281 19.48 21.71 14.55
CA ASN G 281 20.38 20.81 13.83
C ASN G 281 21.66 21.60 13.57
N LEU G 282 22.66 21.37 14.43
CA LEU G 282 23.84 22.22 14.34
C LEU G 282 24.94 21.57 13.52
N PRO G 283 25.75 22.36 12.83
CA PRO G 283 26.92 21.81 12.14
C PRO G 283 28.07 21.58 13.11
N ASP G 284 29.12 20.97 12.59
CA ASP G 284 30.29 20.66 13.41
C ASP G 284 31.25 21.84 13.55
N SER G 285 31.03 22.92 12.81
CA SER G 285 31.92 24.08 12.89
C SER G 285 31.55 25.02 14.03
N ALA G 286 30.38 24.85 14.65
CA ALA G 286 30.00 25.72 15.77
C ALA G 286 30.78 25.37 17.03
N PHE G 287 30.95 24.08 17.30
CA PHE G 287 31.65 23.64 18.50
C PHE G 287 33.15 23.83 18.35
N THR G 288 33.87 23.62 19.45
CA THR G 288 35.32 23.63 19.48
C THR G 288 35.83 22.33 20.07
N ARG G 289 36.94 21.83 19.52
CA ARG G 289 37.53 20.60 20.03
C ARG G 289 37.95 20.78 21.48
N ILE G 290 37.74 19.74 22.28
CA ILE G 290 38.02 19.84 23.71
C ILE G 290 39.50 20.03 23.98
N VAL G 291 40.37 19.65 23.03
CA VAL G 291 41.80 19.85 23.21
C VAL G 291 42.14 21.33 23.19
N GLU G 292 41.46 22.10 22.34
CA GLU G 292 41.79 23.52 22.20
C GLU G 292 41.26 24.34 23.37
N ALA G 293 40.08 24.01 23.88
CA ALA G 293 39.51 24.74 24.99
C ALA G 293 40.32 24.49 26.26
N PRO G 294 40.33 25.45 27.19
CA PRO G 294 41.09 25.27 28.42
C PRO G 294 40.50 24.18 29.30
N THR G 295 41.36 23.62 30.14
CA THR G 295 40.97 22.62 31.12
C THR G 295 40.85 23.28 32.50
N ILE G 296 39.73 23.03 33.17
CA ILE G 296 39.41 23.66 34.45
C ILE G 296 39.35 22.60 35.53
N ILE G 297 40.12 22.79 36.59
CA ILE G 297 40.14 21.88 37.73
C ILE G 297 40.02 22.69 39.02
N ASP G 298 39.49 22.04 40.06
CA ASP G 298 39.35 22.64 41.39
C ASP G 298 38.52 23.93 41.33
N LEU G 299 37.25 23.76 40.96
CA LEU G 299 36.32 24.86 40.83
C LEU G 299 35.53 25.02 42.12
N THR G 300 35.57 26.22 42.69
CA THR G 300 34.81 26.57 43.88
C THR G 300 33.96 27.79 43.59
N CYS G 301 32.67 27.72 43.93
CA CYS G 301 31.73 28.80 43.68
C CYS G 301 31.35 29.46 45.00
N THR G 302 31.65 30.75 45.13
CA THR G 302 31.35 31.52 46.33
C THR G 302 30.51 32.72 45.95
N VAL G 303 29.41 32.92 46.68
CA VAL G 303 28.47 34.01 46.41
C VAL G 303 28.83 35.20 47.28
N ALA G 304 28.97 36.36 46.65
CA ALA G 304 29.32 37.58 47.39
C ALA G 304 28.09 38.19 48.04
N THR G 305 27.11 38.59 47.22
CA THR G 305 25.89 39.20 47.72
C THR G 305 24.70 38.60 46.99
N CYS G 306 23.53 38.65 47.64
CA CYS G 306 22.30 38.14 47.04
C CYS G 306 21.12 38.97 47.52
N THR G 307 20.19 39.24 46.60
CA THR G 307 18.98 39.99 46.92
C THR G 307 17.93 39.58 45.90
N HIS G 308 16.93 38.81 46.32
CA HIS G 308 15.99 38.22 45.37
C HIS G 308 15.04 39.30 44.86
N SER G 309 15.54 40.10 43.92
CA SER G 309 14.79 41.17 43.27
C SER G 309 14.53 40.79 41.82
N SER G 310 13.91 41.72 41.08
CA SER G 310 13.55 41.45 39.70
C SER G 310 14.78 41.47 38.79
N ASP G 311 15.67 42.45 38.98
CA ASP G 311 16.87 42.53 38.16
C ASP G 311 17.91 41.53 38.67
N PHE G 312 19.12 41.60 38.11
CA PHE G 312 20.18 40.67 38.47
C PHE G 312 20.86 41.19 39.74
N GLY G 313 20.32 40.79 40.88
CA GLY G 313 20.77 41.30 42.17
C GLY G 313 21.72 40.38 42.92
N GLY G 314 22.32 39.44 42.23
CA GLY G 314 23.27 38.53 42.86
C GLY G 314 24.58 38.53 42.13
N VAL G 315 25.67 38.55 42.90
CA VAL G 315 27.03 38.55 42.36
C VAL G 315 27.70 37.25 42.78
N LEU G 316 28.30 36.57 41.81
CA LEU G 316 28.90 35.26 42.02
C LEU G 316 30.38 35.31 41.65
N THR G 317 31.17 34.47 42.30
CA THR G 317 32.61 34.40 42.03
C THR G 317 33.02 32.93 41.86
N LEU G 318 34.01 32.71 41.01
CA LEU G 318 34.53 31.37 40.75
C LEU G 318 36.04 31.39 40.85
N THR G 319 36.60 30.42 41.57
CA THR G 319 38.04 30.24 41.68
C THR G 319 38.44 28.92 41.05
N TYR G 320 39.53 28.95 40.29
CA TYR G 320 39.92 27.78 39.51
C TYR G 320 41.41 27.84 39.23
N LYS G 321 41.96 26.70 38.82
CA LYS G 321 43.33 26.62 38.30
C LYS G 321 43.25 26.13 36.87
N THR G 322 43.84 26.89 35.94
CA THR G 322 43.79 26.57 34.53
C THR G 322 45.19 26.59 33.94
N ASP G 323 45.38 25.81 32.88
CA ASP G 323 46.69 25.76 32.22
C ASP G 323 46.85 26.88 31.20
N LYS G 324 45.84 27.09 30.36
CA LYS G 324 45.87 28.14 29.36
C LYS G 324 44.60 28.96 29.46
N ASN G 325 44.65 30.17 28.92
CA ASN G 325 43.52 31.07 28.93
C ASN G 325 42.78 31.05 27.60
N GLY G 326 41.47 31.20 27.65
CA GLY G 326 40.63 31.14 26.46
C GLY G 326 39.23 31.61 26.73
N ASP G 327 38.23 30.90 26.20
CA ASP G 327 36.84 31.21 26.43
C ASP G 327 36.11 29.97 26.94
N CYS G 328 35.16 30.19 27.84
CA CYS G 328 34.32 29.13 28.38
C CYS G 328 32.86 29.49 28.14
N SER G 329 31.97 28.55 28.48
CA SER G 329 30.54 28.74 28.34
C SER G 329 29.87 28.39 29.67
N VAL G 330 29.62 29.42 30.47
CA VAL G 330 29.00 29.22 31.78
C VAL G 330 27.51 28.91 31.59
N HIS G 331 26.94 28.19 32.54
CA HIS G 331 25.53 27.88 32.52
C HIS G 331 25.10 27.42 33.90
N SER G 332 23.83 27.65 34.23
CA SER G 332 23.23 27.19 35.47
C SER G 332 22.23 26.10 35.13
N HIS G 333 22.38 24.94 35.75
CA HIS G 333 21.58 23.77 35.40
C HIS G 333 20.25 23.70 36.12
N SER G 334 19.93 24.70 36.94
CA SER G 334 18.65 24.76 37.61
C SER G 334 18.00 26.11 37.35
N ASN G 335 16.67 26.12 37.22
CA ASN G 335 15.96 27.35 36.91
C ASN G 335 15.73 28.24 38.12
N VAL G 336 16.30 27.87 39.28
CA VAL G 336 16.18 28.73 40.46
C VAL G 336 16.90 30.05 40.21
N ALA G 337 18.08 30.00 39.60
CA ALA G 337 18.85 31.18 39.28
C ALA G 337 19.04 31.27 37.77
N THR G 338 19.12 32.51 37.27
CA THR G 338 19.28 32.77 35.85
C THR G 338 20.46 33.70 35.65
N LEU G 339 21.51 33.19 35.02
CA LEU G 339 22.70 34.00 34.81
C LEU G 339 22.45 35.08 33.77
N GLN G 340 23.35 36.06 33.73
CA GLN G 340 23.23 37.16 32.77
C GLN G 340 24.00 36.89 31.49
N GLU G 341 25.19 36.30 31.60
CA GLU G 341 26.06 36.11 30.45
C GLU G 341 26.19 34.62 30.12
N ALA G 342 26.46 34.34 28.86
CA ALA G 342 26.64 32.97 28.37
C ALA G 342 28.08 32.69 27.96
N THR G 343 29.02 33.52 28.39
CA THR G 343 30.43 33.33 28.05
C THR G 343 31.28 34.15 29.02
N ALA G 344 32.39 33.57 29.45
CA ALA G 344 33.32 34.26 30.33
C ALA G 344 34.74 34.02 29.85
N LYS G 345 35.60 35.01 30.04
CA LYS G 345 37.00 34.91 29.68
C LYS G 345 37.77 34.34 30.87
N VAL G 346 38.32 33.15 30.70
CA VAL G 346 39.12 32.53 31.74
C VAL G 346 40.56 33.02 31.62
N LYS G 347 41.24 33.12 32.76
CA LYS G 347 42.60 33.61 32.80
C LYS G 347 43.38 32.84 33.86
N THR G 348 44.70 33.00 33.82
CA THR G 348 45.56 32.34 34.81
C THR G 348 45.35 32.89 36.22
N ALA G 349 44.77 34.09 36.34
CA ALA G 349 44.51 34.64 37.66
C ALA G 349 43.51 33.81 38.45
N GLY G 350 42.71 32.99 37.79
CA GLY G 350 41.80 32.09 38.47
C GLY G 350 40.70 32.77 39.27
N LYS G 351 40.05 33.76 38.66
CA LYS G 351 38.95 34.44 39.34
C LYS G 351 38.07 35.12 38.30
N VAL G 352 36.82 34.68 38.19
CA VAL G 352 35.84 35.31 37.32
C VAL G 352 34.60 35.60 38.13
N THR G 353 33.83 36.58 37.69
CA THR G 353 32.63 37.02 38.38
C THR G 353 31.43 36.93 37.45
N LEU G 354 30.28 36.55 38.01
CA LEU G 354 29.06 36.38 37.25
C LEU G 354 27.90 36.99 38.03
N HIS G 355 26.85 37.35 37.29
CA HIS G 355 25.64 37.91 37.88
C HIS G 355 24.48 36.95 37.64
N PHE G 356 23.59 36.84 38.62
CA PHE G 356 22.43 35.98 38.50
C PHE G 356 21.23 36.63 39.19
N SER G 357 20.03 36.24 38.75
CA SER G 357 18.79 36.73 39.32
C SER G 357 17.98 35.55 39.84
N THR G 358 17.57 35.64 41.10
CA THR G 358 16.83 34.56 41.75
C THR G 358 15.66 35.15 42.50
N ALA G 359 14.66 34.30 42.78
CA ALA G 359 13.44 34.73 43.45
C ALA G 359 13.09 33.86 44.64
N SER G 360 14.08 33.23 45.27
CA SER G 360 13.85 32.36 46.42
C SER G 360 14.75 32.80 47.57
N ALA G 361 14.31 32.49 48.79
CA ALA G 361 15.04 32.93 49.97
C ALA G 361 16.43 32.32 50.03
N SER G 362 16.54 31.02 49.73
CA SER G 362 17.83 30.32 49.75
C SER G 362 17.93 29.44 48.51
N PRO G 363 18.62 29.91 47.47
CA PRO G 363 18.75 29.12 46.24
C PRO G 363 19.89 28.12 46.32
N SER G 364 19.77 27.08 45.49
CA SER G 364 20.82 26.09 45.37
C SER G 364 20.85 25.60 43.93
N PHE G 365 21.92 25.92 43.22
CA PHE G 365 22.05 25.57 41.81
C PHE G 365 23.48 25.14 41.55
N VAL G 366 23.65 24.35 40.49
CA VAL G 366 24.96 23.86 40.07
C VAL G 366 25.37 24.60 38.81
N VAL G 367 26.53 25.26 38.88
CA VAL G 367 27.04 26.06 37.76
C VAL G 367 28.22 25.34 37.16
N SER G 368 28.39 25.48 35.85
CA SER G 368 29.44 24.77 35.13
C SER G 368 30.20 25.75 34.24
N LEU G 369 31.51 25.80 34.43
CA LEU G 369 32.40 26.61 33.61
C LEU G 369 33.15 25.69 32.69
N CYS G 370 32.97 25.87 31.37
CA CYS G 370 33.38 24.87 30.40
C CYS G 370 32.92 23.48 30.82
N SER G 371 33.84 22.63 31.26
CA SER G 371 33.49 21.27 31.64
C SER G 371 33.44 21.05 33.15
N ALA G 372 33.92 22.00 33.94
CA ALA G 372 33.94 21.84 35.39
C ALA G 372 32.53 21.93 35.96
N ARG G 373 32.43 21.72 37.27
CA ARG G 373 31.15 21.80 37.97
C ARG G 373 31.39 22.39 39.35
N ALA G 374 30.34 22.99 39.91
CA ALA G 374 30.38 23.52 41.26
C ALA G 374 28.96 23.77 41.73
N THR G 375 28.74 23.59 43.02
CA THR G 375 27.44 23.80 43.64
C THR G 375 27.46 25.07 44.45
N CYS G 376 26.51 25.97 44.19
CA CYS G 376 26.43 27.26 44.85
C CYS G 376 25.20 27.31 45.76
N SER G 377 25.38 27.85 46.95
CA SER G 377 24.30 28.07 47.90
C SER G 377 24.54 29.37 48.63
N ALA G 378 23.48 30.13 48.86
CA ALA G 378 23.62 31.45 49.44
C ALA G 378 22.34 31.85 50.15
N SER G 379 22.44 32.89 50.97
CA SER G 379 21.31 33.45 51.70
C SER G 379 21.02 34.84 51.13
N CYS G 380 19.78 35.05 50.69
CA CYS G 380 19.38 36.28 50.02
C CYS G 380 18.36 37.03 50.87
N GLU G 381 18.50 38.35 50.92
CA GLU G 381 17.62 39.23 51.66
C GLU G 381 16.64 39.93 50.72
N PRO G 382 15.43 40.21 51.18
CA PRO G 382 14.41 40.81 50.30
C PRO G 382 14.79 42.23 49.89
N PRO G 383 14.26 42.71 48.77
CA PRO G 383 14.47 44.11 48.39
C PRO G 383 13.44 45.03 49.01
N LYS G 384 13.82 46.30 49.13
CA LYS G 384 12.98 47.28 49.81
C LYS G 384 11.97 47.95 48.89
N ASP G 385 12.27 48.05 47.59
CA ASP G 385 11.40 48.77 46.67
C ASP G 385 10.11 47.99 46.45
N HIS G 386 8.98 48.68 46.60
CA HIS G 386 7.69 48.00 46.52
C HIS G 386 7.32 47.67 45.08
N ILE G 387 7.52 48.61 44.16
CA ILE G 387 7.05 48.47 42.78
C ILE G 387 8.12 48.97 41.82
N VAL G 388 8.35 48.21 40.76
CA VAL G 388 9.34 48.55 39.73
C VAL G 388 8.68 48.45 38.37
N PRO G 389 9.15 49.20 37.36
CA PRO G 389 8.48 49.20 36.05
C PRO G 389 8.98 48.18 35.04
N TYR G 390 9.81 47.21 35.43
CA TYR G 390 10.29 46.19 34.51
C TYR G 390 9.89 44.81 34.98
N ALA G 391 9.69 43.90 34.03
CA ALA G 391 9.22 42.57 34.33
C ALA G 391 10.31 41.74 35.01
N ALA G 392 9.88 40.65 35.63
CA ALA G 392 10.79 39.78 36.36
C ALA G 392 11.74 39.07 35.41
N SER G 393 13.00 38.97 35.82
CA SER G 393 14.03 38.30 35.02
C SER G 393 14.32 36.89 35.52
N HIS G 394 13.54 36.37 36.47
CA HIS G 394 13.72 35.03 36.99
C HIS G 394 12.54 34.16 36.62
N SER G 395 12.65 32.88 36.94
CA SER G 395 11.60 31.91 36.64
C SER G 395 10.54 31.84 37.72
N ASN G 396 10.66 32.63 38.78
CA ASN G 396 9.65 32.75 39.83
C ASN G 396 9.41 31.42 40.52
N VAL G 397 10.48 30.88 41.12
CA VAL G 397 10.42 29.69 41.96
C VAL G 397 10.85 30.09 43.36
N VAL G 398 10.06 29.69 44.36
CA VAL G 398 10.18 30.27 45.69
C VAL G 398 10.61 29.23 46.72
N PHE G 399 10.37 27.95 46.42
CA PHE G 399 10.68 26.91 47.41
C PHE G 399 12.17 26.87 47.69
N PRO G 400 12.59 26.98 48.96
CA PRO G 400 14.01 27.03 49.28
C PRO G 400 14.64 25.64 49.26
N ASP G 401 15.97 25.64 49.37
CA ASP G 401 16.73 24.41 49.42
C ASP G 401 16.58 23.72 50.77
N MET G 402 16.80 22.40 50.77
CA MET G 402 16.75 21.64 52.02
C MET G 402 17.86 22.03 52.98
N SER G 403 18.89 22.70 52.50
CA SER G 403 19.98 23.18 53.36
C SER G 403 19.74 24.59 53.88
N GLY G 404 18.60 25.20 53.55
CA GLY G 404 18.29 26.53 54.05
C GLY G 404 17.99 26.51 55.53
N THR G 405 17.94 27.71 56.11
CA THR G 405 17.77 27.83 57.55
C THR G 405 16.44 27.26 58.00
N ALA G 406 15.35 27.61 57.31
CA ALA G 406 14.04 27.12 57.69
C ALA G 406 13.98 25.59 57.59
N LEU G 407 14.44 25.04 56.48
CA LEU G 407 14.38 23.60 56.30
C LEU G 407 15.40 22.89 57.19
N SER G 408 16.51 23.56 57.55
CA SER G 408 17.40 22.99 58.55
C SER G 408 16.72 22.86 59.89
N TRP G 409 15.98 23.89 60.31
CA TRP G 409 15.23 23.80 61.56
C TRP G 409 14.19 22.69 61.49
N VAL G 410 13.50 22.58 60.37
CA VAL G 410 12.49 21.53 60.21
C VAL G 410 13.14 20.16 60.30
N GLN G 411 14.29 19.98 59.64
CA GLN G 411 14.99 18.71 59.68
C GLN G 411 15.44 18.36 61.08
N LYS G 412 15.97 19.33 61.82
CA LYS G 412 16.43 19.07 63.19
C LYS G 412 15.27 18.66 64.09
N ILE G 413 14.15 19.37 64.01
CA ILE G 413 13.00 19.04 64.84
C ILE G 413 12.46 17.65 64.49
N SER G 414 12.32 17.37 63.20
CA SER G 414 11.82 16.07 62.77
C SER G 414 12.76 14.96 63.20
N GLY G 415 14.08 15.20 63.14
CA GLY G 415 15.04 14.20 63.57
C GLY G 415 14.95 13.92 65.05
N GLY G 416 14.80 14.97 65.86
CA GLY G 416 14.62 14.76 67.29
C GLY G 416 13.38 13.93 67.60
N LEU G 417 12.25 14.28 66.97
CA LEU G 417 11.02 13.54 67.20
C LEU G 417 11.15 12.10 66.71
N GLY G 418 11.80 11.89 65.58
CA GLY G 418 11.99 10.53 65.08
C GLY G 418 12.89 9.70 65.98
N ALA G 419 13.93 10.33 66.54
CA ALA G 419 14.77 9.62 67.50
C ALA G 419 13.98 9.22 68.73
N PHE G 420 13.12 10.12 69.23
CA PHE G 420 12.28 9.78 70.37
C PHE G 420 11.36 8.60 70.04
N ALA G 421 10.73 8.65 68.86
CA ALA G 421 9.83 7.57 68.46
C ALA G 421 10.57 6.24 68.31
N ILE G 422 11.77 6.29 67.74
CA ILE G 422 12.55 5.06 67.57
C ILE G 422 12.95 4.48 68.92
N GLY G 423 13.34 5.34 69.86
CA GLY G 423 13.65 4.86 71.20
C GLY G 423 12.46 4.21 71.88
N ALA G 424 11.29 4.84 71.76
CA ALA G 424 10.08 4.25 72.34
C ALA G 424 9.74 2.92 71.68
N ILE G 425 9.89 2.83 70.36
CA ILE G 425 9.65 1.57 69.65
C ILE G 425 10.59 0.48 70.16
N LEU G 426 11.87 0.83 70.33
CA LEU G 426 12.84 -0.14 70.81
C LEU G 426 12.49 -0.61 72.22
N VAL G 427 12.08 0.32 73.09
CA VAL G 427 11.70 -0.05 74.45
C VAL G 427 10.52 -1.03 74.42
N LEU G 428 9.49 -0.72 73.61
CA LEU G 428 8.34 -1.61 73.52
C LEU G 428 8.75 -2.98 72.98
N VAL G 429 9.62 -3.02 71.98
CA VAL G 429 10.02 -4.29 71.39
C VAL G 429 10.79 -5.13 72.41
N VAL G 430 11.71 -4.51 73.14
CA VAL G 430 12.44 -5.25 74.17
C VAL G 430 11.49 -5.79 75.23
N VAL G 431 10.55 -4.95 75.68
CA VAL G 431 9.63 -5.37 76.71
C VAL G 431 8.78 -6.55 76.24
N THR G 432 8.24 -6.46 75.03
CA THR G 432 7.38 -7.55 74.54
C THR G 432 8.17 -8.82 74.29
N CYS G 433 9.43 -8.71 73.83
CA CYS G 433 10.24 -9.90 73.64
C CYS G 433 10.54 -10.58 74.98
N ILE G 434 10.89 -9.80 76.00
CA ILE G 434 11.11 -10.38 77.32
C ILE G 434 9.84 -11.02 77.85
N GLY G 435 8.70 -10.36 77.66
CA GLY G 435 7.44 -10.92 78.13
C GLY G 435 7.10 -12.23 77.43
N LEU G 436 7.35 -12.31 76.12
CA LEU G 436 7.04 -13.52 75.39
C LEU G 436 8.03 -14.65 75.69
N ARG G 437 9.27 -14.30 76.05
CA ARG G 437 10.23 -15.33 76.40
C ARG G 437 9.89 -16.06 77.70
N ARG G 438 8.97 -15.51 78.49
CA ARG G 438 8.53 -16.18 79.71
C ARG G 438 7.35 -17.10 79.44
N HIS H 1 -15.47 2.05 -75.98
CA HIS H 1 -16.40 1.43 -75.04
C HIS H 1 -16.98 2.47 -74.08
N PHE H 2 -17.63 2.00 -73.02
CA PHE H 2 -18.23 2.90 -72.06
C PHE H 2 -17.16 3.68 -71.30
N ASN H 3 -17.49 4.92 -70.95
CA ASN H 3 -16.59 5.79 -70.21
C ASN H 3 -17.27 6.32 -68.97
N VAL H 4 -17.84 5.41 -68.16
CA VAL H 4 -18.74 5.71 -67.05
C VAL H 4 -18.25 6.91 -66.24
N TYR H 5 -16.93 7.10 -66.16
CA TYR H 5 -16.41 8.26 -65.46
C TYR H 5 -16.50 9.51 -66.33
N LYS H 6 -17.68 9.78 -66.87
CA LYS H 6 -17.99 11.04 -67.54
C LYS H 6 -19.09 11.83 -66.85
N ALA H 7 -20.00 11.15 -66.16
CA ALA H 7 -21.03 11.80 -65.36
C ALA H 7 -20.64 11.91 -63.90
N THR H 8 -19.34 11.85 -63.60
CA THR H 8 -18.85 11.93 -62.24
C THR H 8 -17.83 13.07 -62.14
N ARG H 9 -17.87 13.78 -61.01
CA ARG H 9 -17.00 14.91 -60.78
C ARG H 9 -16.35 14.83 -59.41
N PRO H 10 -15.15 15.34 -59.26
CA PRO H 10 -14.57 15.51 -57.93
C PRO H 10 -15.38 16.51 -57.12
N TYR H 11 -15.30 16.38 -55.80
CA TYR H 11 -16.05 17.26 -54.91
C TYR H 11 -15.15 17.70 -53.76
N ILE H 12 -15.70 18.58 -52.93
CA ILE H 12 -14.99 19.15 -51.79
C ILE H 12 -15.71 18.71 -50.52
N ALA H 13 -14.98 18.06 -49.62
CA ALA H 13 -15.53 17.57 -48.37
C ALA H 13 -14.71 18.12 -47.21
N TYR H 14 -15.17 17.84 -46.00
CA TYR H 14 -14.58 18.38 -44.78
C TYR H 14 -13.64 17.36 -44.18
N CYS H 15 -12.34 17.70 -44.14
CA CYS H 15 -11.32 16.82 -43.59
C CYS H 15 -11.03 17.20 -42.15
N ALA H 16 -10.76 16.19 -41.32
CA ALA H 16 -10.59 16.43 -39.88
C ALA H 16 -9.42 17.37 -39.62
N ASP H 17 -8.27 17.09 -40.22
CA ASP H 17 -7.13 18.00 -40.14
C ASP H 17 -6.28 17.82 -41.40
N CYS H 18 -5.74 18.92 -41.89
CA CYS H 18 -5.05 18.95 -43.18
C CYS H 18 -3.54 18.86 -43.02
N GLY H 19 -3.06 18.06 -42.08
CA GLY H 19 -1.64 17.91 -41.85
C GLY H 19 -1.03 18.96 -40.96
N ALA H 20 -1.84 19.83 -40.35
CA ALA H 20 -1.32 20.88 -39.49
C ALA H 20 -2.11 21.04 -38.19
N GLY H 21 -3.13 20.21 -37.96
CA GLY H 21 -3.96 20.34 -36.78
C GLY H 21 -5.18 21.21 -36.95
N HIS H 22 -5.35 21.84 -38.11
CA HIS H 22 -6.51 22.68 -38.38
C HIS H 22 -7.40 22.04 -39.42
N SER H 23 -8.69 22.29 -39.31
CA SER H 23 -9.69 21.67 -40.16
C SER H 23 -10.17 22.65 -41.22
N CYS H 24 -10.10 22.25 -42.49
CA CYS H 24 -10.64 23.06 -43.58
C CYS H 24 -11.06 22.13 -44.70
N HIS H 25 -12.01 22.62 -45.51
CA HIS H 25 -12.58 21.84 -46.60
C HIS H 25 -11.51 21.60 -47.65
N SER H 26 -11.07 20.36 -47.77
CA SER H 26 -10.01 19.99 -48.70
C SER H 26 -10.58 19.20 -49.87
N PRO H 27 -9.91 19.23 -51.02
CA PRO H 27 -10.35 18.43 -52.16
C PRO H 27 -9.87 16.99 -52.14
N VAL H 28 -9.10 16.59 -51.13
CA VAL H 28 -8.51 15.24 -51.10
C VAL H 28 -8.99 14.54 -49.84
N ALA H 29 -10.21 14.84 -49.41
CA ALA H 29 -10.75 14.22 -48.21
C ALA H 29 -10.78 12.70 -48.34
N ILE H 30 -10.50 12.02 -47.23
CA ILE H 30 -10.38 10.56 -47.21
C ILE H 30 -11.68 9.95 -46.71
N GLU H 31 -12.23 9.03 -47.50
CA GLU H 31 -13.38 8.24 -47.09
C GLU H 31 -12.86 6.94 -46.45
N ALA H 32 -13.74 5.96 -46.29
CA ALA H 32 -13.39 4.74 -45.57
C ALA H 32 -12.22 4.02 -46.25
N VAL H 33 -11.42 3.35 -45.43
CA VAL H 33 -10.27 2.56 -45.87
C VAL H 33 -10.61 1.10 -45.68
N ARG H 34 -10.48 0.31 -46.74
CA ARG H 34 -10.78 -1.11 -46.71
C ARG H 34 -9.49 -1.91 -46.72
N SER H 35 -9.39 -2.88 -45.81
CA SER H 35 -8.18 -3.67 -45.65
C SER H 35 -8.53 -5.15 -45.46
N GLU H 36 -9.43 -5.66 -46.28
CA GLU H 36 -9.80 -7.08 -46.22
C GLU H 36 -8.96 -7.95 -47.15
N ALA H 37 -7.72 -7.54 -47.42
CA ALA H 37 -6.78 -8.35 -48.18
C ALA H 37 -5.76 -8.94 -47.22
N THR H 38 -5.52 -10.25 -47.34
CA THR H 38 -4.68 -10.95 -46.36
C THR H 38 -3.24 -10.47 -46.41
N ASP H 39 -2.71 -10.22 -47.62
CA ASP H 39 -1.31 -9.84 -47.73
C ASP H 39 -1.03 -8.44 -47.21
N GLY H 40 -2.05 -7.65 -46.91
CA GLY H 40 -1.84 -6.34 -46.32
C GLY H 40 -1.82 -5.21 -47.32
N MET H 41 -2.82 -5.17 -48.20
CA MET H 41 -2.95 -4.11 -49.20
C MET H 41 -4.21 -3.31 -48.92
N LEU H 42 -4.10 -1.99 -48.91
CA LEU H 42 -5.20 -1.12 -48.56
C LEU H 42 -5.86 -0.55 -49.81
N LYS H 43 -7.15 -0.24 -49.69
CA LYS H 43 -7.89 0.45 -50.74
C LYS H 43 -8.41 1.78 -50.16
N ILE H 44 -7.56 2.80 -50.21
CA ILE H 44 -7.97 4.13 -49.79
C ILE H 44 -8.89 4.74 -50.84
N GLN H 45 -9.80 5.59 -50.39
CA GLN H 45 -10.78 6.22 -51.26
C GLN H 45 -10.68 7.74 -51.12
N PHE H 46 -10.31 8.40 -52.21
CA PHE H 46 -10.25 9.86 -52.22
C PHE H 46 -11.64 10.45 -52.28
N SER H 47 -11.70 11.77 -52.43
CA SER H 47 -12.86 12.46 -52.96
C SER H 47 -12.62 12.96 -54.38
N ALA H 48 -11.38 13.30 -54.71
CA ALA H 48 -11.03 13.78 -56.05
C ALA H 48 -10.49 12.61 -56.86
N GLN H 49 -11.27 12.19 -57.86
CA GLN H 49 -10.91 11.02 -58.64
C GLN H 49 -9.66 11.27 -59.47
N ILE H 50 -8.90 10.20 -59.69
CA ILE H 50 -7.57 10.29 -60.27
C ILE H 50 -7.48 9.39 -61.49
N GLY H 51 -6.57 9.73 -62.40
CA GLY H 51 -6.37 9.00 -63.63
C GLY H 51 -7.13 9.51 -64.82
N ILE H 52 -8.00 10.52 -64.64
CA ILE H 52 -8.82 11.06 -65.71
C ILE H 52 -8.77 12.58 -65.64
N ASP H 53 -8.38 13.21 -66.75
CA ASP H 53 -8.13 14.64 -66.74
C ASP H 53 -9.43 15.44 -66.75
N LYS H 54 -9.29 16.76 -66.86
CA LYS H 54 -10.45 17.65 -66.78
C LYS H 54 -11.42 17.41 -67.93
N SER H 55 -10.91 17.17 -69.13
CA SER H 55 -11.73 16.99 -70.32
C SER H 55 -12.31 15.58 -70.45
N ASP H 56 -12.33 14.81 -69.35
CA ASP H 56 -12.89 13.46 -69.33
C ASP H 56 -12.18 12.52 -70.30
N ASN H 57 -10.85 12.58 -70.29
CA ASN H 57 -10.03 11.68 -71.08
C ASN H 57 -9.11 10.89 -70.17
N HIS H 58 -8.85 9.63 -70.53
CA HIS H 58 -7.99 8.79 -69.73
C HIS H 58 -6.53 9.18 -69.94
N ASP H 59 -5.91 9.71 -68.89
CA ASP H 59 -4.51 10.10 -68.93
C ASP H 59 -3.80 9.56 -67.70
N TYR H 60 -2.59 9.04 -67.89
CA TYR H 60 -1.80 8.46 -66.81
C TYR H 60 -1.12 9.51 -65.96
N THR H 61 -1.21 10.80 -66.31
CA THR H 61 -0.46 11.84 -65.64
C THR H 61 -1.33 12.93 -65.03
N LYS H 62 -2.52 13.16 -65.56
CA LYS H 62 -3.40 14.20 -65.06
C LYS H 62 -4.52 13.59 -64.22
N ILE H 63 -4.79 14.21 -63.07
CA ILE H 63 -5.88 13.77 -62.19
C ILE H 63 -6.73 14.97 -61.82
N ARG H 64 -8.05 14.80 -61.88
CA ARG H 64 -9.00 15.85 -61.59
C ARG H 64 -9.05 16.14 -60.10
N TYR H 65 -9.53 17.35 -59.76
CA TYR H 65 -9.86 17.70 -58.39
C TYR H 65 -10.69 18.97 -58.40
N ALA H 66 -11.73 18.98 -57.58
CA ALA H 66 -12.65 20.11 -57.55
C ALA H 66 -12.04 21.30 -56.84
N ASP H 67 -12.36 22.51 -57.32
CA ASP H 67 -11.88 23.75 -56.72
C ASP H 67 -12.94 24.82 -56.96
N GLY H 68 -13.84 24.97 -56.00
CA GLY H 68 -14.87 26.00 -56.07
C GLY H 68 -15.73 25.94 -57.32
N HIS H 69 -16.55 24.88 -57.43
CA HIS H 69 -17.35 24.59 -58.63
C HIS H 69 -16.56 24.87 -59.91
N ALA H 70 -15.33 24.35 -59.94
CA ALA H 70 -14.46 24.48 -61.09
C ALA H 70 -13.42 23.38 -61.03
N ILE H 71 -13.36 22.55 -62.07
CA ILE H 71 -12.49 21.38 -62.08
C ILE H 71 -11.17 21.75 -62.73
N GLU H 72 -10.07 21.40 -62.07
CA GLU H 72 -8.73 21.51 -62.64
C GLU H 72 -8.07 20.15 -62.56
N ASN H 73 -6.79 20.09 -62.96
CA ASN H 73 -6.05 18.85 -62.90
C ASN H 73 -4.62 19.13 -62.46
N ALA H 74 -4.03 18.14 -61.80
CA ALA H 74 -2.66 18.22 -61.31
C ALA H 74 -1.89 16.99 -61.80
N VAL H 75 -0.56 17.13 -61.85
CA VAL H 75 0.29 16.04 -62.30
C VAL H 75 0.12 14.85 -61.38
N ARG H 76 0.10 13.64 -61.97
CA ARG H 76 -0.06 12.44 -61.15
C ARG H 76 1.10 12.23 -60.21
N SER H 77 2.28 12.72 -60.57
CA SER H 77 3.40 12.73 -59.63
C SER H 77 3.03 13.56 -58.41
N SER H 78 3.87 13.46 -57.37
CA SER H 78 3.65 14.11 -56.09
C SER H 78 2.39 13.62 -55.38
N LEU H 79 1.80 12.52 -55.85
CA LEU H 79 0.74 11.86 -55.09
C LEU H 79 1.41 10.99 -54.04
N LYS H 80 1.48 11.50 -52.82
CA LYS H 80 2.22 10.84 -51.74
C LYS H 80 1.23 10.33 -50.72
N VAL H 81 1.26 9.02 -50.49
CA VAL H 81 0.51 8.38 -49.41
C VAL H 81 1.52 7.88 -48.39
N ALA H 82 1.25 8.14 -47.11
CA ALA H 82 2.26 7.87 -46.10
C ALA H 82 1.61 7.42 -44.81
N THR H 83 2.41 6.75 -43.99
CA THR H 83 2.06 6.36 -42.62
C THR H 83 3.30 6.73 -41.81
N SER H 84 3.42 6.16 -40.62
CA SER H 84 4.61 6.35 -39.79
C SER H 84 5.89 6.33 -40.60
N GLY H 85 5.92 5.51 -41.65
CA GLY H 85 7.03 5.51 -42.60
C GLY H 85 6.68 6.17 -43.91
N ASP H 86 6.72 5.41 -45.00
CA ASP H 86 6.44 5.95 -46.33
C ASP H 86 5.94 4.82 -47.21
N CYS H 87 4.70 4.93 -47.69
CA CYS H 87 4.04 3.83 -48.37
C CYS H 87 4.51 3.71 -49.82
N PHE H 88 4.00 2.68 -50.49
CA PHE H 88 4.26 2.42 -51.90
C PHE H 88 2.93 2.31 -52.61
N VAL H 89 2.79 2.99 -53.74
CA VAL H 89 1.53 3.08 -54.46
C VAL H 89 1.54 2.06 -55.59
N HIS H 90 0.54 1.19 -55.62
CA HIS H 90 0.43 0.14 -56.62
C HIS H 90 -0.58 0.49 -57.71
N GLY H 91 -1.84 0.73 -57.33
CA GLY H 91 -2.89 0.96 -58.30
C GLY H 91 -3.36 2.39 -58.38
N THR H 92 -4.04 2.74 -59.48
CA THR H 92 -4.46 4.12 -59.70
C THR H 92 -5.63 4.12 -60.66
N MET H 93 -6.84 4.37 -60.15
CA MET H 93 -8.02 4.50 -60.98
C MET H 93 -9.20 5.05 -60.20
N GLY H 94 -9.92 6.00 -60.79
CA GLY H 94 -11.10 6.55 -60.12
C GLY H 94 -10.74 7.24 -58.83
N HIS H 95 -11.58 7.04 -57.81
CA HIS H 95 -11.32 7.59 -56.50
C HIS H 95 -10.35 6.74 -55.68
N PHE H 96 -10.02 5.54 -56.13
CA PHE H 96 -9.37 4.54 -55.29
C PHE H 96 -7.88 4.45 -55.58
N ILE H 97 -7.10 4.30 -54.53
CA ILE H 97 -5.65 4.19 -54.60
C ILE H 97 -5.22 3.00 -53.76
N LEU H 98 -4.27 2.21 -54.27
CA LEU H 98 -3.78 1.02 -53.61
C LEU H 98 -2.40 1.28 -53.04
N ALA H 99 -2.19 0.84 -51.80
CA ALA H 99 -0.92 1.09 -51.13
C ALA H 99 -0.56 -0.08 -50.23
N LYS H 100 0.74 -0.18 -49.93
CA LYS H 100 1.28 -1.15 -48.99
C LYS H 100 2.12 -0.38 -47.97
N CYS H 101 1.52 -0.07 -46.83
CA CYS H 101 2.10 0.88 -45.90
C CYS H 101 2.84 0.18 -44.76
N PRO H 102 3.87 0.80 -44.21
CA PRO H 102 4.48 0.29 -42.98
C PRO H 102 3.56 0.52 -41.79
N PRO H 103 3.74 -0.23 -40.69
CA PRO H 103 2.82 -0.09 -39.56
C PRO H 103 2.87 1.31 -38.96
N GLY H 104 1.71 1.76 -38.50
CA GLY H 104 1.59 3.10 -37.95
C GLY H 104 0.19 3.35 -37.46
N GLU H 105 -0.03 4.56 -36.96
CA GLU H 105 -1.30 4.92 -36.34
C GLU H 105 -2.10 5.96 -37.13
N PHE H 106 -1.63 6.34 -38.31
CA PHE H 106 -2.36 7.28 -39.16
C PHE H 106 -1.89 7.12 -40.59
N LEU H 107 -2.66 7.67 -41.52
CA LEU H 107 -2.23 7.73 -42.91
C LEU H 107 -2.75 9.03 -43.52
N GLN H 108 -1.96 9.59 -44.42
CA GLN H 108 -2.31 10.83 -45.10
C GLN H 108 -2.04 10.71 -46.59
N VAL H 109 -2.86 11.41 -47.37
CA VAL H 109 -2.69 11.52 -48.82
C VAL H 109 -2.63 12.99 -49.17
N SER H 110 -1.75 13.34 -50.10
CA SER H 110 -1.57 14.73 -50.48
C SER H 110 -1.07 14.81 -51.91
N ILE H 111 -1.28 15.98 -52.52
CA ILE H 111 -0.76 16.24 -53.86
C ILE H 111 -0.73 17.74 -54.08
N GLN H 112 0.14 18.19 -54.97
CA GLN H 112 0.31 19.61 -55.24
C GLN H 112 -0.93 20.19 -55.91
N ASP H 113 -1.26 21.42 -55.53
CA ASP H 113 -2.37 22.15 -56.13
C ASP H 113 -1.97 22.61 -57.53
N THR H 114 -2.85 23.38 -58.18
CA THR H 114 -2.50 23.96 -59.47
C THR H 114 -1.33 24.92 -59.35
N ARG H 115 -1.29 25.71 -58.29
CA ARG H 115 -0.20 26.62 -58.01
C ARG H 115 0.89 26.00 -57.15
N ASN H 116 0.99 24.67 -57.13
CA ASN H 116 2.03 23.94 -56.42
C ASN H 116 1.96 24.19 -54.91
N ALA H 117 0.80 23.89 -54.34
CA ALA H 117 0.59 23.94 -52.89
C ALA H 117 0.05 22.60 -52.44
N VAL H 118 0.64 22.03 -51.39
CA VAL H 118 0.25 20.71 -50.92
C VAL H 118 -1.15 20.77 -50.34
N ARG H 119 -2.00 19.80 -50.71
CA ARG H 119 -3.35 19.69 -50.20
C ARG H 119 -3.49 18.30 -49.57
N ALA H 120 -3.43 18.23 -48.25
CA ALA H 120 -3.34 16.97 -47.53
C ALA H 120 -4.55 16.76 -46.64
N CYS H 121 -4.86 15.49 -46.38
CA CYS H 121 -5.85 15.10 -45.39
C CYS H 121 -5.25 13.98 -44.54
N ARG H 122 -5.61 13.96 -43.27
CA ARG H 122 -5.05 13.01 -42.32
C ARG H 122 -6.16 12.30 -41.57
N ILE H 123 -6.11 10.97 -41.54
CA ILE H 123 -7.13 10.16 -40.90
C ILE H 123 -6.45 9.21 -39.92
N GLN H 124 -7.12 8.94 -38.80
CA GLN H 124 -6.58 8.05 -37.79
C GLN H 124 -6.93 6.62 -38.15
N TYR H 125 -5.90 5.78 -38.31
CA TYR H 125 -6.10 4.41 -38.74
C TYR H 125 -5.02 3.55 -38.11
N HIS H 126 -5.43 2.50 -37.40
CA HIS H 126 -4.49 1.59 -36.75
C HIS H 126 -4.16 0.47 -37.71
N HIS H 127 -3.02 0.58 -38.39
CA HIS H 127 -2.59 -0.39 -39.39
C HIS H 127 -1.46 -1.23 -38.80
N ASP H 128 -1.67 -2.55 -38.80
CA ASP H 128 -0.66 -3.49 -38.34
C ASP H 128 -0.86 -4.83 -39.03
N PRO H 129 -0.12 -5.12 -40.09
CA PRO H 129 -0.36 -6.34 -40.85
C PRO H 129 0.36 -7.55 -40.26
N GLN H 130 -0.30 -8.69 -40.37
CA GLN H 130 0.27 -9.97 -39.94
C GLN H 130 0.22 -10.91 -41.13
N PRO H 131 1.36 -11.34 -41.65
CA PRO H 131 1.35 -12.22 -42.83
C PRO H 131 0.72 -13.56 -42.53
N VAL H 132 0.14 -14.16 -43.58
CA VAL H 132 -0.53 -15.45 -43.42
C VAL H 132 0.50 -16.53 -43.10
N GLY H 133 0.17 -17.39 -42.15
CA GLY H 133 1.03 -18.46 -41.72
C GLY H 133 1.17 -18.46 -40.22
N ARG H 134 2.26 -19.06 -39.74
CA ARG H 134 2.53 -19.14 -38.31
C ARG H 134 3.76 -18.37 -37.89
N GLU H 135 4.47 -17.74 -38.82
CA GLU H 135 5.62 -16.91 -38.50
C GLU H 135 5.30 -15.45 -38.84
N LYS H 136 5.72 -14.54 -37.98
CA LYS H 136 5.53 -13.12 -38.21
C LYS H 136 6.77 -12.49 -38.84
N PHE H 137 7.08 -12.95 -40.05
CA PHE H 137 8.22 -12.42 -40.78
C PHE H 137 7.88 -11.05 -41.34
N THR H 138 8.87 -10.41 -41.97
CA THR H 138 8.73 -9.06 -42.49
C THR H 138 8.70 -9.02 -44.02
N ILE H 139 9.71 -9.58 -44.68
CA ILE H 139 9.74 -9.61 -46.14
C ILE H 139 9.95 -11.06 -46.58
N ARG H 140 9.57 -11.33 -47.82
CA ARG H 140 9.58 -12.70 -48.32
C ARG H 140 11.01 -13.23 -48.43
N PRO H 141 11.20 -14.53 -48.22
CA PRO H 141 12.55 -15.09 -48.35
C PRO H 141 12.84 -15.56 -49.77
N HIS H 142 14.01 -16.13 -49.99
CA HIS H 142 14.38 -16.71 -51.27
C HIS H 142 14.24 -18.23 -51.27
N TYR H 143 13.69 -18.81 -50.21
CA TYR H 143 13.46 -20.25 -50.13
C TYR H 143 12.41 -20.50 -49.07
N GLY H 144 11.28 -21.09 -49.46
CA GLY H 144 10.23 -21.34 -48.50
C GLY H 144 9.05 -22.04 -49.15
N LYS H 145 7.96 -22.11 -48.40
CA LYS H 145 6.74 -22.77 -48.85
C LYS H 145 5.93 -21.82 -49.73
N GLU H 146 4.71 -22.22 -50.05
CA GLU H 146 3.74 -21.37 -50.72
C GLU H 146 2.41 -21.55 -50.02
N ILE H 147 1.84 -20.45 -49.52
CA ILE H 147 0.62 -20.47 -48.73
C ILE H 147 -0.41 -19.61 -49.44
N PRO H 148 -1.64 -20.10 -49.65
CA PRO H 148 -2.65 -19.27 -50.32
C PRO H 148 -3.02 -18.04 -49.52
N CYS H 149 -3.32 -16.96 -50.25
CA CYS H 149 -3.74 -15.70 -49.64
C CYS H 149 -4.49 -14.89 -50.69
N THR H 150 -5.16 -13.85 -50.23
CA THR H 150 -5.98 -13.00 -51.09
C THR H 150 -5.37 -11.62 -51.23
N THR H 151 -5.64 -10.97 -52.36
CA THR H 151 -5.07 -9.66 -52.64
C THR H 151 -5.95 -8.93 -53.65
N TYR H 152 -5.67 -7.65 -53.83
CA TYR H 152 -6.40 -6.81 -54.78
C TYR H 152 -5.66 -6.80 -56.11
N GLN H 153 -6.36 -7.19 -57.18
CA GLN H 153 -5.75 -7.21 -58.51
C GLN H 153 -5.93 -5.87 -59.21
N GLN H 154 -5.24 -5.74 -60.34
CA GLN H 154 -5.29 -4.52 -61.15
C GLN H 154 -6.33 -4.60 -62.27
N THR H 155 -7.05 -5.72 -62.38
CA THR H 155 -8.06 -5.85 -63.43
C THR H 155 -9.24 -4.92 -63.14
N THR H 156 -9.89 -4.48 -64.21
CA THR H 156 -11.05 -3.59 -64.13
C THR H 156 -12.23 -4.18 -64.90
N ALA H 157 -12.37 -5.50 -64.85
CA ALA H 157 -13.47 -6.18 -65.52
C ALA H 157 -14.73 -6.08 -64.66
N LYS H 158 -15.75 -6.86 -65.00
CA LYS H 158 -16.97 -6.89 -64.20
C LYS H 158 -16.67 -7.41 -62.80
N THR H 159 -17.14 -6.68 -61.79
CA THR H 159 -16.79 -6.98 -60.41
C THR H 159 -17.96 -7.21 -59.48
N VAL H 160 -19.19 -6.84 -59.87
CA VAL H 160 -20.37 -6.92 -59.02
C VAL H 160 -20.09 -6.05 -57.79
N GLU H 161 -20.14 -4.74 -57.98
CA GLU H 161 -19.83 -3.77 -56.94
C GLU H 161 -20.67 -2.54 -57.16
N GLU H 162 -20.82 -1.73 -56.11
CA GLU H 162 -21.73 -0.60 -56.17
C GLU H 162 -21.19 0.61 -55.43
N ILE H 163 -21.43 1.78 -55.99
CA ILE H 163 -21.33 3.06 -55.29
C ILE H 163 -22.63 3.81 -55.53
N ASP H 164 -23.22 4.33 -54.46
CA ASP H 164 -24.40 5.18 -54.61
C ASP H 164 -23.96 6.55 -55.11
N MET H 165 -24.59 7.02 -56.17
CA MET H 165 -24.27 8.30 -56.79
C MET H 165 -25.54 9.14 -56.89
N HIS H 166 -25.41 10.44 -56.63
CA HIS H 166 -26.56 11.33 -56.71
C HIS H 166 -26.10 12.70 -57.20
N MET H 167 -27.07 13.52 -57.56
CA MET H 167 -26.77 14.85 -58.07
C MET H 167 -26.33 15.77 -56.92
N PRO H 168 -25.42 16.70 -57.19
CA PRO H 168 -24.92 17.58 -56.12
C PRO H 168 -26.00 18.52 -55.64
N PRO H 169 -25.92 18.99 -54.39
CA PRO H 169 -26.93 19.91 -53.88
C PRO H 169 -26.76 21.32 -54.41
N ASP H 170 -27.58 22.25 -53.92
CA ASP H 170 -27.53 23.65 -54.34
C ASP H 170 -26.34 24.31 -53.64
N THR H 171 -25.20 24.29 -54.32
CA THR H 171 -23.98 24.83 -53.75
C THR H 171 -24.11 26.33 -53.52
N PRO H 172 -23.88 26.82 -52.31
CA PRO H 172 -23.98 28.25 -52.05
C PRO H 172 -22.64 28.97 -52.19
N ASP H 173 -22.74 30.26 -52.50
CA ASP H 173 -21.55 31.09 -52.68
C ASP H 173 -21.91 32.52 -52.32
N ARG H 174 -20.87 33.33 -52.07
CA ARG H 174 -21.07 34.74 -51.76
C ARG H 174 -20.15 35.68 -52.54
N THR H 175 -19.18 35.15 -53.29
CA THR H 175 -18.32 36.01 -54.10
C THR H 175 -19.00 36.47 -55.38
N LEU H 176 -20.20 35.96 -55.69
CA LEU H 176 -20.90 36.34 -56.91
C LEU H 176 -21.79 37.57 -56.73
N LEU H 177 -21.94 38.06 -55.50
CA LEU H 177 -22.70 39.28 -55.26
C LEU H 177 -21.76 40.47 -55.15
N SER H 178 -22.06 41.52 -55.89
CA SER H 178 -21.21 42.71 -55.96
C SER H 178 -22.09 43.96 -55.89
N GLN H 179 -22.06 44.65 -54.77
CA GLN H 179 -22.87 45.85 -54.56
C GLN H 179 -22.13 47.05 -55.16
N GLN H 180 -22.70 47.64 -56.21
CA GLN H 180 -22.05 48.77 -56.86
C GLN H 180 -22.53 50.10 -56.30
N SER H 181 -23.82 50.41 -56.49
CA SER H 181 -24.39 51.62 -55.89
C SER H 181 -25.90 51.39 -55.80
N GLY H 182 -26.37 51.04 -54.61
CA GLY H 182 -27.79 50.74 -54.43
C GLY H 182 -28.29 49.57 -55.25
N ASN H 183 -27.38 48.74 -55.74
CA ASN H 183 -27.75 47.59 -56.56
C ASN H 183 -26.61 46.59 -56.53
N VAL H 184 -26.95 45.34 -56.84
CA VAL H 184 -25.95 44.27 -56.87
C VAL H 184 -26.00 43.59 -58.24
N LYS H 185 -24.89 42.94 -58.58
CA LYS H 185 -24.77 42.19 -59.82
C LYS H 185 -24.36 40.76 -59.52
N ILE H 186 -24.78 39.84 -60.39
CA ILE H 186 -24.52 38.42 -60.23
C ILE H 186 -23.62 37.96 -61.37
N THR H 187 -22.54 37.27 -61.02
CA THR H 187 -21.58 36.79 -62.00
C THR H 187 -22.16 35.59 -62.75
N VAL H 188 -21.60 35.34 -63.93
CA VAL H 188 -22.06 34.27 -64.82
C VAL H 188 -20.88 33.40 -65.23
N GLY H 189 -21.10 32.49 -66.17
CA GLY H 189 -20.09 31.54 -66.58
C GLY H 189 -20.67 30.18 -66.85
N GLY H 190 -22.00 30.09 -66.83
CA GLY H 190 -22.70 28.84 -67.06
C GLY H 190 -23.48 28.34 -65.84
N LYS H 191 -23.24 28.92 -64.66
CA LYS H 191 -23.91 28.50 -63.44
C LYS H 191 -25.26 29.18 -63.37
N LYS H 192 -26.33 28.42 -63.59
CA LYS H 192 -27.69 28.96 -63.50
C LYS H 192 -28.03 29.15 -62.02
N VAL H 193 -27.54 30.27 -61.48
CA VAL H 193 -27.63 30.54 -60.06
C VAL H 193 -29.08 30.77 -59.64
N LYS H 194 -29.45 30.21 -58.49
CA LYS H 194 -30.72 30.50 -57.85
C LYS H 194 -30.55 31.67 -56.88
N TYR H 195 -31.63 32.43 -56.68
CA TYR H 195 -31.59 33.60 -55.84
C TYR H 195 -32.83 33.67 -54.96
N ASN H 196 -32.71 34.36 -53.84
CA ASN H 196 -33.83 34.63 -52.95
C ASN H 196 -33.54 35.95 -52.25
N CYS H 197 -34.49 36.88 -52.32
CA CYS H 197 -34.29 38.22 -51.76
C CYS H 197 -35.51 38.63 -50.95
N THR H 198 -35.30 39.62 -50.08
CA THR H 198 -36.33 40.12 -49.19
C THR H 198 -36.88 41.47 -49.61
N CYS H 199 -36.12 42.25 -50.39
CA CYS H 199 -36.46 43.63 -50.71
C CYS H 199 -37.60 43.66 -51.71
N GLY H 200 -38.69 44.34 -51.35
CA GLY H 200 -39.81 44.57 -52.25
C GLY H 200 -40.40 43.32 -52.85
N THR H 201 -41.02 42.49 -52.02
CA THR H 201 -41.64 41.22 -52.41
C THR H 201 -40.56 40.23 -52.86
N GLY H 202 -39.32 40.67 -52.89
CA GLY H 202 -38.16 39.86 -53.21
C GLY H 202 -38.21 39.35 -54.64
N ASN H 203 -37.36 38.35 -54.89
CA ASN H 203 -37.30 37.70 -56.19
C ASN H 203 -37.02 36.23 -55.97
N VAL H 204 -37.94 35.38 -56.42
CA VAL H 204 -37.83 33.93 -56.24
C VAL H 204 -37.72 33.29 -57.62
N GLY H 205 -36.72 32.45 -57.80
CA GLY H 205 -36.48 31.77 -59.06
C GLY H 205 -35.00 31.71 -59.40
N THR H 206 -34.72 31.01 -60.49
CA THR H 206 -33.37 30.83 -60.97
C THR H 206 -33.17 31.61 -62.27
N THR H 207 -31.98 32.15 -62.44
CA THR H 207 -31.63 32.91 -63.64
C THR H 207 -30.54 32.17 -64.42
N ASN H 208 -30.16 32.75 -65.55
CA ASN H 208 -29.07 32.21 -66.36
C ASN H 208 -28.07 33.26 -66.83
N SER H 209 -28.40 34.55 -66.75
CA SER H 209 -27.47 35.60 -67.14
C SER H 209 -27.33 36.61 -66.00
N ASP H 210 -26.68 37.75 -66.27
CA ASP H 210 -26.50 38.76 -65.25
C ASP H 210 -27.85 39.31 -64.80
N MET H 211 -27.86 39.89 -63.60
CA MET H 211 -29.08 40.44 -63.04
C MET H 211 -28.73 41.60 -62.12
N THR H 212 -29.71 42.48 -61.91
CA THR H 212 -29.55 43.65 -61.05
C THR H 212 -30.79 43.78 -60.17
N ILE H 213 -30.59 44.27 -58.95
CA ILE H 213 -31.66 44.38 -57.97
C ILE H 213 -32.19 45.82 -57.86
N ASN H 214 -31.29 46.80 -57.86
CA ASN H 214 -31.65 48.22 -57.83
C ASN H 214 -32.38 48.64 -56.57
N THR H 215 -32.62 47.71 -55.64
CA THR H 215 -33.46 47.99 -54.49
C THR H 215 -32.72 47.87 -53.17
N CYS H 216 -32.10 46.72 -52.88
CA CYS H 216 -31.65 46.40 -51.53
C CYS H 216 -30.15 46.19 -51.47
N LEU H 217 -29.67 45.74 -50.31
CA LEU H 217 -28.25 45.57 -50.02
C LEU H 217 -27.84 44.13 -50.27
N ILE H 218 -26.59 43.80 -49.89
CA ILE H 218 -26.07 42.45 -50.12
C ILE H 218 -26.74 41.45 -49.20
N GLU H 219 -26.97 41.80 -47.94
CA GLU H 219 -27.48 40.80 -47.01
C GLU H 219 -29.00 40.66 -47.12
N GLN H 220 -29.49 40.58 -48.35
CA GLN H 220 -30.86 40.13 -48.60
C GLN H 220 -30.96 39.16 -49.78
N CYS H 221 -30.09 39.25 -50.77
CA CYS H 221 -30.05 38.30 -51.88
C CYS H 221 -28.94 37.29 -51.66
N HIS H 222 -29.06 36.15 -52.34
CA HIS H 222 -28.15 35.04 -52.09
C HIS H 222 -27.83 34.33 -53.39
N VAL H 223 -26.73 33.58 -53.36
CA VAL H 223 -26.23 32.85 -54.52
C VAL H 223 -26.26 31.36 -54.20
N SER H 224 -26.87 30.58 -55.10
CA SER H 224 -26.98 29.13 -54.93
C SER H 224 -26.82 28.48 -56.30
N VAL H 225 -25.59 28.12 -56.65
CA VAL H 225 -25.34 27.46 -57.92
C VAL H 225 -25.91 26.06 -57.88
N THR H 226 -26.63 25.68 -58.94
CA THR H 226 -27.27 24.37 -59.01
C THR H 226 -26.50 23.37 -59.86
N ASP H 227 -25.94 23.79 -60.99
CA ASP H 227 -25.16 22.94 -61.88
C ASP H 227 -25.95 21.74 -62.39
N HIS H 228 -26.05 20.69 -61.55
CA HIS H 228 -26.61 19.41 -61.95
C HIS H 228 -25.80 18.81 -63.09
N LYS H 229 -26.42 17.90 -63.85
CA LYS H 229 -25.87 17.25 -65.04
C LYS H 229 -24.70 16.32 -64.76
N LYS H 230 -24.36 16.06 -63.49
CA LYS H 230 -23.24 15.19 -63.16
C LYS H 230 -23.46 14.58 -61.78
N TRP H 231 -23.26 13.26 -61.69
CA TRP H 231 -23.36 12.55 -60.42
C TRP H 231 -22.11 12.81 -59.58
N GLN H 232 -22.29 13.18 -58.32
CA GLN H 232 -21.12 13.52 -57.52
C GLN H 232 -20.64 12.36 -56.64
N PHE H 233 -21.41 12.02 -55.61
CA PHE H 233 -21.15 10.89 -54.71
C PHE H 233 -22.20 10.88 -53.61
N ASN H 234 -22.37 9.75 -52.93
CA ASN H 234 -23.25 9.70 -51.76
C ASN H 234 -22.40 9.77 -50.48
N SER H 235 -21.90 10.97 -50.19
CA SER H 235 -21.06 11.10 -49.02
C SER H 235 -21.82 11.74 -47.87
N PRO H 236 -21.53 11.34 -46.63
CA PRO H 236 -22.22 11.96 -45.48
C PRO H 236 -21.81 13.40 -45.24
N PHE H 237 -20.77 13.90 -45.90
CA PHE H 237 -20.31 15.26 -45.68
C PHE H 237 -20.93 16.28 -46.64
N VAL H 238 -21.77 15.83 -47.57
CA VAL H 238 -22.46 16.75 -48.48
C VAL H 238 -23.95 16.41 -48.47
N PRO H 239 -24.83 17.39 -48.42
CA PRO H 239 -26.26 17.11 -48.22
C PRO H 239 -26.93 16.65 -49.51
N ARG H 240 -28.15 16.15 -49.35
CA ARG H 240 -28.99 15.73 -50.45
C ARG H 240 -29.84 16.89 -50.96
N ALA H 241 -30.46 16.68 -52.12
CA ALA H 241 -31.32 17.68 -52.73
C ALA H 241 -32.81 17.35 -52.61
N ASP H 242 -33.16 16.11 -52.30
CA ASP H 242 -34.56 15.72 -52.21
C ASP H 242 -34.70 14.56 -51.24
N GLU H 243 -35.79 14.54 -50.49
CA GLU H 243 -35.99 13.52 -49.46
C GLU H 243 -36.04 12.10 -50.00
N PRO H 244 -36.84 11.77 -51.04
CA PRO H 244 -36.88 10.38 -51.50
C PRO H 244 -35.60 9.90 -52.16
N ALA H 245 -34.67 10.80 -52.48
CA ALA H 245 -33.37 10.47 -53.03
C ALA H 245 -33.48 9.86 -54.43
N ARG H 246 -32.35 9.84 -55.16
CA ARG H 246 -32.33 9.32 -56.52
C ARG H 246 -31.45 8.09 -56.63
N LYS H 247 -30.18 8.17 -56.22
CA LYS H 247 -29.26 7.05 -56.17
C LYS H 247 -28.83 6.56 -57.55
N GLY H 248 -27.58 6.12 -57.67
CA GLY H 248 -27.07 5.54 -58.89
C GLY H 248 -26.28 4.28 -58.61
N LYS H 249 -25.44 3.86 -59.56
CA LYS H 249 -24.62 2.67 -59.40
C LYS H 249 -23.40 2.77 -60.27
N VAL H 250 -22.21 2.65 -59.67
CA VAL H 250 -20.95 2.60 -60.39
C VAL H 250 -20.07 1.53 -59.77
N HIS H 251 -19.46 0.71 -60.62
CA HIS H 251 -18.58 -0.35 -60.16
C HIS H 251 -17.26 0.23 -59.67
N ILE H 252 -16.77 -0.29 -58.54
CA ILE H 252 -15.44 0.06 -58.05
C ILE H 252 -14.43 -0.85 -58.73
N PRO H 253 -13.21 -0.40 -58.96
CA PRO H 253 -12.20 -1.25 -59.57
C PRO H 253 -11.51 -2.12 -58.51
N PHE H 254 -10.51 -2.87 -58.96
CA PHE H 254 -9.63 -3.64 -58.09
C PHE H 254 -10.39 -4.65 -57.23
N PRO H 255 -10.88 -5.74 -57.82
CA PRO H 255 -11.57 -6.77 -57.02
C PRO H 255 -10.62 -7.59 -56.17
N LEU H 256 -11.14 -8.60 -55.50
CA LEU H 256 -10.36 -9.47 -54.60
C LEU H 256 -10.21 -10.84 -55.23
N ASP H 257 -8.98 -11.36 -55.23
CA ASP H 257 -8.70 -12.61 -55.93
C ASP H 257 -7.61 -13.38 -55.20
N ASN H 258 -7.56 -14.68 -55.48
CA ASN H 258 -6.62 -15.58 -54.83
C ASN H 258 -5.23 -15.48 -55.46
N ILE H 259 -4.20 -15.53 -54.61
CA ILE H 259 -2.82 -15.72 -55.04
C ILE H 259 -2.14 -16.63 -54.02
N THR H 260 -0.86 -16.88 -54.24
CA THR H 260 -0.04 -17.68 -53.33
C THR H 260 1.10 -16.83 -52.81
N CYS H 261 1.30 -16.84 -51.49
CA CYS H 261 2.36 -16.07 -50.84
C CYS H 261 3.47 -17.02 -50.40
N ARG H 262 4.71 -16.52 -50.46
CA ARG H 262 5.86 -17.31 -50.05
C ARG H 262 6.22 -16.99 -48.61
N VAL H 263 6.36 -18.03 -47.79
CA VAL H 263 6.63 -17.87 -46.37
C VAL H 263 7.87 -18.68 -46.00
N PRO H 264 8.63 -18.28 -44.99
CA PRO H 264 9.83 -19.04 -44.62
C PRO H 264 9.53 -20.17 -43.65
N MET H 265 10.43 -21.14 -43.63
CA MET H 265 10.36 -22.27 -42.71
C MET H 265 11.50 -22.13 -41.70
N ALA H 266 11.17 -22.15 -40.41
CA ALA H 266 12.15 -21.93 -39.37
C ALA H 266 13.04 -23.17 -39.21
N ARG H 267 14.17 -22.96 -38.53
CA ARG H 267 15.13 -24.04 -38.32
C ARG H 267 14.55 -25.13 -37.42
N GLU H 268 15.05 -26.35 -37.61
CA GLU H 268 14.66 -27.44 -36.73
C GLU H 268 15.34 -27.28 -35.38
N PRO H 269 14.63 -27.54 -34.29
CA PRO H 269 15.23 -27.40 -32.96
C PRO H 269 16.14 -28.59 -32.65
N THR H 270 16.94 -28.42 -31.60
CA THR H 270 17.85 -29.46 -31.14
C THR H 270 17.18 -30.26 -30.03
N VAL H 271 17.04 -31.56 -30.23
CA VAL H 271 16.36 -32.43 -29.28
C VAL H 271 17.39 -33.14 -28.42
N ILE H 272 17.12 -33.22 -27.12
CA ILE H 272 17.91 -34.00 -26.18
C ILE H 272 16.96 -34.95 -25.46
N HIS H 273 17.26 -36.24 -25.52
CA HIS H 273 16.34 -37.25 -25.01
C HIS H 273 16.53 -37.48 -23.53
N GLY H 274 15.43 -37.60 -22.80
CA GLY H 274 15.46 -37.91 -21.39
C GLY H 274 14.56 -39.10 -21.08
N LYS H 275 14.19 -39.26 -19.81
CA LYS H 275 13.27 -40.32 -19.40
C LYS H 275 11.85 -39.78 -19.50
N ARG H 276 11.16 -40.15 -20.58
CA ARG H 276 9.82 -39.65 -20.88
C ARG H 276 9.80 -38.13 -20.93
N GLU H 277 10.86 -37.54 -21.47
CA GLU H 277 10.96 -36.09 -21.62
C GLU H 277 11.88 -35.77 -22.78
N VAL H 278 11.63 -34.64 -23.43
CA VAL H 278 12.48 -34.11 -24.49
C VAL H 278 12.84 -32.69 -24.13
N THR H 279 14.14 -32.40 -24.02
CA THR H 279 14.62 -31.05 -23.85
C THR H 279 14.84 -30.44 -25.22
N LEU H 280 14.27 -29.26 -25.45
CA LEU H 280 14.10 -28.73 -26.80
C LEU H 280 14.69 -27.33 -26.85
N HIS H 281 15.74 -27.15 -27.66
CA HIS H 281 16.41 -25.86 -27.80
C HIS H 281 15.85 -25.15 -29.02
N LEU H 282 15.32 -23.94 -28.81
CA LEU H 282 14.59 -23.20 -29.83
C LEU H 282 15.37 -21.95 -30.20
N HIS H 283 15.60 -21.75 -31.50
CA HIS H 283 16.36 -20.61 -32.01
C HIS H 283 15.58 -19.88 -33.09
N PRO H 284 14.71 -18.95 -32.72
CA PRO H 284 13.99 -18.17 -33.72
C PRO H 284 14.68 -16.86 -34.06
N ASP H 285 14.34 -16.35 -35.24
CA ASP H 285 14.76 -15.01 -35.67
C ASP H 285 13.65 -14.00 -35.54
N HIS H 286 12.42 -14.41 -35.78
CA HIS H 286 11.22 -13.59 -35.74
C HIS H 286 10.12 -14.41 -35.09
N PRO H 287 9.14 -13.75 -34.46
CA PRO H 287 8.16 -14.48 -33.63
C PRO H 287 7.48 -15.63 -34.36
N THR H 288 7.77 -16.86 -33.94
CA THR H 288 7.16 -18.06 -34.50
C THR H 288 6.26 -18.70 -33.45
N LEU H 289 5.30 -19.51 -33.93
CA LEU H 289 4.36 -20.19 -33.06
C LEU H 289 4.86 -21.60 -32.78
N PHE H 290 4.90 -21.96 -31.50
CA PHE H 290 5.30 -23.30 -31.08
C PHE H 290 4.16 -23.92 -30.30
N SER H 291 3.75 -25.12 -30.68
CA SER H 291 2.66 -25.80 -30.02
C SER H 291 2.87 -27.31 -30.06
N TYR H 292 2.42 -27.98 -29.01
CA TYR H 292 2.57 -29.42 -28.90
C TYR H 292 1.34 -29.98 -28.20
N ARG H 293 1.11 -31.28 -28.38
CA ARG H 293 0.05 -31.95 -27.66
C ARG H 293 0.44 -33.41 -27.48
N THR H 294 -0.01 -33.98 -26.36
CA THR H 294 0.21 -35.39 -26.05
C THR H 294 -0.94 -36.19 -26.63
N LEU H 295 -0.63 -37.14 -27.51
CA LEU H 295 -1.65 -37.80 -28.30
C LEU H 295 -2.19 -39.07 -27.63
N GLY H 296 -2.61 -38.91 -26.37
CA GLY H 296 -3.23 -39.97 -25.62
C GLY H 296 -4.72 -39.75 -25.47
N GLU H 297 -5.30 -40.41 -24.45
CA GLU H 297 -6.72 -40.26 -24.19
C GLU H 297 -7.04 -38.86 -23.68
N ASP H 298 -6.22 -38.34 -22.78
CA ASP H 298 -6.39 -36.99 -22.23
C ASP H 298 -5.17 -36.17 -22.59
N PRO H 299 -5.24 -35.33 -23.63
CA PRO H 299 -4.05 -34.64 -24.11
C PRO H 299 -3.61 -33.54 -23.18
N GLN H 300 -2.33 -33.18 -23.29
CA GLN H 300 -1.74 -32.05 -22.58
C GLN H 300 -1.54 -30.92 -23.57
N TYR H 301 -2.45 -29.95 -23.54
CA TYR H 301 -2.50 -28.86 -24.50
C TYR H 301 -1.58 -27.71 -24.09
N HIS H 302 -0.94 -27.09 -25.09
CA HIS H 302 -0.13 -25.91 -24.89
C HIS H 302 0.25 -25.32 -26.23
N GLU H 303 0.27 -23.98 -26.32
CA GLU H 303 0.74 -23.28 -27.50
C GLU H 303 1.24 -21.91 -27.09
N GLU H 304 2.24 -21.40 -27.81
CA GLU H 304 2.95 -20.21 -27.37
C GLU H 304 3.55 -19.51 -28.56
N TRP H 305 3.82 -18.22 -28.39
CA TRP H 305 4.45 -17.37 -29.40
C TRP H 305 5.90 -17.15 -28.98
N VAL H 306 6.78 -18.04 -29.40
CA VAL H 306 8.19 -17.94 -29.03
C VAL H 306 8.82 -16.77 -29.78
N THR H 307 9.50 -15.89 -29.06
CA THR H 307 10.11 -14.70 -29.63
C THR H 307 11.63 -14.73 -29.55
N ALA H 308 12.20 -14.98 -28.37
CA ALA H 308 13.63 -15.02 -28.17
C ALA H 308 14.12 -16.46 -28.04
N ALA H 309 15.43 -16.61 -27.97
CA ALA H 309 16.04 -17.93 -27.85
C ALA H 309 15.69 -18.52 -26.49
N VAL H 310 14.93 -19.62 -26.50
CA VAL H 310 14.45 -20.21 -25.26
C VAL H 310 14.80 -21.69 -25.22
N GLU H 311 14.34 -22.38 -24.18
CA GLU H 311 14.62 -23.79 -23.98
C GLU H 311 13.43 -24.42 -23.29
N ARG H 312 12.87 -25.47 -23.89
CA ARG H 312 11.63 -26.05 -23.41
C ARG H 312 11.82 -27.52 -23.04
N THR H 313 11.09 -27.97 -22.03
CA THR H 313 11.03 -29.37 -21.65
C THR H 313 9.59 -29.83 -21.80
N ILE H 314 9.39 -30.89 -22.57
CA ILE H 314 8.05 -31.34 -22.94
C ILE H 314 7.92 -32.84 -22.67
N PRO H 315 6.79 -33.29 -22.11
CA PRO H 315 6.68 -34.70 -21.72
C PRO H 315 6.27 -35.58 -22.89
N VAL H 316 6.86 -36.77 -22.93
CA VAL H 316 6.58 -37.74 -23.98
C VAL H 316 6.20 -39.08 -23.34
N PRO H 317 4.93 -39.32 -23.04
CA PRO H 317 4.56 -40.61 -22.46
C PRO H 317 4.66 -41.75 -23.46
N VAL H 318 4.25 -42.95 -23.06
CA VAL H 318 4.30 -44.10 -23.95
C VAL H 318 3.35 -43.95 -25.13
N ASP H 319 2.32 -43.11 -24.99
CA ASP H 319 1.40 -42.88 -26.11
C ASP H 319 2.06 -42.07 -27.21
N GLY H 320 2.96 -41.17 -26.87
CA GLY H 320 3.63 -40.33 -27.85
C GLY H 320 3.10 -38.91 -27.82
N MET H 321 3.74 -38.06 -28.61
CA MET H 321 3.30 -36.67 -28.73
C MET H 321 3.85 -36.08 -30.01
N GLU H 322 3.27 -34.95 -30.40
CA GLU H 322 3.68 -34.22 -31.60
C GLU H 322 3.85 -32.75 -31.26
N TYR H 323 4.81 -32.11 -31.93
CA TYR H 323 5.06 -30.69 -31.74
C TYR H 323 5.17 -30.00 -33.10
N HIS H 324 4.65 -28.77 -33.17
CA HIS H 324 4.54 -28.02 -34.41
C HIS H 324 5.34 -26.73 -34.25
N TRP H 325 6.47 -26.63 -34.93
CA TRP H 325 7.41 -25.52 -34.76
C TRP H 325 7.43 -24.68 -36.02
N GLY H 326 6.77 -23.53 -35.97
CA GLY H 326 6.81 -22.62 -37.11
C GLY H 326 5.98 -23.16 -38.26
N ASN H 327 6.54 -23.11 -39.47
CA ASN H 327 5.87 -23.58 -40.67
C ASN H 327 6.24 -25.02 -41.02
N ASN H 328 7.11 -25.65 -40.25
CA ASN H 328 7.50 -27.02 -40.54
C ASN H 328 6.34 -27.99 -40.26
N ASP H 329 6.44 -29.17 -40.86
CA ASP H 329 5.44 -30.20 -40.63
C ASP H 329 5.55 -30.73 -39.21
N PRO H 330 4.44 -31.15 -38.61
CA PRO H 330 4.49 -31.68 -37.24
C PRO H 330 5.32 -32.96 -37.19
N VAL H 331 6.03 -33.13 -36.08
CA VAL H 331 6.90 -34.28 -35.85
C VAL H 331 6.41 -35.01 -34.61
N ARG H 332 6.31 -36.33 -34.70
CA ARG H 332 5.80 -37.15 -33.62
C ARG H 332 6.94 -37.96 -33.00
N LEU H 333 6.91 -38.07 -31.67
CA LEU H 333 7.92 -38.79 -30.92
C LEU H 333 7.23 -39.72 -29.93
N TRP H 334 7.73 -40.96 -29.85
CA TRP H 334 7.17 -41.98 -28.97
C TRP H 334 8.23 -42.42 -27.97
N SER H 335 7.84 -42.50 -26.70
CA SER H 335 8.74 -43.01 -25.69
C SER H 335 8.83 -44.53 -25.78
N GLN H 336 9.81 -45.09 -25.09
CA GLN H 336 10.10 -46.51 -25.18
C GLN H 336 10.12 -47.10 -23.77
N LEU H 337 9.77 -48.37 -23.66
CA LEU H 337 9.60 -49.03 -22.36
C LEU H 337 10.98 -49.29 -21.76
N THR H 338 11.57 -48.24 -21.20
CA THR H 338 12.90 -48.30 -20.61
C THR H 338 12.82 -48.02 -19.12
N THR H 339 13.74 -48.61 -18.38
CA THR H 339 13.77 -48.47 -16.92
C THR H 339 15.20 -48.63 -16.44
N GLU H 340 15.37 -48.74 -15.12
CA GLU H 340 16.69 -48.80 -14.50
C GLU H 340 16.94 -50.06 -13.69
N GLY H 341 15.92 -50.84 -13.36
CA GLY H 341 16.11 -52.03 -12.58
C GLY H 341 16.71 -53.16 -13.40
N LYS H 342 16.90 -54.30 -12.73
CA LYS H 342 17.46 -55.50 -13.35
C LYS H 342 16.46 -56.64 -13.26
N PRO H 343 15.77 -56.97 -14.35
CA PRO H 343 14.83 -58.10 -14.29
C PRO H 343 15.57 -59.43 -14.26
N HIS H 344 14.85 -60.46 -13.83
CA HIS H 344 15.39 -61.81 -13.71
C HIS H 344 16.61 -61.83 -12.79
N GLY H 345 16.57 -61.05 -11.72
CA GLY H 345 17.65 -61.04 -10.76
C GLY H 345 17.15 -61.39 -9.37
N TRP H 346 17.78 -60.82 -8.35
CA TRP H 346 17.34 -61.05 -6.99
C TRP H 346 15.99 -60.38 -6.77
N PRO H 347 15.24 -60.82 -5.74
CA PRO H 347 13.90 -60.25 -5.53
C PRO H 347 13.89 -58.74 -5.36
N HIS H 348 14.98 -58.15 -4.88
CA HIS H 348 15.01 -56.70 -4.71
C HIS H 348 15.37 -55.96 -5.99
N GLN H 349 15.65 -56.67 -7.08
CA GLN H 349 15.89 -56.05 -8.37
C GLN H 349 14.70 -56.11 -9.30
N ILE H 350 13.88 -57.16 -9.21
CA ILE H 350 12.64 -57.20 -9.96
C ILE H 350 11.69 -56.10 -9.49
N VAL H 351 11.71 -55.80 -8.19
CA VAL H 351 10.90 -54.70 -7.68
C VAL H 351 11.37 -53.37 -8.27
N GLN H 352 12.68 -53.18 -8.38
CA GLN H 352 13.19 -51.96 -9.02
C GLN H 352 12.77 -51.91 -10.49
N TYR H 353 12.87 -53.03 -11.20
CA TYR H 353 12.52 -53.05 -12.60
C TYR H 353 11.06 -52.70 -12.81
N TYR H 354 10.18 -53.27 -11.99
CA TYR H 354 8.75 -52.98 -12.10
C TYR H 354 8.34 -51.73 -11.34
N TYR H 355 9.28 -51.03 -10.71
CA TYR H 355 9.02 -49.71 -10.16
C TYR H 355 9.43 -48.60 -11.11
N GLY H 356 10.48 -48.80 -11.89
CA GLY H 356 10.79 -47.86 -12.95
C GLY H 356 9.65 -47.74 -13.95
N LEU H 357 8.98 -48.85 -14.23
CA LEU H 357 7.78 -48.87 -15.03
C LEU H 357 6.58 -48.88 -14.11
N TYR H 358 5.64 -47.96 -14.34
CA TYR H 358 4.40 -47.91 -13.56
C TYR H 358 4.70 -47.75 -12.07
N PRO H 359 5.21 -46.59 -11.64
CA PRO H 359 5.60 -46.46 -10.22
C PRO H 359 4.43 -46.12 -9.31
N ALA H 360 3.30 -46.81 -9.49
CA ALA H 360 2.16 -46.62 -8.62
C ALA H 360 1.46 -47.92 -8.23
N ALA H 361 1.56 -48.97 -9.04
CA ALA H 361 0.95 -50.25 -8.72
C ALA H 361 1.94 -51.23 -8.11
N THR H 362 3.24 -51.08 -8.39
CA THR H 362 4.24 -51.96 -7.80
C THR H 362 4.25 -51.82 -6.29
N VAL H 363 4.20 -50.59 -5.78
CA VAL H 363 4.21 -50.37 -4.35
C VAL H 363 2.98 -50.99 -3.71
N SER H 364 1.81 -50.78 -4.31
CA SER H 364 0.58 -51.34 -3.75
C SER H 364 0.62 -52.86 -3.74
N ALA H 365 1.08 -53.47 -4.83
CA ALA H 365 1.14 -54.93 -4.87
C ALA H 365 2.13 -55.48 -3.85
N VAL H 366 3.30 -54.84 -3.73
CA VAL H 366 4.29 -55.29 -2.76
C VAL H 366 3.75 -55.19 -1.34
N VAL H 367 3.07 -54.07 -1.04
CA VAL H 367 2.50 -53.90 0.29
C VAL H 367 1.44 -54.96 0.57
N GLY H 368 0.57 -55.21 -0.41
CA GLY H 368 -0.45 -56.22 -0.21
C GLY H 368 0.13 -57.59 0.06
N MET H 369 1.13 -57.98 -0.74
CA MET H 369 1.76 -59.29 -0.54
C MET H 369 2.45 -59.37 0.81
N SER H 370 3.12 -58.28 1.22
CA SER H 370 3.82 -58.29 2.51
C SER H 370 2.85 -58.44 3.67
N LEU H 371 1.74 -57.70 3.64
CA LEU H 371 0.74 -57.85 4.71
C LEU H 371 0.10 -59.23 4.69
N LEU H 372 -0.14 -59.79 3.51
CA LEU H 372 -0.68 -61.15 3.46
C LEU H 372 0.29 -62.15 4.08
N ALA H 373 1.58 -62.02 3.77
CA ALA H 373 2.57 -62.93 4.36
C ALA H 373 2.63 -62.76 5.88
N LEU H 374 2.61 -61.52 6.36
CA LEU H 374 2.65 -61.29 7.80
C LEU H 374 1.43 -61.88 8.49
N ILE H 375 0.25 -61.70 7.91
CA ILE H 375 -0.96 -62.26 8.49
C ILE H 375 -0.88 -63.78 8.56
N SER H 376 -0.43 -64.40 7.46
CA SER H 376 -0.33 -65.86 7.44
C SER H 376 0.66 -66.38 8.49
N ILE H 377 1.83 -65.74 8.59
CA ILE H 377 2.83 -66.24 9.52
C ILE H 377 2.39 -66.01 10.97
N PHE H 378 1.73 -64.87 11.24
CA PHE H 378 1.22 -64.64 12.59
C PHE H 378 0.14 -65.64 12.96
N ALA H 379 -0.75 -65.96 12.01
CA ALA H 379 -1.78 -66.96 12.28
C ALA H 379 -1.16 -68.33 12.56
N SER H 380 -0.15 -68.71 11.78
CA SER H 380 0.50 -70.00 12.01
C SER H 380 1.17 -70.06 13.37
N CYS H 381 1.88 -68.99 13.74
CA CYS H 381 2.53 -68.96 15.05
C CYS H 381 1.50 -69.02 16.17
N TYR H 382 0.37 -68.32 16.00
CA TYR H 382 -0.70 -68.38 16.99
C TYR H 382 -1.26 -69.78 17.12
N MET H 383 -1.44 -70.48 16.00
CA MET H 383 -1.92 -71.86 16.05
C MET H 383 -0.94 -72.75 16.81
N LEU H 384 0.36 -72.60 16.55
CA LEU H 384 1.34 -73.39 17.28
C LEU H 384 1.28 -73.11 18.78
N VAL H 385 1.20 -71.83 19.16
CA VAL H 385 1.17 -71.48 20.58
C VAL H 385 -0.08 -72.05 21.25
N ALA H 386 -1.23 -71.90 20.59
CA ALA H 386 -2.47 -72.42 21.15
C ALA H 386 -2.44 -73.93 21.28
N ALA H 387 -1.89 -74.62 20.28
CA ALA H 387 -1.79 -76.08 20.35
C ALA H 387 -0.90 -76.50 21.52
N ARG H 388 0.23 -75.82 21.71
CA ARG H 388 1.09 -76.17 22.84
C ARG H 388 0.38 -75.91 24.16
N SER H 389 -0.34 -74.81 24.26
CA SER H 389 -1.08 -74.51 25.49
C SER H 389 -2.12 -75.59 25.78
N LYS H 390 -2.86 -76.02 24.74
CA LYS H 390 -3.84 -77.07 24.92
C LYS H 390 -3.19 -78.39 25.34
N CYS H 391 -2.06 -78.74 24.74
CA CYS H 391 -1.43 -80.03 24.98
C CYS H 391 -0.54 -80.04 26.21
N LEU H 392 -0.34 -78.90 26.86
CA LEU H 392 0.53 -78.84 28.03
C LEU H 392 -0.21 -78.59 29.34
N THR H 393 -1.41 -78.01 29.31
CA THR H 393 -2.08 -77.64 30.55
C THR H 393 -2.68 -78.81 31.33
N PRO H 394 -3.20 -79.89 30.71
CA PRO H 394 -3.74 -80.99 31.54
C PRO H 394 -2.68 -81.62 32.42
N TYR H 395 -1.45 -81.73 31.94
CA TYR H 395 -0.34 -82.26 32.73
C TYR H 395 0.21 -81.25 33.73
N ALA H 396 -0.27 -80.00 33.69
CA ALA H 396 0.18 -78.97 34.60
C ALA H 396 -0.76 -78.77 35.79
N LEU H 397 -1.72 -79.68 35.96
CA LEU H 397 -2.63 -79.66 37.09
C LEU H 397 -2.40 -80.81 38.05
N THR H 398 -1.42 -81.67 37.78
CA THR H 398 -1.08 -82.79 38.65
C THR H 398 0.42 -82.85 38.85
N PRO H 399 0.87 -83.25 40.05
CA PRO H 399 2.31 -83.46 40.26
C PRO H 399 2.79 -84.76 39.63
N GLY H 400 2.78 -84.83 38.30
CA GLY H 400 3.12 -86.04 37.58
C GLY H 400 4.34 -85.88 36.70
N ALA H 401 4.81 -87.02 36.19
CA ALA H 401 5.99 -87.05 35.33
C ALA H 401 5.70 -86.41 33.99
N ALA H 402 6.72 -85.79 33.41
CA ALA H 402 6.58 -85.14 32.11
C ALA H 402 6.86 -86.07 30.94
N VAL H 403 7.09 -87.35 31.20
CA VAL H 403 7.31 -88.34 30.14
C VAL H 403 8.50 -87.94 29.30
N PRO H 404 9.75 -88.11 29.81
CA PRO H 404 10.95 -87.65 29.09
C PRO H 404 10.92 -87.84 27.58
N TRP H 405 10.27 -88.91 27.11
CA TRP H 405 10.05 -89.05 25.66
C TRP H 405 9.29 -87.87 25.10
N THR H 406 8.20 -87.47 25.78
CA THR H 406 7.46 -86.27 25.38
C THR H 406 8.18 -85.01 25.81
N LEU H 407 8.96 -85.06 26.89
CA LEU H 407 9.71 -83.90 27.34
C LEU H 407 10.71 -83.44 26.30
N GLY H 408 11.43 -84.37 25.68
CA GLY H 408 12.37 -84.00 24.63
C GLY H 408 11.69 -83.47 23.38
N ILE H 409 10.55 -84.06 23.03
CA ILE H 409 9.89 -83.70 21.77
C ILE H 409 9.40 -82.26 21.81
N LEU H 410 8.69 -81.88 22.86
CA LEU H 410 8.11 -80.55 22.99
C LEU H 410 8.86 -79.79 24.08
N CYS H 411 9.24 -78.55 23.77
CA CYS H 411 9.98 -77.71 24.71
C CYS H 411 8.98 -77.09 25.69
N CYS H 412 8.75 -77.76 26.81
CA CYS H 412 7.88 -77.24 27.85
C CYS H 412 8.69 -76.40 28.83
N ALA H 413 8.01 -75.81 29.80
CA ALA H 413 8.69 -74.96 30.77
C ALA H 413 9.72 -75.71 31.59
N PRO H 414 9.42 -76.88 32.21
CA PRO H 414 10.46 -77.61 32.95
C PRO H 414 11.31 -78.45 32.01
N ARG H 415 12.57 -78.05 31.84
CA ARG H 415 13.47 -78.81 30.99
C ARG H 415 13.81 -80.16 31.62
N ALA H 416 14.15 -80.16 32.91
CA ALA H 416 14.48 -81.39 33.62
C ALA H 416 13.84 -81.50 35.00
N HIS H 417 13.28 -80.42 35.54
CA HIS H 417 12.67 -80.45 36.87
C HIS H 417 11.27 -81.03 36.76
N ALA H 418 11.16 -82.32 37.03
CA ALA H 418 9.89 -83.05 36.96
C ALA H 418 9.26 -82.98 35.56
N HIS I 1 50.19 2.71 -60.89
CA HIS I 1 48.77 2.94 -60.65
C HIS I 1 48.15 1.81 -59.86
N PHE I 2 48.24 0.60 -60.41
CA PHE I 2 47.65 -0.61 -59.83
C PHE I 2 46.15 -0.43 -59.59
N ASN I 3 45.44 -0.31 -60.70
CA ASN I 3 43.97 -0.35 -60.68
C ASN I 3 43.56 -1.81 -60.71
N VAL I 4 43.25 -2.36 -59.53
CA VAL I 4 42.88 -3.76 -59.44
C VAL I 4 41.52 -4.03 -60.06
N TYR I 5 40.75 -2.98 -60.33
CA TYR I 5 39.40 -3.12 -60.85
C TYR I 5 39.33 -3.21 -62.36
N LYS I 6 40.46 -3.40 -63.04
CA LYS I 6 40.45 -3.63 -64.47
C LYS I 6 40.10 -5.07 -64.84
N ALA I 7 40.12 -5.99 -63.87
CA ALA I 7 39.79 -7.38 -64.10
C ALA I 7 38.51 -7.79 -63.37
N THR I 8 37.68 -6.83 -63.02
CA THR I 8 36.45 -7.10 -62.28
C THR I 8 35.30 -6.34 -62.93
N ARG I 9 34.16 -7.01 -63.04
CA ARG I 9 32.97 -6.43 -63.64
C ARG I 9 31.76 -6.65 -62.75
N PRO I 10 30.77 -5.77 -62.83
CA PRO I 10 29.53 -5.99 -62.06
C PRO I 10 28.74 -7.18 -62.60
N TYR I 11 27.62 -7.50 -61.98
CA TYR I 11 26.84 -8.66 -62.41
C TYR I 11 25.39 -8.47 -61.98
N ILE I 12 24.56 -9.46 -62.31
CA ILE I 12 23.15 -9.46 -61.98
C ILE I 12 22.87 -10.71 -61.14
N ALA I 13 22.21 -10.51 -60.01
CA ALA I 13 21.88 -11.60 -59.10
C ALA I 13 20.41 -11.52 -58.71
N TYR I 14 19.86 -12.68 -58.35
CA TYR I 14 18.44 -12.78 -58.01
C TYR I 14 18.17 -12.10 -56.66
N CYS I 15 17.15 -11.26 -56.62
CA CYS I 15 16.78 -10.53 -55.41
C CYS I 15 15.42 -11.00 -54.92
N ALA I 16 15.30 -11.13 -53.59
CA ALA I 16 14.07 -11.68 -53.01
C ALA I 16 12.87 -10.80 -53.35
N ASP I 17 12.96 -9.49 -53.08
CA ASP I 17 11.95 -8.55 -53.55
C ASP I 17 12.63 -7.22 -53.82
N CYS I 18 12.15 -6.53 -54.85
CA CYS I 18 12.76 -5.29 -55.33
C CYS I 18 12.02 -4.06 -54.83
N GLY I 19 11.53 -4.09 -53.59
CA GLY I 19 10.83 -2.97 -53.02
C GLY I 19 9.34 -2.95 -53.26
N ALA I 20 8.82 -3.87 -54.07
CA ALA I 20 7.40 -3.92 -54.37
C ALA I 20 6.75 -5.23 -53.93
N GLY I 21 7.52 -6.20 -53.45
CA GLY I 21 6.98 -7.49 -53.09
C GLY I 21 7.08 -8.55 -54.17
N HIS I 22 7.84 -8.31 -55.22
CA HIS I 22 8.03 -9.25 -56.30
C HIS I 22 9.51 -9.49 -56.54
N SER I 23 9.84 -10.70 -56.98
CA SER I 23 11.22 -11.10 -57.19
C SER I 23 11.59 -10.91 -58.66
N CYS I 24 12.74 -10.29 -58.90
CA CYS I 24 13.26 -10.15 -60.25
C CYS I 24 14.76 -9.95 -60.18
N HIS I 25 15.43 -10.27 -61.29
CA HIS I 25 16.88 -10.15 -61.35
C HIS I 25 17.27 -8.68 -61.39
N SER I 26 17.85 -8.20 -60.30
CA SER I 26 18.23 -6.82 -60.16
C SER I 26 19.75 -6.68 -60.17
N PRO I 27 20.28 -5.54 -60.62
CA PRO I 27 21.74 -5.34 -60.61
C PRO I 27 22.30 -4.80 -59.29
N VAL I 28 21.45 -4.59 -58.28
CA VAL I 28 21.90 -4.03 -57.01
C VAL I 28 21.58 -5.03 -55.91
N ALA I 29 21.67 -6.32 -56.22
CA ALA I 29 21.36 -7.36 -55.25
C ALA I 29 22.30 -7.25 -54.05
N ILE I 30 21.74 -7.52 -52.86
CA ILE I 30 22.47 -7.36 -51.61
C ILE I 30 23.07 -8.70 -51.20
N GLU I 31 24.39 -8.73 -51.01
CA GLU I 31 25.07 -9.87 -50.43
C GLU I 31 25.17 -9.69 -48.91
N ALA I 32 26.04 -10.46 -48.27
CA ALA I 32 26.12 -10.45 -46.82
C ALA I 32 26.40 -9.05 -46.27
N VAL I 33 25.77 -8.73 -45.14
CA VAL I 33 25.94 -7.47 -44.44
C VAL I 33 26.75 -7.74 -43.17
N ARG I 34 27.80 -6.95 -42.96
CA ARG I 34 28.69 -7.12 -41.82
C ARG I 34 28.43 -6.05 -40.78
N SER I 35 28.46 -6.45 -39.51
CA SER I 35 28.22 -5.53 -38.40
C SER I 35 29.21 -5.81 -37.27
N GLU I 36 30.48 -5.97 -37.62
CA GLU I 36 31.53 -6.30 -36.66
C GLU I 36 32.11 -5.07 -35.97
N ALA I 37 31.40 -3.95 -35.98
CA ALA I 37 31.87 -2.71 -35.37
C ALA I 37 31.07 -2.44 -34.11
N THR I 38 31.75 -1.95 -33.07
CA THR I 38 31.11 -1.78 -31.78
C THR I 38 30.13 -0.61 -31.79
N ASP I 39 30.45 0.48 -32.49
CA ASP I 39 29.57 1.64 -32.48
C ASP I 39 28.34 1.43 -33.36
N GLY I 40 28.37 0.47 -34.29
CA GLY I 40 27.19 0.18 -35.08
C GLY I 40 27.24 0.65 -36.52
N MET I 41 28.37 0.47 -37.19
CA MET I 41 28.54 0.84 -38.59
C MET I 41 28.52 -0.43 -39.43
N LEU I 42 27.69 -0.43 -40.47
CA LEU I 42 27.50 -1.61 -41.30
C LEU I 42 28.42 -1.57 -42.51
N LYS I 43 28.49 -2.71 -43.22
CA LYS I 43 29.19 -2.80 -44.51
C LYS I 43 28.30 -3.59 -45.47
N ILE I 44 27.39 -2.88 -46.14
CA ILE I 44 26.54 -3.52 -47.14
C ILE I 44 27.37 -3.83 -48.38
N GLN I 45 27.05 -4.93 -49.04
CA GLN I 45 27.78 -5.38 -50.23
C GLN I 45 26.84 -5.42 -51.42
N PHE I 46 27.06 -4.53 -52.39
CA PHE I 46 26.35 -4.59 -53.65
C PHE I 46 26.74 -5.80 -54.48
N SER I 47 26.05 -5.93 -55.62
CA SER I 47 26.52 -6.69 -56.76
C SER I 47 27.01 -5.79 -57.88
N ALA I 48 26.82 -4.47 -57.77
CA ALA I 48 27.26 -3.49 -58.76
C ALA I 48 28.27 -2.57 -58.10
N GLN I 49 29.53 -2.69 -58.48
CA GLN I 49 30.59 -1.93 -57.82
C GLN I 49 30.46 -0.44 -58.13
N ILE I 50 30.81 0.39 -57.15
CA ILE I 50 30.56 1.82 -57.18
C ILE I 50 31.86 2.56 -56.95
N GLY I 51 31.87 3.82 -57.39
CA GLY I 51 33.07 4.63 -57.36
C GLY I 51 33.97 4.52 -58.57
N ILE I 52 33.56 3.78 -59.59
CA ILE I 52 34.35 3.58 -60.80
C ILE I 52 33.44 3.74 -62.01
N ASP I 53 33.96 4.39 -63.06
CA ASP I 53 33.17 4.59 -64.26
C ASP I 53 33.25 3.37 -65.17
N LYS I 54 32.59 3.47 -66.33
CA LYS I 54 32.53 2.35 -67.26
C LYS I 54 33.90 1.99 -67.82
N SER I 55 34.79 2.96 -67.97
CA SER I 55 36.09 2.75 -68.59
C SER I 55 37.20 2.48 -67.58
N ASP I 56 36.85 1.92 -66.42
CA ASP I 56 37.83 1.52 -65.41
C ASP I 56 38.69 2.68 -64.94
N ASN I 57 38.07 3.85 -64.75
CA ASN I 57 38.74 5.03 -64.25
C ASN I 57 38.07 5.48 -62.96
N HIS I 58 38.88 5.85 -61.97
CA HIS I 58 38.34 6.23 -60.68
C HIS I 58 37.60 7.56 -60.77
N ASP I 59 36.41 7.60 -60.19
CA ASP I 59 35.57 8.79 -60.23
C ASP I 59 34.76 8.86 -58.94
N TYR I 60 34.36 10.06 -58.56
CA TYR I 60 33.49 10.27 -57.42
C TYR I 60 32.03 10.47 -57.83
N THR I 61 31.71 10.30 -59.12
CA THR I 61 30.39 10.60 -59.62
C THR I 61 29.72 9.44 -60.36
N LYS I 62 30.48 8.55 -60.99
CA LYS I 62 29.91 7.45 -61.75
C LYS I 62 30.06 6.15 -60.98
N ILE I 63 29.04 5.30 -61.06
CA ILE I 63 29.10 3.96 -60.50
C ILE I 63 28.72 2.96 -61.59
N ARG I 64 29.46 1.87 -61.67
CA ARG I 64 29.20 0.85 -62.67
C ARG I 64 28.01 -0.01 -62.25
N TYR I 65 27.43 -0.70 -63.24
CA TYR I 65 26.45 -1.74 -63.01
C TYR I 65 26.21 -2.45 -64.33
N ALA I 66 25.74 -3.70 -64.24
CA ALA I 66 25.56 -4.53 -65.41
C ALA I 66 24.10 -4.54 -65.84
N ASP I 67 23.87 -4.47 -67.15
CA ASP I 67 22.53 -4.48 -67.71
C ASP I 67 22.58 -5.21 -69.04
N GLY I 68 22.15 -6.48 -69.05
CA GLY I 68 22.16 -7.27 -70.26
C GLY I 68 23.55 -7.47 -70.83
N HIS I 69 24.46 -8.00 -70.00
CA HIS I 69 25.89 -8.16 -70.31
C HIS I 69 26.44 -6.93 -71.03
N ALA I 70 26.05 -5.75 -70.56
CA ALA I 70 26.57 -4.49 -71.07
C ALA I 70 26.65 -3.52 -69.90
N ILE I 71 27.83 -2.99 -69.64
CA ILE I 71 28.08 -2.21 -68.43
C ILE I 71 27.74 -0.75 -68.69
N GLU I 72 26.67 -0.28 -68.07
CA GLU I 72 26.31 1.13 -68.07
C GLU I 72 26.87 1.77 -66.80
N ASN I 73 26.47 3.02 -66.55
CA ASN I 73 26.88 3.69 -65.33
C ASN I 73 25.86 4.76 -64.96
N ALA I 74 25.76 5.03 -63.66
CA ALA I 74 24.78 5.95 -63.12
C ALA I 74 25.48 6.97 -62.22
N VAL I 75 24.83 8.12 -62.05
CA VAL I 75 25.38 9.17 -61.19
C VAL I 75 25.46 8.68 -59.76
N ARG I 76 26.56 9.04 -59.07
CA ARG I 76 26.77 8.56 -57.71
C ARG I 76 25.70 9.06 -56.76
N SER I 77 25.14 10.24 -57.01
CA SER I 77 24.05 10.70 -56.18
C SER I 77 22.84 9.79 -56.37
N SER I 78 21.81 10.04 -55.56
CA SER I 78 20.59 9.23 -55.47
C SER I 78 20.85 7.84 -54.93
N LEU I 79 22.08 7.51 -54.55
CA LEU I 79 22.37 6.27 -53.84
C LEU I 79 21.81 6.39 -52.43
N LYS I 80 20.69 5.72 -52.18
CA LYS I 80 19.99 5.83 -50.90
C LYS I 80 19.96 4.46 -50.25
N VAL I 81 20.52 4.37 -49.04
CA VAL I 81 20.40 3.20 -48.20
C VAL I 81 19.50 3.58 -47.03
N ALA I 82 18.57 2.70 -46.69
CA ALA I 82 17.54 3.07 -45.73
C ALA I 82 17.07 1.87 -44.93
N THR I 83 16.48 2.17 -43.78
CA THR I 83 15.85 1.20 -42.90
C THR I 83 14.56 1.89 -42.46
N SER I 84 13.98 1.44 -41.35
CA SER I 84 12.78 2.07 -40.80
C SER I 84 12.86 3.60 -40.84
N GLY I 85 14.07 4.15 -40.75
CA GLY I 85 14.27 5.57 -40.95
C GLY I 85 15.00 5.88 -42.25
N ASP I 86 16.19 6.47 -42.17
CA ASP I 86 17.00 6.75 -43.34
C ASP I 86 18.45 6.88 -42.91
N CYS I 87 19.32 6.10 -43.55
CA CYS I 87 20.70 5.97 -43.09
C CYS I 87 21.57 7.12 -43.60
N PHE I 88 22.84 7.09 -43.19
CA PHE I 88 23.84 8.06 -43.61
C PHE I 88 25.04 7.30 -44.15
N VAL I 89 25.45 7.62 -45.36
CA VAL I 89 26.52 6.90 -46.04
C VAL I 89 27.85 7.57 -45.71
N HIS I 90 28.76 6.80 -45.11
CA HIS I 90 30.07 7.32 -44.72
C HIS I 90 31.12 7.03 -45.79
N GLY I 91 31.30 5.75 -46.13
CA GLY I 91 32.30 5.33 -47.08
C GLY I 91 31.69 4.87 -48.40
N THR I 92 32.57 4.74 -49.40
CA THR I 92 32.16 4.34 -50.75
C THR I 92 33.34 3.85 -51.56
N MET I 93 33.34 2.56 -51.90
CA MET I 93 34.38 1.99 -52.75
C MET I 93 33.98 0.58 -53.13
N GLY I 94 34.25 0.20 -54.38
CA GLY I 94 34.04 -1.18 -54.82
C GLY I 94 32.60 -1.62 -54.62
N HIS I 95 32.44 -2.89 -54.24
CA HIS I 95 31.12 -3.43 -53.95
C HIS I 95 30.56 -2.97 -52.61
N PHE I 96 31.37 -2.34 -51.77
CA PHE I 96 31.06 -2.17 -50.35
C PHE I 96 30.57 -0.76 -50.05
N ILE I 97 29.87 -0.64 -48.92
CA ILE I 97 29.35 0.63 -48.42
C ILE I 97 29.67 0.70 -46.93
N LEU I 98 29.73 1.92 -46.41
CA LEU I 98 29.74 2.16 -44.97
C LEU I 98 28.53 3.01 -44.63
N ALA I 99 27.75 2.60 -43.64
CA ALA I 99 26.52 3.30 -43.33
C ALA I 99 26.23 3.20 -41.84
N LYS I 100 25.46 4.15 -41.35
CA LYS I 100 24.93 4.15 -39.99
C LYS I 100 23.42 4.32 -40.08
N CYS I 101 22.67 3.40 -39.47
CA CYS I 101 21.24 3.38 -39.68
C CYS I 101 20.51 3.44 -38.35
N PRO I 102 19.29 3.98 -38.34
CA PRO I 102 18.43 3.86 -37.16
C PRO I 102 17.93 2.44 -37.03
N PRO I 103 17.50 2.03 -35.83
CA PRO I 103 17.02 0.65 -35.65
C PRO I 103 15.82 0.36 -36.53
N GLY I 104 15.78 -0.87 -37.04
CA GLY I 104 14.70 -1.29 -37.92
C GLY I 104 14.84 -2.76 -38.22
N GLU I 105 13.83 -3.29 -38.91
CA GLU I 105 13.74 -4.72 -39.17
C GLU I 105 14.12 -5.11 -40.59
N PHE I 106 14.56 -4.16 -41.41
CA PHE I 106 14.99 -4.46 -42.78
C PHE I 106 15.91 -3.35 -43.25
N LEU I 107 16.42 -3.50 -44.47
CA LEU I 107 17.13 -2.41 -45.13
C LEU I 107 17.03 -2.60 -46.62
N GLN I 108 17.17 -1.50 -47.36
CA GLN I 108 17.14 -1.54 -48.81
C GLN I 108 18.18 -0.59 -49.38
N VAL I 109 18.69 -0.93 -50.56
CA VAL I 109 19.63 -0.10 -51.29
C VAL I 109 19.06 0.13 -52.68
N SER I 110 19.16 1.37 -53.16
CA SER I 110 18.60 1.70 -54.46
C SER I 110 19.36 2.88 -55.05
N ILE I 111 19.34 2.96 -56.37
CA ILE I 111 19.89 4.11 -57.08
C ILE I 111 19.28 4.14 -58.48
N GLN I 112 19.17 5.34 -59.04
CA GLN I 112 18.48 5.52 -60.31
C GLN I 112 19.24 4.83 -61.44
N ASP I 113 18.48 4.32 -62.40
CA ASP I 113 19.04 3.62 -63.56
C ASP I 113 19.54 4.64 -64.57
N THR I 114 19.90 4.17 -65.76
CA THR I 114 20.19 5.08 -66.86
C THR I 114 18.92 5.78 -67.35
N ARG I 115 17.80 5.05 -67.37
CA ARG I 115 16.51 5.59 -67.74
C ARG I 115 15.82 6.32 -66.60
N ASN I 116 16.58 6.68 -65.55
CA ASN I 116 16.03 7.33 -64.36
C ASN I 116 14.92 6.50 -63.73
N ALA I 117 15.15 5.20 -63.61
CA ALA I 117 14.26 4.29 -62.90
C ALA I 117 14.96 3.77 -61.67
N VAL I 118 14.22 3.60 -60.59
CA VAL I 118 14.79 3.13 -59.33
C VAL I 118 15.00 1.62 -59.40
N ARG I 119 16.18 1.17 -58.99
CA ARG I 119 16.52 -0.24 -58.93
C ARG I 119 16.90 -0.58 -57.49
N ALA I 120 16.04 -1.32 -56.81
CA ALA I 120 16.20 -1.57 -55.38
C ALA I 120 16.20 -3.06 -55.10
N CYS I 121 16.91 -3.44 -54.03
CA CYS I 121 16.87 -4.79 -53.49
C CYS I 121 16.74 -4.69 -51.99
N ARG I 122 15.77 -5.39 -51.42
CA ARG I 122 15.43 -5.29 -50.01
C ARG I 122 15.70 -6.61 -49.33
N ILE I 123 16.42 -6.56 -48.21
CA ILE I 123 16.83 -7.76 -47.48
C ILE I 123 16.40 -7.60 -46.03
N GLN I 124 15.94 -8.70 -45.42
CA GLN I 124 15.55 -8.67 -44.02
C GLN I 124 16.78 -8.67 -43.14
N TYR I 125 16.81 -7.78 -42.15
CA TYR I 125 17.98 -7.66 -41.28
C TYR I 125 17.53 -6.98 -39.99
N HIS I 126 17.70 -7.66 -38.87
CA HIS I 126 17.33 -7.13 -37.56
C HIS I 126 18.50 -6.31 -37.03
N HIS I 127 18.37 -4.99 -37.11
CA HIS I 127 19.40 -4.07 -36.67
C HIS I 127 19.00 -3.44 -35.34
N ASP I 128 19.89 -3.50 -34.36
CA ASP I 128 19.65 -2.92 -33.05
C ASP I 128 20.98 -2.67 -32.35
N PRO I 129 21.65 -1.56 -32.62
CA PRO I 129 22.95 -1.32 -32.02
C PRO I 129 22.85 -0.88 -30.58
N GLN I 130 23.88 -1.18 -29.81
CA GLN I 130 23.97 -0.76 -28.43
C GLN I 130 25.38 -0.21 -28.18
N PRO I 131 25.51 1.01 -27.70
CA PRO I 131 26.84 1.62 -27.56
C PRO I 131 27.65 0.95 -26.47
N VAL I 132 28.98 1.06 -26.62
CA VAL I 132 29.90 0.48 -25.66
C VAL I 132 29.78 1.21 -24.33
N GLY I 133 29.81 0.45 -23.23
CA GLY I 133 29.71 1.01 -21.90
C GLY I 133 28.59 0.36 -21.11
N ARG I 134 28.08 1.10 -20.12
CA ARG I 134 27.02 0.63 -19.25
C ARG I 134 25.74 1.46 -19.38
N GLU I 135 25.67 2.37 -20.35
CA GLU I 135 24.50 3.18 -20.59
C GLU I 135 24.04 3.02 -22.04
N LYS I 136 22.73 2.92 -22.23
CA LYS I 136 22.15 2.78 -23.56
C LYS I 136 21.68 4.14 -24.06
N PHE I 137 22.65 5.02 -24.29
CA PHE I 137 22.36 6.36 -24.77
C PHE I 137 22.17 6.34 -26.30
N THR I 138 21.91 7.52 -26.86
CA THR I 138 21.65 7.66 -28.29
C THR I 138 22.66 8.55 -28.98
N ILE I 139 23.00 9.70 -28.41
CA ILE I 139 23.88 10.68 -29.03
C ILE I 139 24.99 11.04 -28.05
N ARG I 140 26.21 11.15 -28.56
CA ARG I 140 27.34 11.46 -27.71
C ARG I 140 27.14 12.82 -27.03
N PRO I 141 27.54 12.97 -25.78
CA PRO I 141 27.36 14.24 -25.09
C PRO I 141 28.55 15.18 -25.26
N HIS I 142 28.48 16.36 -24.65
CA HIS I 142 29.60 17.28 -24.62
C HIS I 142 30.44 17.14 -23.36
N TYR I 143 30.11 16.21 -22.47
CA TYR I 143 30.88 15.97 -21.26
C TYR I 143 30.76 14.51 -20.90
N GLY I 144 31.87 13.78 -20.91
CA GLY I 144 31.82 12.36 -20.63
C GLY I 144 33.21 11.77 -20.59
N LYS I 145 33.26 10.44 -20.58
CA LYS I 145 34.50 9.69 -20.55
C LYS I 145 34.91 9.29 -21.96
N GLU I 146 36.03 8.58 -22.05
CA GLU I 146 36.57 8.11 -23.33
C GLU I 146 36.79 6.61 -23.26
N ILE I 147 35.77 5.85 -23.63
CA ILE I 147 35.80 4.39 -23.56
C ILE I 147 36.24 3.86 -24.93
N PRO I 148 37.26 3.00 -24.98
CA PRO I 148 37.72 2.49 -26.27
C PRO I 148 36.65 1.65 -26.96
N CYS I 149 36.69 1.63 -28.28
CA CYS I 149 35.70 0.94 -29.10
C CYS I 149 36.41 0.44 -30.36
N THR I 150 35.64 0.09 -31.39
CA THR I 150 36.18 -0.31 -32.68
C THR I 150 35.27 0.23 -33.79
N THR I 151 35.85 0.42 -34.97
CA THR I 151 35.09 0.92 -36.10
C THR I 151 35.86 0.65 -37.39
N TYR I 152 35.18 0.83 -38.52
CA TYR I 152 35.78 0.70 -39.84
C TYR I 152 36.40 2.04 -40.25
N GLN I 153 37.59 1.98 -40.84
CA GLN I 153 38.28 3.18 -41.28
C GLN I 153 38.19 3.35 -42.78
N GLN I 154 38.44 4.57 -43.24
CA GLN I 154 38.29 4.92 -44.65
C GLN I 154 39.51 4.54 -45.49
N THR I 155 40.61 4.12 -44.87
CA THR I 155 41.81 3.80 -45.62
C THR I 155 41.59 2.57 -46.51
N THR I 156 42.28 2.55 -47.64
CA THR I 156 42.23 1.43 -48.59
C THR I 156 43.60 0.79 -48.75
N ALA I 157 44.41 0.82 -47.69
CA ALA I 157 45.75 0.24 -47.72
C ALA I 157 45.69 -1.27 -47.54
N LYS I 158 46.83 -1.89 -47.24
CA LYS I 158 46.86 -3.32 -46.97
C LYS I 158 45.89 -3.69 -45.86
N THR I 159 45.07 -4.71 -46.12
CA THR I 159 44.03 -5.13 -45.19
C THR I 159 44.11 -6.59 -44.79
N VAL I 160 44.66 -7.45 -45.63
CA VAL I 160 44.73 -8.90 -45.39
C VAL I 160 43.31 -9.42 -45.22
N GLU I 161 42.50 -9.26 -46.26
CA GLU I 161 41.15 -9.82 -46.30
C GLU I 161 40.87 -10.26 -47.73
N GLU I 162 39.81 -11.04 -47.90
CA GLU I 162 39.65 -11.85 -49.11
C GLU I 162 38.28 -11.69 -49.75
N ILE I 163 38.27 -11.77 -51.07
CA ILE I 163 37.09 -12.11 -51.86
C ILE I 163 37.52 -13.12 -52.91
N ASP I 164 36.74 -14.18 -53.07
CA ASP I 164 37.02 -15.16 -54.11
C ASP I 164 36.39 -14.71 -55.42
N MET I 165 37.18 -14.70 -56.49
CA MET I 165 36.76 -14.26 -57.81
C MET I 165 36.92 -15.40 -58.79
N HIS I 166 35.91 -15.61 -59.65
CA HIS I 166 36.00 -16.61 -60.70
C HIS I 166 35.42 -16.07 -61.99
N MET I 167 35.78 -16.71 -63.09
CA MET I 167 35.32 -16.27 -64.40
C MET I 167 33.82 -16.51 -64.56
N PRO I 168 33.11 -15.64 -65.27
CA PRO I 168 31.66 -15.74 -65.35
C PRO I 168 31.24 -16.94 -66.19
N PRO I 169 30.03 -17.47 -65.98
CA PRO I 169 29.56 -18.61 -66.76
C PRO I 169 29.11 -18.21 -68.16
N ASP I 170 28.54 -19.16 -68.90
CA ASP I 170 28.02 -18.91 -70.24
C ASP I 170 26.61 -18.36 -70.10
N THR I 171 26.47 -17.04 -70.26
CA THR I 171 25.18 -16.39 -70.09
C THR I 171 24.26 -16.71 -71.27
N PRO I 172 23.08 -17.26 -71.03
CA PRO I 172 22.17 -17.57 -72.14
C PRO I 172 21.31 -16.37 -72.51
N ASP I 173 21.06 -16.24 -73.81
CA ASP I 173 20.23 -15.15 -74.32
C ASP I 173 19.43 -15.65 -75.50
N ARG I 174 18.18 -15.20 -75.60
CA ARG I 174 17.27 -15.58 -76.67
C ARG I 174 16.99 -14.46 -77.66
N THR I 175 17.08 -13.20 -77.23
CA THR I 175 16.64 -12.09 -78.07
C THR I 175 17.51 -11.94 -79.31
N LEU I 176 18.75 -12.43 -79.27
CA LEU I 176 19.66 -12.25 -80.39
C LEU I 176 19.48 -13.31 -81.47
N LEU I 177 18.58 -14.27 -81.27
CA LEU I 177 18.24 -15.22 -82.32
C LEU I 177 17.08 -14.68 -83.15
N SER I 178 17.28 -14.59 -84.46
CA SER I 178 16.29 -14.04 -85.38
C SER I 178 15.92 -15.09 -86.40
N GLN I 179 14.63 -15.36 -86.55
CA GLN I 179 14.11 -16.29 -87.55
C GLN I 179 13.24 -15.51 -88.52
N GLN I 180 13.71 -15.39 -89.76
CA GLN I 180 12.99 -14.65 -90.80
C GLN I 180 12.23 -15.57 -91.75
N SER I 181 12.93 -16.46 -92.43
CA SER I 181 12.27 -17.40 -93.35
C SER I 181 13.19 -18.61 -93.54
N GLY I 182 12.90 -19.69 -92.82
CA GLY I 182 13.63 -20.93 -93.02
C GLY I 182 15.11 -20.87 -92.70
N ASN I 183 15.56 -19.83 -92.00
CA ASN I 183 16.96 -19.68 -91.65
C ASN I 183 17.06 -18.77 -90.44
N VAL I 184 18.24 -18.77 -89.81
CA VAL I 184 18.45 -18.03 -88.58
C VAL I 184 19.62 -17.07 -88.74
N LYS I 185 19.57 -15.99 -87.98
CA LYS I 185 20.67 -15.03 -87.92
C LYS I 185 21.02 -14.80 -86.46
N ILE I 186 22.29 -14.97 -86.12
CA ILE I 186 22.78 -14.86 -84.75
C ILE I 186 23.51 -13.53 -84.62
N THR I 187 22.98 -12.66 -83.76
CA THR I 187 23.54 -11.32 -83.62
C THR I 187 24.90 -11.37 -82.95
N VAL I 188 25.83 -10.57 -83.48
CA VAL I 188 27.21 -10.51 -83.01
C VAL I 188 27.61 -9.05 -82.86
N GLY I 189 28.89 -8.80 -82.61
CA GLY I 189 29.37 -7.46 -82.36
C GLY I 189 30.44 -7.39 -81.30
N GLY I 190 30.89 -8.57 -80.85
CA GLY I 190 31.95 -8.65 -79.86
C GLY I 190 31.72 -9.79 -78.90
N LYS I 191 30.51 -10.32 -78.91
CA LYS I 191 30.13 -11.42 -78.03
C LYS I 191 30.26 -12.73 -78.81
N LYS I 192 31.34 -13.45 -78.56
CA LYS I 192 31.55 -14.73 -79.23
C LYS I 192 30.58 -15.77 -78.68
N VAL I 193 29.45 -15.96 -79.36
CA VAL I 193 28.39 -16.79 -78.84
C VAL I 193 28.75 -18.27 -78.99
N LYS I 194 28.09 -19.10 -78.17
CA LYS I 194 28.21 -20.54 -78.24
C LYS I 194 26.83 -21.11 -78.56
N TYR I 195 26.74 -21.93 -79.60
CA TYR I 195 25.46 -22.41 -80.10
C TYR I 195 25.44 -23.93 -80.14
N ASN I 196 24.32 -24.51 -79.71
CA ASN I 196 24.05 -25.93 -79.82
C ASN I 196 22.87 -26.11 -80.75
N CYS I 197 23.06 -26.89 -81.81
CA CYS I 197 21.99 -27.21 -82.76
C CYS I 197 22.14 -28.66 -83.20
N THR I 198 21.13 -29.47 -82.92
CA THR I 198 21.17 -30.89 -83.29
C THR I 198 20.03 -31.25 -84.23
N CYS I 199 19.77 -30.41 -85.22
CA CYS I 199 18.81 -30.72 -86.27
C CYS I 199 19.45 -31.49 -87.42
N GLY I 200 20.56 -32.19 -87.17
CA GLY I 200 21.35 -32.81 -88.21
C GLY I 200 22.22 -31.86 -88.98
N THR I 201 22.18 -30.57 -88.68
CA THR I 201 22.94 -29.55 -89.38
C THR I 201 24.26 -29.32 -88.65
N GLY I 202 24.95 -28.22 -88.96
CA GLY I 202 26.20 -27.84 -88.32
C GLY I 202 26.23 -28.09 -86.83
N ASN I 203 27.32 -28.69 -86.35
CA ASN I 203 27.40 -29.16 -84.98
C ASN I 203 27.68 -27.99 -84.03
N VAL I 204 28.01 -28.32 -82.79
CA VAL I 204 28.25 -27.29 -81.78
C VAL I 204 29.58 -26.59 -82.07
N GLY I 205 29.66 -25.33 -81.65
CA GLY I 205 30.86 -24.55 -81.85
C GLY I 205 30.66 -23.14 -81.36
N THR I 206 31.69 -22.33 -81.57
CA THR I 206 31.66 -20.91 -81.22
C THR I 206 31.97 -20.09 -82.46
N THR I 207 31.14 -19.09 -82.73
CA THR I 207 31.28 -18.25 -83.92
C THR I 207 31.33 -16.79 -83.52
N ASN I 208 32.24 -16.04 -84.15
CA ASN I 208 32.39 -14.62 -83.90
C ASN I 208 31.61 -13.75 -84.86
N SER I 209 30.88 -14.35 -85.81
CA SER I 209 30.15 -13.60 -86.82
C SER I 209 28.79 -14.23 -87.02
N ASP I 210 28.01 -13.61 -87.91
CA ASP I 210 26.66 -14.10 -88.20
C ASP I 210 26.72 -15.46 -88.86
N MET I 211 25.67 -16.26 -88.64
CA MET I 211 25.61 -17.60 -89.18
C MET I 211 24.16 -18.01 -89.39
N THR I 212 23.97 -19.01 -90.25
CA THR I 212 22.65 -19.54 -90.57
C THR I 212 22.66 -21.05 -90.40
N ILE I 213 21.56 -21.58 -89.86
CA ILE I 213 21.41 -23.03 -89.70
C ILE I 213 20.52 -23.54 -90.83
N ASN I 214 19.63 -22.68 -91.33
CA ASN I 214 18.87 -22.85 -92.57
C ASN I 214 17.86 -23.99 -92.54
N THR I 215 17.71 -24.72 -91.43
CA THR I 215 16.78 -25.85 -91.39
C THR I 215 15.66 -25.67 -90.38
N CYS I 216 15.99 -25.46 -89.10
CA CYS I 216 15.01 -25.43 -88.02
C CYS I 216 15.15 -24.14 -87.23
N LEU I 217 14.02 -23.62 -86.76
CA LEU I 217 13.90 -22.18 -86.54
C LEU I 217 14.48 -21.71 -85.20
N ILE I 218 13.84 -22.05 -84.09
CA ILE I 218 14.28 -21.54 -82.80
C ILE I 218 14.28 -22.65 -81.74
N GLU I 219 13.60 -23.76 -82.02
CA GLU I 219 13.48 -24.82 -81.04
C GLU I 219 14.77 -25.59 -80.81
N GLN I 220 15.79 -25.37 -81.64
CA GLN I 220 17.01 -26.16 -81.55
C GLN I 220 18.25 -25.32 -81.31
N CYS I 221 18.40 -24.19 -82.00
CA CYS I 221 19.60 -23.38 -81.85
C CYS I 221 19.47 -22.43 -80.67
N HIS I 222 20.61 -22.11 -80.06
CA HIS I 222 20.65 -21.28 -78.86
C HIS I 222 21.93 -20.47 -78.87
N VAL I 223 22.09 -19.65 -77.82
CA VAL I 223 23.26 -18.78 -77.69
C VAL I 223 23.71 -18.78 -76.24
N SER I 224 25.02 -18.86 -76.03
CA SER I 224 25.62 -18.75 -74.70
C SER I 224 26.83 -17.84 -74.83
N VAL I 225 26.70 -16.61 -74.34
CA VAL I 225 27.79 -15.64 -74.45
C VAL I 225 28.93 -16.05 -73.53
N THR I 226 30.15 -16.03 -74.06
CA THR I 226 31.35 -16.29 -73.29
C THR I 226 32.18 -15.03 -73.21
N ASP I 227 32.53 -14.62 -71.99
CA ASP I 227 33.23 -13.36 -71.72
C ASP I 227 34.42 -13.62 -70.81
N HIS I 228 35.23 -14.62 -71.14
CA HIS I 228 36.33 -15.06 -70.30
C HIS I 228 37.45 -14.01 -70.32
N LYS I 229 37.13 -12.82 -69.80
CA LYS I 229 38.10 -11.74 -69.73
C LYS I 229 38.05 -10.96 -68.42
N LYS I 230 37.12 -11.26 -67.51
CA LYS I 230 36.98 -10.48 -66.28
C LYS I 230 36.43 -11.37 -65.18
N TRP I 231 37.09 -11.37 -64.02
CA TRP I 231 36.57 -12.05 -62.85
C TRP I 231 35.30 -11.34 -62.37
N GLN I 232 34.26 -12.11 -62.08
CA GLN I 232 33.01 -11.47 -61.67
C GLN I 232 32.83 -11.41 -60.16
N PHE I 233 32.60 -12.56 -59.53
CA PHE I 233 32.45 -12.74 -58.09
C PHE I 233 32.09 -14.19 -57.86
N ASN I 234 32.34 -14.66 -56.63
CA ASN I 234 31.96 -16.02 -56.23
C ASN I 234 30.70 -15.94 -55.38
N SER I 235 29.55 -15.88 -56.06
CA SER I 235 28.29 -15.73 -55.37
C SER I 235 27.48 -17.03 -55.44
N PRO I 236 26.68 -17.32 -54.42
CA PRO I 236 25.79 -18.49 -54.50
C PRO I 236 24.69 -18.35 -55.53
N PHE I 237 24.40 -17.13 -55.99
CA PHE I 237 23.30 -16.89 -56.92
C PHE I 237 23.73 -16.92 -58.38
N VAL I 238 25.00 -17.22 -58.68
CA VAL I 238 25.51 -17.25 -60.03
C VAL I 238 26.31 -18.54 -60.22
N PRO I 239 25.93 -19.41 -61.15
CA PRO I 239 26.63 -20.69 -61.30
C PRO I 239 28.06 -20.51 -61.78
N ARG I 240 28.89 -21.47 -61.41
CA ARG I 240 30.29 -21.49 -61.80
C ARG I 240 30.48 -22.42 -62.99
N ALA I 241 31.62 -22.27 -63.67
CA ALA I 241 31.81 -22.90 -64.97
C ALA I 241 32.44 -24.28 -64.90
N ASP I 242 33.52 -24.45 -64.16
CA ASP I 242 34.31 -25.67 -64.21
C ASP I 242 34.51 -26.26 -62.82
N GLU I 243 34.54 -27.59 -62.76
CA GLU I 243 34.85 -28.33 -61.56
C GLU I 243 36.07 -29.22 -61.80
N PRO I 244 37.08 -29.20 -60.93
CA PRO I 244 37.16 -28.45 -59.66
C PRO I 244 37.27 -26.95 -59.88
N ALA I 245 36.83 -26.17 -58.89
CA ALA I 245 36.75 -24.73 -59.05
C ALA I 245 38.12 -24.12 -59.25
N ARG I 246 38.20 -23.17 -60.19
CA ARG I 246 39.39 -22.38 -60.42
C ARG I 246 39.01 -20.92 -60.17
N LYS I 247 39.73 -20.26 -59.26
CA LYS I 247 39.31 -18.95 -58.79
C LYS I 247 40.51 -18.16 -58.32
N GLY I 248 40.33 -16.84 -58.23
CA GLY I 248 41.32 -15.94 -57.69
C GLY I 248 40.82 -15.23 -56.45
N LYS I 249 41.69 -14.37 -55.92
CA LYS I 249 41.39 -13.62 -54.70
C LYS I 249 41.76 -12.16 -54.89
N VAL I 250 41.09 -11.30 -54.11
CA VAL I 250 41.31 -9.85 -54.18
C VAL I 250 40.98 -9.26 -52.81
N HIS I 251 41.66 -8.16 -52.49
CA HIS I 251 41.51 -7.50 -51.20
C HIS I 251 40.21 -6.70 -51.13
N ILE I 252 39.90 -6.22 -49.93
CA ILE I 252 38.72 -5.39 -49.72
C ILE I 252 39.18 -4.10 -49.05
N PRO I 253 38.41 -3.03 -49.18
CA PRO I 253 38.71 -1.80 -48.44
C PRO I 253 38.14 -1.86 -47.03
N PHE I 254 38.38 -0.78 -46.28
CA PHE I 254 37.79 -0.56 -44.96
C PHE I 254 38.16 -1.64 -43.95
N PRO I 255 39.39 -1.69 -43.48
CA PRO I 255 39.72 -2.61 -42.37
C PRO I 255 39.17 -2.12 -41.05
N LEU I 256 39.52 -2.80 -39.96
CA LEU I 256 39.01 -2.47 -38.63
C LEU I 256 40.08 -1.77 -37.80
N ASP I 257 39.69 -0.74 -37.06
CA ASP I 257 40.61 0.01 -36.22
C ASP I 257 39.88 0.41 -34.94
N ASN I 258 40.66 0.89 -33.97
CA ASN I 258 40.16 0.96 -32.59
C ASN I 258 39.47 2.28 -32.28
N ILE I 259 40.18 3.41 -32.40
CA ILE I 259 39.78 4.74 -31.93
C ILE I 259 39.14 4.69 -30.55
N THR I 260 38.48 5.78 -30.15
CA THR I 260 37.82 5.88 -28.87
C THR I 260 36.44 6.50 -29.05
N CYS I 261 35.59 6.35 -28.02
CA CYS I 261 34.23 6.84 -28.04
C CYS I 261 33.94 7.61 -26.76
N ARG I 262 33.04 8.58 -26.85
CA ARG I 262 32.66 9.40 -25.71
C ARG I 262 31.28 8.96 -25.21
N VAL I 263 31.20 8.64 -23.93
CA VAL I 263 29.96 8.14 -23.33
C VAL I 263 29.59 8.99 -22.12
N PRO I 264 28.32 9.19 -21.83
CA PRO I 264 27.93 10.06 -20.73
C PRO I 264 28.08 9.37 -19.37
N MET I 265 28.08 10.18 -18.33
CA MET I 265 28.13 9.71 -16.96
C MET I 265 26.85 10.11 -16.24
N ALA I 266 26.18 9.15 -15.62
CA ALA I 266 24.90 9.42 -15.00
C ALA I 266 25.08 10.22 -13.71
N ARG I 267 23.97 10.79 -13.23
CA ARG I 267 24.00 11.62 -12.04
C ARG I 267 24.28 10.79 -10.79
N GLU I 268 24.72 11.47 -9.74
CA GLU I 268 24.92 10.82 -8.46
C GLU I 268 23.58 10.61 -7.76
N PRO I 269 23.26 9.41 -7.33
CA PRO I 269 21.98 9.17 -6.67
C PRO I 269 21.96 9.77 -5.27
N THR I 270 20.75 9.97 -4.76
CA THR I 270 20.56 10.56 -3.43
C THR I 270 20.71 9.47 -2.38
N VAL I 271 21.70 9.61 -1.51
CA VAL I 271 21.94 8.66 -0.43
C VAL I 271 21.22 9.14 0.82
N ILE I 272 20.46 8.25 1.45
CA ILE I 272 19.78 8.55 2.70
C ILE I 272 20.23 7.50 3.72
N HIS I 273 21.07 7.92 4.66
CA HIS I 273 21.63 7.00 5.63
C HIS I 273 20.56 6.47 6.58
N GLY I 274 20.73 5.23 7.00
CA GLY I 274 19.83 4.61 7.96
C GLY I 274 20.60 3.74 8.93
N LYS I 275 19.90 2.91 9.70
CA LYS I 275 20.54 2.01 10.65
C LYS I 275 21.01 0.78 9.87
N ARG I 276 22.28 0.81 9.45
CA ARG I 276 22.87 -0.23 8.62
C ARG I 276 22.08 -0.43 7.32
N GLU I 277 21.62 0.67 6.75
CA GLU I 277 20.93 0.66 5.46
C GLU I 277 21.22 1.96 4.73
N VAL I 278 21.17 1.90 3.40
CA VAL I 278 21.25 3.08 2.55
C VAL I 278 20.10 3.02 1.56
N THR I 279 19.35 4.11 1.46
CA THR I 279 18.26 4.22 0.51
C THR I 279 18.70 5.10 -0.65
N LEU I 280 18.69 4.55 -1.86
CA LEU I 280 19.18 5.24 -3.04
C LEU I 280 18.00 5.68 -3.89
N HIS I 281 18.00 6.95 -4.27
CA HIS I 281 17.02 7.49 -5.20
C HIS I 281 17.69 7.64 -6.56
N LEU I 282 17.17 6.92 -7.56
CA LEU I 282 17.82 6.76 -8.84
C LEU I 282 17.02 7.50 -9.91
N HIS I 283 17.70 8.39 -10.64
CA HIS I 283 17.08 9.21 -11.69
C HIS I 283 17.82 9.02 -13.00
N PRO I 284 17.40 8.05 -13.83
CA PRO I 284 18.06 7.85 -15.12
C PRO I 284 17.36 8.60 -16.25
N ASP I 285 18.17 9.09 -17.19
CA ASP I 285 17.63 9.64 -18.43
C ASP I 285 17.50 8.59 -19.51
N HIS I 286 18.40 7.62 -19.53
CA HIS I 286 18.37 6.50 -20.44
C HIS I 286 18.67 5.24 -19.65
N PRO I 287 18.28 4.07 -20.15
CA PRO I 287 18.54 2.82 -19.41
C PRO I 287 19.98 2.67 -18.94
N THR I 288 20.19 2.67 -17.64
CA THR I 288 21.51 2.54 -17.04
C THR I 288 21.58 1.29 -16.19
N LEU I 289 22.80 0.85 -15.91
CA LEU I 289 23.05 -0.40 -15.19
C LEU I 289 23.42 -0.09 -13.75
N PHE I 290 22.70 -0.69 -12.81
CA PHE I 290 22.94 -0.51 -11.38
C PHE I 290 23.23 -1.87 -10.78
N SER I 291 24.39 -2.01 -10.13
CA SER I 291 24.78 -3.27 -9.54
C SER I 291 25.65 -3.01 -8.33
N TYR I 292 25.38 -3.76 -7.25
CA TYR I 292 26.12 -3.61 -6.01
C TYR I 292 26.49 -4.99 -5.47
N ARG I 293 27.41 -4.99 -4.51
CA ARG I 293 27.80 -6.22 -3.82
C ARG I 293 28.27 -5.87 -2.43
N THR I 294 28.00 -6.75 -1.47
CA THR I 294 28.46 -6.56 -0.10
C THR I 294 29.83 -7.20 0.04
N LEU I 295 30.82 -6.40 0.42
CA LEU I 295 32.20 -6.86 0.41
C LEU I 295 32.62 -7.53 1.72
N GLY I 296 31.80 -8.49 2.15
CA GLY I 296 32.10 -9.29 3.31
C GLY I 296 32.79 -10.59 2.97
N GLU I 297 32.24 -11.71 3.44
CA GLU I 297 32.75 -13.03 3.12
C GLU I 297 31.82 -13.82 2.20
N ASP I 298 30.51 -13.63 2.36
CA ASP I 298 29.51 -14.20 1.46
C ASP I 298 28.74 -13.03 0.87
N PRO I 299 29.17 -12.51 -0.28
CA PRO I 299 28.60 -11.26 -0.80
C PRO I 299 27.15 -11.44 -1.24
N GLN I 300 26.50 -10.31 -1.45
CA GLN I 300 25.13 -10.26 -1.95
C GLN I 300 25.15 -9.75 -3.38
N TYR I 301 25.26 -10.68 -4.32
CA TYR I 301 25.18 -10.37 -5.74
C TYR I 301 23.88 -9.65 -6.08
N HIS I 302 23.98 -8.69 -6.98
CA HIS I 302 22.80 -8.04 -7.56
C HIS I 302 23.21 -7.25 -8.79
N GLU I 303 22.34 -7.23 -9.79
CA GLU I 303 22.59 -6.48 -11.01
C GLU I 303 21.25 -6.23 -11.69
N GLU I 304 21.10 -5.04 -12.28
CA GLU I 304 19.80 -4.64 -12.79
C GLU I 304 19.98 -3.56 -13.86
N TRP I 305 18.98 -3.46 -14.73
CA TRP I 305 18.91 -2.42 -15.76
C TRP I 305 17.81 -1.45 -15.34
N VAL I 306 18.20 -0.32 -14.75
CA VAL I 306 17.23 0.67 -14.33
C VAL I 306 16.79 1.49 -15.53
N THR I 307 15.48 1.63 -15.70
CA THR I 307 14.89 2.34 -16.83
C THR I 307 14.12 3.58 -16.42
N ALA I 308 13.31 3.50 -15.37
CA ALA I 308 12.52 4.62 -14.89
C ALA I 308 13.08 5.10 -13.55
N ALA I 309 12.39 6.06 -12.95
CA ALA I 309 12.81 6.60 -11.66
C ALA I 309 12.35 5.66 -10.55
N VAL I 310 13.31 5.08 -9.83
CA VAL I 310 13.04 4.11 -8.78
C VAL I 310 13.82 4.49 -7.54
N GLU I 311 13.53 3.76 -6.44
CA GLU I 311 14.28 3.89 -5.21
C GLU I 311 14.60 2.50 -4.69
N ARG I 312 15.81 2.32 -4.15
CA ARG I 312 16.30 1.03 -3.73
C ARG I 312 16.92 1.13 -2.34
N THR I 313 16.64 0.14 -1.50
CA THR I 313 17.23 0.04 -0.17
C THR I 313 18.30 -1.05 -0.21
N ILE I 314 19.52 -0.69 0.16
CA ILE I 314 20.65 -1.61 0.07
C ILE I 314 21.23 -1.83 1.46
N PRO I 315 21.54 -3.07 1.85
CA PRO I 315 22.09 -3.31 3.19
C PRO I 315 23.58 -3.05 3.25
N VAL I 316 24.00 -2.35 4.29
CA VAL I 316 25.40 -2.02 4.50
C VAL I 316 25.85 -2.56 5.86
N PRO I 317 26.38 -3.78 5.91
CA PRO I 317 26.87 -4.29 7.20
C PRO I 317 28.14 -3.59 7.65
N VAL I 318 28.70 -4.03 8.78
CA VAL I 318 29.93 -3.43 9.27
C VAL I 318 31.10 -3.73 8.35
N ASP I 319 31.02 -4.80 7.56
CA ASP I 319 32.09 -5.10 6.61
C ASP I 319 32.19 -4.05 5.51
N GLY I 320 31.06 -3.50 5.08
CA GLY I 320 31.03 -2.51 4.02
C GLY I 320 30.51 -3.09 2.72
N MET I 321 30.27 -2.19 1.76
CA MET I 321 29.78 -2.61 0.46
C MET I 321 30.04 -1.51 -0.55
N GLU I 322 29.92 -1.85 -1.82
CA GLU I 322 30.11 -0.91 -2.92
C GLU I 322 28.99 -1.06 -3.92
N TYR I 323 28.70 0.02 -4.64
CA TYR I 323 27.71 0.02 -5.69
C TYR I 323 28.27 0.70 -6.93
N HIS I 324 27.71 0.36 -8.09
CA HIS I 324 28.22 0.81 -9.39
C HIS I 324 27.03 1.32 -10.19
N TRP I 325 27.00 2.62 -10.46
CA TRP I 325 25.85 3.26 -11.09
C TRP I 325 26.29 3.89 -12.40
N GLY I 326 25.76 3.38 -13.51
CA GLY I 326 26.11 3.93 -14.81
C GLY I 326 27.59 3.80 -15.09
N ASN I 327 28.17 4.87 -15.61
CA ASN I 327 29.59 4.92 -15.94
C ASN I 327 30.45 5.45 -14.81
N ASN I 328 29.85 5.83 -13.69
CA ASN I 328 30.61 6.37 -12.56
C ASN I 328 31.49 5.28 -11.95
N ASP I 329 32.48 5.72 -11.18
CA ASP I 329 33.32 4.77 -10.49
C ASP I 329 32.60 4.22 -9.26
N PRO I 330 32.93 3.00 -8.83
CA PRO I 330 32.26 2.42 -7.66
C PRO I 330 32.54 3.21 -6.40
N VAL I 331 31.52 3.27 -5.54
CA VAL I 331 31.59 4.01 -4.28
C VAL I 331 31.36 3.03 -3.13
N ARG I 332 32.24 3.06 -2.14
CA ARG I 332 32.18 2.16 -1.00
C ARG I 332 31.70 2.90 0.24
N LEU I 333 30.78 2.28 0.97
CA LEU I 333 30.24 2.83 2.20
C LEU I 333 30.37 1.80 3.31
N TRP I 334 30.91 2.20 4.45
CA TRP I 334 31.08 1.33 5.60
C TRP I 334 30.17 1.78 6.73
N SER I 335 29.43 0.84 7.31
CA SER I 335 28.57 1.18 8.43
C SER I 335 29.41 1.49 9.66
N GLN I 336 28.74 1.98 10.71
CA GLN I 336 29.42 2.39 11.92
C GLN I 336 28.67 1.85 13.12
N LEU I 337 29.41 1.65 14.22
CA LEU I 337 28.83 1.05 15.42
C LEU I 337 27.98 2.05 16.18
N THR I 338 26.71 2.16 15.82
CA THR I 338 25.78 3.09 16.45
C THR I 338 24.55 2.33 16.92
N THR I 339 23.87 2.90 17.91
CA THR I 339 22.71 2.27 18.52
C THR I 339 21.86 3.35 19.20
N GLU I 340 20.89 2.91 20.00
CA GLU I 340 19.97 3.80 20.69
C GLU I 340 20.05 3.73 22.21
N GLY I 341 20.79 2.78 22.77
CA GLY I 341 20.90 2.65 24.20
C GLY I 341 21.87 3.64 24.79
N LYS I 342 22.09 3.50 26.10
CA LYS I 342 22.99 4.38 26.84
C LYS I 342 23.93 3.55 27.71
N PRO I 343 25.19 3.40 27.32
CA PRO I 343 26.15 2.70 28.17
C PRO I 343 26.49 3.52 29.40
N HIS I 344 27.02 2.85 30.41
CA HIS I 344 27.39 3.48 31.68
C HIS I 344 26.19 4.20 32.30
N GLY I 345 25.03 3.56 32.26
CA GLY I 345 23.85 4.10 32.89
C GLY I 345 23.26 3.09 33.86
N TRP I 346 21.94 3.06 33.98
CA TRP I 346 21.30 2.06 34.81
C TRP I 346 21.46 0.68 34.18
N PRO I 347 21.34 -0.38 34.98
CA PRO I 347 21.46 -1.74 34.41
C PRO I 347 20.46 -2.04 33.32
N HIS I 348 19.30 -1.39 33.31
CA HIS I 348 18.31 -1.62 32.26
C HIS I 348 18.62 -0.83 30.99
N GLN I 349 19.64 0.02 31.01
CA GLN I 349 20.05 0.76 29.82
C GLN I 349 21.24 0.13 29.10
N ILE I 350 22.16 -0.49 29.85
CA ILE I 350 23.26 -1.20 29.22
C ILE I 350 22.73 -2.38 28.42
N VAL I 351 21.66 -3.03 28.91
CA VAL I 351 21.04 -4.11 28.17
C VAL I 351 20.50 -3.61 26.83
N GLN I 352 19.86 -2.44 26.84
CA GLN I 352 19.39 -1.86 25.58
C GLN I 352 20.56 -1.53 24.66
N TYR I 353 21.63 -0.98 25.23
CA TYR I 353 22.79 -0.61 24.41
C TYR I 353 23.39 -1.83 23.74
N TYR I 354 23.54 -2.92 24.48
CA TYR I 354 24.09 -4.15 23.92
C TYR I 354 23.05 -5.01 23.24
N TYR I 355 21.79 -4.57 23.20
CA TYR I 355 20.78 -5.17 22.34
C TYR I 355 20.66 -4.47 21.00
N GLY I 356 21.00 -3.19 20.93
CA GLY I 356 21.13 -2.55 19.63
C GLY I 356 22.22 -3.19 18.80
N LEU I 357 23.36 -3.50 19.42
CA LEU I 357 24.42 -4.26 18.79
C LEU I 357 24.20 -5.73 19.09
N TYR I 358 24.24 -6.57 18.06
CA TYR I 358 24.10 -8.01 18.22
C TYR I 358 22.81 -8.36 18.95
N PRO I 359 21.64 -8.19 18.34
CA PRO I 359 20.39 -8.50 19.04
C PRO I 359 20.08 -9.99 19.02
N ALA I 360 21.09 -10.82 19.27
CA ALA I 360 20.90 -12.25 19.38
C ALA I 360 21.65 -12.90 20.52
N ALA I 361 22.75 -12.32 20.99
CA ALA I 361 23.50 -12.87 22.11
C ALA I 361 23.22 -12.14 23.43
N THR I 362 22.74 -10.90 23.37
CA THR I 362 22.39 -10.19 24.59
C THR I 362 21.24 -10.88 25.32
N VAL I 363 20.21 -11.28 24.58
CA VAL I 363 19.08 -11.98 25.18
C VAL I 363 19.55 -13.29 25.80
N SER I 364 20.38 -14.04 25.08
CA SER I 364 20.89 -15.31 25.59
C SER I 364 21.69 -15.10 26.87
N ALA I 365 22.58 -14.10 26.88
CA ALA I 365 23.40 -13.86 28.06
C ALA I 365 22.54 -13.44 29.25
N VAL I 366 21.56 -12.56 29.01
CA VAL I 366 20.70 -12.12 30.10
C VAL I 366 19.91 -13.29 30.67
N VAL I 367 19.36 -14.14 29.80
CA VAL I 367 18.60 -15.30 30.26
C VAL I 367 19.50 -16.23 31.06
N GLY I 368 20.71 -16.50 30.57
CA GLY I 368 21.60 -17.38 31.28
C GLY I 368 21.97 -16.85 32.67
N MET I 369 22.33 -15.57 32.74
CA MET I 369 22.68 -14.98 34.02
C MET I 369 21.51 -15.01 35.00
N SER I 370 20.32 -14.66 34.52
CA SER I 370 19.15 -14.65 35.40
C SER I 370 18.83 -16.06 35.90
N LEU I 371 18.90 -17.05 35.01
CA LEU I 371 18.62 -18.42 35.41
C LEU I 371 19.64 -18.93 36.42
N LEU I 372 20.93 -18.62 36.21
CA LEU I 372 21.94 -19.04 37.17
C LEU I 372 21.74 -18.38 38.52
N ALA I 373 21.39 -17.10 38.53
CA ALA I 373 21.13 -16.41 39.79
C ALA I 373 19.95 -17.03 40.53
N LEU I 374 18.87 -17.33 39.81
CA LEU I 374 17.71 -17.96 40.43
C LEU I 374 18.06 -19.34 40.98
N ILE I 375 18.84 -20.12 40.23
CA ILE I 375 19.24 -21.44 40.72
C ILE I 375 20.05 -21.31 42.01
N SER I 376 21.00 -20.36 42.04
CA SER I 376 21.84 -20.20 43.21
C SER I 376 21.02 -19.78 44.43
N ILE I 377 20.10 -18.82 44.25
CA ILE I 377 19.33 -18.34 45.40
C ILE I 377 18.38 -19.44 45.88
N PHE I 378 17.81 -20.22 44.96
CA PHE I 378 16.95 -21.33 45.39
C PHE I 378 17.75 -22.37 46.16
N ALA I 379 18.96 -22.69 45.70
CA ALA I 379 19.79 -23.66 46.41
C ALA I 379 20.14 -23.16 47.80
N SER I 380 20.50 -21.87 47.93
CA SER I 380 20.82 -21.33 49.24
C SER I 380 19.62 -21.37 50.19
N CYS I 381 18.44 -21.00 49.69
CA CYS I 381 17.24 -21.04 50.52
C CYS I 381 16.91 -22.47 50.95
N TYR I 382 17.02 -23.42 50.02
CA TYR I 382 16.77 -24.81 50.36
C TYR I 382 17.75 -25.31 51.42
N MET I 383 19.02 -24.92 51.30
CA MET I 383 20.01 -25.33 52.28
C MET I 383 19.73 -24.74 53.65
N LEU I 384 19.29 -23.47 53.70
CA LEU I 384 18.90 -22.90 54.99
C LEU I 384 17.73 -23.66 55.61
N VAL I 385 16.73 -23.99 54.80
CA VAL I 385 15.58 -24.72 55.32
C VAL I 385 16.00 -26.10 55.83
N ALA I 386 16.85 -26.78 55.06
CA ALA I 386 17.31 -28.11 55.48
C ALA I 386 18.13 -28.03 56.77
N ALA I 387 18.96 -26.99 56.90
CA ALA I 387 19.73 -26.82 58.13
C ALA I 387 18.81 -26.57 59.32
N ARG I 388 17.77 -25.76 59.12
CA ARG I 388 16.80 -25.54 60.19
C ARG I 388 16.13 -26.85 60.60
N SER I 389 15.69 -27.64 59.61
CA SER I 389 15.01 -28.89 59.91
C SER I 389 15.94 -29.87 60.62
N LYS I 390 17.21 -29.92 60.20
CA LYS I 390 18.16 -30.82 60.84
C LYS I 390 18.50 -30.37 62.26
N CYS I 391 18.53 -29.06 62.51
CA CYS I 391 18.83 -28.59 63.85
C CYS I 391 17.66 -28.79 64.80
N LEU I 392 16.43 -28.67 64.30
CA LEU I 392 15.26 -28.78 65.15
C LEU I 392 14.53 -30.10 65.01
N THR I 393 15.18 -31.13 64.46
CA THR I 393 14.52 -32.43 64.38
C THR I 393 14.51 -33.21 65.69
N PRO I 394 15.56 -33.18 66.53
CA PRO I 394 15.51 -34.03 67.74
C PRO I 394 14.55 -33.51 68.79
N TYR I 395 14.11 -32.26 68.71
CA TYR I 395 13.26 -31.69 69.73
C TYR I 395 11.79 -32.10 69.59
N ALA I 396 11.40 -32.65 68.45
CA ALA I 396 10.06 -33.18 68.27
C ALA I 396 9.97 -34.66 68.59
N LEU I 397 11.09 -35.29 68.95
CA LEU I 397 11.10 -36.69 69.36
C LEU I 397 11.20 -36.85 70.87
N THR I 398 11.16 -35.74 71.62
CA THR I 398 11.13 -35.74 73.07
C THR I 398 9.99 -34.88 73.56
N PRO I 399 9.44 -35.19 74.73
CA PRO I 399 8.45 -34.30 75.37
C PRO I 399 9.09 -33.17 76.17
N GLY I 400 10.05 -32.48 75.54
CA GLY I 400 10.82 -31.44 76.20
C GLY I 400 10.59 -30.06 75.62
N ALA I 401 11.35 -29.11 76.17
CA ALA I 401 11.26 -27.70 75.79
C ALA I 401 12.13 -27.42 74.57
N ALA I 402 11.84 -26.29 73.92
CA ALA I 402 12.46 -25.93 72.66
C ALA I 402 13.62 -24.94 72.81
N VAL I 403 14.02 -24.63 74.04
CA VAL I 403 15.14 -23.72 74.30
C VAL I 403 14.88 -22.37 73.64
N PRO I 404 13.99 -21.53 74.22
CA PRO I 404 13.63 -20.25 73.60
C PRO I 404 14.79 -19.44 73.03
N TRP I 405 15.99 -19.61 73.59
CA TRP I 405 17.18 -19.00 72.99
C TRP I 405 17.35 -19.47 71.55
N THR I 406 17.20 -20.77 71.30
CA THR I 406 17.25 -21.30 69.95
C THR I 406 15.97 -20.99 69.18
N LEU I 407 14.83 -20.91 69.87
CA LEU I 407 13.58 -20.61 69.19
C LEU I 407 13.63 -19.22 68.55
N GLY I 408 14.20 -18.24 69.25
CA GLY I 408 14.28 -16.91 68.68
C GLY I 408 15.08 -16.86 67.40
N ILE I 409 16.28 -17.46 67.41
CA ILE I 409 17.13 -17.47 66.23
C ILE I 409 16.54 -18.38 65.16
N LEU I 410 16.13 -19.59 65.54
CA LEU I 410 15.63 -20.59 64.61
C LEU I 410 14.11 -20.64 64.73
N CYS I 411 13.42 -20.04 63.77
CA CYS I 411 11.96 -20.05 63.79
C CYS I 411 11.43 -21.46 63.54
N CYS I 412 10.38 -21.83 64.27
CA CYS I 412 9.75 -23.13 64.15
C CYS I 412 8.23 -22.97 64.13
N ALA I 413 7.56 -24.02 63.67
CA ALA I 413 6.10 -23.99 63.58
C ALA I 413 5.42 -23.78 64.93
N PRO I 414 5.80 -24.48 66.03
CA PRO I 414 5.17 -24.19 67.32
C PRO I 414 5.55 -22.81 67.84
N ARG I 415 4.59 -21.89 67.84
CA ARG I 415 4.86 -20.52 68.27
C ARG I 415 4.71 -20.38 69.77
N ALA I 416 3.61 -20.89 70.33
CA ALA I 416 3.35 -20.81 71.76
C ALA I 416 3.19 -22.16 72.44
N HIS I 417 2.61 -23.15 71.77
CA HIS I 417 2.46 -24.47 72.36
C HIS I 417 3.75 -25.26 72.23
N ALA I 418 4.11 -25.97 73.29
CA ALA I 418 5.31 -26.81 73.35
C ALA I 418 6.59 -25.99 73.13
N HIS J 1 -16.67 76.85 -20.11
CA HIS J 1 -16.45 75.54 -19.49
C HIS J 1 -17.78 74.92 -19.05
N PHE J 2 -17.78 74.29 -17.88
CA PHE J 2 -18.94 73.57 -17.37
C PHE J 2 -19.71 74.47 -16.41
N ASN J 3 -20.99 74.68 -16.71
CA ASN J 3 -21.84 75.60 -15.96
C ASN J 3 -23.19 74.94 -15.68
N VAL J 4 -23.14 73.73 -15.11
CA VAL J 4 -24.33 72.92 -14.84
C VAL J 4 -25.39 73.71 -14.08
N TYR J 5 -24.97 74.75 -13.34
CA TYR J 5 -25.90 75.52 -12.55
C TYR J 5 -26.80 76.43 -13.38
N LYS J 6 -26.74 76.35 -14.72
CA LYS J 6 -27.67 77.10 -15.54
C LYS J 6 -28.94 76.33 -15.85
N ALA J 7 -28.97 75.03 -15.55
CA ALA J 7 -30.17 74.22 -15.71
C ALA J 7 -30.98 74.11 -14.43
N THR J 8 -30.52 74.71 -13.33
CA THR J 8 -31.19 74.62 -12.05
C THR J 8 -31.55 76.01 -11.53
N ARG J 9 -32.58 76.07 -10.71
CA ARG J 9 -33.12 77.33 -10.22
C ARG J 9 -33.42 77.21 -8.73
N PRO J 10 -33.42 78.32 -8.00
CA PRO J 10 -33.93 78.31 -6.63
C PRO J 10 -35.44 78.13 -6.63
N TYR J 11 -35.95 77.68 -5.48
CA TYR J 11 -37.37 77.42 -5.34
C TYR J 11 -37.84 77.84 -3.96
N ILE J 12 -39.16 77.92 -3.80
CA ILE J 12 -39.78 78.28 -2.53
C ILE J 12 -40.41 77.02 -1.92
N ALA J 13 -40.06 76.73 -0.68
CA ALA J 13 -40.59 75.59 0.05
C ALA J 13 -41.26 76.07 1.33
N TYR J 14 -41.78 75.12 2.11
CA TYR J 14 -42.51 75.40 3.33
C TYR J 14 -41.58 75.23 4.53
N CYS J 15 -41.48 76.27 5.34
CA CYS J 15 -40.63 76.25 6.53
C CYS J 15 -41.49 76.10 7.77
N ALA J 16 -41.01 75.31 8.74
CA ALA J 16 -41.78 75.06 9.95
C ALA J 16 -42.06 76.34 10.72
N ASP J 17 -41.01 77.11 11.00
CA ASP J 17 -41.19 78.45 11.57
C ASP J 17 -40.04 79.32 11.09
N CYS J 18 -40.35 80.59 10.82
CA CYS J 18 -39.44 81.49 10.12
C CYS J 18 -38.76 82.46 11.08
N GLY J 19 -38.39 81.99 12.25
CA GLY J 19 -37.63 82.78 13.20
C GLY J 19 -38.46 83.62 14.14
N ALA J 20 -39.79 83.57 14.04
CA ALA J 20 -40.67 84.31 14.95
C ALA J 20 -41.78 83.43 15.50
N GLY J 21 -41.70 82.12 15.35
CA GLY J 21 -42.74 81.22 15.81
C GLY J 21 -43.90 81.05 14.86
N HIS J 22 -43.85 81.65 13.67
CA HIS J 22 -44.92 81.56 12.69
C HIS J 22 -44.41 80.87 11.43
N SER J 23 -45.32 80.19 10.74
CA SER J 23 -44.98 79.39 9.57
C SER J 23 -45.41 80.11 8.30
N CYS J 24 -44.50 80.20 7.34
CA CYS J 24 -44.80 80.79 6.04
C CYS J 24 -43.82 80.24 5.02
N HIS J 25 -44.20 80.36 3.75
CA HIS J 25 -43.38 79.87 2.66
C HIS J 25 -42.19 80.81 2.46
N SER J 26 -40.99 80.29 2.67
CA SER J 26 -39.77 81.09 2.60
C SER J 26 -38.79 80.48 1.61
N PRO J 27 -37.93 81.29 0.98
CA PRO J 27 -37.00 80.76 -0.01
C PRO J 27 -35.77 80.09 0.57
N VAL J 28 -35.60 80.10 1.89
CA VAL J 28 -34.34 79.67 2.50
C VAL J 28 -34.66 78.45 3.36
N ALA J 29 -35.66 77.68 2.94
CA ALA J 29 -36.06 76.49 3.68
C ALA J 29 -34.90 75.51 3.78
N ILE J 30 -34.71 74.94 4.97
CA ILE J 30 -33.58 74.06 5.25
C ILE J 30 -34.00 72.62 4.96
N GLU J 31 -33.26 71.94 4.10
CA GLU J 31 -33.40 70.52 3.89
C GLU J 31 -32.44 69.79 4.82
N ALA J 32 -32.19 68.51 4.55
CA ALA J 32 -31.41 67.66 5.47
C ALA J 32 -30.05 68.28 5.78
N VAL J 33 -29.62 68.10 7.02
CA VAL J 33 -28.31 68.54 7.50
C VAL J 33 -27.44 67.31 7.72
N ARG J 34 -26.26 67.30 7.13
CA ARG J 34 -25.33 66.18 7.24
C ARG J 34 -24.19 66.54 8.16
N SER J 35 -23.87 65.63 9.08
CA SER J 35 -22.78 65.85 10.04
C SER J 35 -21.96 64.58 10.22
N GLU J 36 -21.65 63.90 9.12
CA GLU J 36 -20.89 62.65 9.18
C GLU J 36 -19.39 62.88 9.11
N ALA J 37 -18.92 64.06 9.48
CA ALA J 37 -17.49 64.35 9.57
C ALA J 37 -17.06 64.27 11.03
N THR J 38 -15.85 63.75 11.24
CA THR J 38 -15.40 63.48 12.62
C THR J 38 -15.08 64.77 13.36
N ASP J 39 -14.50 65.76 12.69
CA ASP J 39 -14.08 66.97 13.38
C ASP J 39 -15.24 67.93 13.66
N GLY J 40 -16.45 67.63 13.20
CA GLY J 40 -17.61 68.43 13.53
C GLY J 40 -17.94 69.51 12.52
N MET J 41 -18.06 69.14 11.25
CA MET J 41 -18.37 70.07 10.18
C MET J 41 -19.72 69.70 9.58
N LEU J 42 -20.61 70.68 9.47
CA LEU J 42 -21.96 70.46 8.98
C LEU J 42 -22.06 70.84 7.51
N LYS J 43 -23.10 70.31 6.85
CA LYS J 43 -23.44 70.68 5.48
C LYS J 43 -24.91 71.06 5.44
N ILE J 44 -25.21 72.31 5.78
CA ILE J 44 -26.58 72.80 5.72
C ILE J 44 -26.97 72.98 4.27
N GLN J 45 -28.19 72.57 3.93
CA GLN J 45 -28.68 72.59 2.56
C GLN J 45 -29.82 73.59 2.43
N PHE J 46 -29.58 74.69 1.72
CA PHE J 46 -30.64 75.62 1.34
C PHE J 46 -31.66 75.03 0.39
N SER J 47 -32.65 75.85 0.06
CA SER J 47 -33.41 75.73 -1.17
C SER J 47 -33.01 76.76 -2.22
N ALA J 48 -32.50 77.91 -1.78
CA ALA J 48 -32.07 78.98 -2.67
C ALA J 48 -30.55 78.93 -2.79
N GLN J 49 -30.05 78.46 -3.93
CA GLN J 49 -28.63 78.24 -4.09
C GLN J 49 -27.85 79.54 -4.08
N ILE J 50 -26.60 79.45 -3.66
CA ILE J 50 -25.74 80.60 -3.41
C ILE J 50 -24.41 80.41 -4.13
N GLY J 51 -23.75 81.52 -4.41
CA GLY J 51 -22.55 81.52 -5.22
C GLY J 51 -22.76 81.61 -6.72
N ILE J 52 -24.00 81.76 -7.16
CA ILE J 52 -24.34 81.86 -8.59
C ILE J 52 -25.19 83.10 -8.80
N ASP J 53 -24.88 83.88 -9.82
CA ASP J 53 -25.63 85.08 -10.12
C ASP J 53 -26.98 84.71 -10.77
N LYS J 54 -27.86 85.70 -10.87
CA LYS J 54 -29.18 85.47 -11.45
C LYS J 54 -29.09 85.03 -12.89
N SER J 55 -28.11 85.54 -13.64
CA SER J 55 -27.98 85.27 -15.06
C SER J 55 -27.04 84.10 -15.35
N ASP J 56 -26.97 83.11 -14.45
CA ASP J 56 -26.18 81.90 -14.64
C ASP J 56 -24.70 82.24 -14.88
N ASN J 57 -24.21 83.22 -14.14
CA ASN J 57 -22.82 83.66 -14.23
C ASN J 57 -22.16 83.45 -12.88
N HIS J 58 -20.98 82.83 -12.88
CA HIS J 58 -20.34 82.45 -11.63
C HIS J 58 -19.72 83.65 -10.92
N ASP J 59 -20.52 84.38 -10.16
CA ASP J 59 -20.04 85.42 -9.27
C ASP J 59 -19.76 84.81 -7.90
N TYR J 60 -19.12 85.58 -7.03
CA TYR J 60 -18.85 85.13 -5.68
C TYR J 60 -19.42 86.07 -4.62
N THR J 61 -20.22 87.06 -5.03
CA THR J 61 -20.79 88.02 -4.09
C THR J 61 -22.31 88.01 -4.20
N LYS J 62 -22.83 87.52 -5.32
CA LYS J 62 -24.27 87.42 -5.52
C LYS J 62 -24.76 86.02 -5.16
N ILE J 63 -25.98 85.94 -4.62
CA ILE J 63 -26.62 84.66 -4.34
C ILE J 63 -28.04 84.68 -4.89
N ARG J 64 -28.39 83.64 -5.65
CA ARG J 64 -29.71 83.54 -6.25
C ARG J 64 -30.76 83.16 -5.20
N TYR J 65 -32.01 83.55 -5.47
CA TYR J 65 -33.14 83.02 -4.73
C TYR J 65 -34.41 83.29 -5.52
N ALA J 66 -35.41 82.45 -5.30
CA ALA J 66 -36.67 82.56 -5.99
C ALA J 66 -37.61 83.53 -5.29
N ASP J 67 -38.34 84.31 -6.08
CA ASP J 67 -39.31 85.27 -5.54
C ASP J 67 -40.52 85.26 -6.49
N GLY J 68 -41.47 84.39 -6.18
CA GLY J 68 -42.68 84.26 -6.98
C GLY J 68 -42.41 84.04 -8.45
N HIS J 69 -41.83 82.88 -8.78
CA HIS J 69 -41.37 82.56 -10.14
C HIS J 69 -40.70 83.75 -10.80
N ALA J 70 -39.78 84.39 -10.06
CA ALA J 70 -39.00 85.49 -10.58
C ALA J 70 -37.68 85.53 -9.80
N ILE J 71 -36.63 84.93 -10.37
CA ILE J 71 -35.36 84.81 -9.67
C ILE J 71 -34.76 86.19 -9.46
N GLU J 72 -34.29 86.45 -8.25
CA GLU J 72 -33.55 87.66 -7.92
C GLU J 72 -32.22 87.27 -7.28
N ASN J 73 -31.44 88.27 -6.89
CA ASN J 73 -30.14 88.01 -6.29
C ASN J 73 -29.92 88.90 -5.08
N ALA J 74 -29.11 88.40 -4.15
CA ALA J 74 -28.76 89.11 -2.93
C ALA J 74 -27.27 89.02 -2.69
N VAL J 75 -26.75 89.97 -1.92
CA VAL J 75 -25.32 90.01 -1.64
C VAL J 75 -24.93 88.81 -0.80
N ARG J 76 -23.74 88.26 -1.07
CA ARG J 76 -23.27 87.10 -0.31
C ARG J 76 -23.02 87.45 1.15
N SER J 77 -22.58 88.68 1.42
CA SER J 77 -22.51 89.14 2.79
C SER J 77 -23.90 89.11 3.42
N SER J 78 -23.94 89.28 4.74
CA SER J 78 -25.16 89.21 5.54
C SER J 78 -25.78 87.81 5.52
N LEU J 79 -25.07 86.81 5.02
CA LEU J 79 -25.50 85.42 5.17
C LEU J 79 -25.04 84.94 6.53
N LYS J 80 -26.00 84.71 7.43
CA LYS J 80 -25.70 84.31 8.80
C LYS J 80 -26.29 82.94 9.06
N VAL J 81 -25.44 81.99 9.42
CA VAL J 81 -25.86 80.70 9.96
C VAL J 81 -25.55 80.72 11.45
N ALA J 82 -26.54 80.35 12.27
CA ALA J 82 -26.43 80.55 13.70
C ALA J 82 -26.90 79.30 14.43
N THR J 83 -26.45 79.19 15.68
CA THR J 83 -26.80 78.10 16.57
C THR J 83 -26.99 78.76 17.93
N SER J 84 -26.95 77.98 19.01
CA SER J 84 -27.04 78.57 20.35
C SER J 84 -26.06 79.73 20.53
N GLY J 85 -24.98 79.73 19.77
CA GLY J 85 -24.07 80.86 19.74
C GLY J 85 -24.07 81.57 18.40
N ASP J 86 -22.99 81.42 17.64
CA ASP J 86 -22.88 82.04 16.32
C ASP J 86 -21.83 81.28 15.54
N CYS J 87 -22.22 80.70 14.41
CA CYS J 87 -21.35 79.79 13.67
C CYS J 87 -20.34 80.56 12.82
N PHE J 88 -19.45 79.81 12.18
CA PHE J 88 -18.46 80.35 11.26
C PHE J 88 -18.60 79.62 9.94
N VAL J 89 -18.70 80.37 8.84
CA VAL J 89 -18.99 79.80 7.53
C VAL J 89 -17.67 79.47 6.85
N HIS J 90 -17.51 78.21 6.44
CA HIS J 90 -16.27 77.73 5.83
C HIS J 90 -16.39 77.65 4.31
N GLY J 91 -17.38 76.89 3.81
CA GLY J 91 -17.55 76.67 2.40
C GLY J 91 -18.84 77.27 1.87
N THR J 92 -18.90 77.42 0.55
CA THR J 92 -20.04 78.04 -0.11
C THR J 92 -20.11 77.68 -1.59
N MET J 93 -21.09 76.86 -1.98
CA MET J 93 -21.28 76.54 -3.39
C MET J 93 -22.64 75.90 -3.57
N GLY J 94 -23.45 76.47 -4.45
CA GLY J 94 -24.74 75.87 -4.76
C GLY J 94 -25.67 75.93 -3.57
N HIS J 95 -26.31 74.79 -3.29
CA HIS J 95 -27.28 74.69 -2.20
C HIS J 95 -26.64 74.47 -0.83
N PHE J 96 -25.33 74.23 -0.77
CA PHE J 96 -24.69 73.69 0.41
C PHE J 96 -23.83 74.73 1.12
N ILE J 97 -23.74 74.60 2.44
CA ILE J 97 -22.89 75.44 3.28
C ILE J 97 -22.02 74.54 4.13
N LEU J 98 -20.88 75.08 4.58
CA LEU J 98 -20.01 74.41 5.53
C LEU J 98 -19.81 75.33 6.72
N ALA J 99 -20.14 74.84 7.92
CA ALA J 99 -20.06 75.66 9.11
C ALA J 99 -19.53 74.83 10.27
N LYS J 100 -18.96 75.53 11.26
CA LYS J 100 -18.47 74.94 12.50
C LYS J 100 -19.18 75.65 13.65
N CYS J 101 -20.25 75.04 14.16
CA CYS J 101 -21.15 75.70 15.08
C CYS J 101 -20.86 75.30 16.53
N PRO J 102 -21.13 76.19 17.48
CA PRO J 102 -21.04 75.80 18.89
C PRO J 102 -22.20 74.92 19.27
N PRO J 103 -22.11 74.18 20.38
CA PRO J 103 -23.19 73.26 20.75
C PRO J 103 -24.50 74.00 21.01
N GLY J 104 -25.60 73.35 20.65
CA GLY J 104 -26.90 73.96 20.81
C GLY J 104 -27.99 73.00 20.40
N GLU J 105 -29.22 73.50 20.33
CA GLU J 105 -30.38 72.66 20.08
C GLU J 105 -31.10 73.00 18.78
N PHE J 106 -30.67 74.04 18.06
CA PHE J 106 -31.31 74.42 16.80
C PHE J 106 -30.27 75.07 15.90
N LEU J 107 -30.70 75.45 14.70
CA LEU J 107 -29.87 76.26 13.82
C LEU J 107 -30.77 77.00 12.85
N GLN J 108 -30.34 78.19 12.44
CA GLN J 108 -31.09 79.00 11.49
C GLN J 108 -30.14 79.64 10.50
N VAL J 109 -30.65 79.85 9.29
CA VAL J 109 -29.92 80.52 8.22
C VAL J 109 -30.78 81.66 7.71
N SER J 110 -30.18 82.84 7.57
CA SER J 110 -30.93 84.03 7.20
C SER J 110 -30.13 84.88 6.23
N ILE J 111 -30.80 85.35 5.18
CA ILE J 111 -30.21 86.22 4.18
C ILE J 111 -31.07 87.47 4.08
N GLN J 112 -30.45 88.54 3.60
CA GLN J 112 -31.15 89.81 3.41
C GLN J 112 -31.87 89.81 2.06
N ASP J 113 -33.14 90.18 2.07
CA ASP J 113 -33.92 90.25 0.85
C ASP J 113 -33.42 91.41 -0.02
N THR J 114 -34.03 91.56 -1.19
CA THR J 114 -33.75 92.71 -2.04
C THR J 114 -34.14 94.00 -1.34
N ARG J 115 -35.28 94.00 -0.65
CA ARG J 115 -35.73 95.14 0.14
C ARG J 115 -35.10 95.21 1.52
N ASN J 116 -34.02 94.47 1.74
CA ASN J 116 -33.31 94.46 3.03
C ASN J 116 -34.23 94.00 4.16
N ALA J 117 -34.95 92.92 3.93
CA ALA J 117 -35.79 92.29 4.94
C ALA J 117 -35.27 90.88 5.19
N VAL J 118 -34.99 90.57 6.45
CA VAL J 118 -34.38 89.29 6.79
C VAL J 118 -35.35 88.15 6.47
N ARG J 119 -34.82 87.08 5.90
CA ARG J 119 -35.58 85.88 5.57
C ARG J 119 -34.89 84.69 6.22
N ALA J 120 -35.50 84.13 7.26
CA ALA J 120 -34.87 83.11 8.08
C ALA J 120 -35.73 81.86 8.14
N CYS J 121 -35.10 80.74 8.46
CA CYS J 121 -35.82 79.48 8.66
C CYS J 121 -34.99 78.61 9.58
N ARG J 122 -35.53 78.26 10.74
CA ARG J 122 -34.81 77.49 11.74
C ARG J 122 -35.41 76.11 11.89
N ILE J 123 -34.55 75.11 12.08
CA ILE J 123 -34.95 73.73 12.22
C ILE J 123 -34.35 73.19 13.52
N GLN J 124 -35.05 72.26 14.14
CA GLN J 124 -34.57 71.67 15.39
C GLN J 124 -33.49 70.64 15.09
N TYR J 125 -32.31 70.84 15.66
CA TYR J 125 -31.18 69.95 15.39
C TYR J 125 -30.32 69.90 16.64
N HIS J 126 -30.22 68.72 17.25
CA HIS J 126 -29.45 68.53 18.48
C HIS J 126 -27.98 68.36 18.10
N HIS J 127 -27.20 69.41 18.30
CA HIS J 127 -25.79 69.43 17.91
C HIS J 127 -24.92 69.30 19.16
N ASP J 128 -24.03 68.32 19.15
CA ASP J 128 -23.10 68.11 20.25
C ASP J 128 -21.87 67.40 19.71
N PRO J 129 -20.86 68.15 19.30
CA PRO J 129 -19.66 67.52 18.74
C PRO J 129 -18.84 66.83 19.80
N GLN J 130 -18.10 65.81 19.39
CA GLN J 130 -17.17 65.11 20.27
C GLN J 130 -15.84 64.96 19.54
N PRO J 131 -14.78 65.63 19.99
CA PRO J 131 -13.50 65.55 19.27
C PRO J 131 -12.94 64.14 19.30
N VAL J 132 -12.19 63.80 18.26
CA VAL J 132 -11.61 62.48 18.15
C VAL J 132 -10.52 62.31 19.19
N GLY J 133 -10.47 61.13 19.82
CA GLY J 133 -9.49 60.86 20.84
C GLY J 133 -10.09 60.38 22.13
N ARG J 134 -9.39 60.59 23.24
CA ARG J 134 -9.87 60.18 24.55
C ARG J 134 -10.03 61.36 25.50
N GLU J 135 -9.99 62.59 25.00
CA GLU J 135 -10.22 63.79 25.80
C GLU J 135 -11.23 64.68 25.08
N LYS J 136 -12.09 65.31 25.86
CA LYS J 136 -13.12 66.19 25.30
C LYS J 136 -12.68 67.65 25.39
N PHE J 137 -11.62 67.97 24.65
CA PHE J 137 -11.10 69.34 24.61
C PHE J 137 -11.99 70.21 23.73
N THR J 138 -11.68 71.51 23.73
CA THR J 138 -12.46 72.50 22.98
C THR J 138 -11.67 73.10 21.82
N ILE J 139 -10.50 73.67 22.10
CA ILE J 139 -9.67 74.28 21.07
C ILE J 139 -8.32 73.56 21.05
N ARG J 140 -7.71 73.50 19.87
CA ARG J 140 -6.50 72.71 19.70
C ARG J 140 -5.34 73.35 20.45
N PRO J 141 -4.40 72.53 20.95
CA PRO J 141 -3.25 73.07 21.67
C PRO J 141 -2.07 73.34 20.76
N HIS J 142 -0.98 73.86 21.32
CA HIS J 142 0.25 74.06 20.58
C HIS J 142 1.26 72.94 20.82
N TYR J 143 0.83 71.84 21.44
CA TYR J 143 1.71 70.69 21.69
C TYR J 143 0.83 69.48 21.91
N GLY J 144 0.92 68.49 21.02
CA GLY J 144 0.10 67.31 21.16
C GLY J 144 0.37 66.32 20.05
N LYS J 145 -0.42 65.25 20.04
CA LYS J 145 -0.28 64.20 19.04
C LYS J 145 -1.00 64.59 17.75
N GLU J 146 -1.03 63.66 16.80
CA GLU J 146 -1.75 63.83 15.54
C GLU J 146 -2.59 62.59 15.30
N ILE J 147 -3.89 62.71 15.55
CA ILE J 147 -4.83 61.60 15.42
C ILE J 147 -5.59 61.76 14.10
N PRO J 148 -5.70 60.72 13.28
CA PRO J 148 -6.45 60.85 12.02
C PRO J 148 -7.92 61.11 12.28
N CYS J 149 -8.54 61.85 11.36
CA CYS J 149 -9.96 62.17 11.43
C CYS J 149 -10.48 62.26 10.00
N THR J 150 -11.66 62.85 9.83
CA THR J 150 -12.24 63.11 8.51
C THR J 150 -12.87 64.49 8.51
N THR J 151 -12.96 65.09 7.32
CA THR J 151 -13.53 66.42 7.20
C THR J 151 -13.99 66.64 5.76
N TYR J 152 -14.79 67.69 5.58
CA TYR J 152 -15.28 68.08 4.27
C TYR J 152 -14.28 69.06 3.64
N GLN J 153 -13.76 68.70 2.47
CA GLN J 153 -12.77 69.54 1.81
C GLN J 153 -13.45 70.54 0.88
N GLN J 154 -12.82 71.70 0.73
CA GLN J 154 -13.37 72.76 -0.11
C GLN J 154 -13.30 72.43 -1.59
N THR J 155 -12.60 71.38 -1.98
CA THR J 155 -12.47 71.04 -3.39
C THR J 155 -13.81 70.63 -3.98
N THR J 156 -14.02 70.99 -5.24
CA THR J 156 -15.25 70.66 -5.95
C THR J 156 -14.95 69.79 -7.16
N ALA J 157 -14.09 68.79 -6.98
CA ALA J 157 -13.74 67.86 -8.04
C ALA J 157 -14.83 66.80 -8.21
N LYS J 158 -14.52 65.73 -8.94
CA LYS J 158 -15.48 64.63 -9.08
C LYS J 158 -15.77 64.01 -7.72
N THR J 159 -17.06 63.80 -7.43
CA THR J 159 -17.50 63.38 -6.12
C THR J 159 -18.23 62.05 -6.09
N VAL J 160 -18.93 61.69 -7.17
CA VAL J 160 -19.75 60.48 -7.23
C VAL J 160 -20.83 60.58 -6.17
N GLU J 161 -21.77 61.50 -6.35
CA GLU J 161 -22.91 61.69 -5.46
C GLU J 161 -24.09 62.16 -6.29
N GLU J 162 -25.29 62.03 -5.71
CA GLU J 162 -26.52 62.24 -6.47
C GLU J 162 -27.42 63.25 -5.79
N ILE J 163 -27.92 64.20 -6.57
CA ILE J 163 -29.12 64.97 -6.24
C ILE J 163 -30.12 64.73 -7.35
N ASP J 164 -31.35 64.36 -6.99
CA ASP J 164 -32.39 64.13 -7.97
C ASP J 164 -33.11 65.43 -8.27
N MET J 165 -33.19 65.78 -9.55
CA MET J 165 -33.84 66.99 -10.00
C MET J 165 -34.98 66.63 -10.95
N HIS J 166 -36.02 67.45 -10.97
CA HIS J 166 -37.15 67.21 -11.85
C HIS J 166 -37.80 68.54 -12.20
N MET J 167 -38.68 68.50 -13.20
CA MET J 167 -39.34 69.69 -13.69
C MET J 167 -40.24 70.28 -12.59
N PRO J 168 -40.23 71.61 -12.41
CA PRO J 168 -41.11 72.21 -11.42
C PRO J 168 -42.56 72.06 -11.82
N PRO J 169 -43.46 71.94 -10.85
CA PRO J 169 -44.88 71.81 -11.18
C PRO J 169 -45.47 73.16 -11.57
N ASP J 170 -46.66 73.10 -12.15
CA ASP J 170 -47.37 74.31 -12.56
C ASP J 170 -47.78 75.11 -11.33
N THR J 171 -47.08 76.21 -11.08
CA THR J 171 -47.34 77.02 -9.90
C THR J 171 -48.66 77.75 -10.01
N PRO J 172 -49.59 77.58 -9.08
CA PRO J 172 -50.87 78.29 -9.16
C PRO J 172 -50.74 79.72 -8.68
N ASP J 173 -51.42 80.61 -9.39
CA ASP J 173 -51.40 82.03 -9.07
C ASP J 173 -52.80 82.59 -9.21
N ARG J 174 -53.10 83.62 -8.42
CA ARG J 174 -54.42 84.24 -8.42
C ARG J 174 -54.40 85.73 -8.68
N THR J 175 -53.24 86.37 -8.65
CA THR J 175 -53.17 87.81 -8.86
C THR J 175 -53.17 88.20 -10.34
N LEU J 176 -52.97 87.25 -11.24
CA LEU J 176 -52.99 87.57 -12.67
C LEU J 176 -54.40 87.85 -13.16
N LEU J 177 -55.38 87.10 -12.65
CA LEU J 177 -56.76 87.25 -13.10
C LEU J 177 -57.30 88.61 -12.66
N SER J 178 -57.50 89.50 -13.62
CA SER J 178 -58.05 90.83 -13.35
C SER J 178 -59.48 90.88 -13.85
N GLN J 179 -60.39 91.33 -12.99
CA GLN J 179 -61.80 91.44 -13.32
C GLN J 179 -62.14 92.91 -13.54
N GLN J 180 -62.43 93.28 -14.78
CA GLN J 180 -62.79 94.65 -15.13
C GLN J 180 -64.29 94.85 -15.15
N SER J 181 -65.00 94.16 -16.05
CA SER J 181 -66.46 94.24 -16.09
C SER J 181 -66.97 92.99 -16.81
N GLY J 182 -67.40 92.00 -16.03
CA GLY J 182 -67.95 90.78 -16.61
C GLY J 182 -67.00 90.03 -17.51
N ASN J 183 -65.70 90.04 -17.21
CA ASN J 183 -64.71 89.37 -18.04
C ASN J 183 -63.43 89.18 -17.23
N VAL J 184 -62.54 88.37 -17.77
CA VAL J 184 -61.25 88.10 -17.15
C VAL J 184 -60.16 88.78 -17.96
N LYS J 185 -59.01 88.98 -17.32
CA LYS J 185 -57.84 89.59 -17.94
C LYS J 185 -56.61 88.82 -17.49
N ILE J 186 -56.25 87.78 -18.25
CA ILE J 186 -55.07 86.99 -17.92
C ILE J 186 -53.82 87.79 -18.30
N THR J 187 -52.90 87.89 -17.35
CA THR J 187 -51.69 88.68 -17.52
C THR J 187 -50.50 87.78 -17.81
N VAL J 188 -49.60 88.28 -18.64
CA VAL J 188 -48.44 87.53 -19.13
C VAL J 188 -47.21 88.43 -19.04
N GLY J 189 -46.11 88.03 -19.67
CA GLY J 189 -44.85 88.71 -19.48
C GLY J 189 -43.66 87.77 -19.50
N GLY J 190 -43.90 86.51 -19.86
CA GLY J 190 -42.83 85.54 -19.99
C GLY J 190 -43.25 84.15 -19.57
N LYS J 191 -44.45 84.06 -19.00
CA LYS J 191 -45.00 82.81 -18.49
C LYS J 191 -46.20 82.41 -19.32
N LYS J 192 -46.22 81.18 -19.81
CA LYS J 192 -47.38 80.66 -20.53
C LYS J 192 -48.36 80.10 -19.50
N VAL J 193 -49.50 80.76 -19.37
CA VAL J 193 -50.46 80.43 -18.34
C VAL J 193 -51.39 79.33 -18.83
N LYS J 194 -51.56 78.30 -18.02
CA LYS J 194 -52.53 77.24 -18.27
C LYS J 194 -53.73 77.48 -17.37
N TYR J 195 -54.93 77.45 -17.95
CA TYR J 195 -56.15 77.79 -17.23
C TYR J 195 -57.16 76.67 -17.35
N ASN J 196 -58.22 76.78 -16.55
CA ASN J 196 -59.36 75.87 -16.64
C ASN J 196 -60.58 76.63 -16.14
N CYS J 197 -61.37 77.15 -17.07
CA CYS J 197 -62.54 77.97 -16.75
C CYS J 197 -63.77 77.29 -17.34
N THR J 198 -64.52 76.60 -16.49
CA THR J 198 -65.73 75.89 -16.92
C THR J 198 -66.97 76.75 -16.65
N CYS J 199 -67.17 77.73 -17.52
CA CYS J 199 -68.40 78.51 -17.58
C CYS J 199 -69.10 78.34 -18.93
N GLY J 200 -68.96 77.15 -19.53
CA GLY J 200 -69.45 76.91 -20.88
C GLY J 200 -68.59 77.50 -21.98
N THR J 201 -67.79 78.51 -21.67
CA THR J 201 -66.88 79.14 -22.62
C THR J 201 -65.60 78.32 -22.77
N GLY J 202 -64.59 78.93 -23.37
CA GLY J 202 -63.31 78.28 -23.64
C GLY J 202 -62.81 77.37 -22.53
N ASN J 203 -62.61 76.10 -22.88
CA ASN J 203 -62.19 75.08 -21.93
C ASN J 203 -60.69 75.16 -21.68
N VAL J 204 -60.14 74.10 -21.09
CA VAL J 204 -58.71 74.06 -20.81
C VAL J 204 -57.91 74.36 -22.07
N GLY J 205 -56.90 75.21 -21.91
CA GLY J 205 -56.04 75.55 -23.02
C GLY J 205 -54.86 76.36 -22.54
N THR J 206 -53.74 76.18 -23.23
CA THR J 206 -52.51 76.90 -22.94
C THR J 206 -52.45 78.17 -23.76
N THR J 207 -52.13 79.28 -23.11
CA THR J 207 -52.07 80.57 -23.77
C THR J 207 -50.73 81.22 -23.48
N ASN J 208 -50.39 82.22 -24.29
CA ASN J 208 -49.16 82.96 -24.11
C ASN J 208 -49.37 84.46 -23.98
N SER J 209 -50.48 85.01 -24.46
CA SER J 209 -50.82 86.41 -24.31
C SER J 209 -52.15 86.55 -23.57
N ASP J 210 -52.60 87.80 -23.43
CA ASP J 210 -53.81 88.07 -22.66
C ASP J 210 -55.03 87.45 -23.33
N MET J 211 -56.06 87.21 -22.52
CA MET J 211 -57.31 86.63 -23.00
C MET J 211 -58.47 87.19 -22.19
N THR J 212 -59.68 87.00 -22.72
CA THR J 212 -60.91 87.39 -22.05
C THR J 212 -61.91 86.26 -22.15
N ILE J 213 -62.82 86.18 -21.19
CA ILE J 213 -63.81 85.10 -21.17
C ILE J 213 -65.22 85.68 -21.29
N ASN J 214 -65.38 86.94 -20.86
CA ASN J 214 -66.59 87.73 -21.03
C ASN J 214 -67.84 87.13 -20.39
N THR J 215 -67.70 86.07 -19.59
CA THR J 215 -68.87 85.43 -18.99
C THR J 215 -68.88 85.46 -17.47
N CYS J 216 -67.82 84.95 -16.83
CA CYS J 216 -67.80 84.80 -15.38
C CYS J 216 -66.50 85.34 -14.82
N LEU J 217 -66.56 85.87 -13.59
CA LEU J 217 -65.57 86.86 -13.16
C LEU J 217 -64.27 86.23 -12.66
N ILE J 218 -64.30 85.61 -11.48
CA ILE J 218 -63.07 85.14 -10.85
C ILE J 218 -63.22 83.70 -10.36
N GLU J 219 -64.45 83.31 -10.05
CA GLU J 219 -64.68 82.06 -9.34
C GLU J 219 -64.58 80.83 -10.21
N GLN J 220 -64.04 80.97 -11.43
CA GLN J 220 -63.96 79.82 -12.32
C GLN J 220 -62.56 79.68 -12.93
N CYS J 221 -61.87 80.79 -13.14
CA CYS J 221 -60.61 80.76 -13.86
C CYS J 221 -59.44 80.54 -12.91
N HIS J 222 -58.29 80.20 -13.50
CA HIS J 222 -57.10 79.83 -12.74
C HIS J 222 -55.87 80.28 -13.49
N VAL J 223 -54.71 80.08 -12.88
CA VAL J 223 -53.42 80.31 -13.51
C VAL J 223 -52.49 79.18 -13.09
N SER J 224 -51.88 78.52 -14.07
CA SER J 224 -50.93 77.44 -13.82
C SER J 224 -49.73 77.67 -14.73
N VAL J 225 -48.77 78.45 -14.25
CA VAL J 225 -47.55 78.72 -15.02
C VAL J 225 -46.80 77.42 -15.22
N THR J 226 -46.77 76.93 -16.46
CA THR J 226 -46.27 75.60 -16.75
C THR J 226 -45.21 75.68 -17.85
N ASP J 227 -44.72 74.50 -18.25
CA ASP J 227 -43.73 74.34 -19.32
C ASP J 227 -42.48 75.19 -19.05
N HIS J 228 -41.80 74.82 -17.98
CA HIS J 228 -40.55 75.46 -17.61
C HIS J 228 -39.36 74.76 -18.27
N LYS J 229 -38.21 75.43 -18.22
CA LYS J 229 -37.00 74.99 -18.90
C LYS J 229 -35.87 74.66 -17.94
N LYS J 230 -36.16 74.46 -16.66
CA LYS J 230 -35.11 74.27 -15.66
C LYS J 230 -35.48 73.14 -14.72
N TRP J 231 -34.44 72.52 -14.15
CA TRP J 231 -34.61 71.50 -13.13
C TRP J 231 -34.63 72.14 -11.76
N GLN J 232 -35.62 71.81 -10.93
CA GLN J 232 -35.72 72.51 -9.66
C GLN J 232 -35.08 71.76 -8.50
N PHE J 233 -35.72 70.67 -8.06
CA PHE J 233 -35.21 69.77 -7.03
C PHE J 233 -36.27 68.70 -6.77
N ASN J 234 -35.89 67.56 -6.22
CA ASN J 234 -36.84 66.54 -5.78
C ASN J 234 -37.03 66.69 -4.27
N SER J 235 -37.84 67.69 -3.90
CA SER J 235 -38.08 67.96 -2.49
C SER J 235 -39.47 67.49 -2.10
N PRO J 236 -39.64 66.96 -0.89
CA PRO J 236 -40.97 66.50 -0.46
C PRO J 236 -41.98 67.61 -0.25
N PHE J 237 -41.56 68.87 -0.25
CA PHE J 237 -42.46 69.98 -0.01
C PHE J 237 -43.04 70.58 -1.29
N VAL J 238 -42.67 70.07 -2.45
CA VAL J 238 -43.26 70.51 -3.72
C VAL J 238 -43.65 69.29 -4.54
N PRO J 239 -44.82 69.28 -5.16
CA PRO J 239 -45.32 68.07 -5.81
C PRO J 239 -44.59 67.70 -7.09
N ARG J 240 -45.05 66.64 -7.75
CA ARG J 240 -44.46 66.14 -8.98
C ARG J 240 -45.33 66.54 -10.17
N ALA J 241 -44.94 66.06 -11.35
CA ALA J 241 -45.65 66.38 -12.59
C ALA J 241 -46.49 65.20 -13.08
N ASP J 242 -45.88 64.01 -13.19
CA ASP J 242 -46.51 62.83 -13.72
C ASP J 242 -46.09 61.62 -12.89
N GLU J 243 -46.71 60.46 -13.14
CA GLU J 243 -46.39 59.31 -12.33
C GLU J 243 -45.90 58.13 -13.17
N PRO J 244 -44.98 58.34 -14.12
CA PRO J 244 -43.89 57.37 -14.31
C PRO J 244 -42.59 57.80 -13.67
N ALA J 245 -42.56 58.98 -13.04
CA ALA J 245 -41.38 59.63 -12.48
C ALA J 245 -40.42 60.07 -13.58
N ARG J 246 -39.93 61.30 -13.49
CA ARG J 246 -39.00 61.84 -14.48
C ARG J 246 -37.98 62.69 -13.72
N LYS J 247 -36.75 62.20 -13.62
CA LYS J 247 -35.76 62.81 -12.74
C LYS J 247 -34.39 62.83 -13.41
N GLY J 248 -33.55 63.76 -12.97
CA GLY J 248 -32.18 63.87 -13.45
C GLY J 248 -31.17 63.65 -12.34
N LYS J 249 -29.96 64.18 -12.51
CA LYS J 249 -28.89 64.01 -11.54
C LYS J 249 -27.97 65.22 -11.56
N VAL J 250 -27.22 65.39 -10.47
CA VAL J 250 -26.15 66.38 -10.40
C VAL J 250 -25.29 66.07 -9.18
N HIS J 251 -24.00 66.40 -9.24
CA HIS J 251 -23.08 66.06 -8.17
C HIS J 251 -23.06 67.14 -7.09
N ILE J 252 -22.96 66.73 -5.83
CA ILE J 252 -22.87 67.66 -4.72
C ILE J 252 -21.43 68.13 -4.61
N PRO J 253 -21.17 69.31 -4.07
CA PRO J 253 -19.80 69.73 -3.80
C PRO J 253 -19.32 69.17 -2.47
N PHE J 254 -18.06 69.45 -2.15
CA PHE J 254 -17.47 69.16 -0.85
C PHE J 254 -17.55 67.67 -0.49
N PRO J 255 -16.75 66.82 -1.11
CA PRO J 255 -16.69 65.40 -0.72
C PRO J 255 -15.97 65.26 0.61
N LEU J 256 -15.82 64.02 1.05
CA LEU J 256 -15.24 63.72 2.36
C LEU J 256 -13.82 63.19 2.21
N ASP J 257 -12.90 63.74 3.00
CA ASP J 257 -11.50 63.35 2.96
C ASP J 257 -10.99 63.22 4.39
N ASN J 258 -9.78 62.67 4.55
CA ASN J 258 -9.30 62.35 5.89
C ASN J 258 -8.71 63.55 6.65
N ILE J 259 -7.57 64.07 6.19
CA ILE J 259 -6.70 65.01 6.92
C ILE J 259 -6.45 64.46 8.33
N THR J 260 -5.67 65.18 9.14
CA THR J 260 -5.35 64.76 10.50
C THR J 260 -5.66 65.87 11.49
N CYS J 261 -5.89 65.48 12.73
CA CYS J 261 -6.27 66.40 13.80
C CYS J 261 -5.25 66.32 14.93
N ARG J 262 -5.13 67.42 15.68
CA ARG J 262 -4.20 67.51 16.80
C ARG J 262 -4.97 67.43 18.11
N VAL J 263 -4.50 66.59 19.02
CA VAL J 263 -5.14 66.39 20.32
C VAL J 263 -4.11 66.59 21.42
N PRO J 264 -4.50 67.07 22.60
CA PRO J 264 -3.53 67.32 23.66
C PRO J 264 -3.24 66.06 24.48
N MET J 265 -2.20 66.18 25.31
CA MET J 265 -1.79 65.10 26.21
C MET J 265 -2.01 65.56 27.64
N ALA J 266 -2.75 64.76 28.41
CA ALA J 266 -2.97 65.07 29.80
C ALA J 266 -1.71 64.78 30.62
N ARG J 267 -1.58 65.46 31.76
CA ARG J 267 -0.41 65.32 32.60
C ARG J 267 -0.32 63.91 33.18
N GLU J 268 0.90 63.49 33.47
CA GLU J 268 1.07 62.19 34.13
C GLU J 268 0.53 62.27 35.55
N PRO J 269 -0.21 61.25 35.99
CA PRO J 269 -0.72 61.26 37.36
C PRO J 269 0.38 61.01 38.38
N THR J 270 0.15 61.48 39.59
CA THR J 270 1.07 61.23 40.69
C THR J 270 0.93 59.78 41.16
N VAL J 271 2.05 59.13 41.43
CA VAL J 271 2.08 57.75 41.88
C VAL J 271 2.64 57.69 43.29
N ILE J 272 1.98 56.91 44.14
CA ILE J 272 2.45 56.61 45.49
C ILE J 272 2.52 55.10 45.61
N HIS J 273 3.70 54.57 45.90
CA HIS J 273 3.91 53.13 45.91
C HIS J 273 3.53 52.54 47.25
N GLY J 274 2.85 51.39 47.21
CA GLY J 274 2.43 50.71 48.42
C GLY J 274 2.61 49.21 48.35
N LYS J 275 2.05 48.48 49.31
CA LYS J 275 2.15 47.03 49.36
C LYS J 275 1.21 46.43 48.32
N ARG J 276 1.73 46.25 47.11
CA ARG J 276 0.95 45.73 45.98
C ARG J 276 -0.25 46.63 45.68
N GLU J 277 -0.05 47.93 45.78
CA GLU J 277 -1.06 48.91 45.42
C GLU J 277 -0.37 50.18 44.92
N VAL J 278 -1.06 50.92 44.07
CA VAL J 278 -0.62 52.24 43.62
C VAL J 278 -1.76 53.20 43.83
N THR J 279 -1.48 54.34 44.46
CA THR J 279 -2.47 55.40 44.66
C THR J 279 -2.21 56.49 43.64
N LEU J 280 -3.17 56.73 42.76
CA LEU J 280 -3.01 57.64 41.64
C LEU J 280 -3.75 58.94 41.91
N HIS J 281 -3.05 60.06 41.78
CA HIS J 281 -3.67 61.39 41.86
C HIS J 281 -3.88 61.88 40.43
N LEU J 282 -5.13 62.16 40.09
CA LEU J 282 -5.51 62.53 38.73
C LEU J 282 -5.94 63.98 38.71
N HIS J 283 -5.32 64.77 37.83
CA HIS J 283 -5.57 66.20 37.73
C HIS J 283 -5.92 66.55 36.29
N PRO J 284 -7.19 66.42 35.90
CA PRO J 284 -7.59 66.74 34.53
C PRO J 284 -8.04 68.19 34.37
N ASP J 285 -7.86 68.70 33.15
CA ASP J 285 -8.38 69.99 32.75
C ASP J 285 -9.68 69.89 31.97
N HIS J 286 -9.99 68.70 31.46
CA HIS J 286 -11.22 68.43 30.72
C HIS J 286 -11.55 66.96 30.89
N PRO J 287 -12.78 66.54 30.60
CA PRO J 287 -13.11 65.13 30.75
C PRO J 287 -12.18 64.21 29.96
N THR J 288 -11.37 63.42 30.66
CA THR J 288 -10.46 62.47 30.02
C THR J 288 -10.79 61.06 30.49
N LEU J 289 -10.47 60.09 29.65
CA LEU J 289 -10.79 58.69 29.93
C LEU J 289 -9.65 58.03 30.69
N PHE J 290 -10.00 57.32 31.77
CA PHE J 290 -9.03 56.59 32.59
C PHE J 290 -9.47 55.14 32.65
N SER J 291 -8.56 54.23 32.30
CA SER J 291 -8.87 52.81 32.28
C SER J 291 -7.63 52.02 32.64
N TYR J 292 -7.83 50.94 33.38
CA TYR J 292 -6.74 50.07 33.78
C TYR J 292 -7.21 48.62 33.73
N ARG J 293 -6.25 47.71 33.68
CA ARG J 293 -6.56 46.29 33.72
C ARG J 293 -5.34 45.54 34.23
N THR J 294 -5.60 44.44 34.94
CA THR J 294 -4.54 43.59 35.47
C THR J 294 -4.17 42.55 34.43
N LEU J 295 -2.89 42.44 34.11
CA LEU J 295 -2.44 41.65 32.98
C LEU J 295 -2.05 40.23 33.42
N GLY J 296 -3.01 39.57 34.07
CA GLY J 296 -2.90 38.20 34.45
C GLY J 296 -3.89 37.31 33.72
N GLU J 297 -4.08 36.11 34.25
CA GLU J 297 -5.00 35.16 33.62
C GLU J 297 -6.45 35.68 33.68
N ASP J 298 -6.84 36.24 34.82
CA ASP J 298 -8.18 36.81 34.98
C ASP J 298 -8.03 38.29 35.31
N PRO J 299 -8.27 39.17 34.36
CA PRO J 299 -8.02 40.60 34.57
C PRO J 299 -9.09 41.25 35.43
N GLN J 300 -8.78 42.45 35.90
CA GLN J 300 -9.71 43.29 36.65
C GLN J 300 -10.04 44.50 35.79
N TYR J 301 -11.05 44.35 34.94
CA TYR J 301 -11.49 45.40 34.05
C TYR J 301 -11.96 46.63 34.81
N HIS J 302 -11.73 47.81 34.24
CA HIS J 302 -12.25 49.07 34.74
C HIS J 302 -11.99 50.18 33.73
N GLU J 303 -12.95 51.09 33.59
CA GLU J 303 -12.78 52.27 32.77
C GLU J 303 -13.77 53.33 33.22
N GLU J 304 -13.38 54.59 33.08
CA GLU J 304 -14.13 55.67 33.70
C GLU J 304 -13.83 56.99 32.97
N TRP J 305 -14.75 57.93 33.10
CA TRP J 305 -14.63 59.26 32.51
C TRP J 305 -14.35 60.26 33.63
N VAL J 306 -13.07 60.51 33.89
CA VAL J 306 -12.69 61.43 34.95
C VAL J 306 -13.01 62.86 34.53
N THR J 307 -13.65 63.60 35.43
CA THR J 307 -14.07 64.97 35.17
C THR J 307 -13.43 65.99 36.09
N ALA J 308 -13.24 65.65 37.37
CA ALA J 308 -12.63 66.55 38.33
C ALA J 308 -11.43 65.86 38.98
N ALA J 309 -10.74 66.59 39.84
CA ALA J 309 -9.56 66.03 40.51
C ALA J 309 -9.97 64.91 41.46
N VAL J 310 -9.47 63.71 41.21
CA VAL J 310 -9.88 62.53 41.97
C VAL J 310 -8.64 61.82 42.50
N GLU J 311 -8.86 60.67 43.13
CA GLU J 311 -7.78 59.90 43.74
C GLU J 311 -8.18 58.43 43.73
N ARG J 312 -7.37 57.57 43.11
CA ARG J 312 -7.74 56.19 42.90
C ARG J 312 -6.63 55.27 43.38
N THR J 313 -7.03 54.12 43.94
CA THR J 313 -6.12 53.05 44.31
C THR J 313 -6.29 51.89 43.36
N ILE J 314 -5.17 51.38 42.85
CA ILE J 314 -5.19 50.33 41.84
C ILE J 314 -4.33 49.15 42.30
N PRO J 315 -4.81 47.92 42.19
CA PRO J 315 -4.03 46.77 42.64
C PRO J 315 -2.98 46.36 41.62
N VAL J 316 -1.80 46.03 42.12
CA VAL J 316 -0.68 45.61 41.28
C VAL J 316 -0.14 44.28 41.80
N PRO J 317 -0.69 43.14 41.38
CA PRO J 317 -0.13 41.85 41.80
C PRO J 317 1.23 41.60 41.18
N VAL J 318 1.82 40.44 41.45
CA VAL J 318 3.13 40.11 40.89
C VAL J 318 3.08 39.98 39.37
N ASP J 319 1.89 39.81 38.79
CA ASP J 319 1.78 39.82 37.34
C ASP J 319 1.90 41.22 36.77
N GLY J 320 1.54 42.24 37.55
CA GLY J 320 1.60 43.61 37.09
C GLY J 320 0.35 44.02 36.36
N MET J 321 0.27 45.31 36.03
CA MET J 321 -0.89 45.83 35.33
C MET J 321 -0.51 47.09 34.56
N GLU J 322 -1.40 47.51 33.67
CA GLU J 322 -1.21 48.69 32.85
C GLU J 322 -2.44 49.60 32.95
N TYR J 323 -2.22 50.90 32.81
CA TYR J 323 -3.30 51.87 32.89
C TYR J 323 -3.16 52.91 31.79
N HIS J 324 -4.29 53.29 31.21
CA HIS J 324 -4.36 54.24 30.10
C HIS J 324 -4.95 55.54 30.64
N TRP J 325 -4.21 56.63 30.51
CA TRP J 325 -4.62 57.91 31.07
C TRP J 325 -4.70 58.95 29.96
N GLY J 326 -5.92 59.27 29.53
CA GLY J 326 -6.09 60.29 28.51
C GLY J 326 -5.54 59.81 27.18
N ASN J 327 -4.69 60.62 26.57
CA ASN J 327 -4.07 60.29 25.30
C ASN J 327 -2.68 59.68 25.44
N ASN J 328 -2.15 59.60 26.65
CA ASN J 328 -0.82 59.06 26.85
C ASN J 328 -0.78 57.57 26.54
N ASP J 329 0.42 57.05 26.34
CA ASP J 329 0.60 55.64 26.10
C ASP J 329 0.37 54.86 27.40
N PRO J 330 -0.10 53.61 27.31
CA PRO J 330 -0.25 52.79 28.52
C PRO J 330 1.09 52.56 29.20
N VAL J 331 1.06 52.56 30.53
CA VAL J 331 2.24 52.37 31.35
C VAL J 331 2.04 51.14 32.22
N ARG J 332 3.05 50.29 32.29
CA ARG J 332 2.97 49.03 33.01
C ARG J 332 3.81 49.11 34.28
N LEU J 333 3.28 48.54 35.36
CA LEU J 333 3.95 48.53 36.66
C LEU J 333 3.89 47.12 37.24
N TRP J 334 5.02 46.65 37.78
CA TRP J 334 5.13 45.31 38.32
C TRP J 334 5.56 45.37 39.78
N SER J 335 5.14 44.37 40.55
CA SER J 335 5.43 44.33 41.98
C SER J 335 6.59 43.38 42.26
N GLN J 336 7.23 43.58 43.41
CA GLN J 336 8.35 42.76 43.85
C GLN J 336 7.98 41.98 45.10
N LEU J 337 8.65 40.84 45.28
CA LEU J 337 8.41 39.98 46.44
C LEU J 337 9.06 40.60 47.67
N THR J 338 8.44 41.67 48.16
CA THR J 338 8.89 42.36 49.35
C THR J 338 7.95 42.06 50.50
N THR J 339 8.47 42.20 51.72
CA THR J 339 7.70 41.83 52.92
C THR J 339 8.24 42.60 54.11
N GLU J 340 7.85 42.18 55.31
CA GLU J 340 8.22 42.84 56.55
C GLU J 340 8.94 41.93 57.53
N GLY J 341 8.86 40.62 57.36
CA GLY J 341 9.51 39.69 58.26
C GLY J 341 11.01 39.63 58.04
N LYS J 342 11.64 38.73 58.79
CA LYS J 342 13.09 38.53 58.72
C LYS J 342 13.40 37.07 58.42
N PRO J 343 13.84 36.73 57.22
CA PRO J 343 14.34 35.38 56.97
C PRO J 343 15.75 35.23 57.54
N HIS J 344 16.17 33.97 57.64
CA HIS J 344 17.48 33.63 58.22
C HIS J 344 17.61 34.18 59.64
N GLY J 345 16.52 34.10 60.40
CA GLY J 345 16.52 34.53 61.78
C GLY J 345 15.92 33.47 62.69
N TRP J 346 15.34 33.90 63.81
CA TRP J 346 14.69 32.95 64.70
C TRP J 346 13.45 32.36 64.03
N PRO J 347 13.03 31.17 64.45
CA PRO J 347 11.87 30.53 63.79
C PRO J 347 10.60 31.34 63.88
N HIS J 348 10.49 32.28 64.81
CA HIS J 348 9.33 33.16 64.85
C HIS J 348 9.45 34.33 63.89
N GLN J 349 10.57 34.46 63.18
CA GLN J 349 10.74 35.46 62.14
C GLN J 349 10.64 34.90 60.74
N ILE J 350 11.05 33.65 60.53
CA ILE J 350 10.88 33.02 59.22
C ILE J 350 9.41 32.85 58.90
N VAL J 351 8.59 32.52 59.91
CA VAL J 351 7.16 32.42 59.70
C VAL J 351 6.59 33.78 59.32
N GLN J 352 7.06 34.85 59.97
CA GLN J 352 6.62 36.19 59.60
C GLN J 352 6.99 36.53 58.17
N TYR J 353 8.22 36.19 57.77
CA TYR J 353 8.66 36.46 56.40
C TYR J 353 7.78 35.71 55.39
N TYR J 354 7.62 34.42 55.58
CA TYR J 354 6.80 33.64 54.65
C TYR J 354 5.32 33.86 54.85
N TYR J 355 4.90 34.67 55.83
CA TYR J 355 3.52 35.10 55.93
C TYR J 355 3.27 36.44 55.27
N GLY J 356 4.28 37.31 55.20
CA GLY J 356 4.15 38.50 54.39
C GLY J 356 3.87 38.17 52.94
N LEU J 357 4.62 37.22 52.39
CA LEU J 357 4.28 36.62 51.12
C LEU J 357 3.28 35.49 51.34
N TYR J 358 2.31 35.36 50.45
CA TYR J 358 1.33 34.27 50.50
C TYR J 358 0.70 34.14 51.89
N PRO J 359 -0.11 35.10 52.34
CA PRO J 359 -0.66 35.00 53.69
C PRO J 359 -1.89 34.12 53.74
N ALA J 360 -1.84 32.98 53.08
CA ALA J 360 -2.92 32.00 53.14
C ALA J 360 -2.46 30.56 53.27
N ALA J 361 -1.25 30.23 52.82
CA ALA J 361 -0.74 28.87 52.90
C ALA J 361 0.28 28.68 54.01
N THR J 362 0.93 29.75 54.45
CA THR J 362 1.86 29.64 55.57
C THR J 362 1.14 29.20 56.84
N VAL J 363 -0.05 29.76 57.10
CA VAL J 363 -0.82 29.39 58.28
C VAL J 363 -1.19 27.91 58.22
N SER J 364 -1.67 27.46 57.06
CA SER J 364 -2.06 26.07 56.92
C SER J 364 -0.86 25.14 57.10
N ALA J 365 0.28 25.49 56.51
CA ALA J 365 1.46 24.64 56.64
C ALA J 365 1.94 24.58 58.09
N VAL J 366 1.95 25.71 58.78
CA VAL J 366 2.38 25.72 60.18
C VAL J 366 1.43 24.88 61.03
N VAL J 367 0.12 25.04 60.80
CA VAL J 367 -0.86 24.27 61.57
C VAL J 367 -0.67 22.78 61.34
N GLY J 368 -0.49 22.38 60.07
CA GLY J 368 -0.29 20.97 59.78
C GLY J 368 0.97 20.41 60.41
N MET J 369 2.08 21.15 60.31
CA MET J 369 3.33 20.68 60.90
C MET J 369 3.20 20.52 62.42
N SER J 370 2.61 21.50 63.08
CA SER J 370 2.43 21.40 64.53
C SER J 370 1.50 20.24 64.89
N LEU J 371 0.43 20.05 64.11
CA LEU J 371 -0.50 18.97 64.40
C LEU J 371 0.19 17.61 64.29
N LEU J 372 1.00 17.42 63.24
CA LEU J 372 1.75 16.18 63.11
C LEU J 372 2.75 16.01 64.26
N ALA J 373 3.40 17.10 64.68
CA ALA J 373 4.36 16.99 65.77
C ALA J 373 3.69 16.53 67.06
N LEU J 374 2.56 17.17 67.42
CA LEU J 374 1.84 16.75 68.62
C LEU J 374 1.29 15.34 68.49
N ILE J 375 0.81 14.95 67.31
CA ILE J 375 0.32 13.59 67.13
C ILE J 375 1.44 12.59 67.39
N SER J 376 2.62 12.84 66.82
CA SER J 376 3.74 11.92 67.00
C SER J 376 4.16 11.84 68.46
N ILE J 377 4.27 12.98 69.14
CA ILE J 377 4.75 12.95 70.51
C ILE J 377 3.72 12.30 71.43
N PHE J 378 2.43 12.53 71.18
CA PHE J 378 1.39 11.89 71.98
C PHE J 378 1.39 10.38 71.77
N ALA J 379 1.53 9.94 70.52
CA ALA J 379 1.59 8.51 70.26
C ALA J 379 2.80 7.88 70.95
N SER J 380 3.95 8.54 70.89
CA SER J 380 5.14 7.99 71.54
C SER J 380 4.96 7.89 73.05
N CYS J 381 4.42 8.94 73.66
CA CYS J 381 4.22 8.91 75.11
C CYS J 381 3.20 7.85 75.51
N TYR J 382 2.11 7.73 74.75
CA TYR J 382 1.12 6.70 75.05
C TYR J 382 1.70 5.31 74.92
N MET J 383 2.50 5.07 73.89
CA MET J 383 3.10 3.75 73.72
C MET J 383 4.11 3.45 74.82
N LEU J 384 4.87 4.46 75.26
CA LEU J 384 5.78 4.25 76.39
C LEU J 384 5.01 3.90 77.67
N VAL J 385 3.91 4.60 77.92
CA VAL J 385 3.10 4.29 79.11
C VAL J 385 2.53 2.88 79.01
N ALA J 386 2.06 2.50 77.82
CA ALA J 386 1.54 1.15 77.63
C ALA J 386 2.63 0.11 77.86
N ALA J 387 3.84 0.37 77.38
CA ALA J 387 4.95 -0.56 77.61
C ALA J 387 5.25 -0.69 79.10
N ARG J 388 5.25 0.43 79.82
CA ARG J 388 5.48 0.37 81.26
C ARG J 388 4.42 -0.46 81.97
N SER J 389 3.14 -0.23 81.63
CA SER J 389 2.07 -1.01 82.24
C SER J 389 2.20 -2.49 81.91
N LYS J 390 2.54 -2.81 80.65
CA LYS J 390 2.69 -4.20 80.24
C LYS J 390 3.83 -4.87 80.99
N CYS J 391 4.94 -4.17 81.19
CA CYS J 391 6.07 -4.75 81.90
C CYS J 391 5.87 -4.78 83.40
N LEU J 392 4.93 -4.00 83.94
CA LEU J 392 4.73 -3.95 85.38
C LEU J 392 3.62 -4.87 85.87
N THR J 393 2.46 -4.87 85.22
CA THR J 393 1.28 -5.49 85.83
C THR J 393 1.43 -7.01 85.99
N PRO J 394 2.38 -7.66 85.30
CA PRO J 394 2.79 -9.00 85.77
C PRO J 394 3.05 -9.09 87.26
N TYR J 395 3.77 -8.12 87.81
CA TYR J 395 4.17 -8.11 89.20
C TYR J 395 3.03 -7.74 90.14
N ALA J 396 1.91 -7.26 89.62
CA ALA J 396 0.77 -6.89 90.45
C ALA J 396 -0.20 -8.05 90.65
N LEU J 397 0.12 -9.23 90.14
CA LEU J 397 -0.71 -10.42 90.35
C LEU J 397 -0.07 -11.41 91.31
N THR J 398 1.02 -11.02 91.98
CA THR J 398 1.62 -11.82 93.03
C THR J 398 1.89 -10.95 94.26
N PRO J 399 1.83 -11.53 95.45
CA PRO J 399 2.26 -10.84 96.67
C PRO J 399 3.78 -10.85 96.86
N GLY J 400 4.50 -10.41 95.83
CA GLY J 400 5.94 -10.48 95.80
C GLY J 400 6.60 -9.11 95.96
N ALA J 401 7.91 -9.12 95.74
CA ALA J 401 8.73 -7.92 95.92
C ALA J 401 8.62 -7.04 94.67
N ALA J 402 9.50 -6.04 94.58
CA ALA J 402 9.46 -5.07 93.49
C ALA J 402 10.75 -4.97 92.69
N VAL J 403 11.81 -5.67 93.09
CA VAL J 403 13.10 -5.63 92.39
C VAL J 403 13.60 -4.20 92.34
N PRO J 404 14.13 -3.66 93.45
CA PRO J 404 14.45 -2.22 93.52
C PRO J 404 15.25 -1.69 92.34
N TRP J 405 16.10 -2.51 91.72
CA TRP J 405 16.84 -2.06 90.56
C TRP J 405 15.90 -1.66 89.42
N THR J 406 14.86 -2.47 89.18
CA THR J 406 13.82 -2.11 88.22
C THR J 406 12.82 -1.12 88.80
N LEU J 407 12.67 -1.09 90.12
CA LEU J 407 11.80 -0.10 90.75
C LEU J 407 12.29 1.32 90.48
N GLY J 408 13.60 1.53 90.54
CA GLY J 408 14.14 2.85 90.25
C GLY J 408 13.92 3.27 88.81
N ILE J 409 14.13 2.34 87.87
CA ILE J 409 14.06 2.69 86.46
C ILE J 409 12.63 3.04 86.05
N LEU J 410 11.67 2.19 86.42
CA LEU J 410 10.27 2.41 86.08
C LEU J 410 9.54 2.90 87.33
N CYS J 411 8.98 4.10 87.25
CA CYS J 411 8.22 4.67 88.36
C CYS J 411 6.89 3.93 88.47
N CYS J 412 6.75 3.11 89.50
CA CYS J 412 5.54 2.35 89.74
C CYS J 412 4.65 3.06 90.76
N ALA J 413 3.39 2.62 90.82
CA ALA J 413 2.44 3.23 91.75
C ALA J 413 2.87 3.09 93.21
N PRO J 414 3.28 1.92 93.71
CA PRO J 414 3.72 1.84 95.10
C PRO J 414 5.10 2.44 95.32
N ARG J 415 5.17 3.60 95.96
CA ARG J 415 6.46 4.21 96.23
C ARG J 415 7.25 3.39 97.24
N ALA J 416 6.60 2.98 98.34
CA ALA J 416 7.26 2.21 99.38
C ALA J 416 6.47 1.01 99.87
N HIS J 417 5.15 0.97 99.69
CA HIS J 417 4.33 -0.11 100.22
C HIS J 417 4.35 -1.28 99.24
N ALA J 418 5.01 -2.37 99.64
CA ALA J 418 5.12 -3.59 98.83
C ALA J 418 5.74 -3.32 97.46
N MET K 1 -37.03 -4.27 -70.56
CA MET K 1 -37.46 -4.42 -69.17
C MET K 1 -37.56 -3.06 -68.48
N CYS K 2 -36.65 -2.16 -68.84
CA CYS K 2 -36.63 -0.82 -68.26
C CYS K 2 -37.82 -0.01 -68.76
N VAL K 3 -38.18 1.02 -67.98
CA VAL K 3 -39.32 1.86 -68.28
C VAL K 3 -38.92 3.33 -68.22
N LEU K 4 -39.48 4.13 -69.11
CA LEU K 4 -39.38 5.58 -69.06
C LEU K 4 -40.79 6.14 -69.23
N ALA K 5 -41.34 6.72 -68.16
CA ALA K 5 -42.70 7.23 -68.16
C ALA K 5 -43.68 6.12 -68.53
N ASN K 6 -44.05 6.05 -69.81
CA ASN K 6 -44.95 5.02 -70.30
C ASN K 6 -44.40 4.40 -71.58
N ALA K 7 -43.09 4.10 -71.59
CA ALA K 7 -42.43 3.53 -72.75
C ALA K 7 -42.30 2.01 -72.66
N THR K 8 -41.69 1.50 -71.58
CA THR K 8 -41.49 0.08 -71.38
C THR K 8 -40.73 -0.54 -72.56
N PHE K 9 -39.50 -0.09 -72.73
CA PHE K 9 -38.59 -0.48 -73.78
C PHE K 9 -37.55 -1.47 -73.26
N PRO K 10 -37.02 -2.33 -74.12
CA PRO K 10 -35.93 -3.21 -73.68
C PRO K 10 -34.72 -2.40 -73.27
N CYS K 11 -34.06 -2.84 -72.20
CA CYS K 11 -32.93 -2.09 -71.66
C CYS K 11 -31.73 -2.14 -72.60
N PHE K 12 -31.61 -3.18 -73.43
CA PHE K 12 -30.49 -3.29 -74.34
C PHE K 12 -30.55 -2.24 -75.45
N GLN K 13 -31.76 -1.79 -75.82
CA GLN K 13 -31.95 -0.84 -76.91
C GLN K 13 -32.78 0.33 -76.40
N PRO K 14 -32.15 1.30 -75.75
CA PRO K 14 -32.88 2.48 -75.27
C PRO K 14 -33.34 3.34 -76.43
N PRO K 15 -34.39 4.14 -76.24
CA PRO K 15 -34.88 4.99 -77.34
C PRO K 15 -34.00 6.18 -77.65
N CYS K 16 -32.98 6.45 -76.85
CA CYS K 16 -32.11 7.60 -77.07
C CYS K 16 -30.88 7.27 -77.91
N VAL K 17 -30.79 6.06 -78.44
CA VAL K 17 -29.62 5.66 -79.22
C VAL K 17 -29.51 6.53 -80.46
N PRO K 18 -28.33 7.09 -80.79
CA PRO K 18 -27.09 6.99 -80.02
C PRO K 18 -26.74 8.26 -79.27
N CYS K 19 -25.62 8.24 -78.54
CA CYS K 19 -25.10 9.40 -77.80
C CYS K 19 -26.17 9.97 -76.87
N CYS K 20 -26.65 9.11 -75.96
CA CYS K 20 -27.69 9.53 -75.03
C CYS K 20 -27.22 10.64 -74.12
N TYR K 21 -25.98 10.54 -73.62
CA TYR K 21 -25.48 11.56 -72.70
C TYR K 21 -25.13 12.85 -73.42
N GLU K 22 -24.52 12.75 -74.60
CA GLU K 22 -24.08 13.94 -75.32
C GLU K 22 -25.26 14.81 -75.73
N ASN K 23 -26.35 14.18 -76.19
CA ASN K 23 -27.52 14.95 -76.62
C ASN K 23 -28.19 15.65 -75.44
N ASN K 24 -28.45 14.92 -74.37
CA ASN K 24 -29.13 15.48 -73.20
C ASN K 24 -28.57 14.78 -71.96
N ALA K 25 -27.61 15.45 -71.30
CA ALA K 25 -26.97 14.85 -70.13
C ALA K 25 -27.95 14.66 -68.99
N GLU K 26 -28.66 15.73 -68.62
CA GLU K 26 -29.55 15.66 -67.46
C GLU K 26 -30.67 14.65 -67.69
N ALA K 27 -31.24 14.62 -68.89
CA ALA K 27 -32.30 13.67 -69.18
C ALA K 27 -31.80 12.23 -69.04
N THR K 28 -30.60 11.95 -69.53
CA THR K 28 -30.02 10.62 -69.39
C THR K 28 -29.82 10.27 -67.92
N LEU K 29 -29.33 11.22 -67.12
CA LEU K 29 -29.10 10.94 -65.70
C LEU K 29 -30.40 10.66 -64.96
N ARG K 30 -31.43 11.49 -65.18
CA ARG K 30 -32.71 11.21 -64.53
C ARG K 30 -33.33 9.93 -65.05
N MET K 31 -33.06 9.57 -66.30
CA MET K 31 -33.51 8.27 -66.79
C MET K 31 -32.83 7.13 -66.04
N LEU K 32 -31.52 7.24 -65.82
CA LEU K 32 -30.80 6.21 -65.09
C LEU K 32 -31.19 6.16 -63.61
N GLU K 33 -31.71 7.26 -63.07
CA GLU K 33 -32.01 7.34 -61.64
C GLU K 33 -33.34 6.70 -61.26
N ASP K 34 -34.12 6.18 -62.22
CA ASP K 34 -35.32 5.43 -61.89
C ASP K 34 -35.21 3.94 -62.16
N ASN K 35 -34.07 3.47 -62.67
CA ASN K 35 -33.89 2.06 -62.97
C ASN K 35 -33.03 1.34 -61.93
N VAL K 36 -32.74 1.99 -60.79
CA VAL K 36 -31.81 1.43 -59.83
C VAL K 36 -32.29 0.09 -59.29
N ASP K 37 -33.60 -0.05 -59.08
CA ASP K 37 -34.14 -1.30 -58.58
C ASP K 37 -34.44 -2.30 -59.69
N ARG K 38 -34.36 -1.89 -60.96
CA ARG K 38 -34.60 -2.80 -62.06
C ARG K 38 -33.39 -3.70 -62.26
N PRO K 39 -33.58 -5.02 -62.38
CA PRO K 39 -32.43 -5.91 -62.60
C PRO K 39 -31.62 -5.59 -63.85
N GLY K 40 -32.29 -5.10 -64.90
CA GLY K 40 -31.58 -4.74 -66.12
C GLY K 40 -31.06 -3.32 -66.11
N TYR K 41 -30.31 -2.96 -65.07
CA TYR K 41 -29.76 -1.61 -64.96
C TYR K 41 -28.45 -1.48 -65.74
N TYR K 42 -27.53 -2.43 -65.54
CA TYR K 42 -26.15 -2.19 -65.96
C TYR K 42 -26.01 -2.23 -67.48
N ASP K 43 -26.83 -3.03 -68.16
CA ASP K 43 -26.85 -2.97 -69.61
C ASP K 43 -27.39 -1.64 -70.11
N LEU K 44 -28.40 -1.09 -69.44
CA LEU K 44 -28.90 0.24 -69.79
C LEU K 44 -27.80 1.29 -69.60
N LEU K 45 -27.07 1.19 -68.49
CA LEU K 45 -25.97 2.13 -68.26
C LEU K 45 -24.86 1.96 -69.30
N GLN K 46 -24.61 0.72 -69.73
CA GLN K 46 -23.65 0.47 -70.80
C GLN K 46 -24.08 1.15 -72.09
N ALA K 47 -25.37 1.07 -72.42
CA ALA K 47 -25.87 1.65 -73.66
C ALA K 47 -25.98 3.17 -73.58
N ALA K 48 -26.20 3.72 -72.38
CA ALA K 48 -26.53 5.14 -72.26
C ALA K 48 -25.31 6.03 -72.47
N LEU K 49 -24.16 5.61 -71.98
CA LEU K 49 -22.95 6.44 -72.02
C LEU K 49 -21.90 5.88 -72.97
N THR K 50 -22.33 5.37 -74.12
CA THR K 50 -21.43 4.79 -75.10
C THR K 50 -21.85 5.20 -76.50
N CYS K 51 -20.98 5.95 -77.18
CA CYS K 51 -21.18 6.28 -78.58
C CYS K 51 -19.87 6.83 -79.13
N ARG K 52 -19.66 6.62 -80.43
CA ARG K 52 -18.41 6.99 -81.07
C ARG K 52 -18.60 8.16 -82.03
N MET L 1 58.79 -17.27 -57.23
CA MET L 1 58.39 -18.54 -56.66
C MET L 1 57.15 -19.08 -57.37
N CYS L 2 56.51 -18.24 -58.17
CA CYS L 2 55.34 -18.65 -58.92
C CYS L 2 55.74 -19.51 -60.12
N VAL L 3 54.75 -20.21 -60.68
CA VAL L 3 54.98 -21.17 -61.75
C VAL L 3 54.01 -20.89 -62.89
N LEU L 4 54.51 -21.04 -64.12
CA LEU L 4 53.69 -20.95 -65.33
C LEU L 4 54.06 -22.13 -66.21
N ALA L 5 53.25 -23.19 -66.16
CA ALA L 5 53.49 -24.41 -66.93
C ALA L 5 54.87 -24.99 -66.61
N ASN L 6 55.90 -24.46 -67.26
CA ASN L 6 57.27 -24.91 -67.05
C ASN L 6 58.22 -23.72 -66.97
N ALA L 7 57.79 -22.66 -66.29
CA ALA L 7 58.57 -21.43 -66.16
C ALA L 7 59.30 -21.34 -64.83
N THR L 8 58.56 -21.39 -63.73
CA THR L 8 59.11 -21.29 -62.37
C THR L 8 59.97 -20.02 -62.24
N PHE L 9 59.30 -18.89 -62.41
CA PHE L 9 59.91 -17.57 -62.37
C PHE L 9 59.62 -16.89 -61.04
N PRO L 10 60.50 -15.99 -60.59
CA PRO L 10 60.20 -15.20 -59.38
C PRO L 10 58.94 -14.37 -59.59
N CYS L 11 58.10 -14.34 -58.55
CA CYS L 11 56.82 -13.65 -58.66
C CYS L 11 56.98 -12.13 -58.75
N PHE L 12 58.14 -11.61 -58.39
CA PHE L 12 58.38 -10.17 -58.50
C PHE L 12 58.65 -9.73 -59.94
N GLN L 13 59.08 -10.65 -60.81
CA GLN L 13 59.41 -10.33 -62.20
C GLN L 13 58.73 -11.32 -63.12
N PRO L 14 57.42 -11.17 -63.35
CA PRO L 14 56.74 -12.04 -64.30
C PRO L 14 57.24 -11.78 -65.71
N PRO L 15 57.21 -12.80 -66.59
CA PRO L 15 57.72 -12.61 -67.95
C PRO L 15 56.83 -11.74 -68.84
N CYS L 16 55.59 -11.47 -68.43
CA CYS L 16 54.66 -10.70 -69.23
C CYS L 16 54.85 -9.19 -69.10
N VAL L 17 55.78 -8.75 -68.26
CA VAL L 17 56.00 -7.31 -68.06
C VAL L 17 56.47 -6.69 -69.38
N PRO L 18 55.93 -5.53 -69.79
CA PRO L 18 54.91 -4.75 -69.09
C PRO L 18 53.50 -4.90 -69.66
N CYS L 19 52.51 -4.39 -68.93
CA CYS L 19 51.11 -4.41 -69.34
C CYS L 19 50.65 -5.85 -69.61
N CYS L 20 50.70 -6.66 -68.55
CA CYS L 20 50.31 -8.07 -68.67
C CYS L 20 48.84 -8.21 -69.04
N TYR L 21 47.97 -7.40 -68.42
CA TYR L 21 46.55 -7.52 -68.67
C TYR L 21 46.16 -6.96 -70.03
N GLU L 22 46.78 -5.84 -70.44
CA GLU L 22 46.43 -5.23 -71.71
C GLU L 22 46.84 -6.10 -72.88
N ASN L 23 48.01 -6.74 -72.81
CA ASN L 23 48.48 -7.55 -73.92
C ASN L 23 47.63 -8.80 -74.10
N ASN L 24 47.29 -9.48 -72.99
CA ASN L 24 46.48 -10.69 -73.05
C ASN L 24 45.74 -10.81 -71.73
N ALA L 25 44.45 -10.45 -71.74
CA ALA L 25 43.66 -10.49 -70.50
C ALA L 25 43.47 -11.92 -70.02
N GLU L 26 43.02 -12.81 -70.92
CA GLU L 26 42.69 -14.16 -70.50
C GLU L 26 43.91 -14.90 -69.97
N ALA L 27 45.06 -14.73 -70.62
CA ALA L 27 46.28 -15.38 -70.14
C ALA L 27 46.67 -14.87 -68.77
N THR L 28 46.54 -13.56 -68.54
CA THR L 28 46.88 -13.00 -67.24
C THR L 28 45.96 -13.55 -66.15
N LEU L 29 44.65 -13.61 -66.43
CA LEU L 29 43.73 -14.16 -65.44
C LEU L 29 44.00 -15.64 -65.18
N ARG L 30 44.34 -16.40 -66.21
CA ARG L 30 44.67 -17.81 -66.01
C ARG L 30 45.92 -17.97 -65.15
N MET L 31 46.94 -17.14 -65.41
CA MET L 31 48.16 -17.20 -64.60
C MET L 31 47.87 -16.84 -63.15
N LEU L 32 47.05 -15.81 -62.92
CA LEU L 32 46.69 -15.45 -61.56
C LEU L 32 45.89 -16.55 -60.88
N GLU L 33 44.99 -17.21 -61.61
CA GLU L 33 44.21 -18.30 -61.04
C GLU L 33 45.09 -19.48 -60.66
N ASP L 34 46.09 -19.80 -61.48
CA ASP L 34 46.94 -20.95 -61.20
C ASP L 34 47.80 -20.76 -59.95
N ASN L 35 48.09 -19.52 -59.57
CA ASN L 35 49.04 -19.25 -58.50
C ASN L 35 48.39 -18.69 -57.24
N VAL L 36 47.13 -19.05 -56.98
CA VAL L 36 46.45 -18.52 -55.80
C VAL L 36 47.01 -19.11 -54.52
N ASP L 37 47.35 -20.40 -54.51
CA ASP L 37 47.79 -21.05 -53.29
C ASP L 37 49.20 -20.65 -52.86
N ARG L 38 49.97 -20.04 -53.76
CA ARG L 38 51.35 -19.68 -53.42
C ARG L 38 51.36 -18.50 -52.44
N PRO L 39 52.35 -18.45 -51.54
CA PRO L 39 52.46 -17.31 -50.64
C PRO L 39 52.81 -16.01 -51.33
N GLY L 40 53.35 -16.06 -52.54
CA GLY L 40 53.74 -14.87 -53.26
C GLY L 40 52.73 -14.47 -54.32
N TYR L 41 51.47 -14.85 -54.12
CA TYR L 41 50.43 -14.53 -55.10
C TYR L 41 50.22 -13.03 -55.22
N TYR L 42 50.21 -12.32 -54.08
CA TYR L 42 49.87 -10.91 -54.11
C TYR L 42 50.92 -10.08 -54.84
N ASP L 43 52.19 -10.46 -54.76
CA ASP L 43 53.21 -9.80 -55.57
C ASP L 43 52.93 -9.98 -57.05
N LEU L 44 52.51 -11.20 -57.44
CA LEU L 44 52.16 -11.45 -58.83
C LEU L 44 50.97 -10.61 -59.26
N LEU L 45 49.96 -10.49 -58.40
CA LEU L 45 48.81 -9.65 -58.71
C LEU L 45 49.21 -8.19 -58.85
N GLN L 46 50.12 -7.71 -57.99
CA GLN L 46 50.60 -6.34 -58.09
C GLN L 46 51.34 -6.11 -59.39
N ALA L 47 52.17 -7.07 -59.79
CA ALA L 47 52.97 -6.91 -61.00
C ALA L 47 52.13 -7.04 -62.27
N ALA L 48 51.08 -7.85 -62.23
CA ALA L 48 50.33 -8.17 -63.45
C ALA L 48 49.41 -7.04 -63.87
N LEU L 49 48.82 -6.31 -62.92
CA LEU L 49 47.80 -5.32 -63.21
C LEU L 49 48.31 -3.89 -63.01
N THR L 50 49.55 -3.62 -63.40
CA THR L 50 50.11 -2.29 -63.24
C THR L 50 51.05 -1.99 -64.40
N CYS L 51 50.74 -0.94 -65.16
CA CYS L 51 51.62 -0.42 -66.19
C CYS L 51 51.12 0.95 -66.61
N ARG L 52 52.05 1.84 -66.93
CA ARG L 52 51.71 3.21 -67.31
C ARG L 52 52.07 3.49 -68.77
N MET M 1 -23.10 55.59 -25.52
CA MET M 1 -24.07 54.52 -25.63
C MET M 1 -25.47 54.99 -25.24
N CYS M 2 -25.69 56.30 -25.36
CA CYS M 2 -26.98 56.88 -25.02
C CYS M 2 -28.00 56.59 -26.11
N VAL M 3 -29.28 56.75 -25.76
CA VAL M 3 -30.39 56.45 -26.66
C VAL M 3 -31.34 57.64 -26.68
N LEU M 4 -31.69 58.08 -27.89
CA LEU M 4 -32.68 59.14 -28.10
C LEU M 4 -33.69 58.62 -29.12
N ALA M 5 -34.89 58.29 -28.64
CA ALA M 5 -35.95 57.74 -29.49
C ALA M 5 -35.49 56.47 -30.20
N ASN M 6 -34.84 56.63 -31.35
CA ASN M 6 -34.34 55.50 -32.12
C ASN M 6 -32.95 55.80 -32.65
N ALA M 7 -32.11 56.46 -31.84
CA ALA M 7 -30.79 56.89 -32.26
C ALA M 7 -29.70 55.87 -31.91
N THR M 8 -29.56 55.57 -30.61
CA THR M 8 -28.53 54.67 -30.11
C THR M 8 -27.14 55.13 -30.57
N PHE M 9 -26.78 56.33 -30.12
CA PHE M 9 -25.55 57.01 -30.47
C PHE M 9 -24.57 57.01 -29.30
N PRO M 10 -23.27 57.07 -29.56
CA PRO M 10 -22.30 57.18 -28.46
C PRO M 10 -22.50 58.47 -27.68
N CYS M 11 -22.39 58.36 -26.35
CA CYS M 11 -22.69 59.50 -25.49
C CYS M 11 -21.65 60.61 -25.62
N PHE M 12 -20.41 60.25 -25.98
CA PHE M 12 -19.36 61.25 -26.08
C PHE M 12 -19.63 62.30 -27.14
N GLN M 13 -20.41 61.97 -28.17
CA GLN M 13 -20.70 62.86 -29.28
C GLN M 13 -22.20 62.92 -29.52
N PRO M 14 -22.93 63.70 -28.72
CA PRO M 14 -24.36 63.82 -28.93
C PRO M 14 -24.67 64.56 -30.22
N PRO M 15 -25.81 64.29 -30.85
CA PRO M 15 -26.11 64.90 -32.15
C PRO M 15 -26.54 66.35 -32.08
N CYS M 16 -26.69 66.93 -30.89
CA CYS M 16 -27.09 68.33 -30.74
C CYS M 16 -25.91 69.28 -30.64
N VAL M 17 -24.68 68.78 -30.74
CA VAL M 17 -23.49 69.63 -30.61
C VAL M 17 -23.48 70.66 -31.74
N PRO M 18 -23.21 71.95 -31.46
CA PRO M 18 -22.92 72.50 -30.14
C PRO M 18 -24.11 73.22 -29.51
N CYS M 19 -23.96 73.63 -28.25
CA CYS M 19 -24.97 74.37 -27.51
C CYS M 19 -26.31 73.63 -27.51
N CYS M 20 -26.29 72.44 -26.92
CA CYS M 20 -27.50 71.63 -26.85
C CYS M 20 -28.58 72.32 -26.04
N TYR M 21 -28.21 72.90 -24.89
CA TYR M 21 -29.21 73.55 -24.04
C TYR M 21 -29.73 74.83 -24.66
N GLU M 22 -28.84 75.65 -25.23
CA GLU M 22 -29.26 76.94 -25.77
C GLU M 22 -30.19 76.77 -26.96
N ASN M 23 -29.90 75.81 -27.84
CA ASN M 23 -30.76 75.60 -29.02
C ASN M 23 -32.15 75.13 -28.61
N ASN M 24 -32.24 74.20 -27.66
CA ASN M 24 -33.54 73.73 -27.18
C ASN M 24 -33.34 73.22 -25.75
N ALA M 25 -33.80 74.02 -24.78
CA ALA M 25 -33.67 73.63 -23.39
C ALA M 25 -34.54 72.42 -23.07
N GLU M 26 -35.81 72.46 -23.48
CA GLU M 26 -36.73 71.39 -23.16
C GLU M 26 -36.27 70.07 -23.77
N ALA M 27 -35.86 70.10 -25.04
CA ALA M 27 -35.40 68.89 -25.70
C ALA M 27 -34.15 68.33 -25.04
N THR M 28 -33.20 69.19 -24.68
CA THR M 28 -31.99 68.73 -24.03
C THR M 28 -32.29 68.09 -22.67
N LEU M 29 -33.13 68.75 -21.87
CA LEU M 29 -33.47 68.21 -20.57
C LEU M 29 -34.20 66.87 -20.70
N ARG M 30 -35.18 66.79 -21.60
CA ARG M 30 -35.89 65.53 -21.79
C ARG M 30 -34.99 64.44 -22.36
N MET M 31 -33.98 64.80 -23.13
CA MET M 31 -32.94 63.85 -23.50
C MET M 31 -32.19 63.36 -22.29
N LEU M 32 -31.86 64.26 -21.36
CA LEU M 32 -31.13 63.87 -20.16
C LEU M 32 -31.95 62.91 -19.30
N GLU M 33 -33.24 63.18 -19.10
CA GLU M 33 -34.03 62.28 -18.27
C GLU M 33 -34.20 60.91 -18.90
N ASP M 34 -33.99 60.76 -20.21
CA ASP M 34 -34.17 59.48 -20.86
C ASP M 34 -32.99 58.54 -20.67
N ASN M 35 -31.88 59.01 -20.09
CA ASN M 35 -30.66 58.21 -20.02
C ASN M 35 -30.07 58.18 -18.61
N VAL M 36 -30.88 58.41 -17.58
CA VAL M 36 -30.35 58.43 -16.22
C VAL M 36 -29.85 57.06 -15.79
N ASP M 37 -30.51 55.99 -16.24
CA ASP M 37 -30.09 54.65 -15.88
C ASP M 37 -28.89 54.16 -16.68
N ARG M 38 -28.52 54.87 -17.74
CA ARG M 38 -27.37 54.45 -18.53
C ARG M 38 -26.08 54.73 -17.76
N PRO M 39 -25.11 53.82 -17.81
CA PRO M 39 -23.82 54.07 -17.14
C PRO M 39 -23.04 55.24 -17.72
N GLY M 40 -23.34 55.66 -18.94
CA GLY M 40 -22.65 56.78 -19.56
C GLY M 40 -23.45 58.07 -19.48
N TYR M 41 -24.32 58.17 -18.47
CA TYR M 41 -25.17 59.35 -18.32
C TYR M 41 -24.33 60.61 -18.08
N TYR M 42 -23.30 60.50 -17.25
CA TYR M 42 -22.55 61.69 -16.87
C TYR M 42 -21.76 62.26 -18.04
N ASP M 43 -21.26 61.40 -18.93
CA ASP M 43 -20.62 61.90 -20.15
C ASP M 43 -21.60 62.67 -21.01
N LEU M 44 -22.83 62.16 -21.13
CA LEU M 44 -23.86 62.88 -21.88
C LEU M 44 -24.17 64.23 -21.22
N LEU M 45 -24.25 64.26 -19.90
CA LEU M 45 -24.52 65.51 -19.20
C LEU M 45 -23.38 66.51 -19.42
N GLN M 46 -22.14 66.04 -19.38
CA GLN M 46 -21.01 66.92 -19.62
C GLN M 46 -20.99 67.44 -21.05
N ALA M 47 -21.36 66.60 -22.02
CA ALA M 47 -21.33 67.02 -23.41
C ALA M 47 -22.49 67.94 -23.76
N ALA M 48 -23.64 67.74 -23.14
CA ALA M 48 -24.85 68.47 -23.52
C ALA M 48 -25.06 69.75 -22.72
N LEU M 49 -24.10 70.16 -21.89
CA LEU M 49 -24.27 71.38 -21.11
C LEU M 49 -23.04 72.26 -21.22
N THR M 50 -22.25 72.11 -22.29
CA THR M 50 -21.00 72.84 -22.46
C THR M 50 -20.92 73.35 -23.89
N CYS M 51 -20.75 74.67 -24.04
CA CYS M 51 -20.49 75.27 -25.34
C CYS M 51 -20.08 76.72 -25.13
N ARG M 52 -19.16 77.20 -25.97
CA ARG M 52 -18.70 78.57 -25.90
C ARG M 52 -19.16 79.38 -27.11
N LYS N 1 -13.98 -89.79 65.94
CA LYS N 1 -12.56 -89.75 65.65
C LYS N 1 -12.31 -89.30 64.21
N ARG N 2 -12.95 -90.00 63.27
CA ARG N 2 -12.84 -89.61 61.85
C ARG N 2 -13.45 -88.24 61.61
N GLU N 3 -14.61 -87.98 62.23
CA GLU N 3 -15.29 -86.70 62.02
C GLU N 3 -14.44 -85.53 62.49
N ARG N 4 -13.81 -85.66 63.66
CA ARG N 4 -12.97 -84.59 64.19
C ARG N 4 -11.79 -84.31 63.27
N MET N 5 -11.12 -85.36 62.80
CA MET N 5 -9.98 -85.17 61.90
C MET N 5 -10.41 -84.52 60.60
N CYS N 6 -11.53 -84.99 60.02
CA CYS N 6 -12.01 -84.40 58.77
C CYS N 6 -12.39 -82.94 58.95
N MET N 7 -13.07 -82.61 60.05
CA MET N 7 -13.46 -81.23 60.31
C MET N 7 -12.23 -80.35 60.51
N LYS N 8 -11.23 -80.83 61.23
CA LYS N 8 -10.00 -80.06 61.42
C LYS N 8 -9.29 -79.81 60.11
N ILE N 9 -9.17 -80.84 59.27
CA ILE N 9 -8.49 -80.68 57.99
C ILE N 9 -9.26 -79.71 57.09
N GLU N 10 -10.60 -79.82 57.08
CA GLU N 10 -11.41 -78.90 56.29
C GLU N 10 -11.26 -77.47 56.78
N ASN N 11 -11.22 -77.27 58.11
CA ASN N 11 -11.02 -75.94 58.65
C ASN N 11 -9.66 -75.39 58.25
N ASP N 12 -8.64 -76.24 58.19
CA ASP N 12 -7.30 -75.81 57.84
C ASP N 12 -7.04 -75.71 56.35
N CYS N 13 -7.97 -76.16 55.50
CA CYS N 13 -7.73 -76.24 54.07
C CYS N 13 -8.90 -75.76 53.22
N ILE N 14 -9.72 -74.85 53.73
CA ILE N 14 -10.85 -74.31 52.98
C ILE N 14 -10.93 -72.80 53.22
N PHE N 15 -11.12 -72.05 52.14
CA PHE N 15 -11.31 -70.60 52.21
C PHE N 15 -12.59 -70.25 51.46
N GLU N 16 -13.50 -69.57 52.13
CA GLU N 16 -14.76 -69.19 51.50
C GLU N 16 -14.53 -68.14 50.43
N VAL N 17 -15.20 -68.30 49.30
CA VAL N 17 -15.11 -67.38 48.17
C VAL N 17 -16.42 -66.63 48.09
N LYS N 18 -16.35 -65.31 48.16
CA LYS N 18 -17.53 -64.45 48.18
C LYS N 18 -17.54 -63.52 46.99
N HIS N 19 -18.75 -63.25 46.47
CA HIS N 19 -18.94 -62.30 45.39
C HIS N 19 -20.07 -61.36 45.79
N GLU N 20 -19.80 -60.05 45.72
CA GLU N 20 -20.75 -59.02 46.13
C GLU N 20 -21.23 -59.23 47.56
N GLY N 21 -20.31 -59.63 48.43
CA GLY N 21 -20.60 -59.76 49.84
C GLY N 21 -21.26 -61.04 50.29
N LYS N 22 -21.54 -61.97 49.37
CA LYS N 22 -22.15 -63.25 49.72
C LYS N 22 -21.25 -64.39 49.24
N VAL N 23 -21.12 -65.41 50.08
CA VAL N 23 -20.27 -66.55 49.78
C VAL N 23 -20.96 -67.44 48.75
N THR N 24 -20.21 -67.88 47.75
CA THR N 24 -20.73 -68.78 46.72
C THR N 24 -19.87 -70.01 46.47
N GLY N 25 -18.60 -70.02 46.88
CA GLY N 25 -17.75 -71.16 46.62
C GLY N 25 -16.63 -71.24 47.65
N TYR N 26 -15.81 -72.28 47.50
CA TYR N 26 -14.69 -72.51 48.40
C TYR N 26 -13.46 -72.90 47.59
N ALA N 27 -12.31 -72.35 47.98
CA ALA N 27 -11.03 -72.67 47.36
C ALA N 27 -10.22 -73.53 48.33
N CYS N 28 -9.99 -74.78 47.97
CA CYS N 28 -9.33 -75.74 48.84
C CYS N 28 -7.85 -75.81 48.52
N LEU N 29 -7.07 -76.23 49.50
CA LEU N 29 -5.63 -76.41 49.37
C LEU N 29 -5.32 -77.90 49.28
N VAL N 30 -4.76 -78.33 48.15
CA VAL N 30 -4.30 -79.70 47.97
C VAL N 30 -2.86 -79.64 47.48
N GLY N 31 -1.98 -80.41 48.12
CA GLY N 31 -0.58 -80.40 47.74
C GLY N 31 0.03 -79.03 47.87
N ASP N 32 0.31 -78.39 46.74
CA ASP N 32 0.86 -77.03 46.71
C ASP N 32 0.16 -76.20 45.64
N LYS N 33 -1.16 -76.36 45.53
CA LYS N 33 -1.94 -75.64 44.53
C LYS N 33 -3.27 -75.21 45.13
N VAL N 34 -3.84 -74.15 44.57
CA VAL N 34 -5.14 -73.63 44.96
C VAL N 34 -6.13 -73.92 43.85
N MET N 35 -7.12 -74.76 44.12
CA MET N 35 -8.13 -75.12 43.14
C MET N 35 -9.43 -74.36 43.42
N LYS N 36 -10.13 -73.99 42.35
CA LYS N 36 -11.39 -73.30 42.46
C LYS N 36 -12.20 -73.61 41.21
N PRO N 37 -13.48 -73.92 41.35
CA PRO N 37 -14.32 -74.14 40.15
C PRO N 37 -14.39 -72.89 39.29
N ALA N 38 -14.51 -73.09 37.98
CA ALA N 38 -14.56 -71.98 37.05
C ALA N 38 -15.93 -71.33 36.95
N HIS N 39 -17.00 -72.07 37.27
CA HIS N 39 -18.34 -71.50 37.18
C HIS N 39 -18.63 -70.53 38.33
N VAL N 40 -17.98 -70.71 39.47
CA VAL N 40 -18.13 -69.81 40.60
C VAL N 40 -17.18 -68.64 40.43
N LYS N 41 -17.66 -67.43 40.67
CA LYS N 41 -16.88 -66.22 40.52
C LYS N 41 -16.91 -65.42 41.81
N GLY N 42 -15.87 -64.62 42.00
CA GLY N 42 -15.73 -63.81 43.20
C GLY N 42 -14.27 -63.65 43.56
N VAL N 43 -14.03 -63.26 44.81
CA VAL N 43 -12.68 -63.08 45.34
C VAL N 43 -12.55 -63.94 46.58
N ILE N 44 -11.46 -64.71 46.66
CA ILE N 44 -11.20 -65.51 47.84
C ILE N 44 -10.99 -64.60 49.04
N ASP N 45 -11.56 -64.98 50.19
CA ASP N 45 -11.50 -64.17 51.40
C ASP N 45 -10.13 -64.32 52.07
N ASN N 46 -9.09 -63.88 51.34
CA ASN N 46 -7.73 -63.92 51.85
C ASN N 46 -6.88 -62.95 51.05
N ALA N 47 -5.92 -62.32 51.74
CA ALA N 47 -5.06 -61.34 51.08
C ALA N 47 -4.06 -62.02 50.15
N ASP N 48 -3.44 -63.10 50.63
CA ASP N 48 -2.39 -63.75 49.84
C ASP N 48 -2.95 -64.41 48.59
N LEU N 49 -4.10 -65.06 48.71
CA LEU N 49 -4.67 -65.79 47.57
C LEU N 49 -5.27 -64.85 46.54
N ALA N 50 -5.55 -63.59 46.90
CA ALA N 50 -6.14 -62.67 45.94
C ALA N 50 -5.14 -62.22 44.89
N LYS N 51 -3.88 -62.03 45.28
CA LYS N 51 -2.86 -61.51 44.38
C LYS N 51 -2.18 -62.60 43.55
N LEU N 52 -2.44 -63.87 43.84
CA LEU N 52 -1.82 -64.94 43.07
C LEU N 52 -2.42 -65.02 41.66
N ALA N 53 -1.57 -65.31 40.69
CA ALA N 53 -2.02 -65.47 39.31
C ALA N 53 -2.67 -66.84 39.14
N PHE N 54 -3.86 -66.86 38.54
CA PHE N 54 -4.66 -68.07 38.41
C PHE N 54 -4.74 -68.48 36.96
N LYS N 55 -4.47 -69.75 36.69
CA LYS N 55 -4.63 -70.33 35.36
C LYS N 55 -6.04 -70.89 35.22
N LYS N 56 -6.74 -70.47 34.17
CA LYS N 56 -8.13 -70.85 33.95
C LYS N 56 -8.23 -71.80 32.76
N SER N 57 -9.02 -72.85 32.91
CA SER N 57 -9.22 -73.83 31.84
C SER N 57 -10.68 -74.25 31.85
N SER N 58 -11.43 -73.85 30.82
CA SER N 58 -12.86 -74.11 30.79
C SER N 58 -13.19 -75.56 30.44
N LYS N 59 -12.23 -76.32 29.91
CA LYS N 59 -12.51 -77.71 29.58
C LYS N 59 -12.73 -78.55 30.84
N TYR N 60 -11.90 -78.35 31.86
CA TYR N 60 -12.03 -79.08 33.11
C TYR N 60 -12.82 -78.31 34.17
N ASP N 61 -13.21 -77.08 33.90
CA ASP N 61 -14.02 -76.28 34.82
C ASP N 61 -13.30 -76.12 36.16
N LEU N 62 -12.10 -75.54 36.10
CA LEU N 62 -11.23 -75.49 37.26
C LEU N 62 -10.14 -74.45 37.05
N GLU N 63 -9.82 -73.70 38.10
CA GLU N 63 -8.68 -72.80 38.13
C GLU N 63 -7.63 -73.33 39.08
N CYS N 64 -6.37 -72.99 38.83
CA CYS N 64 -5.26 -73.40 39.66
C CYS N 64 -4.33 -72.21 39.90
N ALA N 65 -3.59 -72.29 41.00
CA ALA N 65 -2.58 -71.28 41.30
C ALA N 65 -1.58 -71.88 42.29
N GLN N 66 -0.37 -71.33 42.29
CA GLN N 66 0.68 -71.80 43.18
C GLN N 66 0.54 -71.13 44.54
N ILE N 67 0.52 -71.93 45.60
CA ILE N 67 0.35 -71.42 46.96
C ILE N 67 1.64 -70.74 47.42
N PRO N 68 1.58 -69.80 48.36
CA PRO N 68 2.80 -69.22 48.90
C PRO N 68 3.60 -70.24 49.70
N VAL N 69 4.88 -69.91 49.90
CA VAL N 69 5.79 -70.85 50.56
C VAL N 69 5.36 -71.09 52.01
N HIS N 70 5.01 -70.03 52.74
CA HIS N 70 4.68 -70.17 54.15
C HIS N 70 3.35 -70.87 54.40
N MET N 71 2.52 -71.05 53.37
CA MET N 71 1.25 -71.74 53.51
C MET N 71 1.34 -73.21 53.10
N ARG N 72 2.54 -73.72 52.83
CA ARG N 72 2.69 -75.11 52.43
C ARG N 72 2.33 -76.08 53.54
N SER N 73 2.39 -75.66 54.79
CA SER N 73 2.08 -76.53 55.93
C SER N 73 0.61 -76.50 56.30
N ASP N 74 -0.22 -75.70 55.61
CA ASP N 74 -1.64 -75.61 55.89
C ASP N 74 -2.48 -76.21 54.77
N ALA N 75 -1.97 -77.26 54.12
CA ALA N 75 -2.63 -77.87 52.99
C ALA N 75 -2.84 -79.36 53.24
N SER N 76 -3.80 -79.93 52.52
CA SER N 76 -4.12 -81.34 52.66
C SER N 76 -3.09 -82.19 51.92
N LYS N 77 -3.36 -83.49 51.86
CA LYS N 77 -2.54 -84.42 51.09
C LYS N 77 -3.41 -85.14 50.08
N TYR N 78 -2.82 -85.43 48.92
CA TYR N 78 -3.55 -85.94 47.77
C TYR N 78 -3.27 -87.43 47.57
N THR N 79 -4.16 -88.08 46.83
CA THR N 79 -3.99 -89.46 46.43
C THR N 79 -4.85 -89.72 45.21
N HIS N 80 -4.53 -90.81 44.50
CA HIS N 80 -5.29 -91.21 43.32
C HIS N 80 -5.97 -92.56 43.47
N GLU N 81 -5.63 -93.34 44.49
CA GLU N 81 -6.27 -94.64 44.69
C GLU N 81 -7.71 -94.43 45.14
N LYS N 82 -8.65 -94.98 44.39
CA LYS N 82 -10.09 -94.84 44.67
C LYS N 82 -10.75 -96.20 44.63
N PRO N 83 -10.50 -97.04 45.64
CA PRO N 83 -11.18 -98.34 45.69
C PRO N 83 -12.66 -98.18 46.01
N GLU N 84 -13.43 -99.21 45.66
CA GLU N 84 -14.85 -99.22 45.96
C GLU N 84 -15.08 -99.14 47.47
N GLY N 85 -16.04 -98.34 47.87
CA GLY N 85 -16.37 -98.21 49.28
C GLY N 85 -17.04 -96.87 49.56
N HIS N 86 -16.80 -96.35 50.75
CA HIS N 86 -17.43 -95.12 51.23
C HIS N 86 -16.36 -94.06 51.45
N TYR N 87 -16.74 -92.81 51.24
CA TYR N 87 -15.84 -91.67 51.43
C TYR N 87 -16.57 -90.60 52.23
N ASN N 88 -15.79 -89.81 52.97
CA ASN N 88 -16.34 -88.80 53.86
C ASN N 88 -16.48 -87.47 53.14
N TRP N 89 -17.46 -86.69 53.59
CA TRP N 89 -17.75 -85.39 53.01
C TRP N 89 -18.19 -84.46 54.13
N HIS N 90 -18.14 -83.15 53.85
CA HIS N 90 -18.50 -82.17 54.87
C HIS N 90 -19.95 -82.33 55.32
N HIS N 91 -20.85 -82.69 54.40
CA HIS N 91 -22.26 -82.85 54.72
C HIS N 91 -22.67 -84.32 54.82
N GLY N 92 -21.79 -85.17 55.33
CA GLY N 92 -22.15 -86.56 55.54
C GLY N 92 -21.14 -87.54 54.98
N ALA N 93 -21.63 -88.66 54.46
CA ALA N 93 -20.79 -89.69 53.86
C ALA N 93 -21.27 -89.96 52.44
N VAL N 94 -20.32 -90.14 51.52
CA VAL N 94 -20.63 -90.39 50.13
C VAL N 94 -20.21 -91.81 49.77
N GLN N 95 -20.80 -92.32 48.69
CA GLN N 95 -20.58 -93.69 48.25
C GLN N 95 -20.00 -93.68 46.84
N TYR N 96 -19.03 -94.55 46.59
CA TYR N 96 -18.34 -94.63 45.31
C TYR N 96 -18.62 -96.01 44.71
N SER N 97 -19.59 -96.07 43.79
CA SER N 97 -19.99 -97.32 43.16
C SER N 97 -20.02 -97.15 41.65
N GLY N 98 -19.34 -98.03 40.94
CA GLY N 98 -19.36 -98.01 39.49
C GLY N 98 -18.80 -96.74 38.87
N GLY N 99 -17.72 -96.21 39.43
CA GLY N 99 -17.12 -95.01 38.88
C GLY N 99 -17.93 -93.75 39.07
N ARG N 100 -18.83 -93.73 40.04
CA ARG N 100 -19.71 -92.59 40.29
C ARG N 100 -19.66 -92.20 41.75
N PHE N 101 -19.76 -90.90 42.00
CA PHE N 101 -19.91 -90.36 43.35
C PHE N 101 -21.38 -89.99 43.53
N THR N 102 -22.02 -90.56 44.55
CA THR N 102 -23.44 -90.37 44.79
C THR N 102 -23.69 -89.82 46.19
N ILE N 103 -24.73 -89.01 46.31
CA ILE N 103 -25.13 -88.41 47.57
C ILE N 103 -26.31 -89.20 48.12
N PRO N 104 -26.16 -89.92 49.24
CA PRO N 104 -27.29 -90.70 49.76
C PRO N 104 -28.50 -89.86 50.12
N THR N 105 -28.29 -88.65 50.62
CA THR N 105 -29.39 -87.84 51.13
C THR N 105 -30.05 -86.98 50.06
N GLY N 106 -29.33 -86.64 49.00
CA GLY N 106 -29.86 -85.68 48.03
C GLY N 106 -30.07 -84.31 48.61
N ALA N 107 -29.25 -83.92 49.58
CA ALA N 107 -29.37 -82.63 50.26
C ALA N 107 -28.43 -81.58 49.72
N GLY N 108 -27.75 -81.86 48.60
CA GLY N 108 -26.88 -80.89 47.97
C GLY N 108 -27.61 -79.61 47.58
N LYS N 109 -27.02 -78.47 47.90
CA LYS N 109 -27.63 -77.18 47.64
C LYS N 109 -26.64 -76.27 46.92
N PRO N 110 -27.14 -75.28 46.18
CA PRO N 110 -26.22 -74.32 45.54
C PRO N 110 -25.35 -73.63 46.58
N GLY N 111 -24.09 -73.42 46.21
CA GLY N 111 -23.10 -72.91 47.14
C GLY N 111 -22.21 -73.96 47.75
N ASP N 112 -22.42 -75.24 47.41
CA ASP N 112 -21.58 -76.33 47.88
C ASP N 112 -20.45 -76.67 46.91
N SER N 113 -20.30 -75.90 45.84
CA SER N 113 -19.24 -76.15 44.87
C SER N 113 -17.87 -75.85 45.49
N GLY N 114 -16.90 -76.70 45.18
CA GLY N 114 -15.54 -76.53 45.67
C GLY N 114 -15.21 -77.30 46.93
N ARG N 115 -16.17 -78.00 47.53
CA ARG N 115 -15.89 -78.74 48.75
C ARG N 115 -15.26 -80.08 48.43
N PRO N 116 -14.03 -80.35 48.90
CA PRO N 116 -13.37 -81.61 48.55
C PRO N 116 -14.03 -82.80 49.20
N ILE N 117 -13.85 -83.96 48.57
CA ILE N 117 -14.30 -85.24 49.10
C ILE N 117 -13.08 -85.98 49.61
N PHE N 118 -13.14 -86.43 50.86
CA PHE N 118 -11.97 -86.93 51.57
C PHE N 118 -11.90 -88.45 51.55
N ASP N 119 -10.70 -88.97 51.80
CA ASP N 119 -10.46 -90.39 51.97
C ASP N 119 -10.67 -90.77 53.43
N ASN N 120 -10.55 -92.05 53.74
CA ASN N 120 -10.64 -92.51 55.12
C ASN N 120 -9.40 -92.16 55.93
N LYS N 121 -8.32 -91.74 55.28
CA LYS N 121 -7.10 -91.32 55.97
C LYS N 121 -6.92 -89.81 55.96
N GLY N 122 -7.97 -89.06 55.63
CA GLY N 122 -7.89 -87.61 55.58
C GLY N 122 -7.39 -87.05 54.27
N ARG N 123 -7.01 -87.89 53.32
CA ARG N 123 -6.51 -87.40 52.04
C ARG N 123 -7.65 -86.93 51.15
N VAL N 124 -7.37 -85.92 50.33
CA VAL N 124 -8.34 -85.37 49.40
C VAL N 124 -8.26 -86.12 48.09
N VAL N 125 -9.42 -86.55 47.58
CA VAL N 125 -9.50 -87.36 46.37
C VAL N 125 -10.11 -86.60 45.20
N ALA N 126 -11.21 -85.88 45.44
CA ALA N 126 -11.92 -85.19 44.37
C ALA N 126 -12.37 -83.82 44.86
N ILE N 127 -13.01 -83.09 43.96
CA ILE N 127 -13.58 -81.77 44.26
C ILE N 127 -14.98 -81.72 43.66
N VAL N 128 -15.96 -81.36 44.49
CA VAL N 128 -17.35 -81.35 44.06
C VAL N 128 -17.62 -80.12 43.21
N LEU N 129 -18.27 -80.32 42.05
CA LEU N 129 -18.68 -79.24 41.18
C LEU N 129 -20.20 -79.11 41.09
N GLY N 130 -20.90 -80.20 40.79
CA GLY N 130 -22.34 -80.16 40.68
C GLY N 130 -22.93 -81.54 40.92
N GLY N 131 -24.25 -81.60 40.87
CA GLY N 131 -24.96 -82.84 41.13
C GLY N 131 -26.14 -83.00 40.20
N ALA N 132 -26.53 -84.26 40.01
CA ALA N 132 -27.66 -84.61 39.16
C ALA N 132 -28.73 -85.27 40.01
N ASN N 133 -29.96 -84.76 39.93
CA ASN N 133 -31.08 -85.28 40.72
C ASN N 133 -31.62 -86.52 40.05
N GLU N 134 -31.23 -87.69 40.56
CA GLU N 134 -31.65 -88.97 40.01
C GLU N 134 -32.40 -89.74 41.10
N GLY N 135 -33.70 -89.48 41.20
CA GLY N 135 -34.52 -90.18 42.19
C GLY N 135 -34.12 -89.79 43.60
N SER N 136 -33.99 -90.80 44.46
CA SER N 136 -33.61 -90.58 45.85
C SER N 136 -32.14 -90.22 46.01
N ARG N 137 -31.29 -90.58 45.07
CA ARG N 137 -29.86 -90.31 45.13
C ARG N 137 -29.51 -89.15 44.22
N THR N 138 -28.31 -88.60 44.43
CA THR N 138 -27.79 -87.51 43.61
C THR N 138 -26.39 -87.86 43.15
N ALA N 139 -26.24 -88.08 41.85
CA ALA N 139 -24.93 -88.34 41.27
C ALA N 139 -24.12 -87.04 41.26
N LEU N 140 -22.86 -87.13 41.70
CA LEU N 140 -22.02 -85.95 41.83
C LEU N 140 -21.15 -85.78 40.59
N SER N 141 -21.17 -84.58 40.02
CA SER N 141 -20.26 -84.20 38.94
C SER N 141 -19.03 -83.56 39.57
N VAL N 142 -17.91 -84.28 39.53
CA VAL N 142 -16.71 -83.89 40.26
C VAL N 142 -15.50 -83.91 39.32
N VAL N 143 -14.47 -83.19 39.73
CA VAL N 143 -13.18 -83.18 39.04
C VAL N 143 -12.20 -83.95 39.90
N THR N 144 -11.66 -85.03 39.36
CA THR N 144 -10.77 -85.91 40.09
C THR N 144 -9.37 -85.87 39.49
N TRP N 145 -8.45 -86.58 40.12
CA TRP N 145 -7.08 -86.68 39.66
C TRP N 145 -6.73 -88.14 39.40
N ASN N 146 -6.30 -88.44 38.19
CA ASN N 146 -5.77 -89.76 37.88
C ASN N 146 -4.30 -89.77 38.31
N LYS N 147 -3.54 -90.78 37.87
CA LYS N 147 -2.11 -90.83 38.20
C LYS N 147 -1.39 -89.59 37.68
N ASP N 148 -1.72 -89.17 36.46
CA ASP N 148 -1.07 -88.01 35.86
C ASP N 148 -2.08 -87.03 35.26
N MET N 149 -3.23 -87.54 34.85
CA MET N 149 -4.19 -86.77 34.07
C MET N 149 -5.34 -86.29 34.97
N VAL N 150 -5.86 -85.10 34.65
CA VAL N 150 -7.05 -84.56 35.31
C VAL N 150 -8.24 -84.90 34.43
N THR N 151 -9.20 -85.62 34.99
CA THR N 151 -10.39 -86.04 34.27
C THR N 151 -11.63 -85.48 34.95
N ARG N 152 -12.64 -85.19 34.14
CA ARG N 152 -13.91 -84.67 34.62
C ARG N 152 -15.02 -85.66 34.32
N VAL N 153 -15.85 -85.93 35.32
CA VAL N 153 -17.00 -86.84 35.19
C VAL N 153 -18.26 -86.02 35.41
N THR N 154 -19.11 -85.93 34.38
CA THR N 154 -20.33 -85.14 34.43
C THR N 154 -21.50 -86.00 33.98
N PRO N 155 -22.34 -86.45 34.92
CA PRO N 155 -23.52 -87.22 34.54
C PRO N 155 -24.55 -86.35 33.84
N GLU N 156 -25.45 -87.01 33.10
CA GLU N 156 -26.50 -86.29 32.40
C GLU N 156 -27.45 -85.63 33.37
N GLY N 157 -27.88 -84.41 33.05
CA GLY N 157 -28.86 -83.70 33.85
C GLY N 157 -28.30 -83.02 35.08
N SER N 158 -26.99 -82.97 35.25
CA SER N 158 -26.42 -82.31 36.42
C SER N 158 -26.59 -80.81 36.33
N GLU N 159 -26.54 -80.16 37.48
CA GLU N 159 -26.67 -78.71 37.57
C GLU N 159 -25.48 -78.14 38.32
N GLU N 160 -25.07 -76.93 37.92
CA GLU N 160 -23.94 -76.26 38.53
C GLU N 160 -24.37 -75.66 39.87
N TRP N 161 -23.60 -75.93 40.92
CA TRP N 161 -23.90 -75.40 42.24
C TRP N 161 -23.11 -74.12 42.52
N LYS O 1 1.59 -58.62 90.29
CA LYS O 1 1.12 -57.26 90.53
C LYS O 1 1.70 -56.29 89.51
N ARG O 2 3.04 -56.26 89.44
CA ARG O 2 3.70 -55.43 88.43
C ARG O 2 3.38 -55.92 87.03
N GLU O 3 3.29 -57.24 86.84
CA GLU O 3 3.00 -57.79 85.53
C GLU O 3 1.62 -57.37 85.03
N ARG O 4 0.61 -57.43 85.91
CA ARG O 4 -0.74 -57.05 85.51
C ARG O 4 -0.81 -55.58 85.13
N MET O 5 -0.17 -54.72 85.91
CA MET O 5 -0.15 -53.29 85.60
C MET O 5 0.57 -53.02 84.28
N CYS O 6 1.70 -53.69 84.05
CA CYS O 6 2.42 -53.52 82.80
C CYS O 6 1.60 -53.97 81.61
N MET O 7 0.90 -55.10 81.74
CA MET O 7 0.06 -55.58 80.65
C MET O 7 -1.12 -54.64 80.41
N LYS O 8 -1.69 -54.07 81.47
CA LYS O 8 -2.76 -53.09 81.29
C LYS O 8 -2.27 -51.86 80.54
N ILE O 9 -1.10 -51.34 80.92
CA ILE O 9 -0.55 -50.17 80.24
C ILE O 9 -0.26 -50.50 78.78
N GLU O 10 0.29 -51.69 78.52
CA GLU O 10 0.59 -52.09 77.15
C GLU O 10 -0.69 -52.26 76.33
N ASN O 11 -1.75 -52.78 76.93
CA ASN O 11 -3.03 -52.89 76.23
C ASN O 11 -3.58 -51.51 75.89
N ASP O 12 -3.48 -50.58 76.82
CA ASP O 12 -4.05 -49.25 76.61
C ASP O 12 -3.14 -48.29 75.84
N CYS O 13 -1.89 -48.68 75.56
CA CYS O 13 -0.93 -47.74 74.99
C CYS O 13 -0.11 -48.30 73.84
N ILE O 14 -0.42 -49.49 73.34
CA ILE O 14 0.32 -50.09 72.23
C ILE O 14 -0.67 -50.51 71.15
N PHE O 15 -0.32 -50.23 69.90
CA PHE O 15 -1.15 -50.56 68.75
C PHE O 15 -0.29 -51.25 67.70
N GLU O 16 -0.84 -52.31 67.10
CA GLU O 16 -0.12 -53.02 66.06
C GLU O 16 -0.17 -52.24 64.75
N VAL O 17 0.87 -52.43 63.93
CA VAL O 17 0.97 -51.80 62.61
C VAL O 17 0.79 -52.89 61.57
N LYS O 18 -0.21 -52.70 60.71
CA LYS O 18 -0.59 -53.71 59.72
C LYS O 18 -0.02 -53.30 58.35
N HIS O 19 0.66 -54.24 57.71
CA HIS O 19 1.20 -54.01 56.37
C HIS O 19 1.07 -55.29 55.57
N GLU O 20 0.29 -55.23 54.49
CA GLU O 20 0.04 -56.39 53.62
C GLU O 20 -0.59 -57.55 54.39
N GLY O 21 -1.37 -57.24 55.43
CA GLY O 21 -2.04 -58.25 56.22
C GLY O 21 -1.19 -58.92 57.27
N LYS O 22 0.08 -58.54 57.42
CA LYS O 22 0.97 -59.13 58.40
C LYS O 22 1.53 -58.03 59.30
N VAL O 23 1.63 -58.34 60.60
CA VAL O 23 2.11 -57.37 61.57
C VAL O 23 3.62 -57.18 61.40
N THR O 24 4.05 -55.93 61.35
CA THR O 24 5.47 -55.60 61.20
C THR O 24 6.05 -54.87 62.40
N GLY O 25 5.25 -54.14 63.16
CA GLY O 25 5.77 -53.42 64.30
C GLY O 25 4.63 -52.89 65.16
N TYR O 26 5.01 -52.17 66.21
CA TYR O 26 4.08 -51.61 67.16
C TYR O 26 4.31 -50.12 67.31
N ALA O 27 3.22 -49.37 67.45
CA ALA O 27 3.28 -47.93 67.72
C ALA O 27 2.74 -47.68 69.13
N CYS O 28 3.55 -47.02 69.95
CA CYS O 28 3.20 -46.77 71.35
C CYS O 28 3.02 -45.28 71.58
N LEU O 29 2.23 -44.96 72.60
CA LEU O 29 1.93 -43.57 72.98
C LEU O 29 2.70 -43.27 74.26
N VAL O 30 3.78 -42.51 74.14
CA VAL O 30 4.62 -42.12 75.27
C VAL O 30 4.51 -40.62 75.44
N GLY O 31 4.19 -40.18 76.65
CA GLY O 31 4.02 -38.77 76.92
C GLY O 31 2.90 -38.17 76.10
N ASP O 32 3.26 -37.36 75.11
CA ASP O 32 2.28 -36.75 74.21
C ASP O 32 2.68 -36.93 72.74
N LYS O 33 3.50 -37.93 72.44
CA LYS O 33 4.01 -38.12 71.08
C LYS O 33 3.81 -39.57 70.66
N VAL O 34 3.25 -39.78 69.47
CA VAL O 34 3.20 -41.10 68.86
C VAL O 34 4.61 -41.55 68.53
N MET O 35 4.89 -42.83 68.74
CA MET O 35 6.20 -43.40 68.47
C MET O 35 6.09 -44.51 67.44
N LYS O 36 7.09 -44.58 66.55
CA LYS O 36 7.19 -45.64 65.56
C LYS O 36 8.59 -45.64 64.95
N PRO O 37 9.27 -46.78 64.90
CA PRO O 37 10.55 -46.84 64.19
C PRO O 37 10.36 -46.54 62.71
N ALA O 38 11.34 -45.85 62.13
CA ALA O 38 11.22 -45.42 60.75
C ALA O 38 11.40 -46.59 59.78
N HIS O 39 12.35 -47.48 60.07
CA HIS O 39 12.62 -48.59 59.15
C HIS O 39 11.46 -49.56 59.05
N VAL O 40 10.59 -49.60 60.06
CA VAL O 40 9.40 -50.43 60.00
C VAL O 40 8.36 -49.72 59.13
N LYS O 41 7.84 -50.42 58.13
CA LYS O 41 6.91 -49.86 57.18
C LYS O 41 5.52 -50.45 57.37
N GLY O 42 4.50 -49.60 57.26
CA GLY O 42 3.13 -50.06 57.41
C GLY O 42 2.23 -48.89 57.76
N VAL O 43 1.04 -49.23 58.25
CA VAL O 43 0.06 -48.26 58.68
C VAL O 43 -0.49 -48.69 60.04
N ILE O 44 -0.78 -47.72 60.90
CA ILE O 44 -1.28 -48.01 62.24
C ILE O 44 -2.69 -48.58 62.12
N ASP O 45 -2.96 -49.67 62.84
CA ASP O 45 -4.28 -50.28 62.86
C ASP O 45 -5.23 -49.47 63.75
N ASN O 46 -5.42 -48.21 63.35
CA ASN O 46 -6.26 -47.28 64.09
C ASN O 46 -6.61 -46.12 63.17
N ALA O 47 -7.91 -45.84 63.04
CA ALA O 47 -8.34 -44.80 62.11
C ALA O 47 -7.82 -43.42 62.53
N ASP O 48 -7.89 -43.11 63.83
CA ASP O 48 -7.47 -41.79 64.30
C ASP O 48 -5.98 -41.59 64.14
N LEU O 49 -5.17 -42.59 64.50
CA LEU O 49 -3.73 -42.46 64.46
C LEU O 49 -3.16 -42.57 63.06
N ALA O 50 -3.94 -43.03 62.08
CA ALA O 50 -3.42 -43.18 60.73
C ALA O 50 -3.31 -41.84 60.01
N LYS O 51 -4.13 -40.86 60.38
CA LYS O 51 -4.20 -39.60 59.66
C LYS O 51 -3.22 -38.56 60.19
N LEU O 52 -2.48 -38.85 61.25
CA LEU O 52 -1.53 -37.89 61.79
C LEU O 52 -0.35 -37.70 60.86
N ALA O 53 0.20 -36.48 60.85
CA ALA O 53 1.37 -36.15 60.07
C ALA O 53 2.62 -36.51 60.86
N PHE O 54 3.46 -37.35 60.28
CA PHE O 54 4.64 -37.88 60.97
C PHE O 54 5.88 -37.13 60.53
N LYS O 55 6.76 -36.86 61.49
CA LYS O 55 8.01 -36.14 61.25
C LYS O 55 9.16 -37.14 61.31
N LYS O 56 9.73 -37.46 60.15
CA LYS O 56 10.70 -38.53 60.02
C LYS O 56 12.11 -38.00 60.22
N SER O 57 12.95 -38.80 60.88
CA SER O 57 14.36 -38.45 61.08
C SER O 57 15.15 -39.76 61.02
N SER O 58 15.77 -40.01 59.86
CA SER O 58 16.49 -41.27 59.65
C SER O 58 17.76 -41.37 60.49
N LYS O 59 18.23 -40.27 61.07
CA LYS O 59 19.42 -40.34 61.93
C LYS O 59 19.16 -41.18 63.16
N TYR O 60 17.98 -41.04 63.76
CA TYR O 60 17.61 -41.80 64.95
C TYR O 60 16.64 -42.94 64.66
N ASP O 61 16.23 -43.10 63.41
CA ASP O 61 15.34 -44.20 63.00
C ASP O 61 14.03 -44.17 63.80
N LEU O 62 13.44 -42.99 63.91
CA LEU O 62 12.20 -42.83 64.66
C LEU O 62 11.31 -41.82 63.95
N GLU O 63 10.01 -42.10 63.95
CA GLU O 63 9.00 -41.20 63.40
C GLU O 63 8.02 -40.86 64.51
N CYS O 64 7.81 -39.56 64.74
CA CYS O 64 6.98 -39.10 65.83
C CYS O 64 5.94 -38.11 65.34
N ALA O 65 4.84 -38.03 66.08
CA ALA O 65 3.75 -37.11 65.77
C ALA O 65 3.01 -36.79 67.06
N GLN O 66 2.32 -35.66 67.06
CA GLN O 66 1.56 -35.24 68.24
C GLN O 66 0.30 -36.07 68.37
N ILE O 67 0.07 -36.64 69.55
CA ILE O 67 -1.07 -37.52 69.78
C ILE O 67 -2.35 -36.69 69.78
N PRO O 68 -3.48 -37.26 69.38
CA PRO O 68 -4.74 -36.52 69.44
C PRO O 68 -5.12 -36.19 70.87
N VAL O 69 -6.02 -35.22 71.01
CA VAL O 69 -6.39 -34.73 72.33
C VAL O 69 -7.14 -35.80 73.13
N HIS O 70 -7.96 -36.61 72.46
CA HIS O 70 -8.83 -37.55 73.16
C HIS O 70 -8.14 -38.88 73.49
N MET O 71 -6.91 -39.10 73.01
CA MET O 71 -6.12 -40.25 73.43
C MET O 71 -5.02 -39.87 74.41
N ARG O 72 -5.01 -38.62 74.90
CA ARG O 72 -3.93 -38.20 75.78
C ARG O 72 -3.96 -38.93 77.13
N SER O 73 -5.15 -39.19 77.67
CA SER O 73 -5.26 -39.86 78.95
C SER O 73 -4.95 -41.36 78.87
N ASP O 74 -4.89 -41.92 77.67
CA ASP O 74 -4.59 -43.34 77.48
C ASP O 74 -3.16 -43.54 76.99
N ALA O 75 -2.23 -42.73 77.48
CA ALA O 75 -0.83 -42.80 77.08
C ALA O 75 0.05 -43.00 78.31
N SER O 76 1.18 -43.66 78.10
CA SER O 76 2.09 -43.96 79.19
C SER O 76 2.81 -42.70 79.66
N LYS O 77 3.53 -42.84 80.78
CA LYS O 77 4.39 -41.79 81.29
C LYS O 77 5.83 -42.28 81.29
N TYR O 78 6.76 -41.34 81.14
CA TYR O 78 8.14 -41.63 80.79
C TYR O 78 9.09 -41.17 81.90
N THR O 79 10.37 -41.46 81.71
CA THR O 79 11.44 -41.03 82.59
C THR O 79 12.75 -41.08 81.81
N HIS O 80 13.77 -40.46 82.38
CA HIS O 80 15.09 -40.42 81.74
C HIS O 80 16.20 -40.94 82.65
N GLU O 81 15.86 -41.61 83.74
CA GLU O 81 16.85 -42.16 84.66
C GLU O 81 17.00 -43.65 84.42
N LYS O 82 18.24 -44.11 84.36
CA LYS O 82 18.56 -45.51 84.08
C LYS O 82 19.56 -46.03 85.10
N PRO O 83 19.13 -46.25 86.34
CA PRO O 83 20.03 -46.87 87.32
C PRO O 83 20.32 -48.30 86.95
N GLU O 84 21.49 -48.78 87.39
CA GLU O 84 21.88 -50.16 87.13
C GLU O 84 20.92 -51.12 87.83
N GLY O 85 20.59 -52.20 87.14
CA GLY O 85 19.70 -53.20 87.70
C GLY O 85 19.01 -53.96 86.59
N HIS O 86 17.70 -54.18 86.77
CA HIS O 86 16.88 -54.92 85.83
C HIS O 86 15.62 -54.13 85.53
N TYR O 87 15.07 -54.36 84.33
CA TYR O 87 13.87 -53.67 83.90
C TYR O 87 12.90 -54.68 83.28
N ASN O 88 11.61 -54.35 83.35
CA ASN O 88 10.58 -55.24 82.84
C ASN O 88 10.45 -55.12 81.33
N TRP O 89 9.81 -56.11 80.73
CA TRP O 89 9.56 -56.14 79.30
C TRP O 89 8.42 -57.11 79.02
N HIS O 90 7.81 -56.96 77.85
CA HIS O 90 6.74 -57.87 77.45
C HIS O 90 7.23 -59.29 77.23
N HIS O 91 8.52 -59.47 76.93
CA HIS O 91 9.09 -60.79 76.72
C HIS O 91 9.95 -61.26 77.89
N GLY O 92 9.70 -60.71 79.08
CA GLY O 92 10.42 -61.11 80.28
C GLY O 92 11.10 -59.93 80.94
N ALA O 93 12.36 -60.14 81.34
CA ALA O 93 13.16 -59.13 82.00
C ALA O 93 14.42 -58.87 81.20
N VAL O 94 14.91 -57.64 81.25
CA VAL O 94 16.10 -57.22 80.52
C VAL O 94 17.16 -56.78 81.53
N GLN O 95 18.41 -57.13 81.23
CA GLN O 95 19.54 -56.80 82.09
C GLN O 95 20.22 -55.54 81.56
N TYR O 96 20.29 -54.51 82.41
CA TYR O 96 20.93 -53.24 82.06
C TYR O 96 22.25 -53.17 82.84
N SER O 97 23.36 -53.35 82.14
CA SER O 97 24.68 -53.31 82.77
C SER O 97 25.64 -52.55 81.87
N GLY O 98 26.31 -51.56 82.44
CA GLY O 98 27.29 -50.78 81.69
C GLY O 98 26.71 -50.05 80.50
N GLY O 99 25.51 -49.49 80.65
CA GLY O 99 24.88 -48.79 79.54
C GLY O 99 24.44 -49.69 78.41
N ARG O 100 24.21 -50.98 78.66
CA ARG O 100 23.84 -51.94 77.65
C ARG O 100 22.54 -52.63 78.03
N PHE O 101 21.67 -52.83 77.05
CA PHE O 101 20.44 -53.60 77.21
C PHE O 101 20.67 -54.99 76.63
N THR O 102 20.49 -56.02 77.46
CA THR O 102 20.82 -57.39 77.07
C THR O 102 19.63 -58.29 77.33
N ILE O 103 19.36 -59.19 76.38
CA ILE O 103 18.27 -60.16 76.47
C ILE O 103 18.84 -61.45 77.05
N PRO O 104 18.37 -61.91 78.21
CA PRO O 104 18.95 -63.12 78.81
C PRO O 104 18.83 -64.35 77.94
N THR O 105 17.73 -64.51 77.21
CA THR O 105 17.48 -65.75 76.47
C THR O 105 17.65 -65.59 74.96
N GLY O 106 17.76 -64.36 74.46
CA GLY O 106 17.76 -64.16 73.02
C GLY O 106 16.47 -64.59 72.37
N ALA O 107 15.34 -64.26 72.99
CA ALA O 107 14.03 -64.67 72.53
C ALA O 107 13.39 -63.64 71.59
N GLY O 108 14.11 -62.58 71.23
CA GLY O 108 13.54 -61.58 70.35
C GLY O 108 13.25 -62.15 68.97
N LYS O 109 12.19 -61.64 68.35
CA LYS O 109 11.75 -62.10 67.05
C LYS O 109 11.52 -60.91 66.13
N PRO O 110 11.82 -61.06 64.83
CA PRO O 110 11.53 -59.97 63.89
C PRO O 110 10.04 -59.65 63.88
N GLY O 111 9.74 -58.36 63.69
CA GLY O 111 8.37 -57.88 63.77
C GLY O 111 7.95 -57.39 65.13
N ASP O 112 8.79 -57.56 66.15
CA ASP O 112 8.49 -57.11 67.50
C ASP O 112 9.09 -55.73 67.80
N SER O 113 9.63 -55.06 66.79
CA SER O 113 10.15 -53.71 67.00
C SER O 113 9.02 -52.75 67.35
N GLY O 114 9.32 -51.82 68.25
CA GLY O 114 8.34 -50.87 68.73
C GLY O 114 7.72 -51.20 70.06
N ARG O 115 8.23 -52.22 70.77
CA ARG O 115 7.72 -52.56 72.09
C ARG O 115 8.54 -51.85 73.14
N PRO O 116 7.96 -50.93 73.91
CA PRO O 116 8.74 -50.19 74.89
C PRO O 116 9.28 -51.07 76.00
N ILE O 117 10.43 -50.67 76.53
CA ILE O 117 11.02 -51.28 77.72
C ILE O 117 10.59 -50.46 78.93
N PHE O 118 9.98 -51.12 79.90
CA PHE O 118 9.38 -50.40 81.02
C PHE O 118 10.33 -50.32 82.21
N ASP O 119 10.02 -49.39 83.11
CA ASP O 119 10.77 -49.21 84.34
C ASP O 119 10.15 -50.07 85.45
N ASN O 120 10.76 -50.02 86.63
CA ASN O 120 10.20 -50.73 87.78
C ASN O 120 8.92 -50.09 88.27
N LYS O 121 8.69 -48.82 87.94
CA LYS O 121 7.50 -48.09 88.37
C LYS O 121 6.45 -48.00 87.29
N GLY O 122 6.61 -48.74 86.19
CA GLY O 122 5.67 -48.69 85.08
C GLY O 122 5.94 -47.63 84.06
N ARG O 123 6.99 -46.83 84.23
CA ARG O 123 7.33 -45.79 83.26
C ARG O 123 8.13 -46.38 82.11
N VAL O 124 8.11 -45.68 80.98
CA VAL O 124 8.85 -46.10 79.79
C VAL O 124 10.26 -45.53 79.86
N VAL O 125 11.24 -46.31 79.40
CA VAL O 125 12.63 -45.90 79.40
C VAL O 125 13.17 -45.75 77.99
N ALA O 126 12.90 -46.72 77.12
CA ALA O 126 13.47 -46.71 75.77
C ALA O 126 12.59 -47.55 74.86
N ILE O 127 12.80 -47.38 73.55
CA ILE O 127 12.05 -48.09 72.52
C ILE O 127 13.02 -48.94 71.72
N VAL O 128 12.73 -50.23 71.60
CA VAL O 128 13.64 -51.18 70.97
C VAL O 128 13.54 -51.09 69.46
N LEU O 129 14.66 -51.34 68.79
CA LEU O 129 14.71 -51.41 67.33
C LEU O 129 15.11 -52.79 66.83
N GLY O 130 16.22 -53.32 67.33
CA GLY O 130 16.70 -54.63 66.89
C GLY O 130 17.66 -55.19 67.92
N GLY O 131 18.13 -56.41 67.64
CA GLY O 131 18.99 -57.11 68.56
C GLY O 131 20.21 -57.69 67.87
N ALA O 132 21.31 -57.71 68.61
CA ALA O 132 22.58 -58.27 68.15
C ALA O 132 22.88 -59.54 68.95
N ASN O 133 23.14 -60.63 68.24
CA ASN O 133 23.34 -61.93 68.86
C ASN O 133 24.77 -62.01 69.38
N GLU O 134 24.94 -61.95 70.70
CA GLU O 134 26.23 -62.10 71.35
C GLU O 134 26.22 -63.40 72.15
N GLY O 135 26.59 -64.48 71.49
CA GLY O 135 26.58 -65.79 72.15
C GLY O 135 25.18 -66.15 72.58
N SER O 136 25.07 -66.65 73.81
CA SER O 136 23.76 -67.02 74.36
C SER O 136 22.86 -65.81 74.57
N ARG O 137 23.43 -64.65 74.94
CA ARG O 137 22.68 -63.43 75.14
C ARG O 137 22.38 -62.77 73.80
N THR O 138 21.73 -61.61 73.88
CA THR O 138 21.39 -60.82 72.69
C THR O 138 21.27 -59.37 73.11
N ALA O 139 22.28 -58.56 72.77
CA ALA O 139 22.24 -57.14 73.07
C ALA O 139 21.15 -56.46 72.24
N LEU O 140 20.63 -55.36 72.76
CA LEU O 140 19.52 -54.65 72.15
C LEU O 140 19.99 -53.35 71.52
N SER O 141 19.63 -53.14 70.26
CA SER O 141 19.79 -51.84 69.61
C SER O 141 18.54 -51.03 69.90
N VAL O 142 18.67 -50.04 70.78
CA VAL O 142 17.51 -49.39 71.39
C VAL O 142 17.66 -47.88 71.27
N VAL O 143 16.52 -47.19 71.28
CA VAL O 143 16.47 -45.73 71.22
C VAL O 143 16.14 -45.23 72.61
N THR O 144 17.15 -44.69 73.29
CA THR O 144 17.01 -44.23 74.67
C THR O 144 16.99 -42.70 74.69
N TRP O 145 16.89 -42.14 75.89
CA TRP O 145 16.70 -40.71 76.07
C TRP O 145 17.72 -40.14 77.05
N ASN O 146 18.15 -38.91 76.79
CA ASN O 146 18.79 -38.08 77.80
C ASN O 146 17.72 -37.21 78.46
N LYS O 147 18.15 -36.18 79.19
CA LYS O 147 17.20 -35.26 79.79
C LYS O 147 16.30 -34.62 78.74
N ASP O 148 16.87 -34.23 77.60
CA ASP O 148 16.09 -33.69 76.49
C ASP O 148 16.54 -34.17 75.12
N MET O 149 17.51 -35.09 75.04
CA MET O 149 18.08 -35.52 73.78
C MET O 149 17.83 -37.00 73.54
N VAL O 150 17.35 -37.33 72.35
CA VAL O 150 17.23 -38.71 71.92
C VAL O 150 18.60 -39.20 71.48
N THR O 151 19.00 -40.36 72.00
CA THR O 151 20.24 -41.01 71.61
C THR O 151 19.96 -42.42 71.14
N ARG O 152 20.51 -42.79 69.99
CA ARG O 152 20.32 -44.10 69.42
C ARG O 152 21.55 -44.95 69.72
N VAL O 153 21.37 -45.99 70.53
CA VAL O 153 22.44 -46.90 70.90
C VAL O 153 22.35 -48.14 70.03
N THR O 154 23.43 -48.47 69.35
CA THR O 154 23.47 -49.59 68.41
C THR O 154 24.74 -50.41 68.64
N PRO O 155 24.63 -51.58 69.26
CA PRO O 155 25.80 -52.45 69.38
C PRO O 155 26.21 -53.02 68.04
N GLU O 156 27.48 -53.40 67.95
CA GLU O 156 28.02 -53.95 66.71
C GLU O 156 27.30 -55.24 66.32
N GLY O 157 26.98 -55.35 65.04
CA GLY O 157 26.31 -56.54 64.54
C GLY O 157 24.81 -56.58 64.76
N SER O 158 24.19 -55.47 65.12
CA SER O 158 22.75 -55.45 65.33
C SER O 158 22.01 -55.65 64.01
N GLU O 159 20.87 -56.34 64.09
CA GLU O 159 20.00 -56.56 62.95
C GLU O 159 18.64 -55.95 63.27
N GLU O 160 18.09 -55.20 62.31
CA GLU O 160 16.83 -54.50 62.51
C GLU O 160 15.68 -55.51 62.48
N TRP O 161 15.05 -55.72 63.62
CA TRP O 161 13.93 -56.64 63.71
C TRP O 161 12.71 -56.08 62.98
N LYS P 1 -11.61 -34.52 108.38
CA LYS P 1 -10.55 -33.69 108.93
C LYS P 1 -10.03 -32.71 107.89
N ARG P 2 -9.23 -33.22 106.94
CA ARG P 2 -8.71 -32.37 105.88
C ARG P 2 -9.83 -31.83 105.00
N GLU P 3 -10.82 -32.67 104.67
CA GLU P 3 -11.94 -32.22 103.87
C GLU P 3 -12.74 -31.14 104.59
N ARG P 4 -12.97 -31.31 105.89
CA ARG P 4 -13.74 -30.33 106.65
C ARG P 4 -13.00 -28.99 106.71
N MET P 5 -11.69 -29.02 106.96
CA MET P 5 -10.92 -27.79 106.99
C MET P 5 -10.92 -27.12 105.62
N CYS P 6 -10.77 -27.91 104.55
CA CYS P 6 -10.75 -27.34 103.21
C CYS P 6 -12.08 -26.69 102.87
N MET P 7 -13.20 -27.35 103.22
CA MET P 7 -14.49 -26.75 102.90
C MET P 7 -14.78 -25.54 103.76
N LYS P 8 -14.31 -25.53 105.02
CA LYS P 8 -14.45 -24.33 105.83
C LYS P 8 -13.65 -23.16 105.25
N ILE P 9 -12.42 -23.43 104.79
CA ILE P 9 -11.62 -22.39 104.17
C ILE P 9 -12.29 -21.89 102.89
N GLU P 10 -12.85 -22.80 102.09
CA GLU P 10 -13.57 -22.39 100.88
C GLU P 10 -14.77 -21.53 101.23
N ASN P 11 -15.49 -21.88 102.30
CA ASN P 11 -16.61 -21.06 102.74
C ASN P 11 -16.15 -19.67 103.16
N ASP P 12 -15.02 -19.58 103.84
CA ASP P 12 -14.51 -18.30 104.32
C ASP P 12 -13.78 -17.50 103.25
N CYS P 13 -13.43 -18.09 102.11
CA CYS P 13 -12.59 -17.43 101.13
C CYS P 13 -13.11 -17.58 99.71
N ILE P 14 -14.43 -17.65 99.53
CA ILE P 14 -15.04 -17.67 98.21
C ILE P 14 -16.29 -16.81 98.23
N PHE P 15 -16.43 -15.95 97.22
CA PHE P 15 -17.60 -15.10 97.07
C PHE P 15 -18.18 -15.33 95.68
N GLU P 16 -19.49 -15.61 95.62
CA GLU P 16 -20.15 -15.93 94.37
C GLU P 16 -20.29 -14.68 93.50
N VAL P 17 -20.12 -14.87 92.20
CA VAL P 17 -20.32 -13.81 91.21
C VAL P 17 -21.53 -14.18 90.36
N LYS P 18 -22.58 -13.36 90.42
CA LYS P 18 -23.83 -13.65 89.75
C LYS P 18 -24.06 -12.65 88.63
N HIS P 19 -24.51 -13.17 87.48
CA HIS P 19 -24.89 -12.34 86.34
C HIS P 19 -26.31 -12.68 85.94
N GLU P 20 -27.16 -11.66 85.81
CA GLU P 20 -28.57 -11.82 85.50
C GLU P 20 -29.28 -12.71 86.52
N GLY P 21 -28.80 -12.72 87.75
CA GLY P 21 -29.39 -13.48 88.82
C GLY P 21 -28.82 -14.87 89.01
N LYS P 22 -28.03 -15.38 88.06
CA LYS P 22 -27.45 -16.71 88.15
C LYS P 22 -25.94 -16.60 88.27
N VAL P 23 -25.36 -17.47 89.09
CA VAL P 23 -23.92 -17.44 89.35
C VAL P 23 -23.18 -17.97 88.12
N THR P 24 -22.07 -17.31 87.78
CA THR P 24 -21.24 -17.71 86.66
C THR P 24 -19.78 -17.95 87.01
N GLY P 25 -19.30 -17.47 88.16
CA GLY P 25 -17.93 -17.67 88.55
C GLY P 25 -17.74 -17.35 90.02
N TYR P 26 -16.52 -17.57 90.49
CA TYR P 26 -16.18 -17.34 91.90
C TYR P 26 -14.90 -16.54 91.99
N ALA P 27 -14.88 -15.56 92.88
CA ALA P 27 -13.70 -14.78 93.20
C ALA P 27 -13.21 -15.17 94.59
N CYS P 28 -11.92 -15.45 94.70
CA CYS P 28 -11.35 -16.00 95.93
C CYS P 28 -10.32 -15.05 96.51
N LEU P 29 -10.19 -15.09 97.83
CA LEU P 29 -9.18 -14.33 98.55
C LEU P 29 -7.93 -15.18 98.72
N VAL P 30 -6.82 -14.70 98.18
CA VAL P 30 -5.52 -15.35 98.32
C VAL P 30 -4.53 -14.33 98.85
N GLY P 31 -3.85 -14.67 99.94
CA GLY P 31 -2.88 -13.76 100.53
C GLY P 31 -3.49 -12.45 100.94
N ASP P 32 -3.19 -11.38 100.21
CA ASP P 32 -3.74 -10.06 100.46
C ASP P 32 -4.25 -9.41 99.18
N LYS P 33 -4.67 -10.23 98.20
CA LYS P 33 -5.13 -9.72 96.92
C LYS P 33 -6.36 -10.50 96.46
N VAL P 34 -7.37 -9.77 96.00
CA VAL P 34 -8.55 -10.37 95.42
C VAL P 34 -8.23 -10.87 94.02
N MET P 35 -8.53 -12.13 93.75
CA MET P 35 -8.26 -12.73 92.45
C MET P 35 -9.55 -13.28 91.87
N LYS P 36 -9.83 -12.93 90.62
CA LYS P 36 -10.99 -13.44 89.89
C LYS P 36 -10.59 -13.66 88.44
N PRO P 37 -11.07 -14.73 87.81
CA PRO P 37 -10.84 -14.90 86.37
C PRO P 37 -11.40 -13.73 85.59
N ALA P 38 -10.67 -13.28 84.58
CA ALA P 38 -11.11 -12.14 83.78
C ALA P 38 -12.20 -12.53 82.79
N HIS P 39 -12.17 -13.76 82.27
CA HIS P 39 -13.10 -14.12 81.20
C HIS P 39 -14.54 -14.19 81.68
N VAL P 40 -14.76 -14.50 82.95
CA VAL P 40 -16.12 -14.53 83.48
C VAL P 40 -16.65 -13.11 83.58
N LYS P 41 -17.97 -12.98 83.53
CA LYS P 41 -18.64 -11.69 83.62
C LYS P 41 -19.67 -11.71 84.74
N GLY P 42 -19.78 -10.59 85.44
CA GLY P 42 -20.70 -10.47 86.54
C GLY P 42 -20.15 -9.55 87.61
N VAL P 43 -20.83 -9.53 88.75
CA VAL P 43 -20.45 -8.69 89.87
C VAL P 43 -20.38 -9.56 91.12
N ILE P 44 -19.43 -9.22 91.99
CA ILE P 44 -19.22 -9.98 93.23
C ILE P 44 -20.31 -9.63 94.23
N ASP P 45 -20.87 -10.65 94.87
CA ASP P 45 -21.90 -10.47 95.89
C ASP P 45 -21.27 -9.98 97.20
N ASN P 46 -20.72 -8.77 97.14
CA ASN P 46 -20.08 -8.16 98.30
C ASN P 46 -19.95 -6.66 98.03
N ALA P 47 -20.43 -5.85 98.97
CA ALA P 47 -20.37 -4.40 98.79
C ALA P 47 -18.93 -3.91 98.76
N ASP P 48 -18.07 -4.45 99.63
CA ASP P 48 -16.70 -3.99 99.69
C ASP P 48 -15.90 -4.46 98.48
N LEU P 49 -16.12 -5.69 98.02
CA LEU P 49 -15.33 -6.22 96.92
C LEU P 49 -15.74 -5.62 95.59
N ALA P 50 -17.05 -5.39 95.39
CA ALA P 50 -17.54 -4.91 94.11
C ALA P 50 -17.11 -3.47 93.82
N LYS P 51 -16.75 -2.71 94.84
CA LYS P 51 -16.39 -1.31 94.65
C LYS P 51 -14.91 -1.09 94.39
N LEU P 52 -14.10 -2.14 94.44
CA LEU P 52 -12.67 -1.98 94.24
C LEU P 52 -12.34 -1.75 92.77
N ALA P 53 -11.12 -1.30 92.51
CA ALA P 53 -10.63 -1.09 91.16
C ALA P 53 -9.86 -2.34 90.73
N PHE P 54 -10.41 -3.07 89.77
CA PHE P 54 -9.86 -4.35 89.35
C PHE P 54 -8.87 -4.14 88.21
N LYS P 55 -7.61 -4.46 88.45
CA LYS P 55 -6.60 -4.41 87.40
C LYS P 55 -6.89 -5.50 86.38
N LYS P 56 -6.65 -5.19 85.11
CA LYS P 56 -6.96 -6.08 84.00
C LYS P 56 -5.70 -6.51 83.27
N SER P 57 -5.69 -7.77 82.85
CA SER P 57 -4.60 -8.30 82.02
C SER P 57 -5.15 -9.46 81.21
N SER P 58 -5.17 -9.30 79.89
CA SER P 58 -5.74 -10.33 79.02
C SER P 58 -4.80 -11.50 78.79
N LYS P 59 -3.49 -11.31 79.00
CA LYS P 59 -2.55 -12.40 78.75
C LYS P 59 -2.77 -13.56 79.72
N TYR P 60 -2.99 -13.25 80.99
CA TYR P 60 -3.20 -14.28 82.02
C TYR P 60 -4.67 -14.51 82.32
N ASP P 61 -5.57 -13.75 81.70
CA ASP P 61 -7.01 -13.91 81.90
C ASP P 61 -7.38 -13.81 83.38
N LEU P 62 -6.75 -12.86 84.08
CA LEU P 62 -6.91 -12.74 85.52
C LEU P 62 -7.18 -11.29 85.90
N GLU P 63 -8.04 -11.10 86.89
CA GLU P 63 -8.29 -9.80 87.50
C GLU P 63 -7.77 -9.81 88.92
N CYS P 64 -7.07 -8.75 89.31
CA CYS P 64 -6.51 -8.65 90.65
C CYS P 64 -6.81 -7.29 91.25
N ALA P 65 -6.89 -7.26 92.58
CA ALA P 65 -7.11 -6.03 93.32
C ALA P 65 -6.62 -6.24 94.75
N GLN P 66 -6.40 -5.13 95.45
CA GLN P 66 -5.94 -5.18 96.82
C GLN P 66 -7.12 -5.26 97.77
N ILE P 67 -7.05 -6.18 98.73
CA ILE P 67 -8.15 -6.40 99.67
C ILE P 67 -8.13 -5.31 100.74
N PRO P 68 -9.28 -4.97 101.32
CA PRO P 68 -9.28 -4.03 102.45
C PRO P 68 -8.71 -4.68 103.70
N VAL P 69 -8.48 -3.84 104.71
CA VAL P 69 -7.78 -4.30 105.91
C VAL P 69 -8.63 -5.29 106.69
N HIS P 70 -9.95 -5.09 106.74
CA HIS P 70 -10.79 -5.87 107.65
C HIS P 70 -11.17 -7.24 107.11
N MET P 71 -10.70 -7.61 105.91
CA MET P 71 -10.81 -8.98 105.44
C MET P 71 -9.45 -9.66 105.29
N ARG P 72 -8.39 -9.08 105.84
CA ARG P 72 -7.08 -9.71 105.75
C ARG P 72 -7.04 -11.02 106.54
N SER P 73 -7.67 -11.05 107.72
CA SER P 73 -7.70 -12.27 108.52
C SER P 73 -8.59 -13.34 107.91
N ASP P 74 -9.42 -13.00 106.93
CA ASP P 74 -10.32 -13.95 106.27
C ASP P 74 -9.82 -14.36 104.90
N ALA P 75 -8.50 -14.44 104.73
CA ALA P 75 -7.89 -14.79 103.46
C ALA P 75 -6.98 -16.00 103.62
N SER P 76 -6.91 -16.81 102.57
CA SER P 76 -6.10 -18.02 102.60
C SER P 76 -4.62 -17.67 102.62
N LYS P 77 -3.79 -18.70 102.82
CA LYS P 77 -2.34 -18.56 102.81
C LYS P 77 -1.80 -19.22 101.56
N TYR P 78 -0.94 -18.50 100.84
CA TYR P 78 -0.47 -18.92 99.53
C TYR P 78 0.84 -19.68 99.63
N THR P 79 1.24 -20.27 98.51
CA THR P 79 2.51 -20.99 98.40
C THR P 79 2.88 -21.10 96.93
N HIS P 80 4.11 -21.53 96.68
CA HIS P 80 4.61 -21.67 95.32
C HIS P 80 5.19 -23.05 95.01
N GLU P 81 5.28 -23.95 95.99
CA GLU P 81 5.83 -25.27 95.78
C GLU P 81 4.76 -26.21 95.25
N LYS P 82 5.11 -27.00 94.25
CA LYS P 82 4.18 -27.93 93.59
C LYS P 82 4.83 -29.30 93.49
N PRO P 83 4.89 -30.04 94.60
CA PRO P 83 5.37 -31.43 94.52
C PRO P 83 4.36 -32.31 93.80
N GLU P 84 4.88 -33.39 93.23
CA GLU P 84 4.02 -34.36 92.54
C GLU P 84 3.14 -35.10 93.54
N GLY P 85 1.91 -35.39 93.13
CA GLY P 85 1.01 -36.15 93.98
C GLY P 85 -0.46 -35.77 93.86
N HIS P 86 -1.15 -35.71 95.00
CA HIS P 86 -2.58 -35.44 95.05
C HIS P 86 -2.84 -34.12 95.75
N TYR P 87 -3.86 -33.40 95.30
CA TYR P 87 -4.25 -32.13 95.89
C TYR P 87 -5.76 -32.10 96.06
N ASN P 88 -6.21 -31.35 97.05
CA ASN P 88 -7.64 -31.27 97.34
C ASN P 88 -8.33 -30.33 96.35
N TRP P 89 -9.66 -30.46 96.29
CA TRP P 89 -10.49 -29.61 95.45
C TRP P 89 -11.92 -29.69 95.98
N HIS P 90 -12.75 -28.77 95.50
CA HIS P 90 -14.14 -28.75 95.96
C HIS P 90 -14.92 -29.94 95.45
N HIS P 91 -14.72 -30.34 94.19
CA HIS P 91 -15.45 -31.45 93.60
C HIS P 91 -14.69 -32.76 93.69
N GLY P 92 -13.76 -32.87 94.64
CA GLY P 92 -13.00 -34.09 94.82
C GLY P 92 -11.54 -33.84 95.08
N ALA P 93 -10.68 -34.74 94.63
CA ALA P 93 -9.23 -34.60 94.76
C ALA P 93 -8.61 -34.60 93.37
N VAL P 94 -7.72 -33.64 93.13
CA VAL P 94 -7.08 -33.48 91.83
C VAL P 94 -5.68 -34.10 91.90
N GLN P 95 -5.19 -34.51 90.74
CA GLN P 95 -3.92 -35.22 90.63
C GLN P 95 -2.93 -34.38 89.83
N TYR P 96 -1.71 -34.27 90.35
CA TYR P 96 -0.63 -33.54 89.70
C TYR P 96 0.37 -34.56 89.17
N SER P 97 0.44 -34.68 87.84
CA SER P 97 1.32 -35.65 87.19
C SER P 97 1.88 -35.06 85.93
N GLY P 98 3.21 -34.94 85.86
CA GLY P 98 3.87 -34.46 84.66
C GLY P 98 3.57 -33.02 84.30
N GLY P 99 3.60 -32.11 85.27
CA GLY P 99 3.35 -30.71 84.99
C GLY P 99 1.93 -30.40 84.55
N ARG P 100 0.97 -31.25 84.89
CA ARG P 100 -0.41 -31.07 84.49
C ARG P 100 -1.32 -31.28 85.70
N PHE P 101 -2.44 -30.55 85.71
CA PHE P 101 -3.50 -30.74 86.68
C PHE P 101 -4.66 -31.44 85.97
N THR P 102 -4.99 -32.64 86.44
CA THR P 102 -6.02 -33.46 85.82
C THR P 102 -7.07 -33.84 86.85
N ILE P 103 -8.29 -34.08 86.36
CA ILE P 103 -9.43 -34.39 87.22
C ILE P 103 -9.69 -35.90 87.13
N PRO P 104 -9.61 -36.63 88.25
CA PRO P 104 -10.02 -38.05 88.20
C PRO P 104 -11.48 -38.24 87.82
N THR P 105 -12.37 -37.36 88.27
CA THR P 105 -13.80 -37.58 88.05
C THR P 105 -14.23 -37.29 86.62
N GLY P 106 -13.61 -36.31 85.97
CA GLY P 106 -14.05 -35.92 84.65
C GLY P 106 -15.46 -35.35 84.63
N ALA P 107 -15.86 -34.64 85.68
CA ALA P 107 -17.18 -34.04 85.79
C ALA P 107 -17.13 -32.52 85.74
N GLY P 108 -16.14 -31.95 85.06
CA GLY P 108 -16.03 -30.51 84.92
C GLY P 108 -17.24 -29.88 84.26
N LYS P 109 -17.77 -28.83 84.86
CA LYS P 109 -18.97 -28.16 84.37
C LYS P 109 -18.74 -26.67 84.32
N PRO P 110 -19.32 -25.98 83.34
CA PRO P 110 -19.22 -24.52 83.30
C PRO P 110 -19.84 -23.91 84.55
N GLY P 111 -19.22 -22.82 85.02
CA GLY P 111 -19.63 -22.16 86.23
C GLY P 111 -18.79 -22.46 87.45
N ASP P 112 -17.79 -23.33 87.32
CA ASP P 112 -16.89 -23.65 88.43
C ASP P 112 -15.56 -22.91 88.33
N SER P 113 -15.44 -21.94 87.43
CA SER P 113 -14.18 -21.24 87.25
C SER P 113 -13.88 -20.34 88.44
N GLY P 114 -12.60 -20.29 88.82
CA GLY P 114 -12.15 -19.45 89.90
C GLY P 114 -11.97 -20.13 91.24
N ARG P 115 -12.45 -21.36 91.39
CA ARG P 115 -12.32 -22.04 92.67
C ARG P 115 -10.88 -22.48 92.90
N PRO P 116 -10.26 -22.09 94.00
CA PRO P 116 -8.84 -22.42 94.22
C PRO P 116 -8.62 -23.92 94.33
N ILE P 117 -7.43 -24.34 93.92
CA ILE P 117 -6.97 -25.72 94.08
C ILE P 117 -6.07 -25.76 95.31
N PHE P 118 -6.43 -26.60 96.28
CA PHE P 118 -5.83 -26.55 97.61
C PHE P 118 -4.73 -27.60 97.77
N ASP P 119 -3.86 -27.35 98.75
CA ASP P 119 -2.76 -28.23 99.08
C ASP P 119 -3.12 -29.09 100.29
N ASN P 120 -2.18 -29.93 100.71
CA ASN P 120 -2.41 -30.80 101.85
C ASN P 120 -2.60 -29.99 103.14
N LYS P 121 -1.79 -28.96 103.33
CA LYS P 121 -1.84 -28.16 104.55
C LYS P 121 -2.83 -27.00 104.45
N GLY P 122 -3.73 -27.03 103.47
CA GLY P 122 -4.69 -25.97 103.30
C GLY P 122 -4.21 -24.82 102.43
N ARG P 123 -2.96 -24.83 102.01
CA ARG P 123 -2.44 -23.78 101.14
C ARG P 123 -3.08 -23.87 99.76
N VAL P 124 -3.05 -22.75 99.04
CA VAL P 124 -3.60 -22.66 97.70
C VAL P 124 -2.46 -22.80 96.69
N VAL P 125 -2.73 -23.51 95.60
CA VAL P 125 -1.71 -23.80 94.59
C VAL P 125 -1.95 -23.01 93.31
N ALA P 126 -3.16 -23.11 92.75
CA ALA P 126 -3.47 -22.47 91.49
C ALA P 126 -4.92 -22.03 91.49
N ILE P 127 -5.42 -21.61 90.33
CA ILE P 127 -6.80 -21.18 90.17
C ILE P 127 -7.35 -21.80 88.90
N VAL P 128 -8.57 -22.32 88.98
CA VAL P 128 -9.17 -23.06 87.88
C VAL P 128 -9.82 -22.09 86.90
N LEU P 129 -9.49 -22.25 85.62
CA LEU P 129 -10.14 -21.51 84.54
C LEU P 129 -10.98 -22.41 83.64
N GLY P 130 -10.40 -23.51 83.16
CA GLY P 130 -11.13 -24.41 82.28
C GLY P 130 -10.35 -25.70 82.11
N GLY P 131 -10.93 -26.61 81.32
CA GLY P 131 -10.32 -27.89 81.09
C GLY P 131 -10.53 -28.36 79.67
N ALA P 132 -9.71 -29.32 79.26
CA ALA P 132 -9.75 -29.92 77.94
C ALA P 132 -10.13 -31.39 78.07
N ASN P 133 -11.07 -31.83 77.25
CA ASN P 133 -11.66 -33.16 77.41
C ASN P 133 -10.62 -34.22 77.05
N GLU P 134 -10.02 -34.82 78.07
CA GLU P 134 -9.05 -35.90 77.91
C GLU P 134 -9.76 -37.26 77.96
N GLY P 135 -10.82 -37.39 77.19
CA GLY P 135 -11.63 -38.59 77.23
C GLY P 135 -12.30 -38.80 78.57
N SER P 136 -11.87 -39.80 79.32
CA SER P 136 -12.39 -40.02 80.66
C SER P 136 -11.90 -38.98 81.66
N ARG P 137 -10.77 -38.34 81.39
CA ARG P 137 -10.22 -37.29 82.24
C ARG P 137 -10.38 -35.95 81.53
N THR P 138 -9.98 -34.87 82.19
CA THR P 138 -9.80 -33.59 81.52
C THR P 138 -8.57 -32.92 82.12
N ALA P 139 -7.75 -32.33 81.26
CA ALA P 139 -6.58 -31.59 81.71
C ALA P 139 -6.98 -30.14 82.00
N LEU P 140 -6.69 -29.68 83.21
CA LEU P 140 -7.13 -28.36 83.66
C LEU P 140 -6.22 -27.27 83.12
N SER P 141 -6.82 -26.15 82.75
CA SER P 141 -6.09 -24.93 82.38
C SER P 141 -6.11 -24.01 83.60
N VAL P 142 -5.02 -24.00 84.35
CA VAL P 142 -4.96 -23.32 85.63
C VAL P 142 -3.91 -22.23 85.59
N VAL P 143 -4.10 -21.23 86.45
CA VAL P 143 -3.15 -20.14 86.64
C VAL P 143 -2.45 -20.36 87.97
N THR P 144 -1.15 -20.61 87.91
CA THR P 144 -0.34 -20.85 89.10
C THR P 144 0.59 -19.67 89.33
N TRP P 145 1.45 -19.80 90.33
CA TRP P 145 2.45 -18.79 90.64
C TRP P 145 3.82 -19.43 90.78
N ASN P 146 4.84 -18.77 90.25
CA ASN P 146 6.22 -19.15 90.50
C ASN P 146 6.67 -18.52 91.81
N LYS P 147 7.98 -18.50 92.05
CA LYS P 147 8.51 -17.82 93.23
C LYS P 147 8.04 -16.36 93.27
N ASP P 148 8.16 -15.67 92.13
CA ASP P 148 7.73 -14.27 92.06
C ASP P 148 7.03 -13.95 90.74
N MET P 149 6.50 -14.94 90.02
CA MET P 149 5.95 -14.73 88.69
C MET P 149 4.66 -15.51 88.52
N VAL P 150 3.78 -14.99 87.69
CA VAL P 150 2.54 -15.66 87.29
C VAL P 150 2.79 -16.38 85.97
N THR P 151 2.25 -17.58 85.84
CA THR P 151 2.26 -18.31 84.59
C THR P 151 0.89 -18.89 84.34
N ARG P 152 0.56 -19.09 83.06
CA ARG P 152 -0.69 -19.70 82.66
C ARG P 152 -0.38 -20.97 81.87
N VAL P 153 -0.98 -22.08 82.30
CA VAL P 153 -0.79 -23.38 81.66
C VAL P 153 -2.12 -23.77 81.05
N THR P 154 -2.17 -23.82 79.72
CA THR P 154 -3.40 -24.14 79.00
C THR P 154 -3.18 -25.35 78.10
N PRO P 155 -3.73 -26.51 78.43
CA PRO P 155 -3.63 -27.66 77.53
C PRO P 155 -4.45 -27.45 76.26
N GLU P 156 -4.03 -28.14 75.20
CA GLU P 156 -4.70 -28.01 73.91
C GLU P 156 -6.18 -28.40 74.01
N GLY P 157 -7.03 -27.63 73.33
CA GLY P 157 -8.44 -27.92 73.30
C GLY P 157 -9.23 -27.52 74.52
N SER P 158 -8.63 -26.76 75.43
CA SER P 158 -9.33 -26.38 76.66
C SER P 158 -10.48 -25.44 76.36
N GLU P 159 -11.53 -25.54 77.19
CA GLU P 159 -12.69 -24.67 77.09
C GLU P 159 -12.88 -23.93 78.40
N GLU P 160 -13.21 -22.65 78.31
CA GLU P 160 -13.45 -21.86 79.51
C GLU P 160 -14.77 -22.27 80.14
N TRP P 161 -14.77 -22.37 81.47
CA TRP P 161 -15.97 -22.77 82.20
C TRP P 161 -16.67 -21.56 82.81
N GLY Q 1 -84.22 26.65 -15.99
CA GLY Q 1 -83.40 27.85 -16.03
C GLY Q 1 -82.16 27.77 -15.15
N SER Q 2 -81.89 28.85 -14.42
CA SER Q 2 -80.75 28.86 -13.51
C SER Q 2 -81.05 28.01 -12.28
N MET Q 3 -80.20 27.00 -12.06
CA MET Q 3 -80.49 25.98 -11.06
C MET Q 3 -79.72 26.18 -9.76
N ARG Q 4 -78.39 26.17 -9.81
CA ARG Q 4 -77.58 26.03 -8.60
C ARG Q 4 -76.39 26.99 -8.57
N THR Q 5 -76.63 28.28 -8.78
CA THR Q 5 -75.57 29.25 -8.50
C THR Q 5 -75.20 29.18 -7.03
N CYS Q 6 -74.00 28.65 -6.75
CA CYS Q 6 -73.72 28.16 -5.41
C CYS Q 6 -73.06 29.17 -4.48
N ARG Q 7 -71.83 29.59 -4.79
CA ARG Q 7 -71.05 30.31 -3.79
C ARG Q 7 -70.09 31.32 -4.42
N ILE Q 8 -69.14 31.82 -3.60
CA ILE Q 8 -68.38 32.99 -3.97
C ILE Q 8 -67.41 32.68 -5.12
N HIS Q 9 -66.79 31.50 -5.10
CA HIS Q 9 -65.74 31.19 -6.08
C HIS Q 9 -66.00 29.84 -6.75
N GLU Q 10 -67.24 29.61 -7.15
CA GLU Q 10 -67.60 28.44 -7.93
C GLU Q 10 -67.95 28.87 -9.36
N ILE Q 11 -68.11 27.88 -10.25
CA ILE Q 11 -68.37 28.15 -11.66
C ILE Q 11 -69.70 27.52 -12.07
N SER Q 12 -70.39 26.92 -11.09
CA SER Q 12 -71.76 26.41 -11.25
C SER Q 12 -71.83 25.17 -12.12
N CYS Q 13 -70.70 24.78 -12.73
CA CYS Q 13 -70.55 23.54 -13.49
C CYS Q 13 -71.78 23.25 -14.36
N GLY Q 14 -72.06 24.21 -15.24
CA GLY Q 14 -73.22 24.10 -16.11
C GLY Q 14 -74.49 24.61 -15.45
N ALA Q 15 -75.23 25.47 -16.15
CA ALA Q 15 -76.41 26.10 -15.58
C ALA Q 15 -77.55 25.13 -15.32
N HIS Q 16 -77.53 23.95 -15.92
CA HIS Q 16 -78.63 22.99 -15.79
C HIS Q 16 -78.23 21.77 -14.97
N SER Q 17 -77.03 21.75 -14.40
CA SER Q 17 -76.56 20.62 -13.60
C SER Q 17 -76.34 21.08 -12.17
N THR Q 18 -76.70 20.21 -11.22
CA THR Q 18 -76.55 20.51 -9.79
C THR Q 18 -75.15 20.09 -9.34
N GLN Q 19 -74.16 20.87 -9.78
CA GLN Q 19 -72.77 20.64 -9.42
C GLN Q 19 -72.07 21.99 -9.34
N CYS Q 20 -71.18 22.13 -8.36
CA CYS Q 20 -70.43 23.37 -8.18
C CYS Q 20 -69.01 23.01 -7.76
N ILE Q 21 -68.06 23.17 -8.67
CA ILE Q 21 -66.66 22.87 -8.43
C ILE Q 21 -65.91 24.19 -8.24
N PRO Q 22 -64.80 24.20 -7.50
CA PRO Q 22 -64.10 25.47 -7.24
C PRO Q 22 -63.55 26.08 -8.53
N VAL Q 23 -63.38 27.40 -8.50
CA VAL Q 23 -62.94 28.15 -9.68
C VAL Q 23 -61.54 27.75 -10.12
N SER Q 24 -60.76 27.16 -9.23
CA SER Q 24 -59.40 26.74 -9.58
C SER Q 24 -59.38 25.54 -10.52
N TRP Q 25 -60.52 24.90 -10.75
CA TRP Q 25 -60.60 23.71 -11.59
C TRP Q 25 -60.98 24.00 -13.03
N ARG Q 26 -61.05 25.27 -13.41
CA ARG Q 26 -61.44 25.61 -14.78
C ARG Q 26 -60.22 25.54 -15.70
N CYS Q 27 -60.39 24.85 -16.83
CA CYS Q 27 -59.33 24.67 -17.83
C CYS Q 27 -58.05 24.13 -17.19
N ASP Q 28 -58.20 23.15 -16.29
CA ASP Q 28 -57.06 22.54 -15.63
C ASP Q 28 -56.49 21.36 -16.41
N GLY Q 29 -57.07 21.02 -17.55
CA GLY Q 29 -56.66 19.85 -18.29
C GLY Q 29 -57.34 18.56 -17.87
N GLU Q 30 -58.34 18.63 -16.99
CA GLU Q 30 -59.08 17.46 -16.55
C GLU Q 30 -60.57 17.74 -16.64
N ASN Q 31 -61.35 16.70 -16.99
CA ASN Q 31 -62.80 16.83 -17.12
C ASN Q 31 -63.44 16.52 -15.76
N ASP Q 32 -63.36 17.51 -14.86
CA ASP Q 32 -63.93 17.35 -13.54
C ASP Q 32 -65.45 17.24 -13.60
N CYS Q 33 -66.09 18.11 -14.39
CA CYS Q 33 -67.53 18.07 -14.52
C CYS Q 33 -67.97 16.91 -15.41
N ASP Q 34 -69.21 16.47 -15.19
CA ASP Q 34 -69.80 15.45 -16.04
C ASP Q 34 -69.98 15.98 -17.46
N SER Q 35 -70.45 17.22 -17.59
CA SER Q 35 -70.67 17.80 -18.91
C SER Q 35 -69.37 18.19 -19.59
N GLY Q 36 -68.36 18.55 -18.81
CA GLY Q 36 -67.12 19.04 -19.38
C GLY Q 36 -67.11 20.51 -19.72
N GLU Q 37 -68.09 21.27 -19.23
CA GLU Q 37 -68.14 22.70 -19.53
C GLU Q 37 -66.94 23.45 -18.97
N ASP Q 38 -66.30 22.92 -17.93
CA ASP Q 38 -65.13 23.58 -17.35
C ASP Q 38 -63.96 23.64 -18.32
N GLU Q 39 -63.88 22.71 -19.28
CA GLU Q 39 -62.82 22.69 -20.26
C GLU Q 39 -63.24 23.26 -21.61
N GLU Q 40 -64.46 23.78 -21.71
CA GLU Q 40 -64.93 24.38 -22.96
C GLU Q 40 -64.63 25.87 -23.00
N ASN Q 41 -64.41 26.38 -24.20
CA ASN Q 41 -64.13 27.79 -24.43
C ASN Q 41 -62.92 28.26 -23.62
N CYS Q 42 -61.92 27.40 -23.50
CA CYS Q 42 -60.70 27.70 -22.77
C CYS Q 42 -59.62 28.19 -23.74
N GLY Q 43 -58.49 28.59 -23.15
CA GLY Q 43 -57.38 29.09 -23.95
C GLY Q 43 -57.64 30.44 -24.57
N ASN Q 44 -57.77 31.47 -23.74
CA ASN Q 44 -58.02 32.83 -24.22
C ASN Q 44 -56.83 33.38 -25.00
N GLY R 1 25.17 -88.66 -65.19
CA GLY R 1 24.16 -88.01 -66.02
C GLY R 1 23.02 -87.41 -65.22
N SER R 2 21.80 -87.68 -65.66
CA SER R 2 20.61 -87.21 -64.95
C SER R 2 20.13 -88.25 -63.96
N MET R 3 20.08 -87.87 -62.68
CA MET R 3 19.76 -88.82 -61.61
C MET R 3 18.51 -88.43 -60.82
N ARG R 4 18.34 -87.14 -60.54
CA ARG R 4 17.31 -86.71 -59.59
C ARG R 4 16.41 -85.63 -60.19
N THR R 5 15.91 -85.86 -61.41
CA THR R 5 14.77 -85.08 -61.87
C THR R 5 13.56 -85.43 -61.01
N CYS R 6 13.11 -84.46 -60.20
CA CYS R 6 12.27 -84.81 -59.07
C CYS R 6 10.77 -84.83 -59.36
N ARG R 7 10.20 -83.67 -59.74
CA ARG R 7 8.73 -83.60 -59.83
C ARG R 7 8.24 -82.68 -60.93
N ILE R 8 6.96 -82.28 -60.82
CA ILE R 8 6.26 -81.67 -61.95
C ILE R 8 6.73 -80.24 -62.17
N HIS R 9 6.55 -79.38 -61.18
CA HIS R 9 6.75 -77.94 -61.34
C HIS R 9 7.97 -77.51 -60.52
N GLU R 10 9.03 -78.31 -60.61
CA GLU R 10 10.21 -78.16 -59.77
C GLU R 10 11.46 -78.19 -60.65
N ILE R 11 12.45 -77.36 -60.30
CA ILE R 11 13.56 -77.08 -61.19
C ILE R 11 14.74 -78.01 -60.91
N SER R 12 14.55 -78.94 -59.98
CA SER R 12 15.52 -80.00 -59.68
C SER R 12 16.80 -79.46 -59.06
N CYS R 13 16.91 -78.15 -58.91
CA CYS R 13 17.97 -77.47 -58.15
C CYS R 13 19.35 -78.07 -58.46
N GLY R 14 19.76 -77.88 -59.71
CA GLY R 14 21.07 -78.37 -60.14
C GLY R 14 21.04 -79.81 -60.59
N ALA R 15 21.78 -80.12 -61.65
CA ALA R 15 21.77 -81.47 -62.21
C ALA R 15 22.60 -82.46 -61.43
N HIS R 16 23.38 -82.01 -60.44
CA HIS R 16 24.29 -82.88 -59.70
C HIS R 16 24.16 -82.73 -58.19
N SER R 17 23.01 -82.28 -57.70
CA SER R 17 22.81 -82.04 -56.28
C SER R 17 21.64 -82.87 -55.76
N THR R 18 21.69 -83.19 -54.45
CA THR R 18 20.59 -83.90 -53.79
C THR R 18 19.62 -82.87 -53.24
N GLN R 19 19.14 -82.02 -54.14
CA GLN R 19 18.23 -80.94 -53.78
C GLN R 19 17.27 -80.69 -54.95
N CYS R 20 16.02 -80.39 -54.63
CA CYS R 20 15.01 -80.05 -55.63
C CYS R 20 14.11 -78.99 -55.00
N ILE R 21 14.08 -77.80 -55.57
CA ILE R 21 13.35 -76.67 -55.00
C ILE R 21 12.18 -76.30 -55.90
N PRO R 22 11.10 -75.73 -55.37
CA PRO R 22 9.97 -75.34 -56.21
C PRO R 22 10.36 -74.25 -57.20
N VAL R 23 9.63 -74.20 -58.32
CA VAL R 23 9.92 -73.24 -59.38
C VAL R 23 9.70 -71.80 -58.92
N SER R 24 8.92 -71.59 -57.86
CA SER R 24 8.72 -70.25 -57.34
C SER R 24 9.98 -69.67 -56.71
N TRP R 25 11.00 -70.49 -56.49
CA TRP R 25 12.25 -70.06 -55.86
C TRP R 25 13.31 -69.64 -56.86
N ARG R 26 13.00 -69.66 -58.16
CA ARG R 26 14.00 -69.31 -59.16
C ARG R 26 14.12 -67.79 -59.29
N CYS R 27 15.35 -67.29 -59.25
CA CYS R 27 15.64 -65.86 -59.40
C CYS R 27 14.84 -65.02 -58.42
N ASP R 28 14.75 -65.48 -57.17
CA ASP R 28 14.05 -64.75 -56.13
C ASP R 28 14.95 -63.81 -55.35
N GLY R 29 16.23 -63.73 -55.70
CA GLY R 29 17.18 -62.95 -54.94
C GLY R 29 17.77 -63.66 -53.74
N GLU R 30 17.47 -64.94 -53.57
CA GLU R 30 17.99 -65.73 -52.45
C GLU R 30 18.64 -66.99 -52.98
N ASN R 31 19.77 -67.36 -52.38
CA ASN R 31 20.52 -68.55 -52.80
C ASN R 31 20.04 -69.75 -52.00
N ASP R 32 18.84 -70.21 -52.33
CA ASP R 32 18.28 -71.38 -51.67
C ASP R 32 19.12 -72.63 -51.96
N CYS R 33 19.51 -72.82 -53.22
CA CYS R 33 20.35 -73.95 -53.59
C CYS R 33 21.79 -73.72 -53.12
N ASP R 34 22.43 -74.81 -52.71
CA ASP R 34 23.82 -74.73 -52.30
C ASP R 34 24.72 -74.35 -53.47
N SER R 35 24.44 -74.89 -54.65
CA SER R 35 25.23 -74.54 -55.82
C SER R 35 24.95 -73.12 -56.30
N GLY R 36 23.75 -72.61 -56.03
CA GLY R 36 23.37 -71.29 -56.50
C GLY R 36 22.92 -71.23 -57.94
N GLU R 37 22.65 -72.39 -58.56
CA GLU R 37 22.23 -72.40 -59.96
C GLU R 37 20.90 -71.70 -60.16
N ASP R 38 20.04 -71.66 -59.13
CA ASP R 38 18.73 -71.03 -59.24
C ASP R 38 18.84 -69.55 -59.53
N GLU R 39 19.92 -68.89 -59.09
CA GLU R 39 20.13 -67.47 -59.32
C GLU R 39 21.08 -67.19 -60.48
N GLU R 40 21.46 -68.20 -61.24
CA GLU R 40 22.32 -68.01 -62.40
C GLU R 40 21.49 -67.95 -63.68
N ASN R 41 21.97 -67.19 -64.66
CA ASN R 41 21.28 -66.98 -65.93
C ASN R 41 19.87 -66.42 -65.70
N CYS R 42 19.75 -65.51 -64.75
CA CYS R 42 18.49 -64.84 -64.45
C CYS R 42 18.46 -63.47 -65.10
N GLY R 43 17.30 -62.82 -65.00
CA GLY R 43 17.13 -61.51 -65.59
C GLY R 43 17.10 -61.55 -67.11
N ASN R 44 16.08 -62.20 -67.67
CA ASN R 44 15.95 -62.33 -69.12
C ASN R 44 15.68 -60.97 -69.76
N GLY S 1 76.33 35.85 29.86
CA GLY S 1 76.95 35.27 28.69
C GLY S 1 76.63 33.80 28.53
N SER S 2 77.65 32.99 28.20
CA SER S 2 77.46 31.57 28.04
C SER S 2 77.20 30.92 29.39
N MET S 3 76.07 30.21 29.49
CA MET S 3 75.59 29.69 30.77
C MET S 3 75.46 28.17 30.80
N ARG S 4 74.83 27.57 29.80
CA ARG S 4 74.62 26.12 29.83
C ARG S 4 74.95 25.49 28.47
N THR S 5 76.12 25.78 27.93
CA THR S 5 76.56 25.05 26.74
C THR S 5 76.82 23.60 27.14
N CYS S 6 75.79 22.79 27.01
CA CYS S 6 75.68 21.55 27.77
C CYS S 6 76.40 20.35 27.17
N ARG S 7 75.98 19.90 25.98
CA ARG S 7 76.37 18.56 25.57
C ARG S 7 76.79 18.47 24.10
N ILE S 8 76.95 17.23 23.61
CA ILE S 8 77.64 17.00 22.34
C ILE S 8 76.80 17.50 21.17
N HIS S 9 75.53 17.11 21.13
CA HIS S 9 74.69 17.35 19.95
C HIS S 9 73.43 18.11 20.34
N GLU S 10 73.61 19.18 21.11
CA GLU S 10 72.55 20.11 21.44
C GLU S 10 72.77 21.40 20.65
N ILE S 11 71.85 22.36 20.81
CA ILE S 11 71.97 23.64 20.12
C ILE S 11 71.94 24.76 21.15
N SER S 12 71.84 24.38 22.43
CA SER S 12 71.84 25.27 23.59
C SER S 12 70.53 26.06 23.68
N CYS S 13 69.68 25.95 22.66
CA CYS S 13 68.34 26.50 22.63
C CYS S 13 68.31 27.94 23.14
N GLY S 14 69.01 28.80 22.40
CA GLY S 14 69.05 30.21 22.74
C GLY S 14 70.21 30.57 23.64
N ALA S 15 70.71 31.81 23.51
CA ALA S 15 71.86 32.24 24.27
C ALA S 15 71.55 32.53 25.73
N HIS S 16 70.27 32.65 26.10
CA HIS S 16 69.90 33.07 27.45
C HIS S 16 68.81 32.19 28.06
N SER S 17 68.47 31.07 27.42
CA SER S 17 67.42 30.19 27.89
C SER S 17 68.03 28.97 28.57
N THR S 18 67.30 28.41 29.55
CA THR S 18 67.77 27.26 30.32
C THR S 18 67.23 25.98 29.67
N GLN S 19 67.68 25.73 28.45
CA GLN S 19 67.16 24.61 27.67
C GLN S 19 68.24 24.02 26.78
N CYS S 20 68.21 22.69 26.63
CA CYS S 20 69.05 21.98 25.66
C CYS S 20 68.13 21.02 24.90
N ILE S 21 68.04 21.19 23.58
CA ILE S 21 67.25 20.29 22.75
C ILE S 21 68.17 19.65 21.72
N PRO S 22 67.86 18.45 21.23
CA PRO S 22 68.75 17.80 20.25
C PRO S 22 68.84 18.60 18.96
N VAL S 23 69.99 18.47 18.30
CA VAL S 23 70.23 19.16 17.04
C VAL S 23 69.24 18.72 15.97
N SER S 24 68.66 17.53 16.12
CA SER S 24 67.68 17.03 15.16
C SER S 24 66.40 17.86 15.13
N TRP S 25 66.19 18.73 16.12
CA TRP S 25 64.99 19.56 16.18
C TRP S 25 65.21 20.94 15.56
N ARG S 26 66.37 21.19 14.94
CA ARG S 26 66.60 22.47 14.30
C ARG S 26 65.87 22.52 12.96
N CYS S 27 65.07 23.57 12.77
CA CYS S 27 64.31 23.78 11.53
C CYS S 27 63.44 22.56 11.20
N ASP S 28 62.73 22.05 12.20
CA ASP S 28 61.81 20.95 12.02
C ASP S 28 60.39 21.41 11.68
N GLY S 29 60.13 22.71 11.73
CA GLY S 29 58.80 23.23 11.53
C GLY S 29 57.97 23.40 12.78
N GLU S 30 58.57 23.20 13.95
CA GLU S 30 57.87 23.36 15.22
C GLU S 30 58.74 24.16 16.18
N ASN S 31 58.09 25.01 16.98
CA ASN S 31 58.79 25.90 17.91
C ASN S 31 59.03 25.14 19.22
N ASP S 32 60.02 24.25 19.20
CA ASP S 32 60.37 23.49 20.39
C ASP S 32 60.94 24.41 21.47
N CYS S 33 61.80 25.35 21.08
CA CYS S 33 62.38 26.27 22.04
C CYS S 33 61.35 27.28 22.53
N ASP S 34 61.54 27.74 23.77
CA ASP S 34 60.68 28.77 24.32
C ASP S 34 60.78 30.06 23.52
N SER S 35 62.01 30.46 23.19
CA SER S 35 62.20 31.68 22.40
C SER S 35 61.89 31.46 20.92
N GLY S 36 62.06 30.22 20.43
CA GLY S 36 61.88 29.94 19.03
C GLY S 36 63.13 30.12 18.19
N GLU S 37 64.31 30.19 18.81
CA GLU S 37 65.54 30.39 18.05
C GLU S 37 65.84 29.20 17.15
N ASP S 38 65.29 28.02 17.48
CA ASP S 38 65.53 26.84 16.66
C ASP S 38 65.00 26.98 15.25
N GLU S 39 63.95 27.77 15.05
CA GLU S 39 63.37 27.99 13.73
C GLU S 39 63.79 29.32 13.11
N GLU S 40 64.77 29.99 13.68
CA GLU S 40 65.27 31.24 13.13
C GLU S 40 66.43 30.99 12.19
N ASN S 41 66.52 31.81 11.14
CA ASN S 41 67.60 31.75 10.16
C ASN S 41 67.69 30.37 9.51
N CYS S 42 66.54 29.75 9.28
CA CYS S 42 66.48 28.45 8.63
C CYS S 42 66.34 28.63 7.12
N GLY S 43 66.45 27.51 6.41
CA GLY S 43 66.39 27.54 4.96
C GLY S 43 67.62 28.17 4.34
N ASN S 44 68.77 27.52 4.50
CA ASN S 44 70.02 28.03 3.95
C ASN S 44 70.04 27.92 2.43
N GLY T 1 65.66 39.33 24.49
CA GLY T 1 64.99 39.34 23.20
C GLY T 1 63.57 38.80 23.26
N SER T 2 63.10 38.23 22.15
CA SER T 2 61.78 37.62 22.12
C SER T 2 61.72 36.44 23.08
N MET T 3 60.67 36.41 23.90
CA MET T 3 60.61 35.47 25.01
C MET T 3 59.87 34.18 24.67
N ARG T 4 58.58 34.26 24.38
CA ARG T 4 57.76 33.06 24.32
C ARG T 4 56.75 33.13 23.17
N THR T 5 57.24 33.36 21.94
CA THR T 5 56.37 33.31 20.77
C THR T 5 55.49 32.08 20.82
N CYS T 6 54.18 32.29 20.96
CA CYS T 6 53.33 31.32 21.62
C CYS T 6 52.82 30.19 20.72
N ARG T 7 51.95 30.51 19.76
CA ARG T 7 51.27 29.45 19.02
C ARG T 7 50.70 30.01 17.73
N ILE T 8 49.82 29.27 17.04
CA ILE T 8 49.39 29.63 15.69
C ILE T 8 48.62 30.95 15.69
N HIS T 9 47.65 31.11 16.59
CA HIS T 9 46.78 32.28 16.57
C HIS T 9 46.78 32.95 17.95
N GLU T 10 47.97 33.18 18.49
CA GLU T 10 48.15 33.95 19.70
C GLU T 10 48.70 35.33 19.32
N ILE T 11 48.90 36.17 20.33
CA ILE T 11 49.39 37.52 20.10
C ILE T 11 50.70 37.68 20.87
N SER T 12 50.97 36.74 21.77
CA SER T 12 52.19 36.68 22.58
C SER T 12 52.21 37.77 23.65
N CYS T 13 51.23 38.68 23.59
CA CYS T 13 50.95 39.64 24.66
C CYS T 13 52.22 40.31 25.17
N GLY T 14 52.85 41.06 24.26
CA GLY T 14 54.07 41.76 24.62
C GLY T 14 55.31 40.91 24.45
N ALA T 15 56.37 41.51 23.88
CA ALA T 15 57.60 40.77 23.64
C ALA T 15 58.35 40.42 24.92
N HIS T 16 58.08 41.10 26.02
CA HIS T 16 58.79 40.88 27.28
C HIS T 16 57.88 40.31 28.36
N SER T 17 56.67 39.89 28.02
CA SER T 17 55.74 39.30 28.97
C SER T 17 55.41 37.87 28.56
N THR T 18 55.19 37.02 29.55
CA THR T 18 54.88 35.61 29.31
C THR T 18 53.37 35.41 29.41
N GLN T 19 52.66 35.84 28.37
CA GLN T 19 51.22 35.70 28.30
C GLN T 19 50.80 35.44 26.85
N CYS T 20 49.79 34.61 26.67
CA CYS T 20 49.20 34.36 25.35
C CYS T 20 47.72 34.73 25.43
N ILE T 21 47.28 35.58 24.51
CA ILE T 21 45.86 35.89 24.38
C ILE T 21 45.42 35.52 22.96
N PRO T 22 44.22 34.98 22.78
CA PRO T 22 43.75 34.67 21.44
C PRO T 22 43.57 35.93 20.60
N VAL T 23 43.63 35.76 19.28
CA VAL T 23 43.51 36.89 18.36
C VAL T 23 42.17 37.58 18.51
N SER T 24 41.14 36.85 18.95
CA SER T 24 39.82 37.44 19.14
C SER T 24 39.82 38.51 20.22
N TRP T 25 40.85 38.59 21.06
CA TRP T 25 40.92 39.56 22.14
C TRP T 25 41.65 40.83 21.74
N ARG T 26 42.02 40.98 20.48
CA ARG T 26 42.75 42.16 20.05
C ARG T 26 41.78 43.28 19.70
N CYS T 27 41.99 44.45 20.31
CA CYS T 27 41.13 45.62 20.11
C CYS T 27 39.68 45.29 20.44
N ASP T 28 39.47 44.59 21.55
CA ASP T 28 38.12 44.26 22.01
C ASP T 28 37.55 45.31 22.96
N GLY T 29 38.33 46.31 23.34
CA GLY T 29 37.90 47.28 24.33
C GLY T 29 38.17 46.88 25.76
N GLU T 30 38.87 45.78 26.00
CA GLU T 30 39.22 45.33 27.34
C GLU T 30 40.72 45.12 27.43
N ASN T 31 41.31 45.56 28.55
CA ASN T 31 42.75 45.44 28.77
C ASN T 31 43.05 44.06 29.36
N ASP T 32 43.01 43.05 28.49
CA ASP T 32 43.30 41.70 28.92
C ASP T 32 44.76 41.55 29.35
N CYS T 33 45.68 42.12 28.58
CA CYS T 33 47.08 42.07 28.91
C CYS T 33 47.43 43.02 30.05
N ASP T 34 48.47 42.65 30.80
CA ASP T 34 48.96 43.54 31.85
C ASP T 34 49.52 44.83 31.27
N SER T 35 50.28 44.73 30.19
CA SER T 35 50.86 45.92 29.57
C SER T 35 49.83 46.68 28.73
N GLY T 36 48.74 46.01 28.36
CA GLY T 36 47.74 46.63 27.51
C GLY T 36 48.15 46.77 26.06
N GLU T 37 49.15 46.01 25.61
CA GLU T 37 49.61 46.12 24.23
C GLU T 37 48.52 45.74 23.23
N ASP T 38 47.56 44.92 23.65
CA ASP T 38 46.49 44.50 22.76
C ASP T 38 45.60 45.67 22.33
N GLU T 39 45.43 46.68 23.18
CA GLU T 39 44.61 47.83 22.87
C GLU T 39 45.40 48.98 22.27
N GLU T 40 46.70 48.82 22.06
CA GLU T 40 47.51 49.86 21.46
C GLU T 40 47.46 49.78 19.95
N ASN T 41 47.50 50.95 19.31
CA ASN T 41 47.48 51.08 17.85
C ASN T 41 46.23 50.44 17.25
N CYS T 42 45.10 50.59 17.93
CA CYS T 42 43.82 50.12 17.44
C CYS T 42 43.25 51.13 16.44
N GLY T 43 42.13 50.74 15.83
CA GLY T 43 41.46 51.62 14.88
C GLY T 43 42.27 51.90 13.64
N ASN T 44 42.51 50.87 12.82
CA ASN T 44 43.28 51.02 11.59
C ASN T 44 42.53 51.88 10.57
C1 NAG U . -41.60 24.55 -9.75
C2 NAG U . -42.66 23.72 -10.47
C3 NAG U . -42.00 22.52 -11.14
C4 NAG U . -40.91 22.99 -12.08
C5 NAG U . -39.90 23.85 -11.35
C6 NAG U . -38.87 24.48 -12.26
C7 NAG U . -44.97 23.09 -9.97
C8 NAG U . -45.94 22.66 -8.91
N2 NAG U . -43.71 23.30 -9.56
O3 NAG U . -42.99 21.77 -11.84
O4 NAG U . -40.25 21.86 -12.66
O5 NAG U . -40.57 24.95 -10.68
O6 NAG U . -39.43 25.48 -13.08
O7 NAG U . -45.31 23.23 -11.14
C1 NAG U . -40.50 21.88 -14.09
C2 NAG U . -39.27 21.34 -14.81
C3 NAG U . -39.51 21.34 -16.31
C4 NAG U . -40.78 20.57 -16.65
C5 NAG U . -41.96 21.10 -15.83
C6 NAG U . -43.21 20.27 -16.00
C7 NAG U . -37.06 21.64 -13.78
C8 NAG U . -35.93 22.58 -13.52
N2 NAG U . -38.09 22.13 -14.47
O3 NAG U . -38.39 20.75 -16.96
O4 NAG U . -41.07 20.73 -18.03
O5 NAG U . -41.64 21.07 -14.43
O6 NAG U . -44.15 20.54 -14.97
O7 NAG U . -37.05 20.49 -13.36
C1 BMA U . -40.94 19.46 -18.72
C2 BMA U . -40.65 19.77 -20.21
C3 BMA U . -40.36 18.47 -20.97
C4 BMA U . -39.31 17.61 -20.23
C5 BMA U . -39.75 17.39 -18.77
C6 BMA U . -38.76 16.57 -17.97
O2 BMA U . -39.51 20.59 -20.35
O3 BMA U . -39.91 18.73 -22.30
O4 BMA U . -39.18 16.36 -20.88
O5 BMA U . -39.90 18.66 -18.16
O6 BMA U . -38.58 15.31 -18.63
C1 NAG V . -5.71 30.32 -18.95
C2 NAG V . -4.51 31.20 -18.58
C3 NAG V . -4.32 31.22 -17.07
C4 NAG V . -5.61 31.60 -16.35
C5 NAG V . -6.73 30.69 -16.80
C6 NAG V . -8.08 31.07 -16.23
C7 NAG V . -2.44 31.55 -19.85
C8 NAG V . -2.78 33.02 -19.82
N2 NAG V . -3.32 30.74 -19.25
O3 NAG V . -3.29 32.14 -16.73
O4 NAG V . -5.42 31.50 -14.95
O5 NAG V . -6.87 30.75 -18.23
O6 NAG V . -8.57 32.26 -16.82
O7 NAG V . -1.43 31.12 -20.39
C1 NAG V . -5.72 32.76 -14.30
C2 NAG V . -5.63 32.58 -12.78
C3 NAG V . -5.90 33.90 -12.05
C4 NAG V . -5.02 35.01 -12.60
C5 NAG V . -5.13 35.08 -14.13
C6 NAG V . -4.19 36.09 -14.74
C7 NAG V . -7.79 31.34 -12.29
C8 NAG V . -8.61 32.45 -12.92
N2 NAG V . -6.45 31.49 -12.26
O3 NAG V . -5.65 33.73 -10.65
O4 NAG V . -5.45 36.26 -12.07
O5 NAG V . -4.82 33.81 -14.71
O6 NAG V . -4.71 37.40 -14.65
O7 NAG V . -8.34 30.36 -11.81
C1 BMA V . -4.58 36.69 -11.01
C2 BMA V . -4.14 38.15 -11.33
C3 BMA V . -3.43 38.77 -10.13
C4 BMA V . -4.25 38.57 -8.84
C5 BMA V . -4.50 37.08 -8.64
C6 BMA V . -5.30 36.79 -7.38
O2 BMA V . -5.25 38.97 -11.62
O3 BMA V . -3.18 40.17 -10.33
O4 BMA V . -3.55 39.09 -7.73
O5 BMA V . -5.27 36.61 -9.76
O6 BMA V . -4.87 37.71 -6.38
C1 NAG W . 51.33 39.15 -23.67
C2 NAG W . 50.64 39.53 -22.36
C3 NAG W . 51.63 39.37 -21.21
C4 NAG W . 52.25 37.98 -21.20
C5 NAG W . 52.82 37.65 -22.58
C6 NAG W . 53.30 36.22 -22.68
C7 NAG W . 48.87 41.18 -22.77
C8 NAG W . 48.51 42.63 -22.78
N2 NAG W . 50.13 40.89 -22.42
O3 NAG W . 50.93 39.61 -19.98
O4 NAG W . 53.32 37.95 -20.26
O5 NAG W . 51.81 37.81 -23.59
O6 NAG W . 54.25 35.92 -21.66
O7 NAG W . 48.07 40.30 -23.07
C1 NAG W . 52.89 37.28 -19.05
C2 NAG W . 54.10 36.63 -18.37
C3 NAG W . 53.68 35.98 -17.07
C4 NAG W . 52.97 36.99 -16.18
C5 NAG W . 51.82 37.64 -16.92
C6 NAG W . 51.15 38.75 -16.14
C7 NAG W . 56.00 35.28 -19.13
C8 NAG W . 56.49 34.26 -20.13
N2 NAG W . 54.73 35.66 -19.25
O3 NAG W . 54.83 35.45 -16.40
O4 NAG W . 52.47 36.35 -15.00
O5 NAG W . 52.28 38.23 -18.14
O6 NAG W . 52.05 39.82 -15.91
O7 NAG W . 56.73 35.74 -18.26
C1 BMA W . 53.31 36.70 -13.88
C2 BMA W . 52.39 37.03 -12.68
C3 BMA W . 53.22 37.22 -11.41
C4 BMA W . 54.22 36.07 -11.22
C5 BMA W . 55.08 35.90 -12.47
C6 BMA W . 56.07 34.75 -12.36
O2 BMA W . 51.48 35.97 -12.42
O3 BMA W . 52.40 37.35 -10.26
O4 BMA W . 55.06 36.33 -10.10
O5 BMA W . 54.20 35.63 -13.57
O6 BMA W . 57.09 34.94 -13.34
C1 NAG X . 2.04 -54.36 -51.92
C2 NAG X . 3.49 -54.76 -51.66
C3 NAG X . 4.21 -53.65 -50.89
C4 NAG X . 4.07 -52.32 -51.64
C5 NAG X . 2.59 -52.01 -51.86
C6 NAG X . 2.37 -50.77 -52.69
C7 NAG X . 4.53 -56.92 -51.17
C8 NAG X . 4.47 -58.16 -50.33
N2 NAG X . 3.58 -56.01 -50.94
O3 NAG X . 5.58 -53.98 -50.75
O4 NAG X . 4.68 -51.28 -50.88
O5 NAG X . 1.99 -53.10 -52.58
O6 NAG X . 2.65 -51.00 -54.06
O7 NAG X . 5.40 -56.75 -52.02
C1 NAG X . 5.70 -50.66 -51.70
C2 NAG X . 5.81 -49.18 -51.32
C3 NAG X . 6.87 -48.50 -52.17
C4 NAG X . 8.19 -49.25 -52.08
C5 NAG X . 8.00 -50.73 -52.38
C6 NAG X . 9.25 -51.55 -52.15
C7 NAG X . 3.89 -47.90 -50.49
C8 NAG X . 2.58 -47.26 -50.82
N2 NAG X . 4.52 -48.51 -51.49
O3 NAG X . 7.04 -47.16 -51.73
O4 NAG X . 9.10 -48.71 -53.03
O5 NAG X . 6.99 -51.28 -51.52
O6 NAG X . 9.94 -51.13 -50.98
O7 NAG X . 4.36 -47.84 -49.36
C1 BMA X . 10.22 -48.06 -52.37
C2 BMA X . 10.95 -47.21 -53.44
C3 BMA X . 12.06 -46.38 -52.79
C4 BMA X . 11.52 -45.61 -51.57
C5 BMA X . 10.85 -46.59 -50.60
C6 BMA X . 10.29 -45.89 -49.37
O2 BMA X . 10.06 -46.29 -54.06
O3 BMA X . 12.64 -45.48 -53.72
O4 BMA X . 12.59 -44.94 -50.93
O5 BMA X . 9.78 -47.25 -51.29
O6 BMA X . 11.21 -44.90 -48.95
C1 NAG Y . 56.38 9.03 3.92
C2 NAG Y . 55.75 10.18 4.70
C3 NAG Y . 54.25 10.23 4.44
C4 NAG Y . 53.95 10.28 2.95
C5 NAG Y . 54.68 9.15 2.23
C6 NAG Y . 54.59 9.23 0.72
C7 NAG Y . 56.88 10.82 6.78
C8 NAG Y . 57.02 10.53 8.25
N2 NAG Y . 56.02 10.04 6.12
O3 NAG Y . 53.71 11.39 5.07
O4 NAG Y . 52.54 10.12 2.79
O5 NAG Y . 56.09 9.18 2.54
O6 NAG Y . 55.71 9.89 0.16
O7 NAG Y . 57.51 11.71 6.22
C1 NAG Y . 51.86 10.99 1.84
C2 NAG Y . 52.62 12.31 1.49
C3 NAG Y . 51.93 13.07 0.34
C4 NAG Y . 51.62 12.14 -0.82
C5 NAG Y . 50.85 10.92 -0.34
C6 NAG Y . 50.56 9.93 -1.44
C7 NAG Y . 51.99 13.79 3.45
C8 NAG Y . 50.52 13.59 3.18
N2 NAG Y . 52.88 13.17 2.64
O3 NAG Y . 52.78 14.13 -0.08
O4 NAG Y . 50.90 12.79 -1.86
O5 NAG Y . 51.62 10.23 0.65
O6 NAG Y . 51.74 9.23 -1.83
O7 NAG Y . 52.38 14.50 4.38
C1 BMA Y . 49.91 13.78 -1.49
C2 BMA Y . 49.15 14.13 -2.80
C3 BMA Y . 47.93 15.05 -2.52
C4 BMA Y . 47.11 14.56 -1.32
C5 BMA Y . 48.04 14.38 -0.11
C6 BMA Y . 47.30 13.93 1.13
O2 BMA Y . 48.63 12.95 -3.40
O3 BMA Y . 47.09 15.14 -3.66
O4 BMA Y . 46.12 15.52 -1.00
O5 BMA Y . 49.00 13.37 -0.47
O6 BMA Y . 46.24 14.84 1.37
C1 NAG Z . 22.94 41.62 18.33
C2 NAG Z . 23.58 42.52 19.39
C3 NAG Z . 22.58 43.55 19.87
C4 NAG Z . 22.00 44.34 18.70
C5 NAG Z . 21.44 43.38 17.67
C6 NAG Z . 20.95 44.06 16.41
C7 NAG Z . 25.13 42.14 21.24
C8 NAG Z . 25.54 41.21 22.34
N2 NAG Z . 24.11 41.74 20.49
O3 NAG Z . 23.22 44.41 20.81
O4 NAG Z . 20.97 45.22 19.13
O5 NAG Z . 22.44 42.44 17.26
O6 NAG Z . 21.12 43.24 15.28
O7 NAG Z . 25.72 43.19 21.03
C1 NAG Z . 21.48 46.51 19.51
C2 NAG Z . 21.07 47.58 18.50
C3 NAG Z . 21.54 48.96 18.98
C4 NAG Z . 21.08 49.22 20.41
C5 NAG Z . 21.51 48.08 21.31
C6 NAG Z . 21.00 48.21 22.72
C7 NAG Z . 20.90 47.38 16.05
C8 NAG Z . 19.46 47.80 16.21
N2 NAG Z . 21.61 47.29 17.18
O3 NAG Z . 21.02 49.96 18.11
O4 NAG Z . 21.68 50.43 20.87
O5 NAG Z . 20.99 46.84 20.80
O6 NAG Z . 20.35 47.02 23.16
O7 NAG Z . 21.38 47.13 14.96
C1 BMA Z . 20.65 51.39 21.19
C2 BMA Z . 20.97 51.99 22.59
C3 BMA Z . 19.98 53.09 22.93
C4 BMA Z . 19.84 54.11 21.78
C5 BMA Z . 19.53 53.38 20.46
C6 BMA Z . 19.46 54.32 19.28
O2 BMA Z . 22.26 52.60 22.58
O3 BMA Z . 20.33 53.75 24.14
O4 BMA Z . 18.82 55.03 22.08
O5 BMA Z . 20.58 52.43 20.21
O6 BMA Z . 18.66 55.45 19.65
C1 NAG AA . -10.44 -18.35 -53.79
C2 NAG AA . -11.68 -17.65 -54.34
C3 NAG AA . -12.94 -18.04 -53.55
C4 NAG AA . -13.05 -19.56 -53.48
C5 NAG AA . -11.76 -20.17 -52.96
C6 NAG AA . -11.77 -21.69 -52.97
C7 NAG AA . -11.32 -15.29 -53.46
C8 NAG AA . -11.19 -15.79 -52.05
N2 NAG AA . -11.55 -16.19 -54.44
O3 NAG AA . -14.10 -17.50 -54.17
O4 NAG AA . -14.12 -19.92 -52.62
O5 NAG AA . -10.65 -19.76 -53.78
O6 NAG AA . -10.94 -22.20 -54.01
O7 NAG AA . -11.23 -14.09 -53.72
C1 NAG AA . -15.15 -20.61 -53.36
C2 NAG AA . -15.81 -21.62 -52.43
C3 NAG AA . -16.93 -22.36 -53.16
C4 NAG AA . -17.92 -21.36 -53.76
C5 NAG AA . -17.17 -20.36 -54.64
C6 NAG AA . -18.06 -19.27 -55.19
C7 NAG AA . -14.80 -22.94 -50.63
C8 NAG AA . -13.72 -23.93 -50.27
N2 NAG AA . -14.84 -22.57 -51.91
O3 NAG AA . -17.61 -23.21 -52.25
O4 NAG AA . -18.89 -22.04 -54.54
O5 NAG AA . -16.14 -19.71 -53.88
O6 NAG AA . -18.08 -19.29 -56.61
O7 NAG AA . -15.58 -22.50 -49.80
C1 BMA AA . -20.16 -21.96 -53.86
C2 BMA AA . -21.17 -21.28 -54.80
C3 BMA AA . -22.55 -21.25 -54.13
C4 BMA AA . -22.96 -22.63 -53.63
C5 BMA AA . -21.86 -23.22 -52.73
C6 BMA AA . -22.15 -24.63 -52.26
O2 BMA AA . -21.32 -22.03 -56.00
O3 BMA AA . -23.53 -20.74 -55.01
O4 BMA AA . -24.16 -22.54 -52.89
O5 BMA AA . -20.62 -23.25 -53.47
O6 BMA AA . -21.32 -24.92 -51.15
C1 NAG BA . -36.57 32.92 -49.19
C2 NAG BA . -37.41 31.66 -49.17
C3 NAG BA . -38.63 31.88 -48.30
C4 NAG BA . -38.23 32.37 -46.91
C5 NAG BA . -37.30 33.57 -47.01
C6 NAG BA . -36.71 33.98 -45.68
C7 NAG BA . -38.10 29.99 -50.83
C8 NAG BA . -38.49 29.75 -52.25
N2 NAG BA . -37.80 31.25 -50.51
O3 NAG BA . -39.36 30.65 -48.19
O4 NAG BA . -39.39 32.76 -46.19
O5 NAG BA . -36.18 33.27 -47.86
O6 NAG BA . -36.10 35.26 -45.74
O7 NAG BA . -38.08 29.09 -50.00
C1 NAG BA . -39.69 31.76 -45.20
C2 NAG BA . -40.24 32.47 -43.95
C3 NAG BA . -40.60 31.44 -42.88
C4 NAG BA . -41.53 30.38 -43.45
C5 NAG BA . -40.96 29.78 -44.74
C6 NAG BA . -41.91 28.84 -45.43
C7 NAG BA . -39.45 34.76 -43.53
C8 NAG BA . -40.70 35.21 -44.22
N2 NAG BA . -39.28 33.44 -43.43
O3 NAG BA . -41.21 32.10 -41.78
O4 NAG BA . -41.68 29.33 -42.50
O5 NAG BA . -40.65 30.83 -45.68
O6 NAG BA . -41.92 29.06 -46.83
O7 NAG BA . -38.63 35.55 -43.08
C1 BMA BA . -42.99 29.37 -41.87
C2 BMA BA . -42.76 29.47 -40.34
C3 BMA BA . -44.09 29.63 -39.62
C4 BMA BA . -44.93 30.74 -40.24
C5 BMA BA . -45.09 30.50 -41.75
C6 BMA BA . -45.89 31.59 -42.45
O2 BMA BA . -41.98 30.61 -40.02
O3 BMA BA . -43.91 29.88 -38.23
O4 BMA BA . -46.21 30.79 -39.62
O5 BMA BA . -43.78 30.45 -42.34
O6 BMA BA . -47.05 31.86 -41.66
C1 NAG CA . 43.29 -2.45 -31.07
C2 NAG CA . 44.58 -2.75 -31.81
C3 NAG CA . 44.77 -4.27 -31.92
C4 NAG CA . 44.59 -4.96 -30.58
C5 NAG CA . 43.36 -4.45 -29.83
C6 NAG CA . 43.29 -4.92 -28.40
C7 NAG CA . 43.73 -2.40 -34.11
C8 NAG CA . 43.95 -1.65 -35.39
N2 NAG CA . 44.61 -2.13 -33.12
O3 NAG CA . 46.07 -4.54 -32.44
O4 NAG CA . 44.37 -6.34 -30.84
O5 NAG CA . 43.35 -3.01 -29.79
O6 NAG CA . 42.31 -5.94 -28.24
O7 NAG CA . 42.82 -3.21 -33.97
C1 NAG CA . 45.30 -7.30 -30.24
C2 NAG CA . 46.50 -7.44 -31.16
C3 NAG CA . 47.44 -8.52 -30.62
C4 NAG CA . 47.79 -8.26 -29.15
C5 NAG CA . 46.54 -7.92 -28.32
C6 NAG CA . 46.88 -7.44 -26.93
C7 NAG CA . 46.85 -7.44 -33.58
C8 NAG CA . 46.28 -7.83 -34.92
N2 NAG CA . 46.10 -7.75 -32.52
O3 NAG CA . 48.61 -8.54 -31.42
O4 NAG CA . 48.35 -9.44 -28.59
O5 NAG CA . 45.74 -6.90 -28.93
O6 NAG CA . 45.70 -7.23 -26.15
O7 NAG CA . 47.94 -6.90 -33.48
C1 BMA CA . 49.76 -9.62 -28.82
C2 BMA CA . 50.33 -10.38 -27.61
C3 BMA CA . 51.76 -10.89 -27.90
C4 BMA CA . 51.83 -11.58 -29.26
C5 BMA CA . 51.34 -10.62 -30.33
C6 BMA CA . 51.40 -11.21 -31.73
O2 BMA CA . 49.55 -11.53 -27.30
O3 BMA CA . 52.21 -11.78 -26.88
O4 BMA CA . 53.17 -11.95 -29.54
O5 BMA CA . 49.97 -10.31 -30.04
O6 BMA CA . 52.68 -11.82 -31.89
C1 NAG DA . 24.05 -30.16 -77.38
C2 NAG DA . 24.80 -30.75 -76.21
C3 NAG DA . 24.73 -32.27 -76.24
C4 NAG DA . 23.28 -32.74 -76.31
C5 NAG DA . 22.55 -32.03 -77.46
C6 NAG DA . 21.06 -32.32 -77.48
C7 NAG DA . 27.10 -30.56 -77.11
C8 NAG DA . 28.47 -30.01 -76.87
N2 NAG DA . 26.19 -30.30 -76.17
O3 NAG DA . 25.36 -32.80 -75.08
O4 NAG DA . 23.22 -34.14 -76.54
O5 NAG DA . 22.69 -30.61 -77.35
O6 NAG DA . 20.31 -31.15 -77.22
O7 NAG DA . 26.83 -31.22 -78.12
C1 NAG DA . 23.02 -34.84 -75.29
C2 NAG DA . 21.91 -35.87 -75.44
C3 NAG DA . 21.74 -36.64 -74.14
C4 NAG DA . 23.07 -37.25 -73.70
C5 NAG DA . 24.15 -36.18 -73.65
C6 NAG DA . 25.53 -36.74 -73.37
C7 NAG DA . 19.71 -35.83 -76.54
C8 NAG DA . 18.49 -35.04 -76.83
N2 NAG DA . 20.66 -35.23 -75.82
O3 NAG DA . 20.78 -37.68 -74.34
O4 NAG DA . 22.92 -37.82 -72.42
O5 NAG DA . 24.24 -35.49 -74.91
O6 NAG DA . 25.65 -37.19 -72.03
O7 NAG DA . 19.85 -36.99 -76.94
C1 BMA DA . 23.09 -39.27 -72.47
C2 BMA DA . 21.73 -39.92 -72.09
C3 BMA DA . 21.83 -41.45 -72.24
C4 BMA DA . 22.43 -41.84 -73.61
C5 BMA DA . 23.77 -41.11 -73.81
C6 BMA DA . 24.42 -41.43 -75.16
O2 BMA DA . 20.69 -39.50 -72.95
O3 BMA DA . 20.58 -42.08 -72.06
O4 BMA DA . 22.63 -43.23 -73.67
O5 BMA DA . 23.53 -39.70 -73.74
O6 BMA DA . 23.68 -40.76 -76.17
C1 NAG EA . -8.84 57.69 4.63
C2 NAG EA . -9.96 57.57 3.59
C3 NAG EA . -10.52 56.15 3.60
C4 NAG EA . -9.40 55.12 3.45
C5 NAG EA . -8.29 55.37 4.46
C6 NAG EA . -7.09 54.49 4.28
C7 NAG EA . -11.50 59.35 2.91
C8 NAG EA . -10.88 59.24 1.55
N2 NAG EA . -11.02 58.52 3.85
O3 NAG EA . -11.45 56.00 2.54
O4 NAG EA . -9.93 53.81 3.62
O5 NAG EA . -7.83 56.73 4.36
O6 NAG EA . -7.33 53.18 4.76
O7 NAG EA . -12.40 60.15 3.15
C1 NAG EA . -9.70 53.05 2.42
C2 NAG EA . -9.77 51.56 2.76
C3 NAG EA . -9.52 50.72 1.52
C4 NAG EA . -10.47 51.13 0.40
C5 NAG EA . -10.46 52.65 0.19
C6 NAG EA . -11.52 53.12 -0.78
C7 NAG EA . -9.14 50.53 4.90
C8 NAG EA . -8.04 50.26 5.87
N2 NAG EA . -8.81 51.22 3.81
O3 NAG EA . -9.67 49.35 1.83
O4 NAG EA . -10.08 50.51 -0.82
O5 NAG EA . -10.68 53.35 1.42
O6 NAG EA . -11.30 52.61 -2.08
O7 NAG EA . -10.29 50.13 5.10
C1 BMA EA . -10.91 49.37 -1.11
C2 BMA EA . -10.82 49.13 -2.65
C3 BMA EA . -11.44 47.79 -3.03
C4 BMA EA . -10.93 46.66 -2.13
C5 BMA EA . -11.20 47.03 -0.67
C6 BMA EA . -10.74 45.97 0.30
O2 BMA EA . -9.47 49.10 -3.07
O3 BMA EA . -11.18 47.47 -4.39
O4 BMA EA . -11.59 45.45 -2.44
O5 BMA EA . -10.48 48.23 -0.38
O6 BMA EA . -9.33 45.90 0.25
C1 NAG FA . -61.21 71.54 -15.18
C2 NAG FA . -60.62 70.15 -15.40
C3 NAG FA . -61.75 69.12 -15.51
C4 NAG FA . -62.65 69.20 -14.29
C5 NAG FA . -63.13 70.63 -14.07
C6 NAG FA . -63.89 70.80 -12.77
C7 NAG FA . -58.47 69.88 -16.56
C8 NAG FA . -57.88 69.65 -15.20
N2 NAG FA . -59.79 70.11 -16.60
O3 NAG FA . -61.18 67.82 -15.62
O4 NAG FA . -63.79 68.36 -14.47
O5 NAG FA . -62.01 71.53 -14.00
O6 NAG FA . -65.30 70.68 -12.97
O7 NAG FA . -57.80 69.85 -17.58
C1 NAG FA . -63.59 67.13 -13.74
C2 NAG FA . -64.91 66.69 -13.13
C3 NAG FA . -64.73 65.37 -12.38
C4 NAG FA . -64.12 64.33 -13.29
C5 NAG FA . -62.83 64.85 -13.94
C6 NAG FA . -62.26 63.91 -14.98
C7 NAG FA . -66.72 68.13 -12.30
C8 NAG FA . -67.59 67.47 -13.33
N2 NAG FA . -65.46 67.71 -12.25
O3 NAG FA . -66.00 64.93 -11.89
O4 NAG FA . -63.78 63.16 -12.54
O5 NAG FA . -63.09 66.10 -14.61
O6 NAG FA . -61.85 62.68 -14.40
O7 NAG FA . -67.15 68.99 -11.54
C1 BMA FA . -64.78 62.14 -12.75
C2 BMA FA . -64.06 60.77 -12.69
C3 BMA FA . -65.09 59.62 -12.68
C4 BMA FA . -66.20 59.88 -11.65
C5 BMA FA . -66.84 61.25 -11.91
C6 BMA FA . -67.92 61.58 -10.91
O2 BMA FA . -63.30 60.64 -11.50
O3 BMA FA . -64.47 58.37 -12.43
O4 BMA FA . -67.19 58.87 -11.74
O5 BMA FA . -65.81 62.24 -11.79
O6 BMA FA . -67.32 61.77 -9.64
CA CA GA . -61.43 20.61 -14.63
CA CA HA . 16.21 -69.05 -54.65
CA CA IA . 62.10 22.64 16.57
CA CA JA . 41.76 42.81 24.81
#